data_8HQB
#
_entry.id   8HQB
#
_entity_poly.entity_id   1
_entity_poly.type   'polypeptide(L)'
_entity_poly.pdbx_seq_one_letter_code
;GAMIIPDEFRCPISLELMQDPVIVSSGQTYERSCIQKWLDSGHKTCPKTQQPLSHTSLTPNFVLKSLISQWCEANGIELP
;
_entity_poly.pdbx_strand_id   A,B
#
# COMPACT_ATOMS: atom_id res chain seq x y z
N GLY A 1 -19.72 4.38 -16.51
CA GLY A 1 -18.96 3.12 -16.29
C GLY A 1 -19.93 2.03 -15.85
N ALA A 2 -20.25 2.01 -14.56
CA ALA A 2 -21.17 1.01 -14.03
C ALA A 2 -20.66 -0.40 -14.32
N MET A 3 -19.45 -0.69 -13.86
CA MET A 3 -18.85 -1.99 -14.07
C MET A 3 -18.32 -2.57 -12.76
N ILE A 4 -18.04 -3.86 -12.74
CA ILE A 4 -17.53 -4.50 -11.54
C ILE A 4 -16.36 -3.72 -10.96
N ILE A 5 -16.42 -3.47 -9.66
CA ILE A 5 -15.37 -2.71 -8.98
C ILE A 5 -14.08 -3.55 -8.92
N PRO A 6 -12.91 -2.93 -9.02
CA PRO A 6 -11.61 -3.68 -8.97
C PRO A 6 -11.45 -4.49 -7.68
N ASP A 7 -10.78 -5.62 -7.80
CA ASP A 7 -10.54 -6.52 -6.66
C ASP A 7 -9.70 -5.82 -5.58
N GLU A 8 -8.77 -4.97 -6.01
CA GLU A 8 -7.89 -4.28 -5.08
C GLU A 8 -8.67 -3.46 -4.05
N PHE A 9 -9.87 -3.01 -4.43
CA PHE A 9 -10.69 -2.20 -3.53
C PHE A 9 -11.57 -3.08 -2.64
N ARG A 10 -11.47 -4.40 -2.80
CA ARG A 10 -12.23 -5.33 -1.97
C ARG A 10 -11.30 -6.34 -1.33
N CYS A 11 -11.44 -6.55 -0.03
CA CYS A 11 -10.58 -7.50 0.67
C CYS A 11 -10.95 -8.93 0.27
N PRO A 12 -9.99 -9.84 0.16
CA PRO A 12 -10.28 -11.27 -0.22
C PRO A 12 -11.29 -11.93 0.71
N ILE A 13 -11.14 -11.71 2.01
CA ILE A 13 -12.05 -12.31 2.98
C ILE A 13 -13.42 -11.63 2.95
N SER A 14 -13.41 -10.32 2.83
CA SER A 14 -14.63 -9.54 2.79
C SER A 14 -15.49 -9.88 1.57
N LEU A 15 -14.84 -10.02 0.42
CA LEU A 15 -15.54 -10.32 -0.83
C LEU A 15 -16.52 -9.20 -1.19
N GLU A 16 -16.43 -8.08 -0.48
CA GLU A 16 -17.29 -6.94 -0.72
C GLU A 16 -16.52 -5.65 -0.43
N LEU A 17 -17.16 -4.51 -0.63
CA LEU A 17 -16.51 -3.23 -0.39
C LEU A 17 -16.10 -3.10 1.08
N MET A 18 -14.83 -2.83 1.31
CA MET A 18 -14.30 -2.69 2.67
C MET A 18 -14.61 -1.30 3.23
N GLN A 19 -14.63 -1.19 4.55
CA GLN A 19 -14.94 0.08 5.20
C GLN A 19 -13.70 0.71 5.83
N ASP A 20 -12.88 -0.12 6.46
CA ASP A 20 -11.67 0.38 7.11
C ASP A 20 -10.47 -0.47 6.72
N PRO A 21 -10.02 -0.33 5.50
CA PRO A 21 -8.85 -1.11 5.00
C PRO A 21 -7.52 -0.69 5.64
N VAL A 22 -6.72 -1.68 6.01
CA VAL A 22 -5.42 -1.43 6.60
C VAL A 22 -4.42 -2.47 6.14
N ILE A 23 -3.12 -2.20 6.30
CA ILE A 23 -2.11 -3.17 5.88
C ILE A 23 -1.43 -3.80 7.10
N VAL A 24 -1.05 -5.06 6.95
CA VAL A 24 -0.38 -5.80 8.03
C VAL A 24 1.13 -5.74 7.82
N SER A 25 1.90 -6.23 8.79
CA SER A 25 3.35 -6.21 8.66
C SER A 25 3.79 -6.96 7.40
N SER A 26 3.10 -8.06 7.11
CA SER A 26 3.40 -8.87 5.94
C SER A 26 3.18 -8.06 4.64
N GLY A 27 2.43 -6.96 4.75
CA GLY A 27 2.13 -6.11 3.60
C GLY A 27 0.78 -6.46 2.98
N GLN A 28 0.05 -7.38 3.59
CA GLN A 28 -1.27 -7.76 3.08
C GLN A 28 -2.31 -6.77 3.58
N THR A 29 -3.43 -6.67 2.87
CA THR A 29 -4.48 -5.73 3.27
C THR A 29 -5.66 -6.44 3.91
N TYR A 30 -6.04 -5.98 5.10
CA TYR A 30 -7.16 -6.57 5.83
C TYR A 30 -8.06 -5.48 6.40
N GLU A 31 -9.32 -5.81 6.60
CA GLU A 31 -10.27 -4.85 7.17
C GLU A 31 -9.95 -4.66 8.64
N ARG A 32 -10.21 -3.45 9.15
CA ARG A 32 -9.93 -3.17 10.55
C ARG A 32 -10.65 -4.18 11.45
N SER A 33 -11.92 -4.43 11.16
CA SER A 33 -12.69 -5.37 11.96
C SER A 33 -12.05 -6.76 11.92
N CYS A 34 -11.64 -7.18 10.73
CA CYS A 34 -11.02 -8.50 10.57
C CYS A 34 -9.74 -8.64 11.39
N ILE A 35 -8.87 -7.64 11.31
CA ILE A 35 -7.59 -7.71 12.03
C ILE A 35 -7.83 -7.73 13.53
N GLN A 36 -8.87 -7.04 13.99
CA GLN A 36 -9.17 -7.03 15.42
C GLN A 36 -9.50 -8.44 15.89
N LYS A 37 -10.28 -9.16 15.09
CA LYS A 37 -10.63 -10.53 15.43
C LYS A 37 -9.36 -11.39 15.48
N TRP A 38 -8.50 -11.16 14.49
CA TRP A 38 -7.25 -11.87 14.38
C TRP A 38 -6.37 -11.66 15.62
N LEU A 39 -6.25 -10.41 16.03
CA LEU A 39 -5.47 -10.08 17.22
C LEU A 39 -6.12 -10.66 18.46
N ASP A 40 -7.44 -10.60 18.50
CA ASP A 40 -8.21 -11.12 19.63
C ASP A 40 -7.98 -12.62 19.78
N SER A 41 -7.95 -13.32 18.65
CA SER A 41 -7.75 -14.76 18.66
C SER A 41 -6.35 -15.10 19.17
N GLY A 42 -5.45 -14.12 19.17
CA GLY A 42 -4.09 -14.35 19.63
C GLY A 42 -3.20 -14.88 18.50
N HIS A 43 -3.65 -14.72 17.26
CA HIS A 43 -2.86 -15.19 16.12
C HIS A 43 -1.66 -14.27 15.90
N LYS A 44 -0.50 -14.87 15.67
CA LYS A 44 0.73 -14.12 15.44
C LYS A 44 1.34 -14.48 14.09
N THR A 45 0.54 -15.04 13.20
CA THR A 45 1.03 -15.41 11.88
C THR A 45 0.10 -14.90 10.79
N CYS A 46 0.62 -14.81 9.57
CA CYS A 46 -0.17 -14.35 8.44
C CYS A 46 -0.67 -15.58 7.66
N PRO A 47 -1.93 -15.91 7.73
CA PRO A 47 -2.48 -17.11 7.03
C PRO A 47 -2.52 -16.94 5.51
N LYS A 48 -2.70 -15.70 5.06
CA LYS A 48 -2.77 -15.43 3.63
C LYS A 48 -1.47 -15.83 2.93
N THR A 49 -0.34 -15.43 3.50
CA THR A 49 0.95 -15.74 2.91
C THR A 49 1.61 -16.93 3.62
N GLN A 50 1.03 -17.32 4.76
CA GLN A 50 1.50 -18.47 5.54
C GLN A 50 2.89 -18.28 6.13
N GLN A 51 3.13 -17.11 6.72
CA GLN A 51 4.43 -16.85 7.34
C GLN A 51 4.25 -16.20 8.72
N PRO A 52 5.18 -16.40 9.62
CA PRO A 52 5.09 -15.82 11.00
C PRO A 52 5.40 -14.33 11.06
N LEU A 53 4.90 -13.67 12.11
CA LEU A 53 5.13 -12.26 12.30
C LEU A 53 6.06 -12.05 13.50
N SER A 54 7.35 -11.90 13.22
CA SER A 54 8.33 -11.70 14.27
C SER A 54 8.47 -10.22 14.61
N HIS A 55 7.69 -9.37 13.95
CA HIS A 55 7.75 -7.95 14.19
C HIS A 55 6.43 -7.27 13.85
N THR A 56 6.29 -6.02 14.27
CA THR A 56 5.07 -5.27 14.01
C THR A 56 5.41 -3.99 13.26
N SER A 57 4.41 -3.40 12.62
CA SER A 57 4.63 -2.18 11.86
C SER A 57 3.53 -1.16 12.13
N LEU A 58 3.81 0.10 11.83
CA LEU A 58 2.84 1.16 12.05
C LEU A 58 2.02 1.41 10.78
N THR A 59 2.44 0.79 9.67
CA THR A 59 1.78 0.94 8.39
C THR A 59 0.25 0.74 8.52
N PRO A 60 -0.53 1.80 8.51
CA PRO A 60 -2.01 1.70 8.57
C PRO A 60 -2.61 1.72 7.17
N ASN A 61 -2.46 2.85 6.49
CA ASN A 61 -2.96 3.02 5.13
C ASN A 61 -2.14 4.11 4.43
N PHE A 62 -2.16 4.15 3.10
CA PHE A 62 -1.37 5.15 2.40
C PHE A 62 -1.81 5.31 0.92
N VAL A 63 -1.02 4.78 -0.03
CA VAL A 63 -1.32 4.90 -1.45
C VAL A 63 -2.66 4.26 -1.80
N LEU A 64 -2.95 3.11 -1.21
CA LEU A 64 -4.20 2.42 -1.51
C LEU A 64 -5.38 3.35 -1.23
N LYS A 65 -5.36 4.02 -0.08
CA LYS A 65 -6.43 4.93 0.26
C LYS A 65 -6.55 6.04 -0.78
N SER A 66 -5.40 6.58 -1.18
CA SER A 66 -5.37 7.67 -2.16
C SER A 66 -5.92 7.20 -3.51
N LEU A 67 -5.53 6.01 -3.94
CA LEU A 67 -6.00 5.47 -5.21
C LEU A 67 -7.50 5.25 -5.18
N ILE A 68 -8.00 4.78 -4.04
CA ILE A 68 -9.43 4.55 -3.87
C ILE A 68 -10.19 5.86 -4.06
N SER A 69 -9.68 6.92 -3.45
CA SER A 69 -10.31 8.22 -3.56
C SER A 69 -10.38 8.66 -5.02
N GLN A 70 -9.29 8.47 -5.75
CA GLN A 70 -9.26 8.85 -7.15
C GLN A 70 -10.30 8.06 -7.94
N TRP A 71 -10.38 6.77 -7.65
CA TRP A 71 -11.35 5.89 -8.31
C TRP A 71 -12.76 6.35 -8.00
N CYS A 72 -13.00 6.63 -6.74
CA CYS A 72 -14.32 7.09 -6.28
C CYS A 72 -14.71 8.39 -6.94
N GLU A 73 -13.76 9.32 -7.04
CA GLU A 73 -14.04 10.62 -7.65
C GLU A 73 -14.43 10.45 -9.11
N ALA A 74 -13.73 9.55 -9.80
CA ALA A 74 -14.02 9.31 -11.21
C ALA A 74 -15.44 8.78 -11.39
N ASN A 75 -15.82 7.88 -10.50
CA ASN A 75 -17.15 7.29 -10.54
C ASN A 75 -18.16 8.18 -9.83
N GLY A 76 -17.68 9.19 -9.11
CA GLY A 76 -18.58 10.09 -8.40
C GLY A 76 -19.34 9.37 -7.28
N ILE A 77 -18.71 8.36 -6.69
CA ILE A 77 -19.33 7.59 -5.62
C ILE A 77 -18.62 7.83 -4.30
N GLU A 78 -19.37 8.19 -3.27
CA GLU A 78 -18.78 8.46 -1.95
C GLU A 78 -18.09 7.21 -1.41
N LEU A 79 -17.00 7.41 -0.67
CA LEU A 79 -16.27 6.29 -0.08
C LEU A 79 -17.10 5.60 1.01
N PRO A 80 -16.83 4.36 1.29
CA PRO A 80 -17.58 3.59 2.32
C PRO A 80 -17.70 4.37 3.63
N GLY B 1 -8.47 7.01 -21.89
CA GLY B 1 -8.18 7.88 -20.72
C GLY B 1 -6.71 7.75 -20.34
N ALA B 2 -6.44 7.83 -19.03
CA ALA B 2 -5.08 7.73 -18.53
C ALA B 2 -4.18 8.81 -19.16
N MET B 3 -4.67 10.04 -19.14
CA MET B 3 -3.92 11.16 -19.70
C MET B 3 -2.59 11.34 -18.98
N ILE B 4 -2.62 11.26 -17.64
CA ILE B 4 -1.40 11.43 -16.86
C ILE B 4 -1.27 10.31 -15.83
N ILE B 5 -0.04 9.89 -15.58
CA ILE B 5 0.22 8.83 -14.61
C ILE B 5 -0.13 9.31 -13.20
N PRO B 6 -0.68 8.46 -12.35
CA PRO B 6 -1.05 8.85 -10.95
C PRO B 6 0.14 9.35 -10.14
N ASP B 7 -0.12 10.34 -9.29
CA ASP B 7 0.92 10.90 -8.44
C ASP B 7 1.45 9.82 -7.50
N GLU B 8 0.56 8.95 -7.04
CA GLU B 8 0.93 7.86 -6.13
C GLU B 8 1.96 6.94 -6.78
N PHE B 9 1.76 6.64 -8.05
CA PHE B 9 2.69 5.77 -8.76
C PHE B 9 4.06 6.43 -8.83
N ARG B 10 4.09 7.73 -9.05
CA ARG B 10 5.36 8.46 -9.07
C ARG B 10 5.83 8.70 -7.64
N CYS B 11 7.15 8.66 -7.43
CA CYS B 11 7.69 8.88 -6.09
C CYS B 11 7.37 10.29 -5.60
N PRO B 12 6.98 10.48 -4.35
CA PRO B 12 6.64 11.84 -3.81
C PRO B 12 7.81 12.82 -3.92
N ILE B 13 9.02 12.34 -3.65
CA ILE B 13 10.19 13.20 -3.70
C ILE B 13 10.70 13.40 -5.13
N SER B 14 11.12 12.30 -5.76
CA SER B 14 11.64 12.37 -7.13
C SER B 14 10.57 12.82 -8.12
N LEU B 15 9.35 12.35 -7.92
CA LEU B 15 8.24 12.69 -8.82
C LEU B 15 8.41 11.99 -10.17
N GLU B 16 8.96 10.79 -10.13
CA GLU B 16 9.19 10.00 -11.34
C GLU B 16 8.76 8.55 -11.12
N LEU B 17 8.74 7.78 -12.19
CA LEU B 17 8.37 6.37 -12.10
C LEU B 17 9.45 5.59 -11.34
N MET B 18 9.01 4.60 -10.58
CA MET B 18 9.93 3.81 -9.76
C MET B 18 10.00 2.36 -10.25
N GLN B 19 11.16 1.74 -10.04
CA GLN B 19 11.36 0.37 -10.46
C GLN B 19 11.43 -0.56 -9.25
N ASP B 20 11.85 -0.02 -8.11
CA ASP B 20 11.96 -0.81 -6.89
C ASP B 20 11.30 -0.08 -5.71
N PRO B 21 10.00 -0.08 -5.67
CA PRO B 21 9.21 0.60 -4.60
C PRO B 21 9.24 -0.16 -3.27
N VAL B 22 9.30 0.59 -2.17
CA VAL B 22 9.30 -0.01 -0.84
C VAL B 22 8.49 0.86 0.13
N ILE B 23 8.00 0.27 1.21
CA ILE B 23 7.24 1.05 2.19
C ILE B 23 7.86 0.91 3.57
N VAL B 24 7.98 2.04 4.25
CA VAL B 24 8.58 2.11 5.57
C VAL B 24 7.54 1.67 6.62
N SER B 25 7.97 1.44 7.86
CA SER B 25 7.06 1.02 8.90
C SER B 25 5.95 2.06 9.10
N SER B 26 6.19 3.28 8.62
CA SER B 26 5.21 4.35 8.72
C SER B 26 4.22 4.32 7.55
N GLY B 27 4.40 3.35 6.65
CA GLY B 27 3.52 3.20 5.49
C GLY B 27 3.81 4.26 4.43
N GLN B 28 4.99 4.87 4.51
CA GLN B 28 5.37 5.90 3.55
C GLN B 28 5.99 5.23 2.32
N THR B 29 5.74 5.79 1.13
CA THR B 29 6.29 5.22 -0.10
C THR B 29 7.60 5.89 -0.50
N TYR B 30 8.66 5.08 -0.65
CA TYR B 30 9.96 5.61 -1.04
C TYR B 30 10.63 4.70 -2.06
N GLU B 31 11.48 5.30 -2.89
CA GLU B 31 12.23 4.55 -3.90
C GLU B 31 13.40 3.84 -3.21
N ARG B 32 13.75 2.66 -3.70
CA ARG B 32 14.84 1.90 -3.09
C ARG B 32 16.12 2.74 -3.06
N SER B 33 16.41 3.44 -4.16
CA SER B 33 17.60 4.27 -4.23
C SER B 33 17.55 5.37 -3.16
N CYS B 34 16.40 6.01 -3.03
CA CYS B 34 16.24 7.09 -2.04
C CYS B 34 16.49 6.58 -0.64
N ILE B 35 15.94 5.41 -0.31
CA ILE B 35 16.11 4.84 1.01
C ILE B 35 17.59 4.56 1.29
N GLN B 36 18.29 4.02 0.31
CA GLN B 36 19.70 3.71 0.49
C GLN B 36 20.49 4.98 0.80
N LYS B 37 20.17 6.06 0.09
CA LYS B 37 20.86 7.33 0.32
C LYS B 37 20.54 7.86 1.72
N TRP B 38 19.30 7.73 2.12
CA TRP B 38 18.87 8.21 3.44
C TRP B 38 19.58 7.41 4.52
N LEU B 39 19.65 6.10 4.34
CA LEU B 39 20.31 5.23 5.30
C LEU B 39 21.82 5.54 5.35
N ASP B 40 22.40 5.79 4.19
CA ASP B 40 23.82 6.10 4.11
C ASP B 40 24.12 7.37 4.90
N SER B 41 23.20 8.32 4.81
CA SER B 41 23.35 9.58 5.52
C SER B 41 23.38 9.33 7.03
N GLY B 42 22.88 8.17 7.46
CA GLY B 42 22.85 7.83 8.87
C GLY B 42 21.49 8.14 9.49
N HIS B 43 20.49 8.41 8.64
CA HIS B 43 19.17 8.72 9.14
C HIS B 43 18.29 7.47 9.14
N LYS B 44 17.67 7.21 10.28
CA LYS B 44 16.79 6.07 10.44
C LYS B 44 15.42 6.53 10.94
N THR B 45 14.92 7.59 10.35
CA THR B 45 13.64 8.15 10.74
C THR B 45 12.74 8.39 9.53
N CYS B 46 11.49 8.72 9.81
CA CYS B 46 10.52 9.00 8.77
C CYS B 46 10.24 10.50 8.75
N PRO B 47 10.83 11.26 7.86
CA PRO B 47 10.64 12.73 7.81
C PRO B 47 9.21 13.15 7.46
N LYS B 48 8.53 12.33 6.65
CA LYS B 48 7.17 12.65 6.25
C LYS B 48 6.22 12.62 7.45
N THR B 49 6.44 11.67 8.35
CA THR B 49 5.59 11.54 9.54
C THR B 49 6.27 12.14 10.78
N GLN B 50 7.57 12.39 10.67
CA GLN B 50 8.36 12.98 11.76
C GLN B 50 8.51 12.04 12.95
N GLN B 51 8.75 10.76 12.69
CA GLN B 51 8.93 9.79 13.78
C GLN B 51 10.12 8.86 13.51
N PRO B 52 10.77 8.37 14.54
CA PRO B 52 11.95 7.47 14.41
C PRO B 52 11.59 6.01 14.14
N LEU B 53 12.57 5.25 13.69
CA LEU B 53 12.37 3.83 13.40
C LEU B 53 13.14 2.97 14.41
N SER B 54 12.44 2.05 15.06
CA SER B 54 13.06 1.16 16.03
C SER B 54 12.99 -0.30 15.57
N HIS B 55 12.38 -0.53 14.40
CA HIS B 55 12.25 -1.88 13.87
C HIS B 55 12.01 -1.85 12.37
N THR B 56 12.09 -3.02 11.75
CA THR B 56 11.88 -3.15 10.31
C THR B 56 10.85 -4.23 10.00
N SER B 57 10.32 -4.21 8.78
CA SER B 57 9.33 -5.20 8.38
C SER B 57 9.42 -5.48 6.88
N LEU B 58 8.83 -6.59 6.44
CA LEU B 58 8.87 -6.95 5.03
C LEU B 58 7.65 -6.41 4.30
N THR B 59 7.79 -5.20 3.76
CA THR B 59 6.70 -4.56 3.03
C THR B 59 7.24 -3.82 1.80
N PRO B 60 7.75 -4.55 0.84
CA PRO B 60 8.33 -3.95 -0.39
C PRO B 60 7.25 -3.46 -1.34
N ASN B 61 6.23 -4.29 -1.52
CA ASN B 61 5.11 -3.95 -2.39
C ASN B 61 3.98 -4.95 -2.16
N PHE B 62 2.80 -4.61 -2.66
CA PHE B 62 1.64 -5.49 -2.51
C PHE B 62 0.47 -5.01 -3.41
N VAL B 63 -0.58 -4.43 -2.81
CA VAL B 63 -1.72 -3.95 -3.58
C VAL B 63 -1.29 -2.84 -4.54
N LEU B 64 -0.41 -1.98 -4.08
CA LEU B 64 0.07 -0.87 -4.91
C LEU B 64 0.61 -1.40 -6.22
N LYS B 65 1.41 -2.47 -6.14
CA LYS B 65 1.98 -3.07 -7.34
C LYS B 65 0.87 -3.56 -8.25
N SER B 66 -0.14 -4.20 -7.65
CA SER B 66 -1.26 -4.72 -8.41
C SER B 66 -2.00 -3.62 -9.15
N LEU B 67 -2.21 -2.49 -8.49
CA LEU B 67 -2.90 -1.37 -9.12
C LEU B 67 -2.10 -0.83 -10.30
N ILE B 68 -0.78 -0.78 -10.15
CA ILE B 68 0.06 -0.30 -11.22
C ILE B 68 -0.08 -1.19 -12.45
N SER B 69 -0.09 -2.49 -12.23
CA SER B 69 -0.21 -3.44 -13.32
C SER B 69 -1.52 -3.21 -14.08
N GLN B 70 -2.60 -2.99 -13.34
CA GLN B 70 -3.89 -2.74 -13.98
C GLN B 70 -3.81 -1.46 -14.82
N TRP B 71 -3.14 -0.44 -14.26
CA TRP B 71 -2.99 0.83 -14.94
C TRP B 71 -2.23 0.64 -16.26
N CYS B 72 -1.11 -0.07 -16.16
CA CYS B 72 -0.26 -0.32 -17.32
C CYS B 72 -0.98 -1.17 -18.36
N GLU B 73 -1.72 -2.18 -17.91
CA GLU B 73 -2.45 -3.05 -18.82
C GLU B 73 -3.49 -2.24 -19.59
N ALA B 74 -4.10 -1.28 -18.91
CA ALA B 74 -5.09 -0.42 -19.54
C ALA B 74 -4.44 0.34 -20.69
N ASN B 75 -3.22 0.81 -20.45
CA ASN B 75 -2.49 1.54 -21.48
C ASN B 75 -1.76 0.59 -22.41
N GLY B 76 -1.70 -0.69 -22.05
CA GLY B 76 -1.02 -1.68 -22.89
C GLY B 76 0.49 -1.48 -22.89
N ILE B 77 1.00 -0.89 -21.82
CA ILE B 77 2.44 -0.63 -21.71
C ILE B 77 3.07 -1.49 -20.62
N GLU B 78 4.35 -1.81 -20.78
CA GLU B 78 5.04 -2.64 -19.79
C GLU B 78 5.28 -1.84 -18.51
N LEU B 79 5.55 -2.54 -17.41
CA LEU B 79 5.78 -1.88 -16.12
C LEU B 79 7.04 -1.01 -16.18
N PRO B 80 7.12 0.00 -15.35
CA PRO B 80 8.31 0.92 -15.33
C PRO B 80 9.61 0.16 -15.05
N GLY A 1 -22.19 -0.19 -20.75
CA GLY A 1 -20.81 -0.11 -20.20
C GLY A 1 -20.81 -0.54 -18.74
N ALA A 2 -20.43 -1.79 -18.50
CA ALA A 2 -20.40 -2.32 -17.14
C ALA A 2 -19.07 -2.01 -16.47
N MET A 3 -19.13 -1.52 -15.24
CA MET A 3 -17.93 -1.19 -14.48
C MET A 3 -17.99 -1.82 -13.09
N ILE A 4 -16.86 -2.37 -12.65
CA ILE A 4 -16.82 -3.01 -11.33
C ILE A 4 -15.58 -2.57 -10.56
N ILE A 5 -15.64 -2.71 -9.24
CA ILE A 5 -14.52 -2.37 -8.38
C ILE A 5 -13.39 -3.40 -8.53
N PRO A 6 -12.14 -3.00 -8.62
CA PRO A 6 -11.01 -3.95 -8.78
C PRO A 6 -10.77 -4.82 -7.53
N ASP A 7 -10.09 -5.93 -7.75
CA ASP A 7 -9.81 -6.87 -6.67
C ASP A 7 -8.94 -6.24 -5.59
N GLU A 8 -8.14 -5.25 -5.96
CA GLU A 8 -7.27 -4.59 -5.00
C GLU A 8 -8.06 -3.90 -3.89
N PHE A 9 -9.13 -3.21 -4.28
CA PHE A 9 -9.98 -2.51 -3.30
C PHE A 9 -10.78 -3.54 -2.51
N ARG A 10 -11.17 -4.62 -3.16
CA ARG A 10 -11.93 -5.67 -2.49
C ARG A 10 -10.98 -6.58 -1.70
N CYS A 11 -11.24 -6.74 -0.40
CA CYS A 11 -10.40 -7.60 0.42
C CYS A 11 -10.67 -9.06 0.06
N PRO A 12 -9.68 -9.84 -0.34
CA PRO A 12 -9.90 -11.27 -0.70
C PRO A 12 -10.56 -12.08 0.42
N ILE A 13 -10.19 -11.81 1.66
CA ILE A 13 -10.73 -12.54 2.80
C ILE A 13 -12.21 -12.24 3.01
N SER A 14 -12.60 -10.99 2.85
CA SER A 14 -13.99 -10.59 3.06
C SER A 14 -14.80 -10.63 1.76
N LEU A 15 -14.11 -10.68 0.63
CA LEU A 15 -14.80 -10.69 -0.66
C LEU A 15 -15.67 -9.44 -0.83
N GLU A 16 -15.44 -8.43 0.01
CA GLU A 16 -16.22 -7.20 -0.06
C GLU A 16 -15.35 -5.98 0.23
N LEU A 17 -15.96 -4.80 0.09
CA LEU A 17 -15.26 -3.55 0.35
C LEU A 17 -14.91 -3.42 1.83
N MET A 18 -13.78 -2.79 2.11
CA MET A 18 -13.35 -2.61 3.50
C MET A 18 -13.63 -1.18 3.96
N GLN A 19 -13.74 -1.00 5.27
CA GLN A 19 -14.00 0.32 5.82
C GLN A 19 -12.72 0.96 6.34
N ASP A 20 -11.87 0.15 6.96
CA ASP A 20 -10.61 0.65 7.49
C ASP A 20 -9.48 -0.36 7.26
N PRO A 21 -8.97 -0.42 6.06
CA PRO A 21 -7.86 -1.36 5.71
C PRO A 21 -6.53 -0.96 6.35
N VAL A 22 -5.74 -1.96 6.74
CA VAL A 22 -4.45 -1.70 7.37
C VAL A 22 -3.37 -2.60 6.79
N ILE A 23 -2.11 -2.22 7.00
CA ILE A 23 -0.99 -3.00 6.50
C ILE A 23 -0.30 -3.77 7.63
N VAL A 24 0.11 -4.98 7.30
CA VAL A 24 0.78 -5.84 8.26
C VAL A 24 2.29 -5.82 7.96
N SER A 25 3.10 -6.36 8.86
CA SER A 25 4.54 -6.35 8.65
C SER A 25 4.86 -7.00 7.30
N SER A 26 4.14 -8.05 6.97
CA SER A 26 4.33 -8.76 5.70
C SER A 26 4.01 -7.86 4.51
N GLY A 27 3.25 -6.79 4.74
CA GLY A 27 2.87 -5.87 3.67
C GLY A 27 1.51 -6.25 3.09
N GLN A 28 0.84 -7.23 3.69
CA GLN A 28 -0.47 -7.64 3.21
C GLN A 28 -1.54 -6.69 3.74
N THR A 29 -2.62 -6.52 3.00
CA THR A 29 -3.68 -5.62 3.41
C THR A 29 -4.89 -6.40 3.94
N TYR A 30 -5.40 -5.99 5.10
CA TYR A 30 -6.56 -6.66 5.70
C TYR A 30 -7.51 -5.64 6.31
N GLU A 31 -8.78 -6.02 6.44
CA GLU A 31 -9.76 -5.14 7.04
C GLU A 31 -9.50 -5.07 8.54
N ARG A 32 -9.68 -3.90 9.14
CA ARG A 32 -9.43 -3.74 10.58
C ARG A 32 -10.33 -4.68 11.38
N SER A 33 -11.60 -4.74 11.00
CA SER A 33 -12.56 -5.60 11.71
C SER A 33 -12.11 -7.05 11.65
N CYS A 34 -11.71 -7.49 10.47
CA CYS A 34 -11.27 -8.87 10.29
C CYS A 34 -10.05 -9.16 11.15
N ILE A 35 -9.09 -8.25 11.11
CA ILE A 35 -7.86 -8.42 11.89
C ILE A 35 -8.14 -8.44 13.38
N GLN A 36 -8.99 -7.54 13.84
CA GLN A 36 -9.29 -7.46 15.26
C GLN A 36 -9.88 -8.77 15.74
N LYS A 37 -10.77 -9.35 14.94
CA LYS A 37 -11.39 -10.62 15.29
C LYS A 37 -10.33 -11.72 15.37
N TRP A 38 -9.42 -11.71 14.40
CA TRP A 38 -8.35 -12.69 14.33
C TRP A 38 -7.48 -12.59 15.58
N LEU A 39 -7.16 -11.36 15.97
CA LEU A 39 -6.35 -11.13 17.15
C LEU A 39 -7.06 -11.64 18.40
N ASP A 40 -8.37 -11.42 18.46
CA ASP A 40 -9.17 -11.87 19.60
C ASP A 40 -9.12 -13.39 19.73
N SER A 41 -9.12 -14.07 18.59
CA SER A 41 -9.08 -15.52 18.60
C SER A 41 -7.77 -16.01 19.22
N GLY A 42 -6.78 -15.13 19.29
CA GLY A 42 -5.50 -15.48 19.87
C GLY A 42 -4.44 -15.71 18.80
N HIS A 43 -4.75 -15.36 17.55
CA HIS A 43 -3.81 -15.55 16.47
C HIS A 43 -3.10 -14.24 16.14
N LYS A 44 -1.77 -14.30 16.12
CA LYS A 44 -0.97 -13.11 15.82
C LYS A 44 0.02 -13.45 14.71
N THR A 45 -0.53 -13.92 13.60
CA THR A 45 0.28 -14.30 12.45
C THR A 45 -0.39 -13.93 11.15
N CYS A 46 0.33 -14.11 10.05
CA CYS A 46 -0.21 -13.84 8.73
C CYS A 46 -0.42 -15.18 8.02
N PRO A 47 -1.59 -15.76 8.13
CA PRO A 47 -1.88 -17.09 7.49
C PRO A 47 -1.81 -17.06 5.97
N LYS A 48 -2.03 -15.90 5.38
CA LYS A 48 -1.99 -15.77 3.93
C LYS A 48 -0.60 -16.08 3.38
N THR A 49 0.42 -15.63 4.09
CA THR A 49 1.81 -15.86 3.67
C THR A 49 2.53 -16.86 4.58
N GLN A 50 1.94 -17.11 5.76
CA GLN A 50 2.48 -18.04 6.74
C GLN A 50 3.66 -17.42 7.48
N GLN A 51 3.52 -16.14 7.85
CA GLN A 51 4.61 -15.43 8.55
C GLN A 51 4.15 -15.00 9.95
N PRO A 52 4.96 -15.18 10.98
CA PRO A 52 4.60 -14.76 12.36
C PRO A 52 4.70 -13.24 12.54
N LEU A 53 3.91 -12.69 13.46
CA LEU A 53 3.94 -11.24 13.71
C LEU A 53 4.48 -10.93 15.10
N SER A 54 5.46 -10.05 15.16
CA SER A 54 6.06 -9.65 16.43
C SER A 54 6.52 -8.19 16.36
N HIS A 55 6.10 -7.47 15.31
CA HIS A 55 6.50 -6.08 15.16
C HIS A 55 5.31 -5.20 14.77
N THR A 56 5.13 -4.11 15.50
CA THR A 56 4.04 -3.18 15.21
C THR A 56 4.60 -1.77 15.06
N SER A 57 3.98 -0.95 14.23
CA SER A 57 4.46 0.40 14.01
C SER A 57 3.36 1.30 13.43
N LEU A 58 2.10 0.86 13.54
CA LEU A 58 0.99 1.66 13.01
C LEU A 58 1.17 1.91 11.51
N THR A 59 0.65 1.01 10.70
CA THR A 59 0.76 1.14 9.25
C THR A 59 -0.62 1.11 8.59
N PRO A 60 -1.36 2.17 8.71
CA PRO A 60 -2.73 2.27 8.11
C PRO A 60 -2.65 2.48 6.60
N ASN A 61 -3.72 2.12 5.89
CA ASN A 61 -3.75 2.26 4.45
C ASN A 61 -3.22 3.63 4.01
N PHE A 62 -2.19 3.62 3.16
CA PHE A 62 -1.60 4.88 2.68
C PHE A 62 -1.96 5.13 1.21
N VAL A 63 -1.19 4.57 0.29
CA VAL A 63 -1.43 4.73 -1.14
C VAL A 63 -2.78 4.16 -1.52
N LEU A 64 -3.12 3.02 -0.94
CA LEU A 64 -4.38 2.37 -1.23
C LEU A 64 -5.53 3.32 -0.92
N LYS A 65 -5.45 3.99 0.23
CA LYS A 65 -6.49 4.93 0.63
C LYS A 65 -6.61 6.06 -0.39
N SER A 66 -5.47 6.60 -0.82
CA SER A 66 -5.48 7.69 -1.79
C SER A 66 -6.05 7.25 -3.13
N LEU A 67 -5.70 6.03 -3.55
CA LEU A 67 -6.21 5.49 -4.80
C LEU A 67 -7.70 5.23 -4.70
N ILE A 68 -8.15 4.77 -3.53
CA ILE A 68 -9.56 4.50 -3.31
C ILE A 68 -10.37 5.76 -3.53
N SER A 69 -9.88 6.88 -2.99
CA SER A 69 -10.58 8.15 -3.14
C SER A 69 -10.68 8.54 -4.60
N GLN A 70 -9.59 8.35 -5.35
CA GLN A 70 -9.60 8.70 -6.77
C GLN A 70 -10.58 7.82 -7.56
N TRP A 71 -10.60 6.53 -7.25
CA TRP A 71 -11.48 5.60 -7.94
C TRP A 71 -12.95 5.97 -7.75
N CYS A 72 -13.32 6.21 -6.49
CA CYS A 72 -14.71 6.54 -6.18
C CYS A 72 -15.13 7.88 -6.76
N GLU A 73 -14.23 8.86 -6.72
CA GLU A 73 -14.57 10.17 -7.26
C GLU A 73 -14.75 10.10 -8.77
N ALA A 74 -13.90 9.33 -9.42
CA ALA A 74 -13.96 9.19 -10.88
C ALA A 74 -15.29 8.57 -11.30
N ASN A 75 -15.75 7.58 -10.56
CA ASN A 75 -17.00 6.93 -10.87
C ASN A 75 -18.17 7.57 -10.13
N GLY A 76 -17.87 8.54 -9.27
CA GLY A 76 -18.92 9.22 -8.51
C GLY A 76 -19.51 8.32 -7.42
N ILE A 77 -18.76 7.28 -7.05
CA ILE A 77 -19.20 6.33 -6.03
C ILE A 77 -18.87 6.86 -4.63
N GLU A 78 -19.63 6.43 -3.65
CA GLU A 78 -19.40 6.84 -2.27
C GLU A 78 -18.47 5.84 -1.58
N LEU A 79 -17.63 6.33 -0.67
CA LEU A 79 -16.70 5.46 0.04
C LEU A 79 -17.44 4.55 1.00
N PRO A 80 -16.87 3.40 1.33
CA PRO A 80 -17.53 2.43 2.26
C PRO A 80 -17.96 3.09 3.56
N GLY B 1 -8.72 12.93 -22.65
CA GLY B 1 -8.41 14.32 -23.09
C GLY B 1 -6.91 14.56 -22.98
N ALA B 2 -6.30 14.05 -21.92
CA ALA B 2 -4.86 14.21 -21.71
C ALA B 2 -4.29 12.99 -21.00
N MET B 3 -2.99 12.76 -21.19
CA MET B 3 -2.33 11.63 -20.55
C MET B 3 -1.64 12.06 -19.27
N ILE B 4 -2.19 11.64 -18.13
CA ILE B 4 -1.63 11.97 -16.83
C ILE B 4 -1.49 10.72 -15.97
N ILE B 5 -0.34 10.57 -15.33
CA ILE B 5 -0.10 9.42 -14.47
C ILE B 5 -0.46 9.78 -13.02
N PRO B 6 -1.06 8.87 -12.26
CA PRO B 6 -1.43 9.17 -10.84
C PRO B 6 -0.21 9.53 -9.99
N ASP B 7 -0.39 10.49 -9.09
CA ASP B 7 0.69 10.92 -8.20
C ASP B 7 1.12 9.76 -7.33
N GLU B 8 0.16 8.92 -6.96
CA GLU B 8 0.42 7.76 -6.12
C GLU B 8 1.45 6.84 -6.76
N PHE B 9 1.43 6.75 -8.08
CA PHE B 9 2.34 5.87 -8.81
C PHE B 9 3.75 6.47 -8.92
N ARG B 10 3.91 7.73 -8.52
CA ARG B 10 5.23 8.36 -8.56
C ARG B 10 5.58 8.86 -7.16
N CYS B 11 6.85 8.73 -6.78
CA CYS B 11 7.27 9.17 -5.43
C CYS B 11 7.35 10.70 -5.37
N PRO B 12 7.17 11.27 -4.20
CA PRO B 12 7.21 12.75 -4.02
C PRO B 12 8.61 13.34 -4.24
N ILE B 13 9.64 12.55 -3.90
CA ILE B 13 11.01 13.02 -4.06
C ILE B 13 11.54 12.71 -5.47
N SER B 14 11.25 11.51 -5.96
CA SER B 14 11.69 11.11 -7.29
C SER B 14 10.92 11.88 -8.35
N LEU B 15 9.64 12.10 -8.09
CA LEU B 15 8.76 12.79 -9.04
C LEU B 15 8.60 11.95 -10.30
N GLU B 16 9.00 10.68 -10.21
CA GLU B 16 8.90 9.79 -11.35
C GLU B 16 8.41 8.40 -10.92
N LEU B 17 8.17 7.56 -11.93
CA LEU B 17 7.69 6.20 -11.71
C LEU B 17 8.77 5.36 -11.06
N MET B 18 8.36 4.43 -10.21
CA MET B 18 9.31 3.55 -9.52
C MET B 18 9.17 2.12 -10.02
N GLN B 19 10.27 1.54 -10.49
CA GLN B 19 10.24 0.17 -10.98
C GLN B 19 10.06 -0.80 -9.81
N ASP B 20 10.74 -0.52 -8.70
CA ASP B 20 10.67 -1.37 -7.51
C ASP B 20 10.39 -0.55 -6.26
N PRO B 21 9.21 -0.01 -6.13
CA PRO B 21 8.80 0.81 -4.96
C PRO B 21 8.64 0.00 -3.67
N VAL B 22 8.86 0.68 -2.54
CA VAL B 22 8.74 0.06 -1.23
C VAL B 22 8.09 1.02 -0.25
N ILE B 23 7.60 0.50 0.88
CA ILE B 23 6.95 1.36 1.89
C ILE B 23 7.72 1.29 3.22
N VAL B 24 7.91 2.48 3.80
CA VAL B 24 8.63 2.60 5.07
C VAL B 24 7.70 2.26 6.24
N SER B 25 8.24 2.14 7.44
CA SER B 25 7.42 1.81 8.61
C SER B 25 6.29 2.83 8.76
N SER B 26 6.60 4.09 8.50
CA SER B 26 5.62 5.16 8.60
C SER B 26 4.47 4.96 7.60
N GLY B 27 4.68 4.07 6.63
CA GLY B 27 3.66 3.79 5.62
C GLY B 27 3.82 4.66 4.37
N GLN B 28 4.87 5.48 4.34
CA GLN B 28 5.12 6.31 3.18
C GLN B 28 5.83 5.50 2.09
N THR B 29 5.67 5.90 0.84
CA THR B 29 6.28 5.16 -0.26
C THR B 29 7.53 5.86 -0.79
N TYR B 30 8.62 5.10 -0.88
CA TYR B 30 9.88 5.64 -1.38
C TYR B 30 10.53 4.65 -2.34
N GLU B 31 11.28 5.18 -3.30
CA GLU B 31 11.97 4.33 -4.25
C GLU B 31 13.00 3.48 -3.50
N ARG B 32 13.16 2.24 -3.92
CA ARG B 32 14.08 1.34 -3.25
C ARG B 32 15.49 1.91 -3.23
N SER B 33 15.93 2.47 -4.35
CA SER B 33 17.26 3.05 -4.42
C SER B 33 17.40 4.22 -3.44
N CYS B 34 16.34 5.02 -3.33
CA CYS B 34 16.36 6.17 -2.43
C CYS B 34 16.49 5.72 -0.98
N ILE B 35 15.77 4.67 -0.61
CA ILE B 35 15.83 4.18 0.76
C ILE B 35 17.14 3.48 1.01
N GLN B 36 17.73 2.92 -0.05
CA GLN B 36 19.01 2.24 0.10
C GLN B 36 20.03 3.22 0.63
N LYS B 37 20.06 4.42 0.03
CA LYS B 37 20.98 5.45 0.49
C LYS B 37 20.61 5.89 1.91
N TRP B 38 19.31 5.95 2.18
CA TRP B 38 18.82 6.36 3.50
C TRP B 38 19.35 5.42 4.57
N LEU B 39 19.28 4.11 4.33
CA LEU B 39 19.80 3.13 5.27
C LEU B 39 21.31 3.25 5.36
N ASP B 40 21.95 3.48 4.22
CA ASP B 40 23.39 3.62 4.17
C ASP B 40 23.82 4.80 5.04
N SER B 41 23.03 5.86 4.99
CA SER B 41 23.30 7.06 5.78
C SER B 41 23.20 6.75 7.26
N GLY B 42 22.49 5.66 7.59
CA GLY B 42 22.32 5.28 8.99
C GLY B 42 21.16 6.04 9.63
N HIS B 43 20.29 6.60 8.80
CA HIS B 43 19.14 7.34 9.32
C HIS B 43 18.13 6.36 9.94
N LYS B 44 17.49 6.79 11.03
CA LYS B 44 16.51 5.92 11.70
C LYS B 44 15.17 6.63 11.88
N THR B 45 14.96 7.71 11.13
CA THR B 45 13.71 8.46 11.23
C THR B 45 13.15 8.77 9.86
N CYS B 46 11.92 9.26 9.82
CA CYS B 46 11.28 9.60 8.56
C CYS B 46 11.20 11.13 8.42
N PRO B 47 12.07 11.74 7.65
CA PRO B 47 12.08 13.24 7.47
C PRO B 47 10.78 13.78 6.87
N LYS B 48 10.21 13.03 5.93
CA LYS B 48 8.98 13.47 5.27
C LYS B 48 7.83 13.62 6.26
N THR B 49 7.70 12.65 7.17
CA THR B 49 6.63 12.69 8.16
C THR B 49 7.12 13.28 9.49
N GLN B 50 8.45 13.39 9.63
CA GLN B 50 9.09 13.94 10.83
C GLN B 50 8.84 13.10 12.08
N GLN B 51 8.92 11.78 11.93
CA GLN B 51 8.73 10.88 13.08
C GLN B 51 9.78 9.77 13.11
N PRO B 52 10.12 9.29 14.29
CA PRO B 52 11.14 8.20 14.45
C PRO B 52 10.57 6.80 14.16
N LEU B 53 11.44 5.86 13.82
CA LEU B 53 11.01 4.50 13.55
C LEU B 53 12.18 3.53 13.65
N SER B 54 11.91 2.32 14.13
CA SER B 54 12.96 1.31 14.27
C SER B 54 12.59 0.03 13.52
N HIS B 55 12.74 0.06 12.19
CA HIS B 55 12.43 -1.10 11.37
C HIS B 55 13.11 -0.97 10.00
N THR B 56 13.68 -2.05 9.52
CA THR B 56 14.36 -2.02 8.23
C THR B 56 13.34 -1.81 7.09
N SER B 57 12.86 -2.90 6.49
CA SER B 57 11.89 -2.79 5.41
C SER B 57 11.39 -4.16 4.99
N LEU B 58 10.33 -4.64 5.64
CA LEU B 58 9.76 -5.93 5.32
C LEU B 58 8.42 -5.77 4.61
N THR B 59 8.20 -4.60 4.03
CA THR B 59 6.95 -4.32 3.33
C THR B 59 7.21 -3.84 1.90
N PRO B 60 7.34 -4.73 0.95
CA PRO B 60 7.58 -4.33 -0.47
C PRO B 60 6.27 -3.84 -1.08
N ASN B 61 6.33 -3.10 -2.19
CA ASN B 61 5.09 -2.60 -2.80
C ASN B 61 4.12 -3.76 -2.98
N PHE B 62 2.88 -3.56 -2.54
CA PHE B 62 1.87 -4.61 -2.63
C PHE B 62 0.74 -4.23 -3.61
N VAL B 63 -0.38 -3.71 -3.10
CA VAL B 63 -1.49 -3.34 -3.95
C VAL B 63 -1.06 -2.32 -5.00
N LEU B 64 0.00 -1.57 -4.71
CA LEU B 64 0.49 -0.58 -5.64
C LEU B 64 0.90 -1.26 -6.94
N LYS B 65 1.65 -2.35 -6.83
CA LYS B 65 2.10 -3.08 -8.01
C LYS B 65 0.90 -3.60 -8.81
N SER B 66 -0.06 -4.19 -8.11
CA SER B 66 -1.24 -4.72 -8.79
C SER B 66 -2.06 -3.61 -9.46
N LEU B 67 -2.21 -2.49 -8.76
CA LEU B 67 -2.98 -1.37 -9.29
C LEU B 67 -2.29 -0.79 -10.52
N ILE B 68 -0.96 -0.71 -10.48
CA ILE B 68 -0.20 -0.21 -11.61
C ILE B 68 -0.39 -1.07 -12.83
N SER B 69 -0.39 -2.38 -12.64
CA SER B 69 -0.55 -3.29 -13.76
C SER B 69 -1.88 -3.03 -14.46
N GLN B 70 -2.95 -2.89 -13.68
CA GLN B 70 -4.27 -2.61 -14.24
C GLN B 70 -4.27 -1.25 -14.92
N TRP B 71 -3.62 -0.28 -14.28
CA TRP B 71 -3.53 1.07 -14.80
C TRP B 71 -2.85 1.08 -16.16
N CYS B 72 -1.74 0.34 -16.24
CA CYS B 72 -0.96 0.25 -17.45
C CYS B 72 -1.76 -0.33 -18.61
N GLU B 73 -2.52 -1.38 -18.33
CA GLU B 73 -3.31 -2.02 -19.37
C GLU B 73 -4.41 -1.09 -19.89
N ALA B 74 -5.04 -0.37 -18.97
CA ALA B 74 -6.12 0.55 -19.32
C ALA B 74 -5.62 1.63 -20.27
N ASN B 75 -4.43 2.15 -20.00
CA ASN B 75 -3.85 3.18 -20.84
C ASN B 75 -2.95 2.58 -21.91
N GLY B 76 -2.74 1.25 -21.86
CA GLY B 76 -1.88 0.60 -22.85
C GLY B 76 -0.45 1.13 -22.74
N ILE B 77 -0.02 1.44 -21.53
CA ILE B 77 1.32 1.98 -21.32
C ILE B 77 2.21 0.97 -20.62
N GLU B 78 3.39 0.72 -21.19
CA GLU B 78 4.34 -0.23 -20.60
C GLU B 78 4.84 0.26 -19.24
N LEU B 79 5.21 -0.70 -18.40
CA LEU B 79 5.71 -0.38 -17.07
C LEU B 79 6.99 0.46 -17.15
N PRO B 80 7.29 1.22 -16.13
CA PRO B 80 8.50 2.09 -16.10
C PRO B 80 9.77 1.32 -16.42
N GLY A 1 -24.26 1.61 -17.90
CA GLY A 1 -24.02 0.25 -17.35
C GLY A 1 -23.27 0.37 -16.03
N ALA A 2 -22.62 -0.71 -15.62
CA ALA A 2 -21.87 -0.70 -14.36
C ALA A 2 -20.52 -1.39 -14.55
N MET A 3 -19.49 -0.84 -13.92
CA MET A 3 -18.15 -1.41 -14.01
C MET A 3 -17.85 -2.24 -12.77
N ILE A 4 -17.21 -3.39 -12.95
CA ILE A 4 -16.86 -4.25 -11.83
C ILE A 4 -15.78 -3.59 -10.98
N ILE A 5 -15.98 -3.58 -9.66
CA ILE A 5 -15.01 -2.96 -8.78
C ILE A 5 -13.74 -3.81 -8.68
N PRO A 6 -12.56 -3.22 -8.66
CA PRO A 6 -11.28 -3.99 -8.58
C PRO A 6 -11.20 -4.87 -7.33
N ASP A 7 -10.57 -6.03 -7.48
CA ASP A 7 -10.41 -6.96 -6.37
C ASP A 7 -9.59 -6.29 -5.26
N GLU A 8 -8.64 -5.48 -5.68
CA GLU A 8 -7.75 -4.78 -4.75
C GLU A 8 -8.55 -3.87 -3.81
N PHE A 9 -9.75 -3.48 -4.23
CA PHE A 9 -10.58 -2.59 -3.43
C PHE A 9 -11.57 -3.38 -2.56
N ARG A 10 -11.45 -4.71 -2.57
CA ARG A 10 -12.32 -5.55 -1.77
C ARG A 10 -11.51 -6.37 -0.76
N CYS A 11 -12.11 -6.62 0.39
CA CYS A 11 -11.44 -7.38 1.44
C CYS A 11 -11.10 -8.79 0.97
N PRO A 12 -9.89 -9.27 1.15
CA PRO A 12 -9.53 -10.65 0.73
C PRO A 12 -10.24 -11.69 1.60
N ILE A 13 -10.32 -11.37 2.90
CA ILE A 13 -10.96 -12.28 3.86
C ILE A 13 -12.49 -12.12 3.86
N SER A 14 -12.97 -10.88 3.85
CA SER A 14 -14.41 -10.63 3.92
C SER A 14 -15.06 -10.45 2.55
N LEU A 15 -14.26 -10.22 1.51
CA LEU A 15 -14.80 -10.03 0.15
C LEU A 15 -15.71 -8.80 0.05
N GLU A 16 -15.80 -8.01 1.12
CA GLU A 16 -16.64 -6.81 1.12
C GLU A 16 -15.80 -5.58 0.83
N LEU A 17 -16.41 -4.55 0.25
CA LEU A 17 -15.69 -3.33 -0.07
C LEU A 17 -15.01 -2.78 1.19
N MET A 18 -13.72 -2.45 1.07
CA MET A 18 -12.97 -1.95 2.22
C MET A 18 -13.43 -0.55 2.63
N GLN A 19 -13.47 -0.33 3.94
CA GLN A 19 -13.87 0.95 4.49
C GLN A 19 -12.70 1.58 5.24
N ASP A 20 -12.01 0.76 6.01
CA ASP A 20 -10.86 1.20 6.77
C ASP A 20 -9.70 0.22 6.54
N PRO A 21 -9.11 0.28 5.37
CA PRO A 21 -7.99 -0.63 4.98
C PRO A 21 -6.70 -0.39 5.75
N VAL A 22 -6.03 -1.48 6.07
CA VAL A 22 -4.76 -1.45 6.78
C VAL A 22 -3.85 -2.53 6.21
N ILE A 23 -2.57 -2.43 6.50
CA ILE A 23 -1.61 -3.41 6.00
C ILE A 23 -0.89 -4.10 7.16
N VAL A 24 -0.75 -5.42 7.06
CA VAL A 24 -0.08 -6.20 8.09
C VAL A 24 1.44 -6.18 7.81
N SER A 25 2.24 -6.64 8.76
CA SER A 25 3.69 -6.64 8.59
C SER A 25 4.08 -7.48 7.36
N SER A 26 3.19 -8.39 6.95
CA SER A 26 3.45 -9.23 5.80
C SER A 26 3.15 -8.50 4.49
N GLY A 27 2.66 -7.27 4.59
CA GLY A 27 2.33 -6.47 3.40
C GLY A 27 1.02 -6.89 2.75
N GLN A 28 0.16 -7.56 3.51
CA GLN A 28 -1.13 -8.00 2.99
C GLN A 28 -2.21 -6.97 3.34
N THR A 29 -3.23 -6.86 2.49
CA THR A 29 -4.32 -5.91 2.73
C THR A 29 -5.36 -6.50 3.68
N TYR A 30 -5.41 -5.95 4.88
CA TYR A 30 -6.33 -6.40 5.93
C TYR A 30 -7.22 -5.25 6.40
N GLU A 31 -8.28 -5.59 7.10
CA GLU A 31 -9.21 -4.58 7.61
C GLU A 31 -8.89 -4.29 9.07
N ARG A 32 -9.09 -3.04 9.48
CA ARG A 32 -8.80 -2.66 10.86
C ARG A 32 -9.60 -3.52 11.84
N SER A 33 -10.88 -3.71 11.54
CA SER A 33 -11.73 -4.53 12.40
C SER A 33 -11.23 -5.96 12.47
N CYS A 34 -10.86 -6.50 11.31
CA CYS A 34 -10.37 -7.88 11.22
C CYS A 34 -9.06 -8.07 11.99
N ILE A 35 -8.15 -7.12 11.88
CA ILE A 35 -6.86 -7.27 12.58
C ILE A 35 -7.07 -7.20 14.08
N GLN A 36 -8.02 -6.37 14.52
CA GLN A 36 -8.27 -6.23 15.94
C GLN A 36 -8.71 -7.56 16.54
N LYS A 37 -9.63 -8.24 15.85
CA LYS A 37 -10.13 -9.53 16.32
C LYS A 37 -9.03 -10.58 16.25
N TRP A 38 -8.24 -10.53 15.19
CA TRP A 38 -7.16 -11.50 15.00
C TRP A 38 -6.15 -11.38 16.15
N LEU A 39 -5.89 -10.14 16.57
CA LEU A 39 -4.97 -9.87 17.67
C LEU A 39 -5.52 -10.45 18.97
N ASP A 40 -6.83 -10.29 19.18
CA ASP A 40 -7.47 -10.83 20.38
C ASP A 40 -7.32 -12.34 20.42
N SER A 41 -7.43 -12.95 19.24
CA SER A 41 -7.33 -14.40 19.13
C SER A 41 -5.93 -14.89 19.49
N GLY A 42 -4.97 -13.97 19.64
CA GLY A 42 -3.62 -14.36 19.98
C GLY A 42 -2.93 -15.06 18.83
N HIS A 43 -3.21 -14.61 17.60
CA HIS A 43 -2.62 -15.23 16.43
C HIS A 43 -1.09 -15.14 16.48
N LYS A 44 -0.44 -15.94 15.65
CA LYS A 44 1.02 -15.96 15.60
C LYS A 44 1.53 -16.10 14.17
N THR A 45 0.65 -15.89 13.19
CA THR A 45 1.06 -16.00 11.79
C THR A 45 0.13 -15.20 10.87
N CYS A 46 0.58 -15.05 9.62
CA CYS A 46 -0.18 -14.34 8.61
C CYS A 46 -1.13 -15.32 7.89
N PRO A 47 -2.43 -15.18 8.01
CA PRO A 47 -3.39 -16.13 7.36
C PRO A 47 -3.22 -16.26 5.84
N LYS A 48 -3.04 -15.13 5.15
CA LYS A 48 -2.91 -15.14 3.69
C LYS A 48 -1.61 -15.78 3.19
N THR A 49 -0.47 -15.43 3.79
CA THR A 49 0.80 -15.97 3.34
C THR A 49 1.20 -17.24 4.10
N GLN A 50 0.61 -17.42 5.27
CA GLN A 50 0.87 -18.56 6.13
C GLN A 50 2.29 -18.50 6.71
N GLN A 51 2.74 -17.28 7.02
CA GLN A 51 4.08 -17.10 7.57
C GLN A 51 3.99 -16.64 9.03
N PRO A 52 4.73 -17.22 9.95
CA PRO A 52 4.67 -16.79 11.37
C PRO A 52 5.02 -15.31 11.52
N LEU A 53 4.40 -14.66 12.50
CA LEU A 53 4.65 -13.24 12.73
C LEU A 53 5.57 -13.04 13.93
N SER A 54 6.82 -12.70 13.65
CA SER A 54 7.79 -12.46 14.71
C SER A 54 7.36 -11.26 15.55
N HIS A 55 6.83 -10.25 14.87
CA HIS A 55 6.40 -9.03 15.55
C HIS A 55 5.28 -8.34 14.76
N THR A 56 4.69 -7.32 15.38
CA THR A 56 3.64 -6.57 14.73
C THR A 56 4.12 -5.15 14.42
N SER A 57 3.59 -4.55 13.36
CA SER A 57 3.99 -3.21 12.98
C SER A 57 2.77 -2.35 12.68
N LEU A 58 2.92 -1.04 12.86
CA LEU A 58 1.82 -0.12 12.60
C LEU A 58 1.96 0.51 11.22
N THR A 59 1.02 0.21 10.34
CA THR A 59 1.04 0.75 8.99
C THR A 59 -0.39 0.89 8.45
N PRO A 60 -0.94 2.09 8.41
CA PRO A 60 -2.32 2.30 7.89
C PRO A 60 -2.31 2.42 6.37
N ASN A 61 -3.47 2.27 5.72
CA ASN A 61 -3.50 2.39 4.27
C ASN A 61 -2.83 3.70 3.85
N PHE A 62 -2.11 3.66 2.73
CA PHE A 62 -1.39 4.84 2.27
C PHE A 62 -1.75 5.18 0.80
N VAL A 63 -0.85 4.90 -0.15
CA VAL A 63 -1.13 5.20 -1.56
C VAL A 63 -2.30 4.35 -2.05
N LEU A 64 -2.49 3.19 -1.42
CA LEU A 64 -3.58 2.31 -1.80
C LEU A 64 -4.91 3.04 -1.57
N LYS A 65 -5.04 3.69 -0.42
CA LYS A 65 -6.26 4.42 -0.12
C LYS A 65 -6.43 5.56 -1.12
N SER A 66 -5.32 6.21 -1.46
CA SER A 66 -5.36 7.32 -2.40
C SER A 66 -5.90 6.87 -3.75
N LEU A 67 -5.50 5.68 -4.19
CA LEU A 67 -5.98 5.14 -5.46
C LEU A 67 -7.48 4.90 -5.39
N ILE A 68 -7.95 4.40 -4.26
CA ILE A 68 -9.38 4.15 -4.09
C ILE A 68 -10.17 5.43 -4.25
N SER A 69 -9.69 6.50 -3.62
CA SER A 69 -10.40 7.77 -3.69
C SER A 69 -10.53 8.24 -5.13
N GLN A 70 -9.44 8.12 -5.89
CA GLN A 70 -9.48 8.53 -7.29
C GLN A 70 -10.46 7.67 -8.08
N TRP A 71 -10.45 6.38 -7.79
CA TRP A 71 -11.35 5.44 -8.47
C TRP A 71 -12.81 5.78 -8.21
N CYS A 72 -13.15 6.01 -6.95
CA CYS A 72 -14.52 6.30 -6.58
C CYS A 72 -14.96 7.69 -7.07
N GLU A 73 -14.04 8.63 -7.08
CA GLU A 73 -14.37 9.98 -7.55
C GLU A 73 -14.68 9.95 -9.04
N ALA A 74 -13.91 9.16 -9.79
CA ALA A 74 -14.12 9.06 -11.22
C ALA A 74 -15.50 8.48 -11.51
N ASN A 75 -15.88 7.46 -10.74
CA ASN A 75 -17.18 6.84 -10.92
C ASN A 75 -18.25 7.64 -10.18
N GLY A 76 -17.83 8.58 -9.34
CA GLY A 76 -18.79 9.40 -8.60
C GLY A 76 -19.49 8.58 -7.52
N ILE A 77 -18.83 7.54 -7.03
CA ILE A 77 -19.41 6.67 -6.01
C ILE A 77 -18.82 7.00 -4.64
N GLU A 78 -19.68 7.13 -3.64
CA GLU A 78 -19.21 7.43 -2.29
C GLU A 78 -18.54 6.20 -1.67
N LEU A 79 -17.59 6.43 -0.77
CA LEU A 79 -16.87 5.33 -0.11
C LEU A 79 -17.82 4.58 0.83
N PRO A 80 -17.54 3.34 1.12
CA PRO A 80 -18.41 2.52 2.02
C PRO A 80 -18.37 3.01 3.46
N GLY B 1 -4.52 21.18 -20.81
CA GLY B 1 -5.19 19.89 -20.46
C GLY B 1 -4.31 18.73 -20.91
N ALA B 2 -3.64 18.10 -19.94
CA ALA B 2 -2.76 16.98 -20.24
C ALA B 2 -2.91 15.89 -19.18
N MET B 3 -2.70 14.64 -19.60
CA MET B 3 -2.82 13.52 -18.67
C MET B 3 -1.50 13.26 -17.96
N ILE B 4 -1.55 13.23 -16.63
CA ILE B 4 -0.35 12.98 -15.83
C ILE B 4 -0.51 11.72 -15.01
N ILE B 5 0.56 10.91 -14.96
CA ILE B 5 0.52 9.67 -14.21
C ILE B 5 0.27 9.96 -12.73
N PRO B 6 -0.56 9.19 -12.05
CA PRO B 6 -0.85 9.42 -10.60
C PRO B 6 0.40 9.51 -9.72
N ASP B 7 0.34 10.39 -8.74
CA ASP B 7 1.46 10.58 -7.84
C ASP B 7 1.73 9.30 -7.05
N GLU B 8 0.74 8.42 -6.95
CA GLU B 8 0.92 7.17 -6.23
C GLU B 8 2.00 6.32 -6.90
N PHE B 9 2.02 6.34 -8.23
CA PHE B 9 3.00 5.56 -8.98
C PHE B 9 4.33 6.30 -9.07
N ARG B 10 4.27 7.63 -9.00
CA ARG B 10 5.49 8.43 -9.05
C ARG B 10 5.98 8.76 -7.64
N CYS B 11 7.23 8.42 -7.33
CA CYS B 11 7.78 8.71 -6.00
C CYS B 11 7.99 10.21 -5.85
N PRO B 12 7.89 10.74 -4.64
CA PRO B 12 8.07 12.20 -4.40
C PRO B 12 9.51 12.67 -4.61
N ILE B 13 10.48 11.84 -4.20
CA ILE B 13 11.88 12.22 -4.35
C ILE B 13 12.40 11.92 -5.76
N SER B 14 12.20 10.69 -6.22
CA SER B 14 12.64 10.29 -7.55
C SER B 14 11.84 10.99 -8.63
N LEU B 15 10.53 11.10 -8.42
CA LEU B 15 9.65 11.73 -9.40
C LEU B 15 9.57 10.87 -10.66
N GLU B 16 9.78 9.57 -10.48
CA GLU B 16 9.74 8.61 -11.57
C GLU B 16 8.83 7.44 -11.20
N LEU B 17 8.44 6.66 -12.20
CA LEU B 17 7.57 5.51 -11.95
C LEU B 17 8.25 4.52 -11.01
N MET B 18 7.47 3.99 -10.07
CA MET B 18 7.99 3.04 -9.10
C MET B 18 8.36 1.72 -9.75
N GLN B 19 9.54 1.20 -9.41
CA GLN B 19 10.01 -0.06 -9.97
C GLN B 19 10.13 -1.12 -8.87
N ASP B 20 10.82 -0.76 -7.79
CA ASP B 20 11.01 -1.67 -6.67
C ASP B 20 10.75 -0.94 -5.36
N PRO B 21 9.51 -0.63 -5.09
CA PRO B 21 9.09 0.09 -3.86
C PRO B 21 9.01 -0.81 -2.62
N VAL B 22 9.27 -0.21 -1.46
CA VAL B 22 9.23 -0.95 -0.20
C VAL B 22 8.42 -0.17 0.84
N ILE B 23 8.06 -0.83 1.93
CA ILE B 23 7.27 -0.20 2.99
C ILE B 23 8.11 0.12 4.22
N VAL B 24 7.93 1.32 4.72
CA VAL B 24 8.62 1.77 5.91
C VAL B 24 7.70 1.54 7.11
N SER B 25 8.19 1.70 8.33
CA SER B 25 7.35 1.47 9.50
C SER B 25 6.13 2.39 9.48
N SER B 26 6.21 3.47 8.70
CA SER B 26 5.10 4.41 8.60
C SER B 26 4.17 4.06 7.43
N GLY B 27 4.51 3.00 6.67
CA GLY B 27 3.70 2.59 5.52
C GLY B 27 4.04 3.40 4.28
N GLN B 28 5.01 4.30 4.39
CA GLN B 28 5.39 5.11 3.24
C GLN B 28 6.05 4.23 2.18
N THR B 29 5.90 4.59 0.92
CA THR B 29 6.50 3.82 -0.16
C THR B 29 7.73 4.54 -0.73
N TYR B 30 8.86 3.83 -0.77
CA TYR B 30 10.09 4.40 -1.31
C TYR B 30 10.81 3.40 -2.20
N GLU B 31 11.61 3.92 -3.12
CA GLU B 31 12.39 3.06 -4.00
C GLU B 31 13.54 2.45 -3.21
N ARG B 32 13.92 1.22 -3.52
CA ARG B 32 15.00 0.58 -2.80
C ARG B 32 16.28 1.42 -2.90
N SER B 33 16.61 1.88 -4.08
CA SER B 33 17.81 2.69 -4.25
C SER B 33 17.73 3.99 -3.44
N CYS B 34 16.56 4.64 -3.52
CA CYS B 34 16.36 5.91 -2.80
C CYS B 34 16.48 5.73 -1.29
N ILE B 35 15.88 4.69 -0.74
CA ILE B 35 15.94 4.48 0.70
C ILE B 35 17.37 4.13 1.12
N GLN B 36 18.09 3.43 0.26
CA GLN B 36 19.46 3.05 0.55
C GLN B 36 20.29 4.31 0.76
N LYS B 37 20.11 5.28 -0.12
CA LYS B 37 20.83 6.55 -0.01
C LYS B 37 20.37 7.27 1.26
N TRP B 38 19.08 7.20 1.54
CA TRP B 38 18.49 7.83 2.71
C TRP B 38 19.13 7.28 3.98
N LEU B 39 19.30 5.96 4.05
CA LEU B 39 19.92 5.34 5.22
C LEU B 39 21.36 5.82 5.38
N ASP B 40 22.04 5.98 4.25
CA ASP B 40 23.42 6.45 4.24
C ASP B 40 23.52 7.81 4.92
N SER B 41 22.53 8.66 4.69
CA SER B 41 22.55 10.00 5.27
C SER B 41 22.47 9.94 6.79
N GLY B 42 22.03 8.81 7.33
CA GLY B 42 21.94 8.65 8.78
C GLY B 42 20.56 9.03 9.32
N HIS B 43 19.64 9.36 8.42
CA HIS B 43 18.29 9.72 8.84
C HIS B 43 17.55 8.49 9.36
N LYS B 44 16.73 8.68 10.39
CA LYS B 44 15.98 7.57 10.97
C LYS B 44 14.56 8.00 11.32
N THR B 45 14.00 8.88 10.49
CA THR B 45 12.65 9.38 10.72
C THR B 45 11.84 9.39 9.43
N CYS B 46 10.54 9.61 9.57
CA CYS B 46 9.63 9.66 8.43
C CYS B 46 9.19 11.11 8.20
N PRO B 47 9.77 11.80 7.24
CA PRO B 47 9.42 13.23 6.95
C PRO B 47 7.94 13.47 6.61
N LYS B 48 7.35 12.55 5.86
CA LYS B 48 5.95 12.69 5.46
C LYS B 48 5.00 12.66 6.65
N THR B 49 5.27 11.79 7.62
CA THR B 49 4.39 11.67 8.77
C THR B 49 4.96 12.41 10.00
N GLN B 50 6.23 12.79 9.92
CA GLN B 50 6.92 13.51 11.01
C GLN B 50 7.08 12.64 12.26
N GLN B 51 7.42 11.38 12.08
CA GLN B 51 7.62 10.49 13.24
C GLN B 51 8.87 9.62 13.06
N PRO B 52 9.49 9.21 14.14
CA PRO B 52 10.72 8.36 14.08
C PRO B 52 10.45 6.94 13.63
N LEU B 53 11.46 6.31 13.04
CA LEU B 53 11.33 4.94 12.57
C LEU B 53 11.65 3.96 13.69
N SER B 54 10.67 3.15 14.06
CA SER B 54 10.85 2.17 15.11
C SER B 54 11.33 0.84 14.53
N HIS B 55 10.96 0.60 13.27
CA HIS B 55 11.34 -0.64 12.60
C HIS B 55 11.97 -0.37 11.25
N THR B 56 12.83 -1.30 10.82
CA THR B 56 13.50 -1.17 9.53
C THR B 56 12.51 -1.42 8.40
N SER B 57 12.93 -1.14 7.17
CA SER B 57 12.05 -1.33 6.02
C SER B 57 11.70 -2.81 5.83
N LEU B 58 10.60 -3.05 5.13
CA LEU B 58 10.14 -4.40 4.88
C LEU B 58 8.90 -4.37 3.99
N THR B 59 8.26 -5.53 3.82
CA THR B 59 7.07 -5.65 2.99
C THR B 59 7.20 -4.87 1.65
N PRO B 60 7.53 -5.53 0.56
CA PRO B 60 7.70 -4.85 -0.76
C PRO B 60 6.36 -4.68 -1.47
N ASN B 61 6.41 -4.10 -2.67
CA ASN B 61 5.19 -3.86 -3.45
C ASN B 61 4.26 -5.08 -3.39
N PHE B 62 3.00 -4.85 -3.04
CA PHE B 62 2.03 -5.94 -2.93
C PHE B 62 0.79 -5.71 -3.82
N VAL B 63 -0.31 -5.24 -3.22
CA VAL B 63 -1.56 -5.00 -3.96
C VAL B 63 -1.33 -3.97 -5.06
N LEU B 64 -0.47 -3.00 -4.77
CA LEU B 64 -0.19 -1.94 -5.73
C LEU B 64 0.32 -2.52 -7.03
N LYS B 65 1.07 -3.61 -6.95
CA LYS B 65 1.60 -4.24 -8.14
C LYS B 65 0.47 -4.64 -9.09
N SER B 66 -0.58 -5.22 -8.52
CA SER B 66 -1.74 -5.63 -9.31
C SER B 66 -2.39 -4.41 -9.94
N LEU B 67 -2.50 -3.33 -9.17
CA LEU B 67 -3.10 -2.09 -9.65
C LEU B 67 -2.28 -1.50 -10.79
N ILE B 68 -0.97 -1.56 -10.68
CA ILE B 68 -0.09 -1.02 -11.71
C ILE B 68 -0.32 -1.71 -13.05
N SER B 69 -0.40 -3.04 -13.04
CA SER B 69 -0.61 -3.77 -14.27
C SER B 69 -1.92 -3.34 -14.93
N GLN B 70 -2.98 -3.24 -14.14
CA GLN B 70 -4.27 -2.85 -14.68
C GLN B 70 -4.23 -1.40 -15.18
N TRP B 71 -3.56 -0.55 -14.41
CA TRP B 71 -3.42 0.88 -14.74
C TRP B 71 -2.67 1.09 -16.05
N CYS B 72 -1.54 0.40 -16.19
CA CYS B 72 -0.71 0.55 -17.38
C CYS B 72 -1.40 -0.01 -18.62
N GLU B 73 -2.16 -1.09 -18.43
CA GLU B 73 -2.88 -1.69 -19.56
C GLU B 73 -3.99 -0.76 -20.05
N ALA B 74 -4.67 -0.13 -19.11
CA ALA B 74 -5.75 0.78 -19.45
C ALA B 74 -5.25 1.95 -20.28
N ASN B 75 -4.09 2.47 -19.92
CA ASN B 75 -3.51 3.59 -20.66
C ASN B 75 -2.53 3.10 -21.72
N GLY B 76 -2.31 1.79 -21.78
CA GLY B 76 -1.39 1.24 -22.77
C GLY B 76 0.01 1.80 -22.59
N ILE B 77 0.37 2.12 -21.36
CA ILE B 77 1.68 2.70 -21.07
C ILE B 77 2.66 1.61 -20.62
N GLU B 78 3.82 1.55 -21.25
CA GLU B 78 4.80 0.54 -20.88
C GLU B 78 5.39 0.83 -19.50
N LEU B 79 5.77 -0.22 -18.78
CA LEU B 79 6.34 -0.07 -17.46
C LEU B 79 7.73 0.55 -17.54
N PRO B 80 8.21 1.18 -16.49
CA PRO B 80 9.55 1.81 -16.48
C PRO B 80 10.64 0.83 -16.93
N GLY A 1 -14.93 -4.41 -14.22
CA GLY A 1 -14.07 -3.41 -14.91
C GLY A 1 -13.99 -2.14 -14.08
N ALA A 2 -13.60 -1.03 -14.72
CA ALA A 2 -13.49 0.25 -14.02
C ALA A 2 -14.84 0.64 -13.44
N MET A 3 -15.90 0.26 -14.14
CA MET A 3 -17.26 0.57 -13.72
C MET A 3 -17.55 -0.06 -12.36
N ILE A 4 -17.06 -1.28 -12.14
CA ILE A 4 -17.29 -1.97 -10.88
C ILE A 4 -16.05 -1.86 -9.99
N ILE A 5 -16.27 -1.92 -8.67
CA ILE A 5 -15.16 -1.82 -7.72
C ILE A 5 -14.16 -2.96 -7.96
N PRO A 6 -12.86 -2.68 -7.99
CA PRO A 6 -11.82 -3.72 -8.25
C PRO A 6 -11.59 -4.66 -7.06
N ASP A 7 -10.99 -5.81 -7.36
CA ASP A 7 -10.71 -6.82 -6.35
C ASP A 7 -9.73 -6.28 -5.29
N GLU A 8 -8.76 -5.49 -5.73
CA GLU A 8 -7.77 -4.95 -4.80
C GLU A 8 -8.43 -4.09 -3.73
N PHE A 9 -9.41 -3.28 -4.10
CA PHE A 9 -10.10 -2.43 -3.13
C PHE A 9 -10.91 -3.31 -2.18
N ARG A 10 -11.52 -4.35 -2.74
CA ARG A 10 -12.33 -5.28 -1.94
C ARG A 10 -11.42 -6.24 -1.18
N CYS A 11 -11.84 -6.61 0.02
CA CYS A 11 -11.05 -7.54 0.82
C CYS A 11 -11.31 -8.98 0.36
N PRO A 12 -10.30 -9.75 0.03
CA PRO A 12 -10.49 -11.17 -0.43
C PRO A 12 -11.22 -12.01 0.62
N ILE A 13 -11.00 -11.69 1.89
CA ILE A 13 -11.62 -12.45 2.98
C ILE A 13 -13.03 -11.97 3.31
N SER A 14 -13.26 -10.65 3.30
CA SER A 14 -14.57 -10.12 3.65
C SER A 14 -15.45 -9.86 2.42
N LEU A 15 -14.85 -9.94 1.23
CA LEU A 15 -15.61 -9.71 -0.01
C LEU A 15 -16.42 -8.42 0.08
N GLU A 16 -15.96 -7.47 0.91
CA GLU A 16 -16.66 -6.21 1.05
C GLU A 16 -15.68 -5.05 1.22
N LEU A 17 -16.24 -3.84 1.27
CA LEU A 17 -15.43 -2.63 1.43
C LEU A 17 -14.97 -2.49 2.89
N MET A 18 -13.77 -1.94 3.07
CA MET A 18 -13.22 -1.77 4.42
C MET A 18 -13.12 -0.29 4.81
N GLN A 19 -13.72 0.04 5.94
CA GLN A 19 -13.70 1.42 6.42
C GLN A 19 -12.29 1.87 6.78
N ASP A 20 -11.53 1.00 7.45
CA ASP A 20 -10.18 1.34 7.88
C ASP A 20 -9.18 0.23 7.54
N PRO A 21 -8.74 0.15 6.32
CA PRO A 21 -7.73 -0.87 5.88
C PRO A 21 -6.32 -0.57 6.39
N VAL A 22 -5.58 -1.64 6.70
CA VAL A 22 -4.21 -1.49 7.20
C VAL A 22 -3.31 -2.58 6.62
N ILE A 23 -1.99 -2.43 6.77
CA ILE A 23 -1.07 -3.44 6.25
C ILE A 23 -0.50 -4.25 7.41
N VAL A 24 -0.25 -5.52 7.14
CA VAL A 24 0.34 -6.42 8.12
C VAL A 24 1.85 -6.44 7.87
N SER A 25 2.62 -7.21 8.65
CA SER A 25 4.06 -7.23 8.46
C SER A 25 4.42 -7.65 7.04
N SER A 26 3.73 -8.68 6.54
CA SER A 26 3.97 -9.16 5.19
C SER A 26 3.59 -8.11 4.13
N GLY A 27 2.90 -7.05 4.56
CA GLY A 27 2.46 -5.99 3.66
C GLY A 27 1.06 -6.29 3.10
N GLN A 28 0.46 -7.39 3.52
CA GLN A 28 -0.87 -7.74 3.07
C GLN A 28 -1.89 -6.77 3.66
N THR A 29 -2.96 -6.49 2.92
CA THR A 29 -3.97 -5.55 3.39
C THR A 29 -5.18 -6.25 4.02
N TYR A 30 -5.51 -5.86 5.25
CA TYR A 30 -6.65 -6.43 5.96
C TYR A 30 -7.41 -5.33 6.70
N GLU A 31 -8.71 -5.57 6.92
CA GLU A 31 -9.52 -4.60 7.65
C GLU A 31 -9.10 -4.59 9.11
N ARG A 32 -9.13 -3.43 9.76
CA ARG A 32 -8.70 -3.34 11.15
C ARG A 32 -9.47 -4.33 12.03
N SER A 33 -10.74 -4.56 11.72
CA SER A 33 -11.53 -5.49 12.51
C SER A 33 -11.03 -6.91 12.34
N CYS A 34 -10.62 -7.25 11.11
CA CYS A 34 -10.13 -8.59 10.83
C CYS A 34 -8.85 -8.89 11.60
N ILE A 35 -7.88 -7.98 11.55
CA ILE A 35 -6.62 -8.20 12.22
C ILE A 35 -6.84 -8.35 13.73
N GLN A 36 -7.78 -7.59 14.26
CA GLN A 36 -8.08 -7.66 15.68
C GLN A 36 -8.54 -9.06 16.06
N LYS A 37 -9.44 -9.62 15.26
CA LYS A 37 -9.96 -10.95 15.50
C LYS A 37 -8.85 -11.99 15.37
N TRP A 38 -7.97 -11.81 14.39
CA TRP A 38 -6.87 -12.74 14.17
C TRP A 38 -5.97 -12.77 15.39
N LEU A 39 -5.64 -11.58 15.90
CA LEU A 39 -4.80 -11.46 17.08
C LEU A 39 -5.50 -12.08 18.29
N ASP A 40 -6.80 -11.84 18.39
CA ASP A 40 -7.59 -12.36 19.50
C ASP A 40 -7.58 -13.88 19.49
N SER A 41 -7.65 -14.46 18.30
CA SER A 41 -7.66 -15.91 18.14
C SER A 41 -6.34 -16.51 18.60
N GLY A 42 -5.29 -15.69 18.70
CA GLY A 42 -3.99 -16.17 19.13
C GLY A 42 -3.06 -16.46 17.95
N HIS A 43 -3.45 -16.02 16.75
CA HIS A 43 -2.63 -16.26 15.57
C HIS A 43 -1.65 -15.12 15.36
N LYS A 44 -0.38 -15.45 15.22
CA LYS A 44 0.66 -14.45 15.01
C LYS A 44 1.37 -14.69 13.68
N THR A 45 0.67 -15.27 12.73
CA THR A 45 1.25 -15.55 11.43
C THR A 45 0.30 -15.16 10.31
N CYS A 46 0.85 -15.00 9.10
CA CYS A 46 0.04 -14.64 7.95
C CYS A 46 -0.37 -15.93 7.22
N PRO A 47 -1.61 -16.36 7.31
CA PRO A 47 -2.08 -17.63 6.67
C PRO A 47 -2.10 -17.60 5.13
N LYS A 48 -2.44 -16.45 4.53
CA LYS A 48 -2.49 -16.37 3.07
C LYS A 48 -1.12 -16.63 2.45
N THR A 49 -0.09 -16.02 3.01
CA THR A 49 1.27 -16.20 2.49
C THR A 49 2.00 -17.31 3.24
N GLN A 50 1.50 -17.66 4.43
CA GLN A 50 2.08 -18.69 5.29
C GLN A 50 3.44 -18.24 5.82
N GLN A 51 3.51 -16.98 6.25
CA GLN A 51 4.75 -16.42 6.79
C GLN A 51 4.57 -16.04 8.25
N PRO A 52 5.60 -16.10 9.05
CA PRO A 52 5.52 -15.71 10.48
C PRO A 52 5.60 -14.18 10.66
N LEU A 53 4.76 -13.62 11.52
CA LEU A 53 4.79 -12.19 11.75
C LEU A 53 6.12 -11.76 12.38
N SER A 54 6.63 -12.60 13.28
CA SER A 54 7.89 -12.30 13.97
C SER A 54 7.86 -10.89 14.57
N HIS A 55 8.35 -9.89 13.81
CA HIS A 55 8.34 -8.51 14.27
C HIS A 55 6.95 -7.91 14.05
N THR A 56 6.77 -6.69 14.53
CA THR A 56 5.50 -6.01 14.36
C THR A 56 5.69 -4.75 13.52
N SER A 57 4.71 -4.46 12.67
CA SER A 57 4.78 -3.28 11.81
C SER A 57 3.44 -3.01 11.13
N LEU A 58 2.43 -2.68 11.93
CA LEU A 58 1.11 -2.40 11.37
C LEU A 58 1.06 -0.95 10.91
N THR A 59 0.53 -0.73 9.71
CA THR A 59 0.44 0.63 9.19
C THR A 59 -0.92 0.87 8.54
N PRO A 60 -1.33 2.10 8.41
CA PRO A 60 -2.63 2.44 7.78
C PRO A 60 -2.50 2.53 6.27
N ASN A 61 -3.61 2.43 5.55
CA ASN A 61 -3.53 2.51 4.10
C ASN A 61 -2.98 3.87 3.68
N PHE A 62 -2.22 3.89 2.58
CA PHE A 62 -1.63 5.13 2.08
C PHE A 62 -2.12 5.44 0.66
N VAL A 63 -1.42 4.95 -0.36
CA VAL A 63 -1.78 5.21 -1.74
C VAL A 63 -3.18 4.68 -2.05
N LEU A 64 -3.50 3.53 -1.48
CA LEU A 64 -4.81 2.92 -1.71
C LEU A 64 -5.91 3.96 -1.46
N LYS A 65 -5.72 4.76 -0.42
CA LYS A 65 -6.72 5.78 -0.08
C LYS A 65 -6.90 6.76 -1.25
N SER A 66 -5.78 7.23 -1.80
CA SER A 66 -5.82 8.17 -2.91
C SER A 66 -6.47 7.56 -4.16
N LEU A 67 -6.12 6.32 -4.45
CA LEU A 67 -6.66 5.63 -5.62
C LEU A 67 -8.17 5.46 -5.49
N ILE A 68 -8.64 5.14 -4.29
CA ILE A 68 -10.06 4.98 -4.06
C ILE A 68 -10.82 6.26 -4.35
N SER A 69 -10.27 7.38 -3.91
CA SER A 69 -10.91 8.67 -4.12
C SER A 69 -11.09 8.91 -5.61
N GLN A 70 -10.05 8.67 -6.39
CA GLN A 70 -10.12 8.85 -7.84
C GLN A 70 -11.15 7.89 -8.44
N TRP A 71 -11.16 6.66 -7.91
CA TRP A 71 -12.10 5.64 -8.37
C TRP A 71 -13.53 6.12 -8.16
N CYS A 72 -13.77 6.66 -6.98
CA CYS A 72 -15.09 7.15 -6.61
C CYS A 72 -15.55 8.28 -7.52
N GLU A 73 -14.64 9.21 -7.81
CA GLU A 73 -14.98 10.34 -8.65
C GLU A 73 -15.34 9.88 -10.06
N ALA A 74 -14.61 8.91 -10.57
CA ALA A 74 -14.86 8.39 -11.91
C ALA A 74 -16.28 7.83 -12.02
N ASN A 75 -16.71 7.12 -10.99
CA ASN A 75 -18.04 6.53 -10.98
C ASN A 75 -19.04 7.46 -10.30
N GLY A 76 -18.55 8.55 -9.71
CA GLY A 76 -19.44 9.49 -9.03
C GLY A 76 -20.11 8.85 -7.81
N ILE A 77 -19.43 7.90 -7.16
CA ILE A 77 -19.99 7.22 -6.00
C ILE A 77 -19.11 7.45 -4.76
N GLU A 78 -19.72 7.90 -3.66
CA GLU A 78 -18.95 8.15 -2.44
C GLU A 78 -18.19 6.89 -2.02
N LEU A 79 -16.98 7.10 -1.49
CA LEU A 79 -16.12 6.00 -1.05
C LEU A 79 -16.68 5.36 0.22
N PRO A 80 -16.15 4.22 0.60
CA PRO A 80 -16.61 3.49 1.82
C PRO A 80 -16.48 4.35 3.08
N GLY B 1 -9.68 9.26 -20.52
CA GLY B 1 -8.40 8.71 -21.05
C GLY B 1 -7.38 9.83 -21.20
N ALA B 2 -6.21 9.63 -20.60
CA ALA B 2 -5.15 10.62 -20.68
C ALA B 2 -3.78 9.95 -20.58
N MET B 3 -2.81 10.50 -21.29
CA MET B 3 -1.46 9.96 -21.29
C MET B 3 -0.80 10.17 -19.92
N ILE B 4 -1.23 11.22 -19.23
CA ILE B 4 -0.68 11.54 -17.92
C ILE B 4 -0.86 10.38 -16.95
N ILE B 5 0.23 10.02 -16.28
CA ILE B 5 0.19 8.92 -15.33
C ILE B 5 -0.17 9.46 -13.93
N PRO B 6 -1.03 8.80 -13.18
CA PRO B 6 -1.41 9.26 -11.80
C PRO B 6 -0.19 9.45 -10.92
N ASP B 7 -0.23 10.47 -10.06
CA ASP B 7 0.87 10.76 -9.16
C ASP B 7 1.10 9.60 -8.21
N GLU B 8 0.06 8.78 -8.00
CA GLU B 8 0.16 7.64 -7.10
C GLU B 8 1.22 6.65 -7.59
N PHE B 9 1.46 6.63 -8.90
CA PHE B 9 2.43 5.74 -9.49
C PHE B 9 3.78 6.45 -9.68
N ARG B 10 3.93 7.62 -9.08
CA ARG B 10 5.17 8.38 -9.18
C ARG B 10 5.67 8.77 -7.80
N CYS B 11 6.98 8.67 -7.59
CA CYS B 11 7.56 9.02 -6.30
C CYS B 11 7.47 10.53 -6.08
N PRO B 12 7.01 10.98 -4.93
CA PRO B 12 6.93 12.45 -4.67
C PRO B 12 8.30 13.09 -4.65
N ILE B 13 9.32 12.29 -4.31
CA ILE B 13 10.69 12.80 -4.26
C ILE B 13 11.39 12.71 -5.61
N SER B 14 11.44 11.51 -6.21
CA SER B 14 12.10 11.34 -7.50
C SER B 14 11.35 12.07 -8.61
N LEU B 15 10.01 12.00 -8.55
CA LEU B 15 9.15 12.64 -9.56
C LEU B 15 9.14 11.85 -10.87
N GLU B 16 9.20 10.52 -10.75
CA GLU B 16 9.19 9.66 -11.93
C GLU B 16 8.74 8.25 -11.55
N LEU B 17 8.59 7.39 -12.55
CA LEU B 17 8.16 6.02 -12.31
C LEU B 17 9.24 5.27 -11.51
N MET B 18 8.78 4.43 -10.57
CA MET B 18 9.71 3.67 -9.75
C MET B 18 9.68 2.19 -10.12
N GLN B 19 10.87 1.60 -10.27
CA GLN B 19 10.98 0.19 -10.61
C GLN B 19 10.45 -0.71 -9.50
N ASP B 20 10.75 -0.35 -8.25
CA ASP B 20 10.31 -1.17 -7.12
C ASP B 20 9.84 -0.29 -5.95
N PRO B 21 8.62 0.21 -6.02
CA PRO B 21 8.05 1.06 -4.92
C PRO B 21 8.05 0.33 -3.57
N VAL B 22 8.39 1.07 -2.51
CA VAL B 22 8.41 0.47 -1.16
C VAL B 22 7.72 1.41 -0.17
N ILE B 23 7.29 0.86 0.97
CA ILE B 23 6.61 1.68 1.98
C ILE B 23 7.29 1.54 3.35
N VAL B 24 7.49 2.66 4.02
CA VAL B 24 8.15 2.68 5.34
C VAL B 24 7.15 2.28 6.45
N SER B 25 7.61 2.23 7.69
CA SER B 25 6.73 1.82 8.80
C SER B 25 5.51 2.74 8.92
N SER B 26 5.73 4.05 8.86
CA SER B 26 4.64 5.01 8.96
C SER B 26 3.64 4.86 7.82
N GLY B 27 3.98 4.06 6.80
CA GLY B 27 3.10 3.86 5.66
C GLY B 27 3.43 4.82 4.51
N GLN B 28 4.53 5.56 4.63
CA GLN B 28 4.94 6.50 3.59
C GLN B 28 5.51 5.72 2.40
N THR B 29 5.38 6.27 1.19
CA THR B 29 5.90 5.59 0.00
C THR B 29 7.18 6.27 -0.52
N TYR B 30 8.24 5.48 -0.70
CA TYR B 30 9.50 6.00 -1.20
C TYR B 30 10.16 5.07 -2.21
N GLU B 31 10.98 5.66 -3.08
CA GLU B 31 11.70 4.89 -4.08
C GLU B 31 12.75 4.02 -3.39
N ARG B 32 12.98 2.83 -3.93
CA ARG B 32 13.94 1.92 -3.32
C ARG B 32 15.33 2.54 -3.23
N SER B 33 15.77 3.19 -4.29
CA SER B 33 17.10 3.81 -4.28
C SER B 33 17.21 4.87 -3.19
N CYS B 34 16.17 5.69 -3.06
CA CYS B 34 16.15 6.74 -2.05
C CYS B 34 16.21 6.15 -0.64
N ILE B 35 15.44 5.10 -0.43
CA ILE B 35 15.40 4.44 0.87
C ILE B 35 16.75 3.83 1.22
N GLN B 36 17.38 3.19 0.23
CA GLN B 36 18.67 2.55 0.48
C GLN B 36 19.70 3.56 0.97
N LYS B 37 19.73 4.73 0.35
CA LYS B 37 20.67 5.76 0.76
C LYS B 37 20.36 6.23 2.18
N TRP B 38 19.07 6.42 2.46
CA TRP B 38 18.63 6.87 3.77
C TRP B 38 19.01 5.85 4.85
N LEU B 39 18.81 4.57 4.55
CA LEU B 39 19.15 3.49 5.46
C LEU B 39 20.66 3.45 5.69
N ASP B 40 21.41 3.67 4.62
CA ASP B 40 22.87 3.66 4.69
C ASP B 40 23.35 4.73 5.66
N SER B 41 22.68 5.87 5.63
CA SER B 41 23.03 6.98 6.52
C SER B 41 22.85 6.57 7.98
N GLY B 42 21.97 5.59 8.21
CA GLY B 42 21.73 5.12 9.58
C GLY B 42 20.55 5.84 10.21
N HIS B 43 19.65 6.35 9.38
CA HIS B 43 18.47 7.05 9.90
C HIS B 43 17.61 6.12 10.73
N LYS B 44 16.83 6.70 11.64
CA LYS B 44 15.94 5.92 12.49
C LYS B 44 14.63 6.67 12.71
N THR B 45 14.36 7.67 11.86
CA THR B 45 13.15 8.46 12.00
C THR B 45 12.42 8.61 10.65
N CYS B 46 11.17 9.06 10.73
CA CYS B 46 10.34 9.28 9.54
C CYS B 46 10.25 10.79 9.27
N PRO B 47 10.88 11.29 8.22
CA PRO B 47 10.86 12.76 7.90
C PRO B 47 9.50 13.29 7.46
N LYS B 48 8.70 12.47 6.78
CA LYS B 48 7.38 12.93 6.31
C LYS B 48 6.43 13.17 7.48
N THR B 49 6.41 12.26 8.43
CA THR B 49 5.53 12.40 9.58
C THR B 49 6.26 13.08 10.76
N GLN B 50 7.58 13.14 10.67
CA GLN B 50 8.43 13.78 11.68
C GLN B 50 8.39 13.07 13.03
N GLN B 51 8.43 11.74 13.00
CA GLN B 51 8.44 10.96 14.25
C GLN B 51 9.46 9.84 14.18
N PRO B 52 10.01 9.42 15.30
CA PRO B 52 11.03 8.33 15.34
C PRO B 52 10.44 6.95 15.08
N LEU B 53 11.20 6.11 14.39
CA LEU B 53 10.77 4.75 14.11
C LEU B 53 11.33 3.82 15.19
N SER B 54 12.59 4.04 15.54
CA SER B 54 13.24 3.23 16.56
C SER B 54 13.48 1.79 16.07
N HIS B 55 13.23 1.55 14.78
CA HIS B 55 13.43 0.21 14.22
C HIS B 55 13.57 0.28 12.71
N THR B 56 13.99 -0.84 12.12
CA THR B 56 14.15 -0.91 10.66
C THR B 56 12.98 -1.69 10.07
N SER B 57 12.75 -1.52 8.77
CA SER B 57 11.65 -2.23 8.13
C SER B 57 11.97 -2.55 6.67
N LEU B 58 11.32 -3.58 6.15
CA LEU B 58 11.52 -3.98 4.76
C LEU B 58 10.18 -4.10 4.03
N THR B 59 9.14 -3.49 4.58
CA THR B 59 7.81 -3.56 3.98
C THR B 59 7.81 -3.02 2.53
N PRO B 60 7.63 -3.86 1.54
CA PRO B 60 7.59 -3.42 0.11
C PRO B 60 6.17 -3.07 -0.34
N ASN B 61 6.03 -2.51 -1.53
CA ASN B 61 4.71 -2.15 -2.04
C ASN B 61 3.88 -3.41 -2.31
N PHE B 62 2.58 -3.34 -2.04
CA PHE B 62 1.70 -4.49 -2.26
C PHE B 62 0.54 -4.14 -3.20
N VAL B 63 -0.46 -3.45 -2.66
CA VAL B 63 -1.64 -3.05 -3.43
C VAL B 63 -1.26 -2.14 -4.58
N LEU B 64 -0.33 -1.23 -4.32
CA LEU B 64 0.11 -0.30 -5.35
C LEU B 64 0.63 -1.05 -6.57
N LYS B 65 1.47 -2.05 -6.33
CA LYS B 65 2.03 -2.82 -7.44
C LYS B 65 0.93 -3.49 -8.24
N SER B 66 -0.05 -4.07 -7.54
CA SER B 66 -1.16 -4.75 -8.22
C SER B 66 -1.94 -3.77 -9.09
N LEU B 67 -2.18 -2.57 -8.54
CA LEU B 67 -2.93 -1.55 -9.27
C LEU B 67 -2.14 -1.03 -10.47
N ILE B 68 -0.82 -0.91 -10.31
CA ILE B 68 0.02 -0.46 -11.41
C ILE B 68 -0.10 -1.39 -12.60
N SER B 69 -0.04 -2.69 -12.34
CA SER B 69 -0.15 -3.68 -13.40
C SER B 69 -1.50 -3.53 -14.11
N GLN B 70 -2.56 -3.39 -13.33
CA GLN B 70 -3.88 -3.24 -13.91
C GLN B 70 -3.94 -1.99 -14.78
N TRP B 71 -3.34 -0.91 -14.27
CA TRP B 71 -3.30 0.36 -14.98
C TRP B 71 -2.55 0.23 -16.29
N CYS B 72 -1.37 -0.38 -16.23
CA CYS B 72 -0.54 -0.53 -17.41
C CYS B 72 -1.18 -1.50 -18.42
N GLU B 73 -1.87 -2.52 -17.92
CA GLU B 73 -2.51 -3.48 -18.81
C GLU B 73 -3.61 -2.80 -19.63
N ALA B 74 -4.36 -1.92 -18.98
CA ALA B 74 -5.44 -1.20 -19.67
C ALA B 74 -4.86 -0.36 -20.79
N ASN B 75 -3.74 0.30 -20.50
CA ASN B 75 -3.09 1.15 -21.49
C ASN B 75 -2.22 0.32 -22.44
N GLY B 76 -2.04 -0.97 -22.14
CA GLY B 76 -1.23 -1.82 -22.99
C GLY B 76 0.25 -1.41 -22.91
N ILE B 77 0.63 -0.83 -21.78
CA ILE B 77 2.00 -0.36 -21.58
C ILE B 77 2.76 -1.29 -20.65
N GLU B 78 4.05 -1.50 -20.94
CA GLU B 78 4.89 -2.34 -20.12
C GLU B 78 5.21 -1.63 -18.80
N LEU B 79 5.54 -2.39 -17.76
CA LEU B 79 5.86 -1.79 -16.47
C LEU B 79 7.13 -0.94 -16.57
N PRO B 80 7.27 0.05 -15.72
CA PRO B 80 8.47 0.93 -15.73
C PRO B 80 9.77 0.13 -15.80
N GLY A 1 -22.09 -2.76 -10.79
CA GLY A 1 -22.62 -1.47 -11.33
C GLY A 1 -22.02 -1.21 -12.71
N ALA A 2 -21.97 0.05 -13.11
CA ALA A 2 -21.44 0.42 -14.41
C ALA A 2 -19.98 -0.03 -14.53
N MET A 3 -19.22 0.14 -13.44
CA MET A 3 -17.83 -0.26 -13.43
C MET A 3 -17.57 -1.25 -12.30
N ILE A 4 -16.87 -2.35 -12.60
CA ILE A 4 -16.59 -3.35 -11.58
C ILE A 4 -15.44 -2.90 -10.70
N ILE A 5 -15.68 -2.94 -9.38
CA ILE A 5 -14.67 -2.54 -8.41
C ILE A 5 -13.58 -3.62 -8.34
N PRO A 6 -12.31 -3.26 -8.31
CA PRO A 6 -11.20 -4.26 -8.25
C PRO A 6 -11.20 -5.05 -6.95
N ASP A 7 -10.66 -6.27 -7.02
CA ASP A 7 -10.59 -7.15 -5.86
C ASP A 7 -9.70 -6.53 -4.78
N GLU A 8 -8.80 -5.67 -5.19
CA GLU A 8 -7.89 -5.01 -4.26
C GLU A 8 -8.67 -4.17 -3.25
N PHE A 9 -9.82 -3.68 -3.69
CA PHE A 9 -10.66 -2.85 -2.83
C PHE A 9 -11.60 -3.73 -1.99
N ARG A 10 -11.43 -5.06 -2.10
CA ARG A 10 -12.25 -6.01 -1.35
C ARG A 10 -11.34 -7.00 -0.61
N CYS A 11 -11.77 -7.42 0.57
CA CYS A 11 -10.97 -8.38 1.35
C CYS A 11 -10.99 -9.76 0.70
N PRO A 12 -9.92 -10.52 0.82
CA PRO A 12 -9.84 -11.90 0.25
C PRO A 12 -10.69 -12.89 1.06
N ILE A 13 -10.98 -12.53 2.31
CA ILE A 13 -11.76 -13.39 3.17
C ILE A 13 -13.25 -13.04 3.16
N SER A 14 -13.55 -11.75 3.12
CA SER A 14 -14.95 -11.31 3.12
C SER A 14 -15.46 -11.02 1.71
N LEU A 15 -14.53 -10.76 0.79
CA LEU A 15 -14.90 -10.46 -0.60
C LEU A 15 -15.83 -9.24 -0.66
N GLU A 16 -15.85 -8.47 0.42
CA GLU A 16 -16.68 -7.26 0.50
C GLU A 16 -15.82 -6.00 0.46
N LEU A 17 -16.44 -4.87 0.13
CA LEU A 17 -15.74 -3.61 0.06
C LEU A 17 -15.20 -3.24 1.44
N MET A 18 -14.01 -2.65 1.47
CA MET A 18 -13.39 -2.28 2.74
C MET A 18 -13.70 -0.84 3.12
N GLN A 19 -13.99 -0.62 4.41
CA GLN A 19 -14.28 0.70 4.92
C GLN A 19 -13.04 1.29 5.60
N ASP A 20 -12.34 0.46 6.35
CA ASP A 20 -11.13 0.90 7.04
C ASP A 20 -10.02 -0.13 6.87
N PRO A 21 -9.40 -0.18 5.71
CA PRO A 21 -8.30 -1.13 5.42
C PRO A 21 -7.05 -0.86 6.26
N VAL A 22 -6.39 -1.93 6.65
CA VAL A 22 -5.15 -1.83 7.42
C VAL A 22 -4.16 -2.84 6.88
N ILE A 23 -2.86 -2.62 7.11
CA ILE A 23 -1.86 -3.55 6.60
C ILE A 23 -1.07 -4.20 7.73
N VAL A 24 -0.81 -5.49 7.58
CA VAL A 24 -0.05 -6.25 8.55
C VAL A 24 1.44 -6.11 8.25
N SER A 25 2.31 -6.56 9.15
CA SER A 25 3.74 -6.47 8.94
C SER A 25 4.12 -7.11 7.62
N SER A 26 3.42 -8.17 7.24
CA SER A 26 3.68 -8.88 6.00
C SER A 26 3.33 -8.03 4.77
N GLY A 27 2.58 -6.95 4.97
CA GLY A 27 2.20 -6.08 3.87
C GLY A 27 0.86 -6.48 3.26
N GLN A 28 0.14 -7.41 3.88
CA GLN A 28 -1.15 -7.83 3.37
C GLN A 28 -2.24 -6.87 3.87
N THR A 29 -3.28 -6.67 3.08
CA THR A 29 -4.35 -5.75 3.47
C THR A 29 -5.58 -6.50 4.00
N TYR A 30 -6.04 -6.08 5.18
CA TYR A 30 -7.21 -6.70 5.81
C TYR A 30 -8.11 -5.62 6.40
N GLU A 31 -9.40 -5.94 6.54
CA GLU A 31 -10.34 -5.01 7.14
C GLU A 31 -9.97 -4.77 8.60
N ARG A 32 -10.23 -3.56 9.09
CA ARG A 32 -9.89 -3.25 10.47
C ARG A 32 -10.58 -4.22 11.42
N SER A 33 -11.85 -4.50 11.18
CA SER A 33 -12.59 -5.42 12.03
C SER A 33 -12.02 -6.85 11.90
N CYS A 34 -11.66 -7.22 10.67
CA CYS A 34 -11.12 -8.55 10.41
C CYS A 34 -9.79 -8.78 11.13
N ILE A 35 -8.93 -7.78 11.13
CA ILE A 35 -7.64 -7.93 11.80
C ILE A 35 -7.82 -7.99 13.30
N GLN A 36 -8.85 -7.30 13.79
CA GLN A 36 -9.10 -7.30 15.24
C GLN A 36 -9.42 -8.71 15.70
N LYS A 37 -10.23 -9.43 14.92
CA LYS A 37 -10.59 -10.79 15.26
C LYS A 37 -9.34 -11.68 15.23
N TRP A 38 -8.51 -11.44 14.23
CA TRP A 38 -7.27 -12.19 14.06
C TRP A 38 -6.36 -11.95 15.28
N LEU A 39 -6.32 -10.70 15.72
CA LEU A 39 -5.52 -10.32 16.88
C LEU A 39 -6.09 -10.97 18.14
N ASP A 40 -7.42 -11.01 18.23
CA ASP A 40 -8.09 -11.61 19.37
C ASP A 40 -7.69 -13.07 19.51
N SER A 41 -7.58 -13.74 18.37
CA SER A 41 -7.19 -15.14 18.35
C SER A 41 -5.75 -15.32 18.82
N GLY A 42 -5.02 -14.22 18.96
CA GLY A 42 -3.63 -14.29 19.41
C GLY A 42 -2.71 -14.79 18.30
N HIS A 43 -3.06 -14.49 17.05
CA HIS A 43 -2.24 -14.93 15.93
C HIS A 43 -0.85 -14.32 16.01
N LYS A 44 0.12 -15.01 15.42
CA LYS A 44 1.50 -14.54 15.39
C LYS A 44 2.12 -14.75 14.01
N THR A 45 1.30 -15.19 13.04
CA THR A 45 1.79 -15.43 11.70
C THR A 45 0.86 -14.83 10.64
N CYS A 46 1.38 -14.73 9.43
CA CYS A 46 0.60 -14.23 8.30
C CYS A 46 0.15 -15.44 7.48
N PRO A 47 -1.13 -15.78 7.49
CA PRO A 47 -1.64 -16.99 6.75
C PRO A 47 -1.58 -16.86 5.23
N LYS A 48 -1.86 -15.67 4.71
CA LYS A 48 -1.84 -15.47 3.26
C LYS A 48 -0.43 -15.64 2.70
N THR A 49 0.56 -15.10 3.40
CA THR A 49 1.94 -15.20 2.95
C THR A 49 2.63 -16.43 3.55
N GLN A 50 2.02 -16.97 4.61
CA GLN A 50 2.54 -18.17 5.29
C GLN A 50 3.89 -17.93 5.95
N GLN A 51 4.05 -16.78 6.60
CA GLN A 51 5.31 -16.49 7.29
C GLN A 51 5.06 -15.87 8.68
N PRO A 52 5.94 -16.11 9.63
CA PRO A 52 5.78 -15.57 11.02
C PRO A 52 6.13 -14.09 11.12
N LEU A 53 5.60 -13.46 12.17
CA LEU A 53 5.85 -12.06 12.43
C LEU A 53 5.71 -11.77 13.92
N SER A 54 6.71 -11.11 14.50
CA SER A 54 6.70 -10.80 15.92
C SER A 54 6.70 -9.30 16.15
N HIS A 55 6.31 -8.53 15.14
CA HIS A 55 6.29 -7.08 15.28
C HIS A 55 5.21 -6.46 14.39
N THR A 56 4.83 -5.23 14.73
CA THR A 56 3.82 -4.51 13.98
C THR A 56 4.07 -3.00 14.10
N SER A 57 3.49 -2.22 13.21
CA SER A 57 3.69 -0.78 13.25
C SER A 57 2.51 -0.05 12.64
N LEU A 58 2.42 1.25 12.91
CA LEU A 58 1.33 2.07 12.40
C LEU A 58 1.39 2.14 10.88
N THR A 59 0.71 1.21 10.23
CA THR A 59 0.66 1.18 8.77
C THR A 59 -0.78 1.04 8.28
N PRO A 60 -1.58 2.05 8.49
CA PRO A 60 -3.00 2.07 8.08
C PRO A 60 -3.12 2.35 6.58
N ASN A 61 -4.32 2.18 6.02
CA ASN A 61 -4.53 2.42 4.60
C ASN A 61 -3.82 3.69 4.14
N PHE A 62 -2.95 3.55 3.14
CA PHE A 62 -2.20 4.69 2.62
C PHE A 62 -2.46 4.90 1.11
N VAL A 63 -1.63 4.31 0.25
CA VAL A 63 -1.80 4.46 -1.19
C VAL A 63 -3.14 3.90 -1.64
N LEU A 64 -3.55 2.81 -1.02
CA LEU A 64 -4.81 2.18 -1.36
C LEU A 64 -5.95 3.18 -1.18
N LYS A 65 -5.93 3.92 -0.08
CA LYS A 65 -6.96 4.91 0.17
C LYS A 65 -6.98 5.97 -0.93
N SER A 66 -5.80 6.47 -1.30
CA SER A 66 -5.72 7.49 -2.33
C SER A 66 -6.24 6.97 -3.67
N LEU A 67 -5.90 5.73 -3.99
CA LEU A 67 -6.33 5.14 -5.25
C LEU A 67 -7.84 4.94 -5.26
N ILE A 68 -8.41 4.53 -4.12
CA ILE A 68 -9.84 4.34 -4.03
C ILE A 68 -10.58 5.64 -4.33
N SER A 69 -10.10 6.73 -3.77
CA SER A 69 -10.74 8.03 -4.00
C SER A 69 -10.74 8.35 -5.49
N GLN A 70 -9.61 8.09 -6.14
CA GLN A 70 -9.50 8.33 -7.56
C GLN A 70 -10.48 7.44 -8.33
N TRP A 71 -10.58 6.19 -7.88
CA TRP A 71 -11.48 5.23 -8.50
C TRP A 71 -12.92 5.73 -8.42
N CYS A 72 -13.30 6.16 -7.23
CA CYS A 72 -14.64 6.67 -6.98
C CYS A 72 -14.95 7.90 -7.82
N GLU A 73 -13.97 8.78 -7.91
CA GLU A 73 -14.15 10.01 -8.69
C GLU A 73 -14.34 9.68 -10.18
N ALA A 74 -13.59 8.70 -10.67
CA ALA A 74 -13.67 8.32 -12.07
C ALA A 74 -15.09 7.86 -12.41
N ASN A 75 -15.69 7.08 -11.52
CA ASN A 75 -17.04 6.62 -11.75
C ASN A 75 -18.05 7.59 -11.14
N GLY A 76 -17.57 8.56 -10.38
CA GLY A 76 -18.45 9.53 -9.75
C GLY A 76 -19.38 8.86 -8.74
N ILE A 77 -18.86 7.83 -8.07
CA ILE A 77 -19.66 7.08 -7.09
C ILE A 77 -19.08 7.24 -5.69
N GLU A 78 -19.95 7.55 -4.72
CA GLU A 78 -19.50 7.73 -3.35
C GLU A 78 -18.73 6.49 -2.87
N LEU A 79 -17.96 6.66 -1.80
CA LEU A 79 -17.17 5.56 -1.25
C LEU A 79 -18.08 4.45 -0.72
N PRO A 80 -17.59 3.24 -0.66
CA PRO A 80 -18.40 2.08 -0.18
C PRO A 80 -19.11 2.39 1.14
N GLY B 1 -5.90 15.48 -16.28
CA GLY B 1 -6.50 15.57 -17.64
C GLY B 1 -6.28 14.27 -18.40
N ALA B 2 -5.14 14.17 -19.07
CA ALA B 2 -4.80 12.97 -19.83
C ALA B 2 -3.29 12.77 -19.86
N MET B 3 -2.87 11.52 -19.98
CA MET B 3 -1.45 11.19 -20.01
C MET B 3 -0.77 11.63 -18.72
N ILE B 4 -1.56 11.82 -17.66
CA ILE B 4 -1.01 12.23 -16.37
C ILE B 4 -0.94 11.03 -15.44
N ILE B 5 0.24 10.81 -14.85
CA ILE B 5 0.43 9.69 -13.94
C ILE B 5 0.04 10.08 -12.51
N PRO B 6 -0.74 9.28 -11.81
CA PRO B 6 -1.14 9.60 -10.40
C PRO B 6 0.08 9.77 -9.48
N ASP B 7 -0.06 10.66 -8.50
CA ASP B 7 1.03 10.91 -7.55
C ASP B 7 1.35 9.63 -6.78
N GLU B 8 0.41 8.70 -6.74
CA GLU B 8 0.63 7.44 -6.01
C GLU B 8 1.80 6.67 -6.62
N PHE B 9 1.89 6.67 -7.95
CA PHE B 9 2.95 5.94 -8.65
C PHE B 9 4.19 6.82 -8.83
N ARG B 10 3.99 8.14 -8.79
CA ARG B 10 5.11 9.07 -8.95
C ARG B 10 5.56 9.60 -7.59
N CYS B 11 6.84 9.46 -7.27
CA CYS B 11 7.34 9.91 -5.98
C CYS B 11 7.98 11.30 -6.09
N PRO B 12 7.94 12.10 -5.03
CA PRO B 12 8.53 13.47 -5.03
C PRO B 12 10.06 13.44 -5.06
N ILE B 13 10.65 12.45 -4.41
CA ILE B 13 12.10 12.35 -4.36
C ILE B 13 12.67 12.14 -5.76
N SER B 14 12.07 11.22 -6.51
CA SER B 14 12.53 10.92 -7.86
C SER B 14 11.77 11.74 -8.89
N LEU B 15 10.66 12.36 -8.50
CA LEU B 15 9.88 13.17 -9.41
C LEU B 15 9.50 12.37 -10.65
N GLU B 16 9.49 11.06 -10.52
CA GLU B 16 9.15 10.19 -11.64
C GLU B 16 8.63 8.85 -11.15
N LEU B 17 8.34 7.97 -12.10
CA LEU B 17 7.81 6.64 -11.79
C LEU B 17 8.92 5.75 -11.23
N MET B 18 8.69 5.24 -10.02
CA MET B 18 9.65 4.35 -9.38
C MET B 18 9.63 2.97 -10.03
N GLN B 19 10.69 2.20 -9.84
CA GLN B 19 10.78 0.87 -10.44
C GLN B 19 10.51 -0.23 -9.43
N ASP B 20 11.00 -0.04 -8.21
CA ASP B 20 10.82 -1.04 -7.15
C ASP B 20 10.30 -0.36 -5.89
N PRO B 21 9.01 -0.17 -5.77
CA PRO B 21 8.40 0.50 -4.58
C PRO B 21 8.42 -0.35 -3.32
N VAL B 22 8.73 0.30 -2.21
CA VAL B 22 8.75 -0.37 -0.90
C VAL B 22 8.10 0.56 0.12
N ILE B 23 7.54 0.01 1.21
CA ILE B 23 6.92 0.88 2.21
C ILE B 23 7.71 0.88 3.51
N VAL B 24 7.77 2.05 4.13
CA VAL B 24 8.48 2.23 5.39
C VAL B 24 7.53 1.97 6.56
N SER B 25 8.05 1.96 7.79
CA SER B 25 7.23 1.70 8.96
C SER B 25 6.08 2.73 9.03
N SER B 26 6.39 3.97 8.69
CA SER B 26 5.40 5.02 8.70
C SER B 26 4.32 4.80 7.62
N GLY B 27 4.53 3.80 6.77
CA GLY B 27 3.59 3.49 5.70
C GLY B 27 3.82 4.36 4.47
N GLN B 28 4.97 5.04 4.43
CA GLN B 28 5.29 5.89 3.30
C GLN B 28 5.95 5.03 2.20
N THR B 29 5.69 5.35 0.95
CA THR B 29 6.27 4.57 -0.15
C THR B 29 7.44 5.28 -0.81
N TYR B 30 8.53 4.55 -1.01
CA TYR B 30 9.73 5.09 -1.63
C TYR B 30 10.34 4.09 -2.60
N GLU B 31 11.18 4.58 -3.51
CA GLU B 31 11.85 3.71 -4.46
C GLU B 31 12.93 2.90 -3.73
N ARG B 32 13.15 1.66 -4.16
CA ARG B 32 14.13 0.81 -3.48
C ARG B 32 15.52 1.47 -3.49
N SER B 33 15.91 2.01 -4.64
CA SER B 33 17.21 2.65 -4.75
C SER B 33 17.33 3.85 -3.80
N CYS B 34 16.26 4.64 -3.72
CA CYS B 34 16.25 5.81 -2.87
C CYS B 34 16.40 5.41 -1.40
N ILE B 35 15.71 4.35 -1.01
CA ILE B 35 15.77 3.87 0.36
C ILE B 35 17.19 3.46 0.74
N GLN B 36 17.86 2.77 -0.17
CA GLN B 36 19.22 2.32 0.10
C GLN B 36 20.14 3.51 0.37
N LYS B 37 19.98 4.56 -0.44
CA LYS B 37 20.80 5.76 -0.26
C LYS B 37 20.51 6.41 1.08
N TRP B 38 19.24 6.47 1.43
CA TRP B 38 18.80 7.07 2.69
C TRP B 38 19.38 6.29 3.86
N LEU B 39 19.30 4.96 3.78
CA LEU B 39 19.83 4.10 4.81
C LEU B 39 21.35 4.24 4.91
N ASP B 40 21.99 4.33 3.75
CA ASP B 40 23.44 4.46 3.70
C ASP B 40 23.86 5.75 4.39
N SER B 41 23.06 6.79 4.20
CA SER B 41 23.36 8.08 4.82
C SER B 41 23.29 7.97 6.34
N GLY B 42 22.72 6.88 6.85
CA GLY B 42 22.62 6.69 8.28
C GLY B 42 21.30 7.24 8.82
N HIS B 43 20.37 7.55 7.93
CA HIS B 43 19.08 8.08 8.36
C HIS B 43 18.16 6.94 8.77
N LYS B 44 17.54 7.06 9.93
CA LYS B 44 16.65 6.03 10.43
C LYS B 44 15.29 6.61 10.84
N THR B 45 14.85 7.62 10.09
CA THR B 45 13.57 8.26 10.38
C THR B 45 12.76 8.45 9.11
N CYS B 46 11.47 8.69 9.28
CA CYS B 46 10.59 8.91 8.14
C CYS B 46 10.54 10.42 7.84
N PRO B 47 11.13 10.88 6.76
CA PRO B 47 11.14 12.34 6.42
C PRO B 47 9.78 12.88 5.97
N LYS B 48 8.93 12.02 5.42
CA LYS B 48 7.62 12.46 4.96
C LYS B 48 6.73 12.94 6.11
N THR B 49 6.68 12.18 7.19
CA THR B 49 5.85 12.55 8.33
C THR B 49 6.68 12.92 9.57
N GLN B 50 8.00 12.72 9.47
CA GLN B 50 8.91 13.00 10.58
C GLN B 50 8.63 12.04 11.72
N GLN B 51 8.57 10.76 11.37
CA GLN B 51 8.32 9.71 12.36
C GLN B 51 9.53 8.77 12.47
N PRO B 52 10.24 8.76 13.58
CA PRO B 52 11.42 7.85 13.75
C PRO B 52 11.03 6.39 13.59
N LEU B 53 11.92 5.61 13.00
CA LEU B 53 11.66 4.19 12.79
C LEU B 53 11.98 3.39 14.05
N SER B 54 13.22 3.50 14.51
CA SER B 54 13.68 2.77 15.68
C SER B 54 13.58 1.26 15.47
N HIS B 55 13.34 0.84 14.22
CA HIS B 55 13.24 -0.58 13.92
C HIS B 55 13.13 -0.80 12.41
N THR B 56 13.51 -1.99 11.97
CA THR B 56 13.46 -2.31 10.54
C THR B 56 12.05 -2.74 10.14
N SER B 57 11.79 -2.76 8.83
CA SER B 57 10.48 -3.16 8.34
C SER B 57 10.62 -4.13 7.17
N LEU B 58 9.63 -5.00 7.01
CA LEU B 58 9.66 -5.98 5.94
C LEU B 58 8.66 -5.64 4.84
N THR B 59 7.60 -4.93 5.20
CA THR B 59 6.55 -4.56 4.24
C THR B 59 7.16 -4.02 2.92
N PRO B 60 7.19 -4.80 1.87
CA PRO B 60 7.73 -4.32 0.58
C PRO B 60 6.64 -3.62 -0.26
N ASN B 61 5.89 -4.40 -1.03
CA ASN B 61 4.80 -3.86 -1.83
C ASN B 61 3.62 -4.80 -1.75
N PHE B 62 2.43 -4.32 -2.11
CA PHE B 62 1.25 -5.17 -2.03
C PHE B 62 0.16 -4.73 -3.03
N VAL B 63 -0.72 -3.83 -2.62
CA VAL B 63 -1.79 -3.36 -3.49
C VAL B 63 -1.21 -2.66 -4.72
N LEU B 64 0.03 -2.19 -4.58
CA LEU B 64 0.70 -1.49 -5.68
C LEU B 64 0.88 -2.42 -6.87
N LYS B 65 1.21 -3.67 -6.61
CA LYS B 65 1.44 -4.61 -7.71
C LYS B 65 0.21 -4.73 -8.60
N SER B 66 -0.95 -4.96 -7.99
CA SER B 66 -2.18 -5.11 -8.76
C SER B 66 -2.64 -3.78 -9.38
N LEU B 67 -2.58 -2.72 -8.59
CA LEU B 67 -3.01 -1.40 -9.06
C LEU B 67 -2.09 -0.85 -10.14
N ILE B 68 -0.80 -1.05 -10.00
CA ILE B 68 0.13 -0.58 -11.02
C ILE B 68 -0.14 -1.29 -12.33
N SER B 69 -0.33 -2.59 -12.25
CA SER B 69 -0.58 -3.41 -13.44
C SER B 69 -1.84 -2.98 -14.18
N GLN B 70 -2.92 -2.73 -13.43
CA GLN B 70 -4.18 -2.34 -14.09
C GLN B 70 -4.05 -0.93 -14.66
N TRP B 71 -3.36 -0.05 -13.94
CA TRP B 71 -3.14 1.32 -14.39
C TRP B 71 -2.32 1.34 -15.68
N CYS B 72 -1.27 0.54 -15.70
CA CYS B 72 -0.40 0.47 -16.86
C CYS B 72 -1.13 -0.03 -18.10
N GLU B 73 -1.98 -1.04 -17.91
CA GLU B 73 -2.72 -1.59 -19.04
C GLU B 73 -3.68 -0.55 -19.62
N ALA B 74 -4.31 0.21 -18.74
CA ALA B 74 -5.24 1.25 -19.17
C ALA B 74 -4.55 2.28 -20.04
N ASN B 75 -3.34 2.65 -19.64
CA ASN B 75 -2.58 3.63 -20.40
C ASN B 75 -1.76 2.94 -21.50
N GLY B 76 -1.68 1.61 -21.45
CA GLY B 76 -0.92 0.88 -22.46
C GLY B 76 0.58 1.18 -22.34
N ILE B 77 1.03 1.40 -21.11
CA ILE B 77 2.45 1.72 -20.87
C ILE B 77 3.13 0.58 -20.13
N GLU B 78 4.27 0.14 -20.65
CA GLU B 78 5.02 -0.96 -20.03
C GLU B 78 5.45 -0.58 -18.61
N LEU B 79 5.64 -1.59 -17.76
CA LEU B 79 6.06 -1.36 -16.39
C LEU B 79 7.44 -0.71 -16.37
N PRO B 80 7.77 0.01 -15.33
CA PRO B 80 9.10 0.70 -15.22
C PRO B 80 10.25 -0.28 -15.09
N GLY A 1 -24.80 3.18 -16.66
CA GLY A 1 -24.56 1.78 -16.19
C GLY A 1 -23.46 1.78 -15.14
N ALA A 2 -23.69 1.05 -14.05
CA ALA A 2 -22.70 0.98 -12.97
C ALA A 2 -21.45 0.26 -13.44
N MET A 3 -20.29 0.70 -12.95
CA MET A 3 -19.03 0.09 -13.33
C MET A 3 -18.58 -0.90 -12.25
N ILE A 4 -18.21 -2.10 -12.67
CA ILE A 4 -17.77 -3.12 -11.73
C ILE A 4 -16.57 -2.62 -10.93
N ILE A 5 -16.64 -2.79 -9.61
CA ILE A 5 -15.56 -2.34 -8.74
C ILE A 5 -14.38 -3.33 -8.80
N PRO A 6 -13.19 -2.89 -9.13
CA PRO A 6 -11.99 -3.80 -9.21
C PRO A 6 -11.76 -4.56 -7.91
N ASP A 7 -11.24 -5.79 -8.04
CA ASP A 7 -10.96 -6.63 -6.87
C ASP A 7 -9.92 -5.98 -5.96
N GLU A 8 -9.12 -5.10 -6.53
CA GLU A 8 -8.07 -4.42 -5.77
C GLU A 8 -8.67 -3.62 -4.61
N PHE A 9 -9.94 -3.25 -4.74
CA PHE A 9 -10.60 -2.46 -3.71
C PHE A 9 -11.47 -3.34 -2.81
N ARG A 10 -11.28 -4.65 -2.89
CA ARG A 10 -12.05 -5.59 -2.07
C ARG A 10 -11.11 -6.59 -1.40
N CYS A 11 -11.38 -6.89 -0.13
CA CYS A 11 -10.54 -7.84 0.60
C CYS A 11 -10.78 -9.25 0.07
N PRO A 12 -9.77 -10.10 0.08
CA PRO A 12 -9.92 -11.50 -0.43
C PRO A 12 -10.73 -12.39 0.52
N ILE A 13 -10.58 -12.15 1.82
CA ILE A 13 -11.29 -12.94 2.81
C ILE A 13 -12.80 -12.80 2.70
N SER A 14 -13.27 -11.55 2.61
CA SER A 14 -14.71 -11.31 2.52
C SER A 14 -15.15 -11.07 1.08
N LEU A 15 -14.20 -10.78 0.19
CA LEU A 15 -14.53 -10.53 -1.20
C LEU A 15 -15.53 -9.39 -1.34
N GLU A 16 -15.34 -8.35 -0.54
CA GLU A 16 -16.24 -7.19 -0.58
C GLU A 16 -15.51 -5.91 -0.19
N LEU A 17 -16.16 -4.77 -0.42
CA LEU A 17 -15.57 -3.48 -0.10
C LEU A 17 -15.17 -3.41 1.37
N MET A 18 -14.09 -2.69 1.66
CA MET A 18 -13.61 -2.55 3.03
C MET A 18 -13.70 -1.11 3.51
N GLN A 19 -14.14 -0.93 4.75
CA GLN A 19 -14.29 0.41 5.32
C GLN A 19 -12.96 0.94 5.89
N ASP A 20 -12.16 0.06 6.49
CA ASP A 20 -10.90 0.49 7.08
C ASP A 20 -9.76 -0.47 6.76
N PRO A 21 -9.20 -0.37 5.57
CA PRO A 21 -8.05 -1.24 5.13
C PRO A 21 -6.72 -0.89 5.81
N VAL A 22 -5.96 -1.92 6.16
CA VAL A 22 -4.65 -1.74 6.79
C VAL A 22 -3.68 -2.79 6.24
N ILE A 23 -2.39 -2.59 6.47
CA ILE A 23 -1.40 -3.56 5.99
C ILE A 23 -0.69 -4.22 7.16
N VAL A 24 -0.10 -5.37 6.90
CA VAL A 24 0.65 -6.10 7.92
C VAL A 24 2.13 -5.99 7.57
N SER A 25 3.02 -6.60 8.35
CA SER A 25 4.46 -6.51 8.06
C SER A 25 4.70 -7.06 6.66
N SER A 26 4.01 -8.15 6.35
CA SER A 26 4.13 -8.79 5.05
C SER A 26 3.56 -7.86 3.97
N GLY A 27 2.84 -6.82 4.39
CA GLY A 27 2.26 -5.85 3.46
C GLY A 27 0.90 -6.31 2.95
N GLN A 28 0.41 -7.45 3.42
CA GLN A 28 -0.88 -7.92 2.97
C GLN A 28 -1.98 -7.02 3.53
N THR A 29 -3.05 -6.84 2.77
CA THR A 29 -4.14 -5.96 3.20
C THR A 29 -5.26 -6.72 3.89
N TYR A 30 -5.67 -6.22 5.06
CA TYR A 30 -6.75 -6.85 5.82
C TYR A 30 -7.68 -5.80 6.42
N GLU A 31 -8.91 -6.21 6.69
CA GLU A 31 -9.89 -5.32 7.31
C GLU A 31 -9.54 -5.10 8.78
N ARG A 32 -9.74 -3.90 9.29
CA ARG A 32 -9.42 -3.63 10.68
C ARG A 32 -10.19 -4.59 11.59
N SER A 33 -11.48 -4.75 11.33
CA SER A 33 -12.31 -5.64 12.13
C SER A 33 -11.78 -7.07 12.04
N CYS A 34 -11.41 -7.48 10.83
CA CYS A 34 -10.89 -8.82 10.61
C CYS A 34 -9.61 -9.04 11.41
N ILE A 35 -8.73 -8.05 11.36
CA ILE A 35 -7.46 -8.13 12.10
C ILE A 35 -7.70 -8.27 13.59
N GLN A 36 -8.66 -7.54 14.13
CA GLN A 36 -8.95 -7.62 15.55
C GLN A 36 -9.37 -9.03 15.95
N LYS A 37 -10.23 -9.64 15.15
CA LYS A 37 -10.67 -11.00 15.43
C LYS A 37 -9.47 -11.94 15.35
N TRP A 38 -8.62 -11.69 14.35
CA TRP A 38 -7.43 -12.49 14.13
C TRP A 38 -6.50 -12.41 15.34
N LEU A 39 -6.27 -11.18 15.82
CA LEU A 39 -5.41 -10.96 16.98
C LEU A 39 -6.02 -11.63 18.20
N ASP A 40 -7.32 -11.53 18.33
CA ASP A 40 -8.04 -12.13 19.45
C ASP A 40 -7.79 -13.64 19.50
N SER A 41 -7.70 -14.25 18.33
CA SER A 41 -7.46 -15.69 18.23
C SER A 41 -6.10 -16.06 18.82
N GLY A 42 -5.20 -15.08 18.91
CA GLY A 42 -3.87 -15.32 19.46
C GLY A 42 -2.85 -15.67 18.36
N HIS A 43 -3.27 -15.60 17.10
CA HIS A 43 -2.37 -15.89 16.00
C HIS A 43 -1.33 -14.77 15.85
N LYS A 44 -0.12 -15.13 15.46
CA LYS A 44 0.94 -14.13 15.30
C LYS A 44 1.72 -14.35 14.01
N THR A 45 1.04 -14.82 12.97
CA THR A 45 1.71 -15.06 11.70
C THR A 45 0.85 -14.58 10.52
N CYS A 46 1.48 -14.42 9.37
CA CYS A 46 0.75 -13.99 8.18
C CYS A 46 0.29 -15.24 7.40
N PRO A 47 -0.98 -15.55 7.39
CA PRO A 47 -1.49 -16.76 6.68
C PRO A 47 -1.42 -16.68 5.16
N LYS A 48 -1.59 -15.48 4.61
CA LYS A 48 -1.57 -15.33 3.15
C LYS A 48 -0.19 -15.68 2.57
N THR A 49 0.87 -15.26 3.24
CA THR A 49 2.22 -15.55 2.75
C THR A 49 2.87 -16.69 3.54
N GLN A 50 2.35 -16.92 4.75
CA GLN A 50 2.87 -17.96 5.64
C GLN A 50 4.21 -17.52 6.23
N GLN A 51 4.23 -16.28 6.71
CA GLN A 51 5.44 -15.70 7.30
C GLN A 51 5.21 -15.34 8.78
N PRO A 52 6.14 -15.58 9.66
CA PRO A 52 5.99 -15.23 11.10
C PRO A 52 6.11 -13.73 11.36
N LEU A 53 5.43 -13.24 12.39
CA LEU A 53 5.49 -11.82 12.73
C LEU A 53 6.28 -11.61 14.02
N SER A 54 7.33 -10.79 13.93
CA SER A 54 8.17 -10.52 15.09
C SER A 54 7.74 -9.24 15.81
N HIS A 55 6.88 -8.45 15.16
CA HIS A 55 6.43 -7.19 15.77
C HIS A 55 5.16 -6.67 15.11
N THR A 56 4.54 -5.70 15.77
CA THR A 56 3.31 -5.09 15.25
C THR A 56 3.46 -3.56 15.22
N SER A 57 2.73 -2.91 14.33
CA SER A 57 2.80 -1.46 14.22
C SER A 57 1.56 -0.89 13.54
N LEU A 58 1.40 0.43 13.65
CA LEU A 58 0.26 1.11 13.04
C LEU A 58 0.57 1.41 11.59
N THR A 59 -0.22 0.83 10.69
CA THR A 59 -0.02 1.05 9.26
C THR A 59 -1.35 1.19 8.53
N PRO A 60 -1.98 2.32 8.62
CA PRO A 60 -3.30 2.57 7.96
C PRO A 60 -3.09 2.79 6.47
N ASN A 61 -4.10 2.45 5.65
CA ASN A 61 -3.97 2.61 4.21
C ASN A 61 -3.39 3.99 3.86
N PHE A 62 -2.39 3.97 2.97
CA PHE A 62 -1.75 5.22 2.54
C PHE A 62 -2.05 5.52 1.06
N VAL A 63 -1.22 5.01 0.16
CA VAL A 63 -1.37 5.24 -1.27
C VAL A 63 -2.73 4.74 -1.76
N LEU A 64 -3.17 3.63 -1.19
CA LEU A 64 -4.45 3.06 -1.60
C LEU A 64 -5.56 4.07 -1.38
N LYS A 65 -5.47 4.84 -0.30
CA LYS A 65 -6.48 5.83 -0.01
C LYS A 65 -6.56 6.86 -1.15
N SER A 66 -5.39 7.29 -1.62
CA SER A 66 -5.34 8.27 -2.70
C SER A 66 -5.95 7.70 -3.98
N LEU A 67 -5.61 6.46 -4.31
CA LEU A 67 -6.13 5.81 -5.50
C LEU A 67 -7.64 5.61 -5.39
N ILE A 68 -8.10 5.23 -4.21
CA ILE A 68 -9.51 5.04 -3.96
C ILE A 68 -10.28 6.32 -4.19
N SER A 69 -9.74 7.42 -3.69
CA SER A 69 -10.39 8.71 -3.84
C SER A 69 -10.53 9.05 -5.32
N GLN A 70 -9.47 8.82 -6.09
CA GLN A 70 -9.52 9.10 -7.52
C GLN A 70 -10.56 8.21 -8.20
N TRP A 71 -10.61 6.95 -7.79
CA TRP A 71 -11.54 5.99 -8.36
C TRP A 71 -12.99 6.41 -8.11
N CYS A 72 -13.28 6.78 -6.88
CA CYS A 72 -14.63 7.17 -6.51
C CYS A 72 -15.02 8.53 -7.10
N GLU A 73 -14.05 9.44 -7.23
CA GLU A 73 -14.32 10.76 -7.79
C GLU A 73 -14.75 10.68 -9.25
N ALA A 74 -14.15 9.74 -9.99
CA ALA A 74 -14.47 9.58 -11.40
C ALA A 74 -15.95 9.26 -11.60
N ASN A 75 -16.48 8.39 -10.76
CA ASN A 75 -17.89 8.02 -10.86
C ASN A 75 -18.75 8.82 -9.88
N GLY A 76 -18.13 9.57 -8.99
CA GLY A 76 -18.88 10.38 -8.03
C GLY A 76 -19.66 9.49 -7.06
N ILE A 77 -19.13 8.32 -6.76
CA ILE A 77 -19.80 7.39 -5.87
C ILE A 77 -19.19 7.44 -4.47
N GLU A 78 -20.04 7.53 -3.46
CA GLU A 78 -19.55 7.60 -2.08
C GLU A 78 -18.85 6.31 -1.68
N LEU A 79 -17.85 6.43 -0.81
CA LEU A 79 -17.10 5.27 -0.33
C LEU A 79 -18.01 4.31 0.43
N PRO A 80 -17.62 3.08 0.58
CA PRO A 80 -18.44 2.05 1.30
C PRO A 80 -19.00 2.58 2.61
N GLY B 1 -7.86 7.62 -15.03
CA GLY B 1 -8.74 8.34 -15.99
C GLY B 1 -8.16 9.71 -16.29
N ALA B 2 -6.83 9.78 -16.38
CA ALA B 2 -6.16 11.05 -16.67
C ALA B 2 -4.93 10.81 -17.54
N MET B 3 -4.65 11.76 -18.43
CA MET B 3 -3.50 11.65 -19.31
C MET B 3 -2.21 11.60 -18.50
N ILE B 4 -2.12 12.47 -17.49
CA ILE B 4 -0.94 12.50 -16.63
C ILE B 4 -0.92 11.28 -15.72
N ILE B 5 0.25 10.67 -15.58
CA ILE B 5 0.36 9.48 -14.73
C ILE B 5 0.10 9.86 -13.27
N PRO B 6 -0.65 9.06 -12.52
CA PRO B 6 -0.94 9.37 -11.08
C PRO B 6 0.33 9.58 -10.26
N ASP B 7 0.29 10.59 -9.40
CA ASP B 7 1.44 10.89 -8.55
C ASP B 7 1.78 9.71 -7.65
N GLU B 8 0.80 8.84 -7.41
CA GLU B 8 1.03 7.69 -6.57
C GLU B 8 2.00 6.72 -7.23
N PHE B 9 1.87 6.55 -8.53
CA PHE B 9 2.76 5.66 -9.28
C PHE B 9 4.13 6.29 -9.42
N ARG B 10 4.18 7.61 -9.45
CA ARG B 10 5.46 8.31 -9.56
C ARG B 10 6.01 8.55 -8.16
N CYS B 11 7.27 8.18 -7.93
CA CYS B 11 7.87 8.38 -6.61
C CYS B 11 8.06 9.87 -6.33
N PRO B 12 8.02 10.28 -5.08
CA PRO B 12 8.19 11.71 -4.72
C PRO B 12 9.63 12.20 -4.81
N ILE B 13 10.53 11.60 -4.04
CA ILE B 13 11.93 12.00 -4.05
C ILE B 13 12.55 11.80 -5.42
N SER B 14 12.36 10.62 -5.99
CA SER B 14 12.92 10.31 -7.31
C SER B 14 12.21 11.11 -8.41
N LEU B 15 10.89 11.25 -8.27
CA LEU B 15 10.08 11.99 -9.25
C LEU B 15 10.03 11.26 -10.59
N GLU B 16 9.69 9.99 -10.53
CA GLU B 16 9.59 9.16 -11.74
C GLU B 16 8.86 7.86 -11.44
N LEU B 17 8.49 7.12 -12.48
CA LEU B 17 7.78 5.86 -12.30
C LEU B 17 8.57 4.94 -11.37
N MET B 18 7.84 4.28 -10.46
CA MET B 18 8.46 3.37 -9.51
C MET B 18 8.76 2.01 -10.15
N GLN B 19 9.88 1.39 -9.74
CA GLN B 19 10.25 0.09 -10.28
C GLN B 19 10.24 -0.96 -9.17
N ASP B 20 10.77 -0.58 -8.01
CA ASP B 20 10.82 -1.47 -6.86
C ASP B 20 10.28 -0.75 -5.63
N PRO B 21 8.99 -0.52 -5.60
CA PRO B 21 8.32 0.20 -4.48
C PRO B 21 8.23 -0.59 -3.18
N VAL B 22 8.49 0.10 -2.08
CA VAL B 22 8.42 -0.50 -0.76
C VAL B 22 7.79 0.50 0.21
N ILE B 23 7.25 0.01 1.33
CA ILE B 23 6.64 0.90 2.30
C ILE B 23 7.25 0.68 3.69
N VAL B 24 7.50 1.80 4.37
CA VAL B 24 8.09 1.79 5.71
C VAL B 24 6.98 1.52 6.75
N SER B 25 7.36 1.22 7.98
CA SER B 25 6.35 0.92 9.01
C SER B 25 5.40 2.11 9.20
N SER B 26 5.83 3.29 8.79
CA SER B 26 5.00 4.48 8.92
C SER B 26 3.94 4.54 7.80
N GLY B 27 3.98 3.55 6.89
CA GLY B 27 3.03 3.51 5.79
C GLY B 27 3.43 4.48 4.67
N GLN B 28 4.69 4.90 4.66
CA GLN B 28 5.17 5.81 3.64
C GLN B 28 5.76 5.01 2.48
N THR B 29 5.62 5.50 1.26
CA THR B 29 6.13 4.78 0.09
C THR B 29 7.46 5.36 -0.38
N TYR B 30 8.45 4.48 -0.54
CA TYR B 30 9.76 4.90 -1.01
C TYR B 30 10.34 3.90 -2.00
N GLU B 31 11.21 4.40 -2.88
CA GLU B 31 11.86 3.54 -3.86
C GLU B 31 12.93 2.71 -3.17
N ARG B 32 13.13 1.48 -3.61
CA ARG B 32 14.13 0.62 -2.98
C ARG B 32 15.50 1.27 -2.99
N SER B 33 15.86 1.89 -4.11
CA SER B 33 17.15 2.54 -4.21
C SER B 33 17.27 3.66 -3.17
N CYS B 34 16.21 4.43 -3.02
CA CYS B 34 16.20 5.53 -2.06
C CYS B 34 16.33 5.00 -0.63
N ILE B 35 15.61 3.92 -0.35
CA ILE B 35 15.65 3.32 0.98
C ILE B 35 17.03 2.79 1.32
N GLN B 36 17.69 2.14 0.35
CA GLN B 36 19.02 1.59 0.61
C GLN B 36 20.00 2.71 0.96
N LYS B 37 19.91 3.82 0.23
CA LYS B 37 20.78 4.95 0.49
C LYS B 37 20.53 5.50 1.89
N TRP B 38 19.26 5.62 2.24
CA TRP B 38 18.85 6.13 3.55
C TRP B 38 19.31 5.18 4.66
N LEU B 39 19.14 3.88 4.42
CA LEU B 39 19.55 2.87 5.40
C LEU B 39 21.07 2.90 5.57
N ASP B 40 21.76 3.05 4.46
CA ASP B 40 23.22 3.12 4.49
C ASP B 40 23.67 4.30 5.32
N SER B 41 22.93 5.40 5.19
CA SER B 41 23.23 6.61 5.94
C SER B 41 23.11 6.35 7.44
N GLY B 42 22.31 5.34 7.79
CA GLY B 42 22.11 4.99 9.20
C GLY B 42 21.00 5.83 9.82
N HIS B 43 20.00 6.16 9.01
CA HIS B 43 18.89 6.97 9.48
C HIS B 43 18.06 6.21 10.52
N LYS B 44 17.14 6.94 11.16
CA LYS B 44 16.27 6.34 12.17
C LYS B 44 15.00 7.18 12.33
N THR B 45 14.69 7.98 11.31
CA THR B 45 13.50 8.83 11.32
C THR B 45 12.75 8.78 9.99
N CYS B 46 11.51 9.26 10.01
CA CYS B 46 10.69 9.29 8.80
C CYS B 46 10.58 10.74 8.30
N PRO B 47 11.21 11.08 7.18
CA PRO B 47 11.17 12.48 6.66
C PRO B 47 9.80 12.92 6.15
N LYS B 48 9.07 12.00 5.52
CA LYS B 48 7.75 12.35 4.99
C LYS B 48 6.80 12.76 6.11
N THR B 49 6.80 11.98 7.19
CA THR B 49 5.92 12.28 8.31
C THR B 49 6.62 13.21 9.32
N GLN B 50 7.94 13.28 9.22
CA GLN B 50 8.76 14.13 10.09
C GLN B 50 8.75 13.67 11.54
N GLN B 51 8.79 12.36 11.76
CA GLN B 51 8.80 11.83 13.12
C GLN B 51 9.83 10.70 13.27
N PRO B 52 10.37 10.50 14.44
CA PRO B 52 11.38 9.43 14.70
C PRO B 52 10.76 8.04 14.76
N LEU B 53 11.56 7.03 14.43
CA LEU B 53 11.10 5.66 14.47
C LEU B 53 11.82 4.89 15.58
N SER B 54 13.13 5.09 15.66
CA SER B 54 13.94 4.43 16.68
C SER B 54 14.03 2.91 16.43
N HIS B 55 13.53 2.46 15.28
CA HIS B 55 13.57 1.04 14.94
C HIS B 55 13.62 0.85 13.43
N THR B 56 13.92 -0.36 12.99
CA THR B 56 14.00 -0.65 11.56
C THR B 56 12.84 -1.54 11.13
N SER B 57 12.39 -1.37 9.90
CA SER B 57 11.30 -2.17 9.36
C SER B 57 11.34 -2.16 7.84
N LEU B 58 10.69 -3.14 7.22
CA LEU B 58 10.67 -3.22 5.77
C LEU B 58 9.46 -3.99 5.25
N THR B 59 8.61 -3.30 4.50
CA THR B 59 7.42 -3.93 3.93
C THR B 59 7.44 -3.72 2.41
N PRO B 60 7.14 -4.74 1.61
CA PRO B 60 7.18 -4.61 0.12
C PRO B 60 5.83 -4.15 -0.43
N ASN B 61 5.84 -3.59 -1.64
CA ASN B 61 4.59 -3.13 -2.23
C ASN B 61 3.63 -4.31 -2.38
N PHE B 62 2.34 -4.05 -2.24
CA PHE B 62 1.33 -5.10 -2.34
C PHE B 62 0.27 -4.78 -3.42
N VAL B 63 -0.86 -4.21 -3.01
CA VAL B 63 -1.93 -3.85 -3.95
C VAL B 63 -1.44 -2.84 -4.98
N LEU B 64 -0.37 -2.13 -4.65
CA LEU B 64 0.17 -1.11 -5.55
C LEU B 64 0.56 -1.76 -6.88
N LYS B 65 1.13 -2.94 -6.80
CA LYS B 65 1.52 -3.66 -8.00
C LYS B 65 0.29 -3.96 -8.85
N SER B 66 -0.78 -4.39 -8.19
CA SER B 66 -2.03 -4.71 -8.88
C SER B 66 -2.62 -3.47 -9.55
N LEU B 67 -2.59 -2.34 -8.86
CA LEU B 67 -3.14 -1.11 -9.41
C LEU B 67 -2.30 -0.67 -10.62
N ILE B 68 -1.00 -0.78 -10.51
CA ILE B 68 -0.11 -0.42 -11.60
C ILE B 68 -0.39 -1.27 -12.83
N SER B 69 -0.53 -2.57 -12.62
CA SER B 69 -0.78 -3.49 -13.72
C SER B 69 -2.05 -3.12 -14.48
N GLN B 70 -3.14 -2.88 -13.76
CA GLN B 70 -4.39 -2.52 -14.41
C GLN B 70 -4.24 -1.20 -15.16
N TRP B 71 -3.57 -0.25 -14.52
CA TRP B 71 -3.36 1.06 -15.12
C TRP B 71 -2.55 0.98 -16.41
N CYS B 72 -1.45 0.25 -16.35
CA CYS B 72 -0.57 0.11 -17.50
C CYS B 72 -1.23 -0.69 -18.62
N GLU B 73 -2.05 -1.67 -18.26
CA GLU B 73 -2.74 -2.48 -19.27
C GLU B 73 -3.74 -1.63 -20.04
N ALA B 74 -4.43 -0.74 -19.34
CA ALA B 74 -5.41 0.14 -19.99
C ALA B 74 -4.71 1.00 -21.01
N ASN B 75 -3.53 1.51 -20.65
CA ASN B 75 -2.76 2.34 -21.55
C ASN B 75 -1.93 1.49 -22.52
N GLY B 76 -1.84 0.19 -22.24
CA GLY B 76 -1.05 -0.71 -23.09
C GLY B 76 0.43 -0.38 -23.01
N ILE B 77 0.85 0.12 -21.85
CA ILE B 77 2.24 0.49 -21.63
C ILE B 77 2.96 -0.54 -20.77
N GLU B 78 4.16 -0.94 -21.19
CA GLU B 78 4.92 -1.91 -20.41
C GLU B 78 5.36 -1.30 -19.09
N LEU B 79 5.60 -2.14 -18.09
CA LEU B 79 6.02 -1.66 -16.78
C LEU B 79 7.34 -0.88 -16.91
N PRO B 80 7.59 0.06 -16.03
CA PRO B 80 8.84 0.87 -16.07
C PRO B 80 10.09 0.01 -15.94
N GLY A 1 -23.66 0.79 -12.90
CA GLY A 1 -22.19 0.79 -13.14
C GLY A 1 -21.76 -0.57 -13.68
N ALA A 2 -21.65 -0.67 -15.00
CA ALA A 2 -21.24 -1.93 -15.63
C ALA A 2 -19.84 -2.32 -15.18
N MET A 3 -18.97 -1.32 -15.04
CA MET A 3 -17.59 -1.58 -14.63
C MET A 3 -17.56 -2.18 -13.22
N ILE A 4 -16.83 -3.28 -13.09
CA ILE A 4 -16.71 -3.96 -11.80
C ILE A 4 -15.64 -3.31 -10.94
N ILE A 5 -15.89 -3.21 -9.65
CA ILE A 5 -14.93 -2.58 -8.74
C ILE A 5 -13.65 -3.44 -8.64
N PRO A 6 -12.48 -2.85 -8.76
CA PRO A 6 -11.19 -3.61 -8.66
C PRO A 6 -11.11 -4.44 -7.37
N ASP A 7 -10.61 -5.66 -7.48
CA ASP A 7 -10.49 -6.55 -6.32
C ASP A 7 -9.55 -5.97 -5.27
N GLU A 8 -8.67 -5.08 -5.69
CA GLU A 8 -7.73 -4.46 -4.77
C GLU A 8 -8.49 -3.70 -3.68
N PHE A 9 -9.60 -3.08 -4.06
CA PHE A 9 -10.40 -2.33 -3.11
C PHE A 9 -11.29 -3.25 -2.27
N ARG A 10 -11.22 -4.56 -2.51
CA ARG A 10 -12.01 -5.52 -1.75
C ARG A 10 -11.08 -6.59 -1.15
N CYS A 11 -11.32 -6.97 0.10
CA CYS A 11 -10.46 -7.99 0.73
C CYS A 11 -10.94 -9.41 0.41
N PRO A 12 -10.06 -10.37 0.29
CA PRO A 12 -10.44 -11.80 0.00
C PRO A 12 -11.33 -12.42 1.08
N ILE A 13 -10.99 -12.16 2.35
CA ILE A 13 -11.73 -12.74 3.47
C ILE A 13 -13.18 -12.27 3.50
N SER A 14 -13.39 -10.97 3.42
CA SER A 14 -14.74 -10.40 3.44
C SER A 14 -15.38 -10.46 2.07
N LEU A 15 -14.58 -10.19 1.05
CA LEU A 15 -15.05 -10.17 -0.32
C LEU A 15 -15.92 -8.93 -0.55
N GLU A 16 -15.60 -7.88 0.20
CA GLU A 16 -16.34 -6.63 0.11
C GLU A 16 -15.36 -5.44 0.18
N LEU A 17 -15.86 -4.25 -0.14
CA LEU A 17 -15.04 -3.05 -0.11
C LEU A 17 -14.45 -2.88 1.29
N MET A 18 -13.20 -2.39 1.36
CA MET A 18 -12.55 -2.21 2.65
C MET A 18 -12.92 -0.87 3.29
N GLN A 19 -13.82 -0.92 4.26
CA GLN A 19 -14.23 0.29 4.96
C GLN A 19 -13.05 0.87 5.75
N ASP A 20 -12.30 -0.01 6.40
CA ASP A 20 -11.16 0.38 7.21
C ASP A 20 -9.93 -0.46 6.84
N PRO A 21 -9.33 -0.18 5.71
CA PRO A 21 -8.14 -0.95 5.21
C PRO A 21 -6.85 -0.70 6.01
N VAL A 22 -6.16 -1.79 6.32
CA VAL A 22 -4.88 -1.73 7.04
C VAL A 22 -3.91 -2.76 6.45
N ILE A 23 -2.61 -2.58 6.72
CA ILE A 23 -1.62 -3.52 6.19
C ILE A 23 -0.74 -4.08 7.32
N VAL A 24 -0.55 -5.40 7.27
CA VAL A 24 0.24 -6.11 8.28
C VAL A 24 1.74 -6.00 7.97
N SER A 25 2.60 -6.38 8.92
CA SER A 25 4.04 -6.29 8.72
C SER A 25 4.47 -7.06 7.47
N SER A 26 3.67 -8.03 7.05
CA SER A 26 3.98 -8.82 5.88
C SER A 26 3.57 -8.11 4.58
N GLY A 27 3.01 -6.90 4.71
CA GLY A 27 2.56 -6.14 3.55
C GLY A 27 1.24 -6.67 3.02
N GLN A 28 0.52 -7.41 3.85
CA GLN A 28 -0.76 -7.97 3.45
C GLN A 28 -1.88 -7.03 3.87
N THR A 29 -2.89 -6.86 3.03
CA THR A 29 -4.00 -5.97 3.35
C THR A 29 -5.20 -6.72 3.91
N TYR A 30 -5.72 -6.23 5.03
CA TYR A 30 -6.88 -6.84 5.66
C TYR A 30 -7.80 -5.77 6.24
N GLU A 31 -9.07 -6.11 6.38
CA GLU A 31 -10.04 -5.18 6.97
C GLU A 31 -9.80 -5.10 8.47
N ARG A 32 -10.07 -3.94 9.06
CA ARG A 32 -9.86 -3.76 10.48
C ARG A 32 -10.63 -4.82 11.25
N SER A 33 -11.86 -5.08 10.82
CA SER A 33 -12.69 -6.10 11.47
C SER A 33 -12.03 -7.47 11.36
N CYS A 34 -11.44 -7.74 10.19
CA CYS A 34 -10.77 -9.03 9.98
C CYS A 34 -9.59 -9.19 10.92
N ILE A 35 -8.84 -8.12 11.13
CA ILE A 35 -7.68 -8.18 12.03
C ILE A 35 -8.12 -8.54 13.44
N GLN A 36 -9.22 -7.95 13.90
CA GLN A 36 -9.70 -8.26 15.24
C GLN A 36 -10.04 -9.74 15.35
N LYS A 37 -10.67 -10.28 14.31
CA LYS A 37 -11.01 -11.71 14.31
C LYS A 37 -9.72 -12.52 14.32
N TRP A 38 -8.74 -12.05 13.56
CA TRP A 38 -7.45 -12.72 13.44
C TRP A 38 -6.75 -12.76 14.81
N LEU A 39 -6.73 -11.63 15.49
CA LEU A 39 -6.11 -11.54 16.81
C LEU A 39 -6.88 -12.40 17.81
N ASP A 40 -8.20 -12.33 17.73
CA ASP A 40 -9.06 -13.10 18.61
C ASP A 40 -8.83 -14.59 18.39
N SER A 41 -8.60 -14.96 17.14
CA SER A 41 -8.36 -16.35 16.80
C SER A 41 -7.08 -16.85 17.46
N GLY A 42 -6.22 -15.91 17.87
CA GLY A 42 -4.97 -16.27 18.51
C GLY A 42 -3.85 -16.51 17.50
N HIS A 43 -4.06 -16.06 16.26
CA HIS A 43 -3.05 -16.25 15.23
C HIS A 43 -1.97 -15.17 15.34
N LYS A 44 -0.71 -15.60 15.39
CA LYS A 44 0.41 -14.67 15.49
C LYS A 44 1.17 -14.58 14.17
N THR A 45 0.60 -15.11 13.10
CA THR A 45 1.26 -15.07 11.81
C THR A 45 0.28 -14.80 10.68
N CYS A 46 0.83 -14.38 9.54
CA CYS A 46 0.02 -14.09 8.37
C CYS A 46 -0.37 -15.40 7.68
N PRO A 47 -1.64 -15.68 7.51
CA PRO A 47 -2.08 -16.98 6.89
C PRO A 47 -1.84 -17.04 5.38
N LYS A 48 -1.97 -15.90 4.70
CA LYS A 48 -1.78 -15.86 3.25
C LYS A 48 -0.32 -16.09 2.85
N THR A 49 0.61 -15.51 3.60
CA THR A 49 2.03 -15.66 3.26
C THR A 49 2.74 -16.62 4.21
N GLN A 50 2.18 -16.79 5.40
CA GLN A 50 2.76 -17.68 6.42
C GLN A 50 3.98 -17.05 7.07
N GLN A 51 3.87 -15.75 7.39
CA GLN A 51 4.97 -15.03 8.02
C GLN A 51 4.60 -14.65 9.47
N PRO A 52 5.39 -15.00 10.46
CA PRO A 52 5.08 -14.67 11.88
C PRO A 52 5.25 -13.18 12.19
N LEU A 53 4.54 -12.71 13.20
CA LEU A 53 4.61 -11.30 13.60
C LEU A 53 5.42 -11.15 14.88
N SER A 54 6.67 -10.72 14.74
CA SER A 54 7.53 -10.51 15.90
C SER A 54 6.95 -9.41 16.78
N HIS A 55 6.44 -8.36 16.14
CA HIS A 55 5.88 -7.23 16.86
C HIS A 55 4.60 -6.73 16.18
N THR A 56 3.91 -5.79 16.84
CA THR A 56 2.68 -5.23 16.31
C THR A 56 2.95 -4.35 15.10
N SER A 57 1.91 -4.02 14.35
CA SER A 57 2.06 -3.18 13.15
C SER A 57 1.38 -1.83 13.32
N LEU A 58 1.93 -0.83 12.64
CA LEU A 58 1.38 0.52 12.69
C LEU A 58 1.41 1.16 11.30
N THR A 59 0.75 0.49 10.35
CA THR A 59 0.72 0.99 8.98
C THR A 59 -0.72 1.03 8.44
N PRO A 60 -1.44 2.10 8.67
CA PRO A 60 -2.83 2.23 8.18
C PRO A 60 -2.81 2.53 6.68
N ASN A 61 -3.92 2.30 5.98
CA ASN A 61 -3.95 2.57 4.54
C ASN A 61 -3.31 3.92 4.21
N PHE A 62 -2.37 3.91 3.27
CA PHE A 62 -1.67 5.13 2.87
C PHE A 62 -2.01 5.58 1.44
N VAL A 63 -1.17 5.23 0.47
CA VAL A 63 -1.39 5.63 -0.92
C VAL A 63 -2.71 5.08 -1.45
N LEU A 64 -3.01 3.83 -1.09
CA LEU A 64 -4.25 3.21 -1.56
C LEU A 64 -5.42 4.15 -1.35
N LYS A 65 -5.37 4.92 -0.27
CA LYS A 65 -6.44 5.86 0.02
C LYS A 65 -6.60 6.87 -1.12
N SER A 66 -5.48 7.41 -1.59
CA SER A 66 -5.53 8.39 -2.67
C SER A 66 -6.08 7.75 -3.95
N LEU A 67 -5.69 6.51 -4.21
CA LEU A 67 -6.16 5.81 -5.39
C LEU A 67 -7.66 5.58 -5.31
N ILE A 68 -8.14 5.25 -4.10
CA ILE A 68 -9.56 5.02 -3.90
C ILE A 68 -10.37 6.27 -4.22
N SER A 69 -9.90 7.40 -3.73
CA SER A 69 -10.59 8.67 -3.95
C SER A 69 -10.70 8.96 -5.44
N GLN A 70 -9.61 8.75 -6.17
CA GLN A 70 -9.61 9.00 -7.61
C GLN A 70 -10.54 8.01 -8.29
N TRP A 71 -10.52 6.76 -7.81
CA TRP A 71 -11.37 5.73 -8.36
C TRP A 71 -12.84 6.09 -8.19
N CYS A 72 -13.17 6.57 -7.00
CA CYS A 72 -14.53 6.95 -6.67
C CYS A 72 -15.01 8.07 -7.59
N GLU A 73 -14.15 9.04 -7.84
CA GLU A 73 -14.52 10.16 -8.70
C GLU A 73 -14.80 9.68 -10.12
N ALA A 74 -13.99 8.74 -10.61
CA ALA A 74 -14.15 8.23 -11.97
C ALA A 74 -15.52 7.60 -12.16
N ASN A 75 -15.96 6.82 -11.18
CA ASN A 75 -17.26 6.18 -11.26
C ASN A 75 -18.33 7.04 -10.58
N GLY A 76 -17.90 8.14 -9.96
CA GLY A 76 -18.83 9.03 -9.27
C GLY A 76 -19.49 8.33 -8.08
N ILE A 77 -18.79 7.37 -7.48
CA ILE A 77 -19.35 6.64 -6.33
C ILE A 77 -18.51 6.84 -5.08
N GLU A 78 -19.14 7.34 -4.03
CA GLU A 78 -18.43 7.58 -2.77
C GLU A 78 -18.00 6.26 -2.13
N LEU A 79 -16.89 6.32 -1.38
CA LEU A 79 -16.39 5.12 -0.71
C LEU A 79 -17.29 4.78 0.47
N PRO A 80 -17.20 3.58 0.98
CA PRO A 80 -18.04 3.14 2.12
C PRO A 80 -17.46 3.55 3.47
N GLY B 1 -6.15 13.10 -22.36
CA GLY B 1 -7.23 13.25 -21.36
C GLY B 1 -6.95 12.36 -20.16
N ALA B 2 -6.32 12.91 -19.13
CA ALA B 2 -6.00 12.15 -17.94
C ALA B 2 -5.23 10.88 -18.31
N MET B 3 -4.41 10.98 -19.35
CA MET B 3 -3.62 9.84 -19.81
C MET B 3 -2.21 9.89 -19.25
N ILE B 4 -2.01 10.65 -18.18
CA ILE B 4 -0.70 10.77 -17.56
C ILE B 4 -0.66 10.01 -16.24
N ILE B 5 0.47 9.39 -15.93
CA ILE B 5 0.59 8.62 -14.70
C ILE B 5 0.36 9.53 -13.48
N PRO B 6 -0.47 9.14 -12.54
CA PRO B 6 -0.74 9.97 -11.32
C PRO B 6 0.45 9.97 -10.35
N ASP B 7 0.49 10.98 -9.48
CA ASP B 7 1.57 11.11 -8.50
C ASP B 7 1.66 9.89 -7.58
N GLU B 8 0.57 9.14 -7.51
CA GLU B 8 0.54 7.95 -6.66
C GLU B 8 1.64 6.96 -7.03
N PHE B 9 1.95 6.86 -8.32
CA PHE B 9 2.98 5.92 -8.77
C PHE B 9 4.33 6.63 -8.94
N ARG B 10 4.43 7.87 -8.46
CA ARG B 10 5.66 8.63 -8.56
C ARG B 10 6.13 9.09 -7.18
N CYS B 11 7.40 8.87 -6.87
CA CYS B 11 7.93 9.28 -5.58
C CYS B 11 8.02 10.81 -5.52
N PRO B 12 7.61 11.44 -4.43
CA PRO B 12 7.68 12.91 -4.30
C PRO B 12 9.13 13.42 -4.21
N ILE B 13 10.01 12.57 -3.71
CA ILE B 13 11.41 12.95 -3.55
C ILE B 13 12.22 12.70 -4.84
N SER B 14 11.94 11.60 -5.51
CA SER B 14 12.68 11.28 -6.74
C SER B 14 12.02 11.88 -7.99
N LEU B 15 10.77 12.30 -7.87
CA LEU B 15 10.08 12.90 -9.01
C LEU B 15 10.14 11.97 -10.22
N GLU B 16 10.31 10.68 -9.95
CA GLU B 16 10.40 9.69 -11.02
C GLU B 16 9.47 8.51 -10.76
N LEU B 17 9.17 7.77 -11.83
CA LEU B 17 8.29 6.62 -11.73
C LEU B 17 8.94 5.53 -10.89
N MET B 18 8.14 4.80 -10.14
CA MET B 18 8.66 3.75 -9.28
C MET B 18 8.77 2.40 -9.99
N GLN B 19 9.85 1.70 -9.69
CA GLN B 19 10.09 0.38 -10.27
C GLN B 19 10.14 -0.68 -9.16
N ASP B 20 10.64 -0.27 -8.00
CA ASP B 20 10.73 -1.18 -6.86
C ASP B 20 10.34 -0.45 -5.58
N PRO B 21 9.10 -0.08 -5.45
CA PRO B 21 8.58 0.64 -4.25
C PRO B 21 8.47 -0.24 -3.01
N VAL B 22 8.78 0.36 -1.86
CA VAL B 22 8.71 -0.36 -0.59
C VAL B 22 8.02 0.50 0.48
N ILE B 23 7.50 -0.16 1.51
CA ILE B 23 6.81 0.54 2.59
C ILE B 23 7.67 0.60 3.85
N VAL B 24 7.68 1.77 4.49
CA VAL B 24 8.44 1.98 5.72
C VAL B 24 7.52 1.71 6.92
N SER B 25 8.09 1.60 8.12
CA SER B 25 7.27 1.33 9.31
C SER B 25 6.20 2.40 9.48
N SER B 26 6.43 3.58 8.91
CA SER B 26 5.47 4.67 8.99
C SER B 26 4.34 4.51 7.96
N GLY B 27 4.39 3.43 7.19
CA GLY B 27 3.38 3.17 6.16
C GLY B 27 3.58 4.10 4.96
N GLN B 28 4.76 4.66 4.85
CA GLN B 28 5.05 5.54 3.73
C GLN B 28 5.78 4.75 2.64
N THR B 29 5.46 5.04 1.39
CA THR B 29 6.06 4.31 0.28
C THR B 29 7.17 5.12 -0.38
N TYR B 30 8.34 4.51 -0.48
CA TYR B 30 9.50 5.16 -1.10
C TYR B 30 10.23 4.18 -2.02
N GLU B 31 10.97 4.71 -2.98
CA GLU B 31 11.74 3.87 -3.90
C GLU B 31 12.77 3.06 -3.12
N ARG B 32 13.03 1.84 -3.55
CA ARG B 32 14.01 0.98 -2.86
C ARG B 32 15.36 1.67 -2.79
N SER B 33 15.78 2.24 -3.92
CA SER B 33 17.08 2.89 -3.99
C SER B 33 17.17 4.06 -3.02
N CYS B 34 16.09 4.84 -2.92
CA CYS B 34 16.07 6.00 -2.03
C CYS B 34 16.25 5.56 -0.58
N ILE B 35 15.54 4.51 -0.20
CA ILE B 35 15.63 4.00 1.18
C ILE B 35 17.04 3.51 1.48
N GLN B 36 17.63 2.79 0.54
CA GLN B 36 18.98 2.26 0.74
C GLN B 36 19.97 3.40 0.98
N LYS B 37 19.85 4.46 0.19
CA LYS B 37 20.75 5.60 0.36
C LYS B 37 20.48 6.30 1.70
N TRP B 38 19.21 6.41 2.06
CA TRP B 38 18.84 7.05 3.32
C TRP B 38 19.45 6.26 4.48
N LEU B 39 19.34 4.95 4.40
CA LEU B 39 19.90 4.07 5.42
C LEU B 39 21.41 4.21 5.42
N ASP B 40 21.97 4.31 4.23
CA ASP B 40 23.42 4.44 4.06
C ASP B 40 23.92 5.72 4.72
N SER B 41 23.17 6.80 4.56
CA SER B 41 23.55 8.08 5.14
C SER B 41 23.55 7.99 6.67
N GLY B 42 22.87 6.98 7.21
CA GLY B 42 22.82 6.81 8.65
C GLY B 42 21.54 7.41 9.25
N HIS B 43 20.60 7.80 8.39
CA HIS B 43 19.36 8.37 8.89
C HIS B 43 18.30 7.30 9.07
N LYS B 44 17.72 7.25 10.26
CA LYS B 44 16.68 6.28 10.57
C LYS B 44 15.42 6.99 11.00
N THR B 45 14.95 7.90 10.16
CA THR B 45 13.74 8.67 10.45
C THR B 45 12.87 8.79 9.22
N CYS B 46 11.68 9.36 9.42
CA CYS B 46 10.75 9.56 8.32
C CYS B 46 10.55 11.06 8.12
N PRO B 47 11.36 11.68 7.28
CA PRO B 47 11.28 13.16 7.02
C PRO B 47 9.89 13.65 6.59
N LYS B 48 9.20 12.84 5.80
CA LYS B 48 7.87 13.24 5.32
C LYS B 48 6.87 13.43 6.46
N THR B 49 6.92 12.57 7.47
CA THR B 49 5.99 12.67 8.60
C THR B 49 6.67 13.23 9.86
N GLN B 50 8.00 13.32 9.81
CA GLN B 50 8.81 13.81 10.93
C GLN B 50 8.77 12.85 12.11
N GLN B 51 8.83 11.54 11.82
CA GLN B 51 8.78 10.53 12.87
C GLN B 51 10.05 9.68 12.90
N PRO B 52 10.61 9.38 14.05
CA PRO B 52 11.82 8.52 14.15
C PRO B 52 11.45 7.04 14.04
N LEU B 53 12.39 6.19 13.66
CA LEU B 53 12.10 4.77 13.54
C LEU B 53 12.42 4.05 14.84
N SER B 54 11.37 3.76 15.61
CA SER B 54 11.54 3.05 16.88
C SER B 54 12.00 1.62 16.61
N HIS B 55 11.76 1.14 15.40
CA HIS B 55 12.15 -0.22 15.03
C HIS B 55 12.47 -0.27 13.54
N THR B 56 13.16 -1.33 13.13
CA THR B 56 13.51 -1.47 11.72
C THR B 56 12.64 -2.52 11.04
N SER B 57 11.93 -2.10 10.00
CA SER B 57 11.05 -3.01 9.28
C SER B 57 10.88 -2.56 7.83
N LEU B 58 10.96 -3.51 6.91
CA LEU B 58 10.82 -3.19 5.49
C LEU B 58 9.86 -4.16 4.82
N THR B 59 8.81 -3.62 4.22
CA THR B 59 7.84 -4.46 3.52
C THR B 59 7.82 -4.07 2.04
N PRO B 60 7.57 -4.99 1.14
CA PRO B 60 7.54 -4.68 -0.32
C PRO B 60 6.15 -4.23 -0.74
N ASN B 61 6.06 -3.44 -1.81
CA ASN B 61 4.75 -3.00 -2.27
C ASN B 61 3.85 -4.22 -2.46
N PHE B 62 2.57 -4.06 -2.18
CA PHE B 62 1.63 -5.17 -2.28
C PHE B 62 0.53 -4.90 -3.31
N VAL B 63 -0.63 -4.41 -2.88
CA VAL B 63 -1.74 -4.14 -3.80
C VAL B 63 -1.35 -3.10 -4.83
N LEU B 64 -0.28 -2.35 -4.55
CA LEU B 64 0.17 -1.32 -5.47
C LEU B 64 0.53 -1.93 -6.82
N LYS B 65 1.21 -3.08 -6.79
CA LYS B 65 1.62 -3.73 -8.02
C LYS B 65 0.39 -4.10 -8.85
N SER B 66 -0.62 -4.64 -8.19
CA SER B 66 -1.85 -5.03 -8.88
C SER B 66 -2.52 -3.81 -9.51
N LEU B 67 -2.53 -2.70 -8.77
CA LEU B 67 -3.14 -1.48 -9.25
C LEU B 67 -2.39 -0.97 -10.49
N ILE B 68 -1.06 -1.11 -10.48
CA ILE B 68 -0.26 -0.67 -11.61
C ILE B 68 -0.65 -1.41 -12.88
N SER B 69 -0.81 -2.72 -12.78
CA SER B 69 -1.18 -3.52 -13.94
C SER B 69 -2.52 -3.06 -14.51
N GLN B 70 -3.48 -2.79 -13.63
CA GLN B 70 -4.79 -2.33 -14.07
C GLN B 70 -4.65 -0.98 -14.77
N TRP B 71 -3.80 -0.14 -14.20
CA TRP B 71 -3.56 1.18 -14.77
C TRP B 71 -2.95 1.05 -16.17
N CYS B 72 -1.98 0.15 -16.30
CA CYS B 72 -1.29 -0.05 -17.58
C CYS B 72 -2.22 -0.52 -18.68
N GLU B 73 -3.08 -1.48 -18.39
CA GLU B 73 -3.98 -1.98 -19.43
C GLU B 73 -5.06 -0.95 -19.75
N ALA B 74 -5.43 -0.15 -18.75
CA ALA B 74 -6.45 0.86 -18.96
C ALA B 74 -5.97 1.84 -20.02
N ASN B 75 -4.69 2.19 -19.97
CA ASN B 75 -4.11 3.09 -20.95
C ASN B 75 -3.39 2.32 -22.04
N GLY B 76 -3.30 0.99 -21.89
CA GLY B 76 -2.62 0.16 -22.89
C GLY B 76 -1.12 0.45 -22.91
N ILE B 77 -0.56 0.88 -21.78
CA ILE B 77 0.86 1.19 -21.70
C ILE B 77 1.54 0.38 -20.61
N GLU B 78 2.63 -0.29 -20.97
CA GLU B 78 3.37 -1.09 -19.99
C GLU B 78 3.77 -0.25 -18.79
N LEU B 79 3.98 -0.90 -17.65
CA LEU B 79 4.34 -0.20 -16.43
C LEU B 79 5.73 0.41 -16.57
N PRO B 80 6.04 1.43 -15.80
CA PRO B 80 7.37 2.12 -15.85
C PRO B 80 8.53 1.15 -16.03
N GLY A 1 -20.32 -2.89 -21.47
CA GLY A 1 -19.36 -3.75 -20.71
C GLY A 1 -19.60 -3.57 -19.22
N ALA A 2 -19.72 -4.70 -18.51
CA ALA A 2 -19.95 -4.66 -17.07
C ALA A 2 -18.75 -4.05 -16.34
N MET A 3 -19.02 -3.29 -15.29
CA MET A 3 -17.95 -2.66 -14.53
C MET A 3 -17.87 -3.30 -13.13
N ILE A 4 -16.68 -3.77 -12.78
CA ILE A 4 -16.47 -4.39 -11.48
C ILE A 4 -15.37 -3.67 -10.71
N ILE A 5 -15.61 -3.42 -9.44
CA ILE A 5 -14.63 -2.73 -8.61
C ILE A 5 -13.40 -3.62 -8.42
N PRO A 6 -12.20 -3.05 -8.43
CA PRO A 6 -10.95 -3.85 -8.24
C PRO A 6 -10.95 -4.67 -6.95
N ASP A 7 -10.33 -5.84 -7.02
CA ASP A 7 -10.25 -6.73 -5.88
C ASP A 7 -9.46 -6.09 -4.74
N GLU A 8 -8.51 -5.22 -5.09
CA GLU A 8 -7.68 -4.56 -4.09
C GLU A 8 -8.53 -3.73 -3.14
N PHE A 9 -9.49 -2.99 -3.68
CA PHE A 9 -10.36 -2.16 -2.86
C PHE A 9 -11.32 -3.02 -2.06
N ARG A 10 -11.82 -4.08 -2.70
CA ARG A 10 -12.74 -4.99 -2.03
C ARG A 10 -11.98 -5.89 -1.07
N CYS A 11 -12.60 -6.26 0.04
CA CYS A 11 -11.94 -7.10 1.03
C CYS A 11 -11.69 -8.50 0.45
N PRO A 12 -10.45 -8.95 0.34
CA PRO A 12 -10.15 -10.31 -0.19
C PRO A 12 -10.80 -11.42 0.64
N ILE A 13 -10.81 -11.23 1.96
CA ILE A 13 -11.38 -12.24 2.84
C ILE A 13 -12.90 -12.33 2.69
N SER A 14 -13.57 -11.19 2.66
CA SER A 14 -15.03 -11.20 2.51
C SER A 14 -15.45 -10.87 1.08
N LEU A 15 -15.47 -9.57 0.75
CA LEU A 15 -15.84 -9.07 -0.59
C LEU A 15 -16.29 -7.61 -0.50
N GLU A 16 -16.82 -7.22 0.66
CA GLU A 16 -17.30 -5.86 0.86
C GLU A 16 -16.16 -4.85 0.77
N LEU A 17 -16.48 -3.61 0.45
CA LEU A 17 -15.48 -2.56 0.32
C LEU A 17 -14.81 -2.27 1.65
N MET A 18 -13.50 -2.00 1.61
CA MET A 18 -12.74 -1.69 2.82
C MET A 18 -13.11 -0.31 3.35
N GLN A 19 -13.29 -0.22 4.67
CA GLN A 19 -13.61 1.06 5.29
C GLN A 19 -12.40 1.59 6.04
N ASP A 20 -11.73 0.69 6.75
CA ASP A 20 -10.54 1.04 7.52
C ASP A 20 -9.41 0.06 7.20
N PRO A 21 -8.89 0.13 6.02
CA PRO A 21 -7.80 -0.78 5.56
C PRO A 21 -6.44 -0.49 6.20
N VAL A 22 -5.73 -1.57 6.55
CA VAL A 22 -4.41 -1.46 7.14
C VAL A 22 -3.52 -2.56 6.57
N ILE A 23 -2.19 -2.38 6.66
CA ILE A 23 -1.29 -3.40 6.15
C ILE A 23 -0.57 -4.10 7.30
N VAL A 24 -0.38 -5.40 7.15
CA VAL A 24 0.31 -6.19 8.17
C VAL A 24 1.81 -6.11 7.91
N SER A 25 2.64 -6.60 8.84
CA SER A 25 4.08 -6.54 8.66
C SER A 25 4.49 -7.29 7.39
N SER A 26 3.69 -8.28 7.02
CA SER A 26 3.96 -9.07 5.82
C SER A 26 3.71 -8.24 4.56
N GLY A 27 2.98 -7.13 4.72
CA GLY A 27 2.66 -6.26 3.59
C GLY A 27 1.30 -6.59 2.97
N GLN A 28 0.53 -7.43 3.65
CA GLN A 28 -0.79 -7.80 3.16
C GLN A 28 -1.82 -6.80 3.68
N THR A 29 -2.91 -6.61 2.95
CA THR A 29 -3.94 -5.65 3.37
C THR A 29 -5.15 -6.34 3.99
N TYR A 30 -5.55 -5.85 5.17
CA TYR A 30 -6.71 -6.41 5.87
C TYR A 30 -7.55 -5.30 6.50
N GLU A 31 -8.81 -5.61 6.74
CA GLU A 31 -9.71 -4.66 7.38
C GLU A 31 -9.39 -4.57 8.87
N ARG A 32 -9.54 -3.39 9.45
CA ARG A 32 -9.24 -3.22 10.87
C ARG A 32 -10.09 -4.15 11.71
N SER A 33 -11.38 -4.24 11.39
CA SER A 33 -12.28 -5.11 12.12
C SER A 33 -11.85 -6.56 11.98
N CYS A 34 -11.49 -6.95 10.76
CA CYS A 34 -11.05 -8.31 10.49
C CYS A 34 -9.81 -8.66 11.30
N ILE A 35 -8.84 -7.75 11.29
CA ILE A 35 -7.59 -7.96 12.02
C ILE A 35 -7.86 -8.12 13.51
N GLN A 36 -8.76 -7.30 14.05
CA GLN A 36 -9.08 -7.37 15.46
C GLN A 36 -9.63 -8.76 15.82
N LYS A 37 -10.55 -9.25 15.00
CA LYS A 37 -11.13 -10.57 15.22
C LYS A 37 -10.05 -11.65 15.04
N TRP A 38 -9.20 -11.44 14.05
CA TRP A 38 -8.12 -12.37 13.74
C TRP A 38 -7.19 -12.48 14.96
N LEU A 39 -6.87 -11.34 15.55
CA LEU A 39 -6.02 -11.29 16.73
C LEU A 39 -6.73 -11.99 17.89
N ASP A 40 -8.03 -11.77 17.99
CA ASP A 40 -8.84 -12.40 19.04
C ASP A 40 -8.75 -13.91 18.92
N SER A 41 -8.75 -14.38 17.68
CA SER A 41 -8.67 -15.82 17.41
C SER A 41 -7.32 -16.37 17.87
N GLY A 42 -6.37 -15.48 18.16
CA GLY A 42 -5.05 -15.93 18.62
C GLY A 42 -4.18 -16.36 17.44
N HIS A 43 -4.45 -15.82 16.26
CA HIS A 43 -3.68 -16.19 15.08
C HIS A 43 -2.22 -15.80 15.26
N LYS A 44 -1.32 -16.53 14.60
CA LYS A 44 0.10 -16.23 14.69
C LYS A 44 0.79 -16.28 13.32
N THR A 45 -0.01 -16.40 12.25
CA THR A 45 0.56 -16.46 10.90
C THR A 45 -0.28 -15.66 9.91
N CYS A 46 0.31 -15.39 8.74
CA CYS A 46 -0.40 -14.68 7.69
C CYS A 46 -1.07 -15.70 6.77
N PRO A 47 -2.38 -15.81 6.77
CA PRO A 47 -3.09 -16.81 5.91
C PRO A 47 -3.04 -16.50 4.42
N LYS A 48 -3.01 -15.20 4.09
CA LYS A 48 -2.97 -14.80 2.68
C LYS A 48 -1.71 -15.33 1.99
N THR A 49 -0.57 -15.17 2.66
CA THR A 49 0.71 -15.62 2.08
C THR A 49 1.11 -16.99 2.64
N GLN A 50 0.51 -17.37 3.77
CA GLN A 50 0.81 -18.64 4.43
C GLN A 50 2.22 -18.62 5.02
N GLN A 51 2.54 -17.52 5.69
CA GLN A 51 3.86 -17.35 6.32
C GLN A 51 3.73 -17.04 7.80
N PRO A 52 4.80 -17.21 8.55
CA PRO A 52 4.79 -16.92 10.02
C PRO A 52 4.71 -15.42 10.31
N LEU A 53 4.10 -15.08 11.44
CA LEU A 53 3.96 -13.68 11.84
C LEU A 53 4.34 -13.51 13.30
N SER A 54 5.28 -12.61 13.58
CA SER A 54 5.72 -12.39 14.95
C SER A 54 5.84 -10.90 15.27
N HIS A 55 6.46 -10.15 14.37
CA HIS A 55 6.65 -8.71 14.58
C HIS A 55 5.47 -7.91 14.04
N THR A 56 5.07 -6.89 14.80
CA THR A 56 3.99 -6.01 14.38
C THR A 56 4.50 -4.59 14.22
N SER A 57 3.82 -3.78 13.43
CA SER A 57 4.25 -2.40 13.21
C SER A 57 3.08 -1.51 12.84
N LEU A 58 3.30 -0.20 12.90
CA LEU A 58 2.27 0.77 12.56
C LEU A 58 2.36 1.15 11.09
N THR A 59 1.49 0.56 10.29
CA THR A 59 1.47 0.82 8.85
C THR A 59 0.04 0.85 8.32
N PRO A 60 -0.72 1.86 8.67
CA PRO A 60 -2.14 2.02 8.23
C PRO A 60 -2.20 2.46 6.77
N ASN A 61 -3.35 2.28 6.12
CA ASN A 61 -3.51 2.66 4.71
C ASN A 61 -2.76 3.95 4.38
N PHE A 62 -1.83 3.84 3.44
CA PHE A 62 -1.02 5.00 3.02
C PHE A 62 -1.40 5.44 1.60
N VAL A 63 -0.66 4.99 0.59
CA VAL A 63 -0.95 5.38 -0.79
C VAL A 63 -2.35 4.92 -1.16
N LEU A 64 -2.71 3.74 -0.68
CA LEU A 64 -4.01 3.14 -0.96
C LEU A 64 -5.12 4.18 -0.84
N LYS A 65 -5.03 5.07 0.14
CA LYS A 65 -6.06 6.08 0.32
C LYS A 65 -6.16 6.99 -0.90
N SER A 66 -5.01 7.42 -1.42
CA SER A 66 -4.99 8.30 -2.57
C SER A 66 -5.56 7.62 -3.82
N LEU A 67 -5.21 6.36 -4.02
CA LEU A 67 -5.71 5.63 -5.18
C LEU A 67 -7.21 5.46 -5.12
N ILE A 68 -7.73 5.21 -3.91
CA ILE A 68 -9.16 5.03 -3.73
C ILE A 68 -9.92 6.29 -4.14
N SER A 69 -9.43 7.44 -3.69
CA SER A 69 -10.09 8.70 -4.00
C SER A 69 -10.14 8.95 -5.50
N GLN A 70 -9.03 8.72 -6.19
CA GLN A 70 -8.98 8.94 -7.63
C GLN A 70 -9.96 7.99 -8.33
N TRP A 71 -9.96 6.74 -7.88
CA TRP A 71 -10.85 5.75 -8.46
C TRP A 71 -12.30 6.14 -8.27
N CYS A 72 -12.62 6.55 -7.06
CA CYS A 72 -13.99 6.95 -6.72
C CYS A 72 -14.45 8.15 -7.52
N GLU A 73 -13.58 9.14 -7.68
CA GLU A 73 -13.94 10.35 -8.42
C GLU A 73 -14.21 10.03 -9.89
N ALA A 74 -13.39 9.15 -10.45
CA ALA A 74 -13.56 8.77 -11.85
C ALA A 74 -14.92 8.12 -12.07
N ASN A 75 -15.31 7.27 -11.12
CA ASN A 75 -16.59 6.59 -11.22
C ASN A 75 -17.70 7.45 -10.62
N GLY A 76 -17.32 8.53 -9.93
CA GLY A 76 -18.31 9.43 -9.33
C GLY A 76 -19.08 8.72 -8.21
N ILE A 77 -18.41 7.80 -7.51
CA ILE A 77 -19.04 7.07 -6.43
C ILE A 77 -18.45 7.45 -5.08
N GLU A 78 -19.32 7.75 -4.13
CA GLU A 78 -18.86 8.14 -2.79
C GLU A 78 -18.07 7.01 -2.15
N LEU A 79 -17.26 7.35 -1.15
CA LEU A 79 -16.44 6.37 -0.46
C LEU A 79 -17.34 5.32 0.21
N PRO A 80 -16.84 4.12 0.41
CA PRO A 80 -17.63 3.03 1.03
C PRO A 80 -18.21 3.43 2.39
N GLY B 1 -9.23 4.85 -18.55
CA GLY B 1 -7.96 5.17 -17.84
C GLY B 1 -7.84 6.68 -17.68
N ALA B 2 -6.64 7.20 -17.87
CA ALA B 2 -6.41 8.64 -17.74
C ALA B 2 -5.26 9.09 -18.64
N MET B 3 -5.34 10.33 -19.11
CA MET B 3 -4.31 10.87 -19.99
C MET B 3 -2.98 10.93 -19.25
N ILE B 4 -3.03 11.30 -17.98
CA ILE B 4 -1.82 11.40 -17.17
C ILE B 4 -1.76 10.28 -16.14
N ILE B 5 -0.56 9.78 -15.87
CA ILE B 5 -0.39 8.69 -14.92
C ILE B 5 -0.58 9.21 -13.49
N PRO B 6 -1.24 8.48 -12.61
CA PRO B 6 -1.44 8.92 -11.19
C PRO B 6 -0.12 9.22 -10.48
N ASP B 7 -0.12 10.27 -9.66
CA ASP B 7 1.06 10.66 -8.91
C ASP B 7 1.45 9.57 -7.90
N GLU B 8 0.49 8.73 -7.55
CA GLU B 8 0.73 7.65 -6.59
C GLU B 8 1.82 6.72 -7.12
N PHE B 9 1.83 6.50 -8.43
CA PHE B 9 2.82 5.63 -9.03
C PHE B 9 4.14 6.39 -9.25
N ARG B 10 4.18 7.66 -8.87
CA ARG B 10 5.37 8.47 -9.00
C ARG B 10 5.85 8.90 -7.63
N CYS B 11 7.14 8.81 -7.38
CA CYS B 11 7.68 9.20 -6.08
C CYS B 11 7.60 10.71 -5.92
N PRO B 12 7.43 11.22 -4.73
CA PRO B 12 7.32 12.70 -4.49
C PRO B 12 8.66 13.42 -4.69
N ILE B 13 9.72 12.83 -4.16
CA ILE B 13 11.05 13.43 -4.27
C ILE B 13 11.49 13.54 -5.73
N SER B 14 11.35 12.45 -6.47
CA SER B 14 11.77 12.43 -7.88
C SER B 14 10.64 12.86 -8.81
N LEU B 15 9.40 12.81 -8.32
CA LEU B 15 8.24 13.19 -9.13
C LEU B 15 8.19 12.36 -10.41
N GLU B 16 8.91 11.25 -10.44
CA GLU B 16 8.93 10.38 -11.61
C GLU B 16 8.49 8.96 -11.25
N LEU B 17 8.16 8.18 -12.29
CA LEU B 17 7.72 6.81 -12.09
C LEU B 17 8.76 6.02 -11.31
N MET B 18 8.29 5.31 -10.28
CA MET B 18 9.18 4.51 -9.45
C MET B 18 9.45 3.15 -10.10
N GLN B 19 10.69 2.68 -10.00
CA GLN B 19 11.05 1.40 -10.57
C GLN B 19 11.23 0.36 -9.47
N ASP B 20 11.77 0.80 -8.34
CA ASP B 20 12.01 -0.09 -7.21
C ASP B 20 11.49 0.55 -5.93
N PRO B 21 10.19 0.67 -5.80
CA PRO B 21 9.55 1.29 -4.62
C PRO B 21 9.51 0.36 -3.39
N VAL B 22 9.70 0.97 -2.22
CA VAL B 22 9.67 0.22 -0.96
C VAL B 22 8.92 1.06 0.08
N ILE B 23 8.41 0.41 1.13
CA ILE B 23 7.69 1.16 2.15
C ILE B 23 8.48 1.18 3.45
N VAL B 24 8.51 2.36 4.07
CA VAL B 24 9.21 2.55 5.33
C VAL B 24 8.33 2.02 6.46
N SER B 25 8.86 1.93 7.67
CA SER B 25 8.07 1.44 8.78
C SER B 25 6.86 2.33 9.00
N SER B 26 6.98 3.59 8.57
CA SER B 26 5.90 4.56 8.71
C SER B 26 4.81 4.34 7.64
N GLY B 27 5.05 3.41 6.71
CA GLY B 27 4.07 3.12 5.66
C GLY B 27 4.22 4.07 4.47
N GLN B 28 5.23 4.93 4.50
CA GLN B 28 5.44 5.87 3.39
C GLN B 28 6.26 5.18 2.30
N THR B 29 6.05 5.59 1.04
CA THR B 29 6.76 4.97 -0.08
C THR B 29 8.01 5.76 -0.47
N TYR B 30 9.13 5.05 -0.61
CA TYR B 30 10.39 5.68 -1.00
C TYR B 30 11.16 4.80 -1.98
N GLU B 31 12.02 5.43 -2.76
CA GLU B 31 12.84 4.69 -3.72
C GLU B 31 13.91 3.89 -2.98
N ARG B 32 14.26 2.73 -3.53
CA ARG B 32 15.26 1.88 -2.90
C ARG B 32 16.57 2.64 -2.74
N SER B 33 16.98 3.33 -3.79
CA SER B 33 18.22 4.10 -3.73
C SER B 33 18.10 5.23 -2.71
N CYS B 34 16.95 5.89 -2.69
CA CYS B 34 16.71 7.00 -1.77
C CYS B 34 16.80 6.57 -0.30
N ILE B 35 16.11 5.50 0.06
CA ILE B 35 16.12 5.05 1.45
C ILE B 35 17.51 4.61 1.86
N GLN B 36 18.24 4.01 0.93
CA GLN B 36 19.59 3.56 1.22
C GLN B 36 20.47 4.77 1.51
N LYS B 37 20.29 5.82 0.71
CA LYS B 37 21.06 7.05 0.90
C LYS B 37 20.74 7.68 2.24
N TRP B 38 19.46 7.64 2.60
CA TRP B 38 19.00 8.20 3.86
C TRP B 38 19.69 7.51 5.03
N LEU B 39 19.75 6.18 4.97
CA LEU B 39 20.41 5.41 6.01
C LEU B 39 21.90 5.73 6.03
N ASP B 40 22.48 5.87 4.85
CA ASP B 40 23.90 6.19 4.73
C ASP B 40 24.19 7.52 5.40
N SER B 41 23.28 8.47 5.24
CA SER B 41 23.44 9.78 5.84
C SER B 41 23.45 9.68 7.36
N GLY B 42 22.96 8.55 7.89
CA GLY B 42 22.93 8.35 9.32
C GLY B 42 21.56 8.67 9.91
N HIS B 43 20.58 8.92 9.06
CA HIS B 43 19.25 9.22 9.55
C HIS B 43 18.47 7.94 9.77
N LYS B 44 17.85 7.83 10.95
CA LYS B 44 17.08 6.63 11.29
C LYS B 44 15.62 6.97 11.51
N THR B 45 15.09 7.87 10.68
CA THR B 45 13.69 8.27 10.80
C THR B 45 13.09 8.64 9.46
N CYS B 46 11.79 8.84 9.47
CA CYS B 46 11.07 9.25 8.27
C CYS B 46 10.86 10.77 8.36
N PRO B 47 11.57 11.57 7.59
CA PRO B 47 11.43 13.05 7.66
C PRO B 47 10.10 13.57 7.13
N LYS B 48 9.49 12.80 6.23
CA LYS B 48 8.22 13.19 5.65
C LYS B 48 7.12 13.28 6.71
N THR B 49 7.09 12.31 7.61
CA THR B 49 6.07 12.30 8.66
C THR B 49 6.66 12.58 10.04
N GLN B 50 7.98 12.48 10.15
CA GLN B 50 8.70 12.71 11.41
C GLN B 50 8.47 11.54 12.36
N GLN B 51 8.62 10.33 11.82
CA GLN B 51 8.43 9.11 12.60
C GLN B 51 9.74 8.31 12.69
N PRO B 52 10.19 7.90 13.86
CA PRO B 52 11.44 7.12 13.98
C PRO B 52 11.29 5.70 13.43
N LEU B 53 12.40 5.09 13.04
CA LEU B 53 12.35 3.73 12.50
C LEU B 53 12.33 2.70 13.62
N SER B 54 11.13 2.28 14.00
CA SER B 54 10.96 1.29 15.05
C SER B 54 11.61 -0.04 14.65
N HIS B 55 11.41 -0.41 13.39
CA HIS B 55 11.96 -1.66 12.88
C HIS B 55 12.27 -1.55 11.39
N THR B 56 12.91 -2.57 10.84
CA THR B 56 13.26 -2.56 9.43
C THR B 56 12.01 -2.56 8.56
N SER B 57 12.20 -2.31 7.27
CA SER B 57 11.06 -2.23 6.35
C SER B 57 10.21 -3.51 6.38
N LEU B 58 10.81 -4.64 6.01
CA LEU B 58 10.08 -5.90 5.98
C LEU B 58 8.76 -5.75 5.21
N THR B 59 8.72 -4.77 4.30
CA THR B 59 7.53 -4.50 3.49
C THR B 59 7.96 -3.84 2.17
N PRO B 60 8.25 -4.61 1.14
CA PRO B 60 8.69 -4.06 -0.16
C PRO B 60 7.54 -3.46 -0.97
N ASN B 61 6.69 -4.32 -1.51
CA ASN B 61 5.55 -3.88 -2.28
C ASN B 61 4.39 -4.85 -2.12
N PHE B 62 3.18 -4.37 -2.38
CA PHE B 62 2.00 -5.22 -2.23
C PHE B 62 0.80 -4.68 -3.03
N VAL B 63 -0.03 -3.85 -2.39
CA VAL B 63 -1.20 -3.28 -3.04
C VAL B 63 -0.78 -2.43 -4.22
N LEU B 64 0.33 -1.71 -4.07
CA LEU B 64 0.80 -0.85 -5.14
C LEU B 64 1.06 -1.68 -6.39
N LYS B 65 1.64 -2.87 -6.20
CA LYS B 65 1.91 -3.75 -7.32
C LYS B 65 0.61 -4.16 -8.01
N SER B 66 -0.38 -4.53 -7.21
CA SER B 66 -1.68 -4.95 -7.75
C SER B 66 -2.38 -3.82 -8.49
N LEU B 67 -2.35 -2.63 -7.92
CA LEU B 67 -2.98 -1.47 -8.56
C LEU B 67 -2.27 -1.15 -9.86
N ILE B 68 -0.94 -1.21 -9.83
CA ILE B 68 -0.13 -0.94 -11.01
C ILE B 68 -0.44 -1.94 -12.12
N SER B 69 -0.52 -3.21 -11.76
CA SER B 69 -0.81 -4.26 -12.74
C SER B 69 -2.15 -4.01 -13.42
N GLN B 70 -3.16 -3.68 -12.62
CA GLN B 70 -4.49 -3.41 -13.16
C GLN B 70 -4.45 -2.16 -14.04
N TRP B 71 -3.69 -1.17 -13.58
CA TRP B 71 -3.55 0.08 -14.31
C TRP B 71 -2.92 -0.17 -15.68
N CYS B 72 -1.85 -0.98 -15.68
CA CYS B 72 -1.13 -1.29 -16.91
C CYS B 72 -1.99 -2.01 -17.93
N GLU B 73 -2.76 -3.00 -17.49
CA GLU B 73 -3.61 -3.73 -18.43
C GLU B 73 -4.76 -2.86 -18.92
N ALA B 74 -5.22 -1.97 -18.06
CA ALA B 74 -6.32 -1.07 -18.42
C ALA B 74 -5.92 -0.22 -19.61
N ASN B 75 -4.68 0.25 -19.60
CA ASN B 75 -4.17 1.07 -20.69
C ASN B 75 -3.36 0.21 -21.67
N GLY B 76 -3.16 -1.06 -21.34
CA GLY B 76 -2.39 -1.95 -22.20
C GLY B 76 -0.93 -1.51 -22.28
N ILE B 77 -0.42 -0.91 -21.20
CA ILE B 77 0.95 -0.42 -21.18
C ILE B 77 1.74 -1.10 -20.07
N GLU B 78 2.86 -1.74 -20.42
CA GLU B 78 3.68 -2.40 -19.41
C GLU B 78 4.06 -1.40 -18.32
N LEU B 79 4.24 -1.90 -17.10
CA LEU B 79 4.57 -1.03 -15.98
C LEU B 79 5.97 -0.43 -16.16
N PRO B 80 6.26 0.67 -15.49
CA PRO B 80 7.58 1.34 -15.59
C PRO B 80 8.74 0.38 -15.34
N GLY A 1 -15.32 3.20 -18.42
CA GLY A 1 -14.77 1.95 -19.04
C GLY A 1 -15.06 0.75 -18.16
N ALA A 2 -14.71 0.85 -16.87
CA ALA A 2 -14.95 -0.25 -15.93
C ALA A 2 -16.02 0.13 -14.92
N MET A 3 -17.01 -0.75 -14.76
CA MET A 3 -18.09 -0.51 -13.80
C MET A 3 -18.01 -1.47 -12.62
N ILE A 4 -16.87 -2.15 -12.48
CA ILE A 4 -16.68 -3.10 -11.40
C ILE A 4 -15.46 -2.77 -10.55
N ILE A 5 -15.65 -2.81 -9.24
CA ILE A 5 -14.58 -2.52 -8.29
C ILE A 5 -13.48 -3.59 -8.37
N PRO A 6 -12.22 -3.23 -8.43
CA PRO A 6 -11.10 -4.21 -8.48
C PRO A 6 -10.93 -4.94 -7.15
N ASP A 7 -10.32 -6.12 -7.21
CA ASP A 7 -10.10 -6.94 -6.03
C ASP A 7 -9.17 -6.25 -5.02
N GLU A 8 -8.37 -5.30 -5.50
CA GLU A 8 -7.44 -4.59 -4.62
C GLU A 8 -8.18 -3.81 -3.54
N PHE A 9 -9.44 -3.46 -3.80
CA PHE A 9 -10.23 -2.70 -2.84
C PHE A 9 -11.11 -3.61 -1.97
N ARG A 10 -10.87 -4.92 -2.05
CA ARG A 10 -11.64 -5.87 -1.25
C ARG A 10 -10.69 -6.76 -0.46
N CYS A 11 -11.00 -7.01 0.81
CA CYS A 11 -10.14 -7.86 1.61
C CYS A 11 -10.17 -9.29 1.06
N PRO A 12 -9.04 -9.95 0.94
CA PRO A 12 -9.03 -11.35 0.41
C PRO A 12 -9.95 -12.26 1.24
N ILE A 13 -10.07 -11.94 2.53
CA ILE A 13 -10.90 -12.73 3.42
C ILE A 13 -12.37 -12.31 3.41
N SER A 14 -12.64 -11.03 3.66
CA SER A 14 -14.03 -10.56 3.71
C SER A 14 -14.65 -10.59 2.31
N LEU A 15 -13.80 -10.53 1.29
CA LEU A 15 -14.28 -10.52 -0.09
C LEU A 15 -15.20 -9.33 -0.34
N GLU A 16 -15.15 -8.36 0.56
CA GLU A 16 -15.98 -7.16 0.44
C GLU A 16 -15.11 -5.90 0.57
N LEU A 17 -15.71 -4.76 0.24
CA LEU A 17 -14.99 -3.49 0.32
C LEU A 17 -14.35 -3.31 1.69
N MET A 18 -13.10 -2.84 1.69
CA MET A 18 -12.38 -2.62 2.93
C MET A 18 -12.58 -1.19 3.42
N GLN A 19 -13.42 -1.01 4.43
CA GLN A 19 -13.68 0.32 4.96
C GLN A 19 -12.44 0.89 5.62
N ASP A 20 -11.77 0.05 6.42
CA ASP A 20 -10.57 0.46 7.13
C ASP A 20 -9.45 -0.57 6.95
N PRO A 21 -8.88 -0.64 5.78
CA PRO A 21 -7.78 -1.60 5.48
C PRO A 21 -6.47 -1.25 6.19
N VAL A 22 -5.73 -2.28 6.59
CA VAL A 22 -4.46 -2.09 7.28
C VAL A 22 -3.39 -3.02 6.72
N ILE A 23 -2.13 -2.68 6.99
CA ILE A 23 -1.00 -3.48 6.52
C ILE A 23 -0.26 -4.11 7.69
N VAL A 24 0.10 -5.38 7.52
CA VAL A 24 0.83 -6.11 8.54
C VAL A 24 2.34 -6.00 8.28
N SER A 25 3.17 -6.64 9.09
CA SER A 25 4.62 -6.54 8.91
C SER A 25 5.09 -7.03 7.54
N SER A 26 4.46 -8.09 7.04
CA SER A 26 4.82 -8.66 5.75
C SER A 26 4.19 -7.90 4.58
N GLY A 27 3.49 -6.79 4.87
CA GLY A 27 2.86 -6.00 3.80
C GLY A 27 1.57 -6.64 3.31
N GLN A 28 0.99 -7.52 4.12
CA GLN A 28 -0.28 -8.14 3.74
C GLN A 28 -1.42 -7.17 4.01
N THR A 29 -2.50 -7.28 3.25
CA THR A 29 -3.64 -6.38 3.43
C THR A 29 -4.81 -7.09 4.12
N TYR A 30 -5.21 -6.56 5.27
CA TYR A 30 -6.33 -7.14 6.01
C TYR A 30 -7.29 -6.05 6.48
N GLU A 31 -8.56 -6.41 6.56
CA GLU A 31 -9.57 -5.47 7.03
C GLU A 31 -9.44 -5.27 8.53
N ARG A 32 -9.71 -4.06 9.01
CA ARG A 32 -9.60 -3.77 10.44
C ARG A 32 -10.47 -4.72 11.24
N SER A 33 -11.69 -4.91 10.79
CA SER A 33 -12.63 -5.81 11.48
C SER A 33 -12.08 -7.24 11.49
N CYS A 34 -11.54 -7.66 10.35
CA CYS A 34 -10.98 -9.01 10.23
C CYS A 34 -9.80 -9.19 11.18
N ILE A 35 -8.96 -8.18 11.29
CA ILE A 35 -7.80 -8.24 12.17
C ILE A 35 -8.23 -8.43 13.62
N GLN A 36 -9.26 -7.70 14.03
CA GLN A 36 -9.75 -7.82 15.39
C GLN A 36 -10.20 -9.23 15.68
N LYS A 37 -10.95 -9.82 14.74
CA LYS A 37 -11.41 -11.18 14.91
C LYS A 37 -10.22 -12.15 14.98
N TRP A 38 -9.21 -11.91 14.15
CA TRP A 38 -8.03 -12.76 14.11
C TRP A 38 -7.32 -12.71 15.46
N LEU A 39 -7.16 -11.49 15.97
CA LEU A 39 -6.52 -11.29 17.27
C LEU A 39 -7.35 -11.94 18.37
N ASP A 40 -8.67 -11.77 18.28
CA ASP A 40 -9.57 -12.34 19.27
C ASP A 40 -9.44 -13.86 19.29
N SER A 41 -9.26 -14.45 18.12
CA SER A 41 -9.12 -15.90 18.01
C SER A 41 -7.86 -16.36 18.75
N GLY A 42 -6.91 -15.46 18.89
CA GLY A 42 -5.66 -15.80 19.56
C GLY A 42 -4.55 -16.08 18.55
N HIS A 43 -4.80 -15.77 17.28
CA HIS A 43 -3.81 -16.00 16.24
C HIS A 43 -2.98 -14.75 15.99
N LYS A 44 -1.65 -14.91 16.00
CA LYS A 44 -0.75 -13.79 15.77
C LYS A 44 0.22 -14.15 14.65
N THR A 45 -0.31 -14.54 13.50
CA THR A 45 0.52 -14.91 12.37
C THR A 45 -0.01 -14.35 11.06
N CYS A 46 0.79 -14.50 10.02
CA CYS A 46 0.41 -14.04 8.69
C CYS A 46 0.08 -15.28 7.84
N PRO A 47 -1.19 -15.62 7.68
CA PRO A 47 -1.60 -16.84 6.92
C PRO A 47 -1.25 -16.81 5.42
N LYS A 48 -1.23 -15.62 4.83
CA LYS A 48 -0.93 -15.52 3.41
C LYS A 48 0.51 -15.91 3.09
N THR A 49 1.46 -15.54 3.95
CA THR A 49 2.87 -15.84 3.70
C THR A 49 3.44 -16.86 4.69
N GLN A 50 2.69 -17.11 5.77
CA GLN A 50 3.12 -18.04 6.83
C GLN A 50 4.23 -17.41 7.66
N GLN A 51 4.05 -16.14 8.01
CA GLN A 51 5.03 -15.41 8.81
C GLN A 51 4.47 -15.09 10.20
N PRO A 52 5.14 -15.48 11.27
CA PRO A 52 4.65 -15.18 12.64
C PRO A 52 4.75 -13.70 12.98
N LEU A 53 3.87 -13.22 13.84
CA LEU A 53 3.89 -11.82 14.23
C LEU A 53 4.64 -11.62 15.53
N SER A 54 5.84 -11.06 15.43
CA SER A 54 6.66 -10.81 16.60
C SER A 54 6.66 -9.31 16.94
N HIS A 55 5.86 -8.53 16.21
CA HIS A 55 5.80 -7.09 16.46
C HIS A 55 4.35 -6.64 16.58
N THR A 56 4.14 -5.63 17.43
CA THR A 56 2.79 -5.10 17.63
C THR A 56 2.57 -3.82 16.82
N SER A 57 3.55 -3.45 16.00
CA SER A 57 3.44 -2.24 15.18
C SER A 57 2.72 -2.55 13.86
N LEU A 58 1.64 -1.81 13.59
CA LEU A 58 0.88 -2.00 12.37
C LEU A 58 0.76 -0.69 11.60
N THR A 59 0.72 -0.76 10.26
CA THR A 59 0.60 0.46 9.46
C THR A 59 -0.82 0.53 8.87
N PRO A 60 -1.45 1.69 8.84
CA PRO A 60 -2.82 1.84 8.28
C PRO A 60 -2.75 2.17 6.79
N ASN A 61 -3.87 2.10 6.09
CA ASN A 61 -3.87 2.43 4.67
C ASN A 61 -3.19 3.79 4.46
N PHE A 62 -2.46 3.93 3.35
CA PHE A 62 -1.76 5.17 3.07
C PHE A 62 -2.09 5.70 1.65
N VAL A 63 -1.24 5.38 0.66
CA VAL A 63 -1.49 5.84 -0.71
C VAL A 63 -2.76 5.22 -1.28
N LEU A 64 -3.21 4.14 -0.66
CA LEU A 64 -4.41 3.46 -1.12
C LEU A 64 -5.61 4.40 -1.01
N LYS A 65 -5.61 5.23 0.03
CA LYS A 65 -6.70 6.17 0.24
C LYS A 65 -6.87 7.10 -0.97
N SER A 66 -5.75 7.64 -1.45
CA SER A 66 -5.77 8.54 -2.60
C SER A 66 -6.28 7.83 -3.85
N LEU A 67 -5.81 6.60 -4.07
CA LEU A 67 -6.23 5.85 -5.25
C LEU A 67 -7.72 5.54 -5.18
N ILE A 68 -8.18 5.16 -4.00
CA ILE A 68 -9.59 4.85 -3.83
C ILE A 68 -10.45 6.08 -4.13
N SER A 69 -10.01 7.23 -3.63
CA SER A 69 -10.74 8.47 -3.85
C SER A 69 -10.85 8.78 -5.35
N GLN A 70 -9.75 8.59 -6.08
CA GLN A 70 -9.79 8.87 -7.51
C GLN A 70 -10.65 7.84 -8.23
N TRP A 71 -10.67 6.62 -7.72
CA TRP A 71 -11.50 5.56 -8.30
C TRP A 71 -12.96 5.93 -8.15
N CYS A 72 -13.31 6.38 -6.95
CA CYS A 72 -14.67 6.77 -6.63
C CYS A 72 -15.16 7.92 -7.48
N GLU A 73 -14.30 8.91 -7.68
CA GLU A 73 -14.67 10.07 -8.48
C GLU A 73 -14.93 9.69 -9.93
N ALA A 74 -14.10 8.80 -10.47
CA ALA A 74 -14.25 8.37 -11.85
C ALA A 74 -15.59 7.69 -12.08
N ASN A 75 -16.00 6.86 -11.13
CA ASN A 75 -17.25 6.15 -11.23
C ASN A 75 -18.38 6.90 -10.52
N GLY A 76 -18.05 8.03 -9.89
CA GLY A 76 -19.07 8.80 -9.19
C GLY A 76 -19.74 7.98 -8.09
N ILE A 77 -18.97 7.11 -7.42
CA ILE A 77 -19.51 6.27 -6.36
C ILE A 77 -18.95 6.69 -5.00
N GLU A 78 -19.83 6.94 -4.04
CA GLU A 78 -19.40 7.35 -2.71
C GLU A 78 -18.53 6.26 -2.06
N LEU A 79 -17.69 6.68 -1.11
CA LEU A 79 -16.80 5.77 -0.41
C LEU A 79 -17.61 4.83 0.48
N PRO A 80 -17.09 3.66 0.79
CA PRO A 80 -17.79 2.67 1.67
C PRO A 80 -18.20 3.27 3.00
N GLY B 1 -2.69 16.41 -23.29
CA GLY B 1 -2.79 15.20 -22.42
C GLY B 1 -4.09 15.24 -21.62
N ALA B 2 -5.15 14.69 -22.19
CA ALA B 2 -6.45 14.66 -21.52
C ALA B 2 -6.37 13.89 -20.21
N MET B 3 -5.65 12.77 -20.23
CA MET B 3 -5.50 11.94 -19.05
C MET B 3 -4.10 12.11 -18.47
N ILE B 4 -4.04 12.38 -17.17
CA ILE B 4 -2.76 12.55 -16.50
C ILE B 4 -2.53 11.40 -15.52
N ILE B 5 -1.30 10.93 -15.45
CA ILE B 5 -0.98 9.81 -14.57
C ILE B 5 -1.15 10.22 -13.10
N PRO B 6 -1.82 9.43 -12.27
CA PRO B 6 -1.99 9.76 -10.82
C PRO B 6 -0.66 10.02 -10.12
N ASP B 7 -0.65 10.99 -9.21
CA ASP B 7 0.56 11.35 -8.48
C ASP B 7 1.05 10.20 -7.58
N GLU B 8 0.14 9.29 -7.25
CA GLU B 8 0.50 8.17 -6.38
C GLU B 8 1.50 7.25 -7.07
N PHE B 9 1.59 7.32 -8.40
CA PHE B 9 2.51 6.47 -9.14
C PHE B 9 3.84 7.18 -9.41
N ARG B 10 4.03 8.36 -8.82
CA ARG B 10 5.29 9.10 -8.96
C ARG B 10 5.86 9.42 -7.59
N CYS B 11 7.17 9.24 -7.44
CA CYS B 11 7.81 9.51 -6.16
C CYS B 11 7.85 11.02 -5.92
N PRO B 12 7.51 11.50 -4.73
CA PRO B 12 7.53 12.97 -4.45
C PRO B 12 8.94 13.56 -4.52
N ILE B 13 9.95 12.70 -4.36
CA ILE B 13 11.32 13.16 -4.42
C ILE B 13 11.96 12.97 -5.80
N SER B 14 11.63 11.87 -6.47
CA SER B 14 12.21 11.62 -7.80
C SER B 14 11.47 12.40 -8.89
N LEU B 15 10.26 12.88 -8.57
CA LEU B 15 9.48 13.64 -9.55
C LEU B 15 9.26 12.85 -10.83
N GLU B 16 9.32 11.54 -10.71
CA GLU B 16 9.12 10.67 -11.88
C GLU B 16 8.42 9.38 -11.49
N LEU B 17 8.00 8.62 -12.51
CA LEU B 17 7.31 7.36 -12.30
C LEU B 17 8.13 6.38 -11.46
N MET B 18 7.44 5.64 -10.59
CA MET B 18 8.11 4.67 -9.72
C MET B 18 8.06 3.27 -10.34
N GLN B 19 9.23 2.71 -10.62
CA GLN B 19 9.29 1.37 -11.19
C GLN B 19 9.42 0.32 -10.10
N ASP B 20 10.14 0.66 -9.03
CA ASP B 20 10.34 -0.27 -7.93
C ASP B 20 10.05 0.42 -6.59
N PRO B 21 8.80 0.73 -6.34
CA PRO B 21 8.36 1.39 -5.08
C PRO B 21 8.31 0.43 -3.89
N VAL B 22 8.64 0.95 -2.71
CA VAL B 22 8.60 0.14 -1.49
C VAL B 22 7.99 0.96 -0.35
N ILE B 23 7.49 0.28 0.68
CA ILE B 23 6.88 0.98 1.81
C ILE B 23 7.77 0.92 3.05
N VAL B 24 7.81 2.04 3.76
CA VAL B 24 8.58 2.15 4.99
C VAL B 24 7.64 1.97 6.18
N SER B 25 8.16 1.86 7.40
CA SER B 25 7.30 1.68 8.57
C SER B 25 6.25 2.79 8.61
N SER B 26 6.67 4.01 8.23
CA SER B 26 5.75 5.14 8.23
C SER B 26 4.59 4.90 7.25
N GLY B 27 4.84 4.04 6.26
CA GLY B 27 3.83 3.72 5.25
C GLY B 27 3.97 4.56 3.99
N GLN B 28 5.06 5.32 3.90
CA GLN B 28 5.32 6.16 2.74
C GLN B 28 5.98 5.34 1.64
N THR B 29 5.84 5.79 0.39
CA THR B 29 6.42 5.06 -0.74
C THR B 29 7.68 5.74 -1.26
N TYR B 30 8.72 4.94 -1.49
CA TYR B 30 10.00 5.45 -2.00
C TYR B 30 10.62 4.46 -2.97
N GLU B 31 11.54 4.94 -3.79
CA GLU B 31 12.24 4.07 -4.73
C GLU B 31 13.22 3.20 -3.96
N ARG B 32 13.42 1.97 -4.41
CA ARG B 32 14.33 1.09 -3.70
C ARG B 32 15.75 1.66 -3.73
N SER B 33 16.11 2.32 -4.82
CA SER B 33 17.43 2.94 -4.92
C SER B 33 17.60 4.02 -3.86
N CYS B 34 16.57 4.85 -3.74
CA CYS B 34 16.58 5.95 -2.78
C CYS B 34 16.65 5.45 -1.33
N ILE B 35 15.82 4.45 -1.01
CA ILE B 35 15.77 3.93 0.35
C ILE B 35 17.10 3.30 0.74
N GLN B 36 17.78 2.66 -0.20
CA GLN B 36 19.07 2.05 0.11
C GLN B 36 20.09 3.12 0.46
N LYS B 37 20.09 4.21 -0.30
CA LYS B 37 21.02 5.30 -0.05
C LYS B 37 20.73 5.90 1.32
N TRP B 38 19.44 6.08 1.60
CA TRP B 38 19.00 6.63 2.87
C TRP B 38 19.43 5.70 4.01
N LEU B 39 19.22 4.40 3.81
CA LEU B 39 19.62 3.41 4.81
C LEU B 39 21.13 3.41 5.00
N ASP B 40 21.85 3.60 3.90
CA ASP B 40 23.31 3.64 3.94
C ASP B 40 23.78 4.74 4.88
N SER B 41 23.05 5.86 4.86
CA SER B 41 23.39 7.00 5.69
C SER B 41 23.30 6.64 7.18
N GLY B 42 22.52 5.61 7.49
CA GLY B 42 22.36 5.20 8.88
C GLY B 42 21.30 6.04 9.58
N HIS B 43 20.35 6.54 8.80
CA HIS B 43 19.28 7.36 9.33
C HIS B 43 18.43 6.56 10.32
N LYS B 44 17.72 7.27 11.20
CA LYS B 44 16.89 6.61 12.19
C LYS B 44 15.46 7.18 12.19
N THR B 45 15.12 7.93 11.14
CA THR B 45 13.78 8.52 11.05
C THR B 45 13.36 8.73 9.59
N CYS B 46 12.10 9.12 9.42
CA CYS B 46 11.56 9.39 8.10
C CYS B 46 11.61 10.91 7.88
N PRO B 47 12.42 11.40 6.97
CA PRO B 47 12.57 12.88 6.73
C PRO B 47 11.32 13.52 6.09
N LYS B 48 10.57 12.75 5.31
CA LYS B 48 9.39 13.28 4.65
C LYS B 48 8.30 13.67 5.65
N THR B 49 8.07 12.81 6.64
CA THR B 49 7.04 13.07 7.64
C THR B 49 7.65 13.46 8.99
N GLN B 50 8.95 13.23 9.14
CA GLN B 50 9.68 13.53 10.38
C GLN B 50 9.24 12.61 11.50
N GLN B 51 9.16 11.31 11.19
CA GLN B 51 8.75 10.33 12.18
C GLN B 51 9.92 9.36 12.49
N PRO B 52 10.30 9.19 13.73
CA PRO B 52 11.42 8.27 14.10
C PRO B 52 11.05 6.79 13.88
N LEU B 53 12.05 5.96 13.64
CA LEU B 53 11.81 4.54 13.40
C LEU B 53 12.36 3.67 14.52
N SER B 54 11.49 2.83 15.09
CA SER B 54 11.89 1.93 16.16
C SER B 54 11.49 0.49 15.85
N HIS B 55 10.57 0.32 14.90
CA HIS B 55 10.10 -1.01 14.51
C HIS B 55 10.67 -1.45 13.17
N THR B 56 10.75 -0.51 12.22
CA THR B 56 11.28 -0.82 10.89
C THR B 56 10.60 -2.08 10.35
N SER B 57 9.44 -1.90 9.72
CA SER B 57 8.69 -3.03 9.18
C SER B 57 9.38 -3.63 7.95
N LEU B 58 9.02 -4.86 7.62
CA LEU B 58 9.60 -5.55 6.47
C LEU B 58 8.78 -5.32 5.21
N THR B 59 7.56 -4.78 5.38
CA THR B 59 6.66 -4.53 4.26
C THR B 59 7.42 -4.02 3.01
N PRO B 60 7.46 -4.76 1.91
CA PRO B 60 8.13 -4.32 0.67
C PRO B 60 7.13 -3.61 -0.27
N ASN B 61 6.30 -4.40 -0.97
CA ASN B 61 5.27 -3.87 -1.87
C ASN B 61 4.08 -4.83 -1.90
N PHE B 62 2.92 -4.38 -2.39
CA PHE B 62 1.76 -5.26 -2.41
C PHE B 62 0.66 -4.77 -3.39
N VAL B 63 -0.38 -4.12 -2.86
CA VAL B 63 -1.49 -3.65 -3.67
C VAL B 63 -1.04 -2.67 -4.74
N LEU B 64 -0.09 -1.82 -4.42
CA LEU B 64 0.38 -0.85 -5.38
C LEU B 64 0.90 -1.55 -6.63
N LYS B 65 1.60 -2.66 -6.43
CA LYS B 65 2.12 -3.42 -7.55
C LYS B 65 0.96 -3.89 -8.42
N SER B 66 -0.08 -4.40 -7.76
CA SER B 66 -1.26 -4.89 -8.47
C SER B 66 -1.97 -3.76 -9.23
N LEU B 67 -2.15 -2.63 -8.58
CA LEU B 67 -2.82 -1.48 -9.20
C LEU B 67 -2.03 -0.96 -10.39
N ILE B 68 -0.71 -0.95 -10.28
CA ILE B 68 0.12 -0.48 -11.38
C ILE B 68 -0.11 -1.32 -12.63
N SER B 69 -0.11 -2.63 -12.46
CA SER B 69 -0.33 -3.52 -13.59
C SER B 69 -1.69 -3.27 -14.23
N GLN B 70 -2.72 -3.15 -13.41
CA GLN B 70 -4.06 -2.91 -13.92
C GLN B 70 -4.13 -1.56 -14.64
N TRP B 71 -3.50 -0.55 -14.04
CA TRP B 71 -3.48 0.78 -14.62
C TRP B 71 -2.77 0.76 -15.97
N CYS B 72 -1.62 0.10 -16.00
CA CYS B 72 -0.82 -0.02 -17.21
C CYS B 72 -1.57 -0.75 -18.30
N GLU B 73 -2.22 -1.84 -17.95
CA GLU B 73 -2.97 -2.63 -18.94
C GLU B 73 -4.11 -1.82 -19.54
N ALA B 74 -4.77 -1.04 -18.71
CA ALA B 74 -5.90 -0.23 -19.17
C ALA B 74 -5.45 0.74 -20.24
N ASN B 75 -4.30 1.36 -20.03
CA ASN B 75 -3.77 2.30 -20.98
C ASN B 75 -2.86 1.60 -21.99
N GLY B 76 -2.58 0.32 -21.75
CA GLY B 76 -1.73 -0.43 -22.66
C GLY B 76 -0.30 0.13 -22.68
N ILE B 77 0.16 0.67 -21.55
CA ILE B 77 1.50 1.25 -21.48
C ILE B 77 2.40 0.42 -20.57
N GLU B 78 3.57 0.05 -21.07
CA GLU B 78 4.52 -0.76 -20.31
C GLU B 78 5.06 0.01 -19.11
N LEU B 79 5.73 -0.71 -18.21
CA LEU B 79 6.29 -0.07 -17.01
C LEU B 79 7.26 1.05 -17.40
N PRO B 80 7.43 2.03 -16.55
CA PRO B 80 8.33 3.19 -16.83
C PRO B 80 9.73 2.73 -17.28
N GLY A 1 -22.49 2.65 -18.30
CA GLY A 1 -23.33 2.58 -17.06
C GLY A 1 -22.42 2.36 -15.85
N ALA A 2 -21.98 1.11 -15.68
CA ALA A 2 -21.10 0.78 -14.56
C ALA A 2 -20.17 -0.36 -14.92
N MET A 3 -19.03 -0.44 -14.25
CA MET A 3 -18.06 -1.49 -14.52
C MET A 3 -17.67 -2.20 -13.22
N ILE A 4 -17.34 -3.48 -13.32
CA ILE A 4 -16.96 -4.26 -12.15
C ILE A 4 -15.82 -3.58 -11.39
N ILE A 5 -15.90 -3.62 -10.07
CA ILE A 5 -14.88 -2.98 -9.23
C ILE A 5 -13.61 -3.85 -9.18
N PRO A 6 -12.43 -3.28 -9.31
CA PRO A 6 -11.16 -4.07 -9.26
C PRO A 6 -11.02 -4.88 -7.97
N ASP A 7 -10.43 -6.07 -8.09
CA ASP A 7 -10.23 -6.94 -6.95
C ASP A 7 -9.36 -6.28 -5.89
N GLU A 8 -8.53 -5.33 -6.32
CA GLU A 8 -7.63 -4.64 -5.41
C GLU A 8 -8.40 -3.93 -4.30
N PHE A 9 -9.55 -3.37 -4.65
CA PHE A 9 -10.37 -2.65 -3.68
C PHE A 9 -11.26 -3.59 -2.87
N ARG A 10 -11.14 -4.90 -3.11
CA ARG A 10 -11.93 -5.88 -2.38
C ARG A 10 -11.02 -6.83 -1.61
N CYS A 11 -11.35 -7.09 -0.35
CA CYS A 11 -10.52 -7.98 0.46
C CYS A 11 -10.93 -9.44 0.21
N PRO A 12 -10.01 -10.38 0.32
CA PRO A 12 -10.31 -11.82 0.08
C PRO A 12 -11.12 -12.45 1.21
N ILE A 13 -10.68 -12.25 2.45
CA ILE A 13 -11.38 -12.81 3.59
C ILE A 13 -12.80 -12.26 3.71
N SER A 14 -12.90 -10.93 3.66
CA SER A 14 -14.21 -10.26 3.77
C SER A 14 -15.06 -10.53 2.53
N LEU A 15 -14.41 -10.53 1.37
CA LEU A 15 -15.12 -10.74 0.11
C LEU A 15 -16.01 -9.54 -0.18
N GLU A 16 -15.64 -8.39 0.37
CA GLU A 16 -16.42 -7.17 0.18
C GLU A 16 -15.52 -5.94 0.28
N LEU A 17 -16.12 -4.77 0.11
CA LEU A 17 -15.41 -3.51 0.18
C LEU A 17 -15.24 -3.09 1.64
N MET A 18 -14.13 -2.43 1.96
CA MET A 18 -13.86 -2.00 3.33
C MET A 18 -13.77 -0.47 3.42
N GLN A 19 -14.41 0.08 4.44
CA GLN A 19 -14.41 1.52 4.65
C GLN A 19 -13.00 2.01 5.00
N ASP A 20 -12.32 1.24 5.84
CA ASP A 20 -10.99 1.60 6.28
C ASP A 20 -10.01 0.43 6.11
N PRO A 21 -9.36 0.31 4.97
CA PRO A 21 -8.39 -0.80 4.74
C PRO A 21 -7.22 -0.73 5.72
N VAL A 22 -6.78 -1.88 6.19
CA VAL A 22 -5.68 -1.95 7.15
C VAL A 22 -4.59 -2.88 6.68
N ILE A 23 -3.33 -2.43 6.71
CA ILE A 23 -2.24 -3.28 6.26
C ILE A 23 -1.45 -3.84 7.45
N VAL A 24 -1.09 -5.10 7.33
CA VAL A 24 -0.33 -5.80 8.36
C VAL A 24 1.17 -5.53 8.18
N SER A 25 2.00 -6.01 9.10
CA SER A 25 3.45 -5.80 8.99
C SER A 25 3.96 -6.37 7.67
N SER A 26 3.40 -7.50 7.25
CA SER A 26 3.80 -8.13 6.00
C SER A 26 3.33 -7.29 4.80
N GLY A 27 2.45 -6.33 5.04
CA GLY A 27 1.95 -5.45 3.98
C GLY A 27 0.70 -6.01 3.30
N GLN A 28 0.21 -7.17 3.76
CA GLN A 28 -0.98 -7.75 3.18
C GLN A 28 -2.22 -6.99 3.66
N THR A 29 -3.18 -6.79 2.75
CA THR A 29 -4.39 -6.05 3.08
C THR A 29 -5.36 -6.90 3.91
N TYR A 30 -5.76 -6.37 5.06
CA TYR A 30 -6.71 -7.05 5.94
C TYR A 30 -7.69 -6.07 6.58
N GLU A 31 -8.78 -6.62 7.10
CA GLU A 31 -9.78 -5.81 7.79
C GLU A 31 -9.44 -5.77 9.27
N ARG A 32 -9.71 -4.64 9.91
CA ARG A 32 -9.39 -4.50 11.33
C ARG A 32 -10.14 -5.54 12.16
N SER A 33 -11.41 -5.73 11.87
CA SER A 33 -12.21 -6.71 12.61
C SER A 33 -11.64 -8.12 12.43
N CYS A 34 -11.17 -8.42 11.22
CA CYS A 34 -10.61 -9.74 10.94
C CYS A 34 -9.35 -9.95 11.77
N ILE A 35 -8.52 -8.92 11.86
CA ILE A 35 -7.30 -9.02 12.63
C ILE A 35 -7.59 -9.29 14.10
N GLN A 36 -8.60 -8.60 14.63
CA GLN A 36 -8.96 -8.79 16.03
C GLN A 36 -9.33 -10.25 16.28
N LYS A 37 -10.09 -10.82 15.36
CA LYS A 37 -10.49 -12.23 15.49
C LYS A 37 -9.28 -13.14 15.44
N TRP A 38 -8.35 -12.81 14.54
CA TRP A 38 -7.13 -13.60 14.40
C TRP A 38 -6.31 -13.54 15.68
N LEU A 39 -6.24 -12.34 16.25
CA LEU A 39 -5.51 -12.14 17.49
C LEU A 39 -6.17 -12.91 18.63
N ASP A 40 -7.49 -12.90 18.64
CA ASP A 40 -8.27 -13.58 19.67
C ASP A 40 -8.02 -15.09 19.60
N SER A 41 -7.92 -15.62 18.39
CA SER A 41 -7.69 -17.04 18.22
C SER A 41 -6.31 -17.44 18.75
N GLY A 42 -5.45 -16.45 18.97
CA GLY A 42 -4.12 -16.73 19.50
C GLY A 42 -3.08 -16.85 18.39
N HIS A 43 -3.44 -16.49 17.16
CA HIS A 43 -2.50 -16.57 16.06
C HIS A 43 -1.87 -15.22 15.81
N LYS A 44 -0.54 -15.19 15.73
CA LYS A 44 0.18 -13.95 15.50
C LYS A 44 1.09 -14.10 14.28
N THR A 45 0.49 -14.50 13.17
CA THR A 45 1.24 -14.69 11.93
C THR A 45 0.44 -14.21 10.73
N CYS A 46 1.09 -14.20 9.57
CA CYS A 46 0.44 -13.79 8.34
C CYS A 46 0.17 -15.03 7.50
N PRO A 47 -1.05 -15.53 7.48
CA PRO A 47 -1.38 -16.77 6.70
C PRO A 47 -1.25 -16.61 5.19
N LYS A 48 -1.41 -15.39 4.70
CA LYS A 48 -1.32 -15.15 3.25
C LYS A 48 0.06 -15.51 2.71
N THR A 49 1.11 -15.05 3.40
CA THR A 49 2.48 -15.32 2.95
C THR A 49 3.24 -16.23 3.92
N GLN A 50 2.59 -16.59 5.02
CA GLN A 50 3.20 -17.44 6.05
C GLN A 50 4.37 -16.74 6.71
N GLN A 51 4.18 -15.47 7.05
CA GLN A 51 5.22 -14.68 7.69
C GLN A 51 4.88 -14.43 9.17
N PRO A 52 5.84 -14.52 10.08
CA PRO A 52 5.57 -14.28 11.53
C PRO A 52 5.39 -12.80 11.85
N LEU A 53 4.65 -12.51 12.92
CA LEU A 53 4.42 -11.13 13.32
C LEU A 53 5.13 -10.82 14.64
N SER A 54 5.97 -9.80 14.61
CA SER A 54 6.71 -9.38 15.79
C SER A 54 6.41 -7.92 16.13
N HIS A 55 5.37 -7.36 15.51
CA HIS A 55 5.01 -5.97 15.75
C HIS A 55 3.50 -5.81 15.94
N THR A 56 3.10 -4.77 16.63
CA THR A 56 1.68 -4.50 16.87
C THR A 56 1.04 -3.97 15.59
N SER A 57 -0.29 -3.94 15.55
CA SER A 57 -1.00 -3.45 14.37
C SER A 57 -0.46 -2.09 13.95
N LEU A 58 0.06 -2.01 12.72
CA LEU A 58 0.61 -0.78 12.20
C LEU A 58 0.28 -0.61 10.71
N THR A 59 0.65 0.55 10.16
CA THR A 59 0.38 0.85 8.75
C THR A 59 -1.06 0.52 8.39
N PRO A 60 -1.99 1.38 8.76
CA PRO A 60 -3.43 1.17 8.45
C PRO A 60 -3.75 1.47 6.99
N ASN A 61 -3.79 2.75 6.65
CA ASN A 61 -4.09 3.17 5.28
C ASN A 61 -3.22 4.36 4.89
N PHE A 62 -2.91 4.48 3.60
CA PHE A 62 -2.07 5.58 3.13
C PHE A 62 -2.19 5.79 1.61
N VAL A 63 -1.22 5.28 0.83
CA VAL A 63 -1.26 5.45 -0.62
C VAL A 63 -2.48 4.76 -1.21
N LEU A 64 -2.81 3.60 -0.68
CA LEU A 64 -3.98 2.85 -1.16
C LEU A 64 -5.25 3.68 -1.00
N LYS A 65 -5.38 4.33 0.16
CA LYS A 65 -6.56 5.14 0.41
C LYS A 65 -6.68 6.23 -0.65
N SER A 66 -5.55 6.85 -0.98
CA SER A 66 -5.54 7.91 -1.97
C SER A 66 -6.02 7.37 -3.32
N LEU A 67 -5.52 6.19 -3.68
CA LEU A 67 -5.91 5.56 -4.94
C LEU A 67 -7.39 5.21 -4.95
N ILE A 68 -7.89 4.76 -3.80
CA ILE A 68 -9.30 4.40 -3.69
C ILE A 68 -10.19 5.61 -3.96
N SER A 69 -9.84 6.73 -3.34
CA SER A 69 -10.62 7.94 -3.51
C SER A 69 -10.67 8.38 -4.97
N GLN A 70 -9.54 8.31 -5.66
CA GLN A 70 -9.49 8.71 -7.06
C GLN A 70 -10.39 7.81 -7.90
N TRP A 71 -10.34 6.52 -7.61
CA TRP A 71 -11.17 5.56 -8.34
C TRP A 71 -12.65 5.84 -8.15
N CYS A 72 -13.04 6.05 -6.90
CA CYS A 72 -14.44 6.30 -6.59
C CYS A 72 -14.89 7.66 -7.10
N GLU A 73 -14.00 8.65 -7.08
CA GLU A 73 -14.36 9.97 -7.57
C GLU A 73 -14.61 9.92 -9.08
N ALA A 74 -13.81 9.12 -9.78
CA ALA A 74 -13.98 8.98 -11.21
C ALA A 74 -15.36 8.43 -11.53
N ASN A 75 -15.80 7.46 -10.72
CA ASN A 75 -17.11 6.86 -10.90
C ASN A 75 -18.19 7.69 -10.20
N GLY A 76 -17.76 8.64 -9.37
CA GLY A 76 -18.70 9.49 -8.63
C GLY A 76 -19.43 8.71 -7.55
N ILE A 77 -18.78 7.68 -7.02
CA ILE A 77 -19.36 6.84 -5.99
C ILE A 77 -18.74 7.12 -4.63
N GLU A 78 -19.57 7.25 -3.61
CA GLU A 78 -19.07 7.51 -2.27
C GLU A 78 -18.32 6.29 -1.74
N LEU A 79 -17.37 6.53 -0.83
CA LEU A 79 -16.56 5.44 -0.28
C LEU A 79 -17.46 4.47 0.52
N PRO A 80 -17.05 3.22 0.62
CA PRO A 80 -17.85 2.20 1.37
C PRO A 80 -17.78 2.40 2.88
N GLY B 1 -11.36 14.02 -21.32
CA GLY B 1 -10.53 14.82 -20.37
C GLY B 1 -9.06 14.64 -20.72
N ALA B 2 -8.22 14.56 -19.69
CA ALA B 2 -6.78 14.38 -19.91
C ALA B 2 -6.26 13.19 -19.11
N MET B 3 -5.45 12.35 -19.75
CA MET B 3 -4.89 11.20 -19.07
C MET B 3 -3.56 11.56 -18.43
N ILE B 4 -3.46 11.36 -17.12
CA ILE B 4 -2.23 11.67 -16.39
C ILE B 4 -1.92 10.58 -15.39
N ILE B 5 -0.63 10.30 -15.22
CA ILE B 5 -0.20 9.26 -14.28
C ILE B 5 -0.48 9.70 -12.84
N PRO B 6 -1.03 8.84 -12.00
CA PRO B 6 -1.32 9.20 -10.58
C PRO B 6 -0.07 9.62 -9.80
N ASP B 7 -0.24 10.59 -8.91
CA ASP B 7 0.86 11.07 -8.08
C ASP B 7 1.41 9.92 -7.25
N GLU B 8 0.52 9.03 -6.84
CA GLU B 8 0.90 7.88 -6.03
C GLU B 8 1.93 7.01 -6.76
N PHE B 9 1.76 6.88 -8.07
CA PHE B 9 2.65 6.06 -8.89
C PHE B 9 3.97 6.79 -9.16
N ARG B 10 4.07 8.05 -8.71
CA ARG B 10 5.28 8.85 -8.91
C ARG B 10 5.91 9.21 -7.56
N CYS B 11 7.20 8.91 -7.40
CA CYS B 11 7.89 9.22 -6.14
C CYS B 11 8.21 10.72 -6.02
N PRO B 12 8.21 11.27 -4.83
CA PRO B 12 8.52 12.71 -4.63
C PRO B 12 10.01 13.01 -4.77
N ILE B 13 10.84 12.20 -4.11
CA ILE B 13 12.28 12.39 -4.16
C ILE B 13 12.80 12.17 -5.58
N SER B 14 12.40 11.06 -6.18
CA SER B 14 12.84 10.71 -7.52
C SER B 14 12.26 11.68 -8.56
N LEU B 15 11.01 12.07 -8.36
CA LEU B 15 10.34 12.99 -9.28
C LEU B 15 10.06 12.29 -10.61
N GLU B 16 9.95 10.97 -10.56
CA GLU B 16 9.67 10.17 -11.76
C GLU B 16 8.93 8.89 -11.38
N LEU B 17 8.53 8.13 -12.40
CA LEU B 17 7.81 6.88 -12.17
C LEU B 17 8.58 5.95 -11.25
N MET B 18 7.86 5.19 -10.42
CA MET B 18 8.49 4.26 -9.49
C MET B 18 8.75 2.92 -10.17
N GLN B 19 9.95 2.38 -9.97
CA GLN B 19 10.29 1.08 -10.55
C GLN B 19 10.20 -0.02 -9.49
N ASP B 20 10.84 0.22 -8.36
CA ASP B 20 10.85 -0.73 -7.26
C ASP B 20 10.48 -0.04 -5.95
N PRO B 21 9.26 0.42 -5.86
CA PRO B 21 8.76 1.12 -4.64
C PRO B 21 8.44 0.19 -3.48
N VAL B 22 8.77 0.65 -2.27
CA VAL B 22 8.49 -0.10 -1.05
C VAL B 22 7.86 0.83 -0.04
N ILE B 23 7.15 0.30 0.96
CA ILE B 23 6.51 1.16 1.95
C ILE B 23 7.12 1.01 3.34
N VAL B 24 7.41 2.15 3.97
CA VAL B 24 8.01 2.16 5.29
C VAL B 24 6.94 2.05 6.39
N SER B 25 7.36 2.04 7.65
CA SER B 25 6.41 1.88 8.76
C SER B 25 5.37 3.01 8.76
N SER B 26 5.80 4.23 8.49
CA SER B 26 4.89 5.35 8.45
C SER B 26 3.83 5.16 7.35
N GLY B 27 4.13 4.26 6.42
CA GLY B 27 3.21 3.97 5.32
C GLY B 27 3.55 4.75 4.05
N GLN B 28 4.64 5.51 4.08
CA GLN B 28 5.07 6.27 2.92
C GLN B 28 5.79 5.34 1.95
N THR B 29 5.76 5.66 0.67
CA THR B 29 6.41 4.81 -0.32
C THR B 29 7.71 5.45 -0.81
N TYR B 30 8.79 4.66 -0.75
CA TYR B 30 10.11 5.12 -1.18
C TYR B 30 10.76 4.11 -2.11
N GLU B 31 11.66 4.57 -2.95
CA GLU B 31 12.36 3.69 -3.88
C GLU B 31 13.31 2.78 -3.12
N ARG B 32 13.48 1.55 -3.62
CA ARG B 32 14.36 0.59 -2.97
C ARG B 32 15.78 1.13 -2.88
N SER B 33 16.27 1.69 -3.98
CA SER B 33 17.63 2.23 -4.01
C SER B 33 17.76 3.39 -3.01
N CYS B 34 16.73 4.22 -2.93
CA CYS B 34 16.74 5.35 -2.01
C CYS B 34 16.84 4.88 -0.57
N ILE B 35 15.98 3.95 -0.21
CA ILE B 35 15.95 3.42 1.15
C ILE B 35 17.26 2.74 1.52
N GLN B 36 17.80 1.95 0.60
CA GLN B 36 19.05 1.26 0.88
C GLN B 36 20.16 2.25 1.19
N LYS B 37 20.26 3.32 0.40
CA LYS B 37 21.28 4.33 0.62
C LYS B 37 21.05 5.05 1.95
N TRP B 38 19.78 5.32 2.24
CA TRP B 38 19.40 6.02 3.47
C TRP B 38 19.77 5.19 4.69
N LEU B 39 19.48 3.89 4.63
CA LEU B 39 19.78 2.98 5.72
C LEU B 39 21.29 2.87 5.94
N ASP B 40 22.03 2.81 4.84
CA ASP B 40 23.49 2.70 4.91
C ASP B 40 24.06 3.91 5.62
N SER B 41 23.48 5.08 5.34
CA SER B 41 23.95 6.32 5.94
C SER B 41 23.71 6.30 7.46
N GLY B 42 22.87 5.37 7.92
CA GLY B 42 22.58 5.27 9.35
C GLY B 42 21.34 6.09 9.73
N HIS B 43 20.60 6.55 8.73
CA HIS B 43 19.42 7.35 8.99
C HIS B 43 18.15 6.48 8.92
N LYS B 44 17.34 6.57 9.96
CA LYS B 44 16.09 5.82 10.04
C LYS B 44 14.94 6.76 10.37
N THR B 45 14.67 7.68 9.46
CA THR B 45 13.59 8.65 9.67
C THR B 45 12.75 8.81 8.41
N CYS B 46 11.67 9.56 8.55
CA CYS B 46 10.78 9.82 7.44
C CYS B 46 10.72 11.32 7.19
N PRO B 47 11.66 11.85 6.42
CA PRO B 47 11.72 13.31 6.11
C PRO B 47 10.44 13.88 5.53
N LYS B 48 9.77 13.12 4.66
CA LYS B 48 8.53 13.61 4.06
C LYS B 48 7.47 13.90 5.10
N THR B 49 7.28 12.98 6.03
CA THR B 49 6.28 13.15 7.08
C THR B 49 6.88 13.91 8.28
N GLN B 50 8.23 13.95 8.32
CA GLN B 50 8.99 14.66 9.36
C GLN B 50 8.98 13.94 10.72
N GLN B 51 8.99 12.61 10.71
CA GLN B 51 9.03 11.87 11.97
C GLN B 51 10.01 10.69 11.90
N PRO B 52 10.59 10.31 13.01
CA PRO B 52 11.56 9.18 13.06
C PRO B 52 10.88 7.82 13.01
N LEU B 53 11.63 6.79 12.60
CA LEU B 53 11.07 5.45 12.52
C LEU B 53 11.63 4.59 13.66
N SER B 54 10.74 3.99 14.44
CA SER B 54 11.17 3.17 15.57
C SER B 54 11.17 1.68 15.24
N HIS B 55 10.80 1.33 14.00
CA HIS B 55 10.77 -0.07 13.61
C HIS B 55 11.82 -0.35 12.54
N THR B 56 12.71 -1.30 12.82
CA THR B 56 13.76 -1.65 11.87
C THR B 56 13.14 -2.35 10.66
N SER B 57 12.03 -3.02 10.87
CA SER B 57 11.35 -3.73 9.79
C SER B 57 10.32 -2.83 9.13
N LEU B 58 10.01 -3.11 7.87
CA LEU B 58 9.04 -2.32 7.12
C LEU B 58 8.23 -3.21 6.18
N THR B 59 7.29 -2.62 5.47
CA THR B 59 6.46 -3.37 4.54
C THR B 59 7.06 -3.30 3.12
N PRO B 60 7.00 -4.35 2.34
CA PRO B 60 7.56 -4.32 0.98
C PRO B 60 6.59 -3.69 -0.02
N ASN B 61 5.71 -4.50 -0.60
CA ASN B 61 4.73 -3.98 -1.54
C ASN B 61 3.53 -4.92 -1.56
N PHE B 62 2.39 -4.46 -2.06
CA PHE B 62 1.21 -5.32 -2.05
C PHE B 62 0.27 -5.06 -3.25
N VAL B 63 -0.77 -4.25 -3.06
CA VAL B 63 -1.72 -3.96 -4.13
C VAL B 63 -1.22 -2.89 -5.09
N LEU B 64 -0.18 -2.18 -4.70
CA LEU B 64 0.34 -1.12 -5.55
C LEU B 64 0.79 -1.68 -6.89
N LYS B 65 1.46 -2.83 -6.87
CA LYS B 65 1.91 -3.45 -8.11
C LYS B 65 0.72 -3.82 -8.99
N SER B 66 -0.32 -4.36 -8.37
CA SER B 66 -1.51 -4.77 -9.12
C SER B 66 -2.22 -3.56 -9.74
N LEU B 67 -2.36 -2.50 -8.95
CA LEU B 67 -3.02 -1.30 -9.44
C LEU B 67 -2.23 -0.68 -10.59
N ILE B 68 -0.92 -0.65 -10.43
CA ILE B 68 -0.05 -0.10 -11.46
C ILE B 68 -0.13 -0.91 -12.75
N SER B 69 -0.09 -2.24 -12.60
CA SER B 69 -0.15 -3.11 -13.76
C SER B 69 -1.46 -2.93 -14.53
N GLN B 70 -2.56 -2.79 -13.80
CA GLN B 70 -3.86 -2.59 -14.44
C GLN B 70 -3.86 -1.26 -15.16
N TRP B 71 -3.25 -0.26 -14.53
CA TRP B 71 -3.15 1.07 -15.11
C TRP B 71 -2.39 0.99 -16.43
N CYS B 72 -1.29 0.26 -16.40
CA CYS B 72 -0.43 0.09 -17.57
C CYS B 72 -1.18 -0.57 -18.72
N GLU B 73 -1.94 -1.61 -18.41
CA GLU B 73 -2.71 -2.33 -19.44
C GLU B 73 -3.80 -1.44 -20.03
N ALA B 74 -4.42 -0.63 -19.18
CA ALA B 74 -5.49 0.25 -19.64
C ALA B 74 -4.98 1.19 -20.72
N ASN B 75 -3.76 1.69 -20.51
CA ASN B 75 -3.14 2.58 -21.48
C ASN B 75 -2.25 1.79 -22.45
N GLY B 76 -2.04 0.51 -22.16
CA GLY B 76 -1.22 -0.33 -23.03
C GLY B 76 0.25 0.13 -23.01
N ILE B 77 0.70 0.66 -21.88
CA ILE B 77 2.08 1.13 -21.77
C ILE B 77 2.86 0.27 -20.79
N GLU B 78 4.01 -0.23 -21.22
CA GLU B 78 4.84 -1.08 -20.36
C GLU B 78 5.30 -0.33 -19.11
N LEU B 79 5.67 -1.10 -18.09
CA LEU B 79 6.11 -0.52 -16.83
C LEU B 79 7.38 0.32 -17.04
N PRO B 80 7.63 1.28 -16.18
CA PRO B 80 8.81 2.17 -16.29
C PRO B 80 10.12 1.39 -16.43
N GLY A 1 -17.96 -8.92 -13.79
CA GLY A 1 -18.38 -7.53 -14.14
C GLY A 1 -17.16 -6.75 -14.63
N ALA A 2 -17.27 -6.21 -15.84
CA ALA A 2 -16.17 -5.44 -16.41
C ALA A 2 -15.87 -4.21 -15.55
N MET A 3 -16.93 -3.58 -15.05
CA MET A 3 -16.78 -2.39 -14.22
C MET A 3 -16.70 -2.75 -12.74
N ILE A 4 -16.70 -4.05 -12.43
CA ILE A 4 -16.63 -4.49 -11.04
C ILE A 4 -15.50 -3.79 -10.30
N ILE A 5 -15.68 -3.60 -8.99
CA ILE A 5 -14.68 -2.92 -8.18
C ILE A 5 -13.42 -3.79 -8.03
N PRO A 6 -12.24 -3.21 -8.07
CA PRO A 6 -10.96 -3.99 -7.91
C PRO A 6 -10.93 -4.80 -6.62
N ASP A 7 -10.39 -6.00 -6.70
CA ASP A 7 -10.29 -6.88 -5.54
C ASP A 7 -9.39 -6.26 -4.46
N GLU A 8 -8.50 -5.38 -4.88
CA GLU A 8 -7.57 -4.73 -3.95
C GLU A 8 -8.32 -3.86 -2.94
N PHE A 9 -9.53 -3.44 -3.32
CA PHE A 9 -10.33 -2.60 -2.43
C PHE A 9 -11.29 -3.44 -1.59
N ARG A 10 -11.20 -4.77 -1.69
CA ARG A 10 -12.06 -5.66 -0.93
C ARG A 10 -11.23 -6.77 -0.28
N CYS A 11 -11.54 -7.10 0.96
CA CYS A 11 -10.81 -8.17 1.65
C CYS A 11 -11.40 -9.54 1.31
N PRO A 12 -10.58 -10.54 1.02
CA PRO A 12 -11.10 -11.90 0.70
C PRO A 12 -11.93 -12.49 1.85
N ILE A 13 -11.50 -12.20 3.08
CA ILE A 13 -12.17 -12.72 4.26
C ILE A 13 -13.62 -12.24 4.37
N SER A 14 -13.84 -10.95 4.19
CA SER A 14 -15.19 -10.41 4.31
C SER A 14 -15.89 -10.27 2.95
N LEU A 15 -15.12 -10.34 1.88
CA LEU A 15 -15.70 -10.22 0.55
C LEU A 15 -16.43 -8.87 0.43
N GLU A 16 -15.97 -7.89 1.20
CA GLU A 16 -16.58 -6.57 1.19
C GLU A 16 -15.53 -5.47 1.09
N LEU A 17 -15.95 -4.29 0.64
CA LEU A 17 -15.04 -3.15 0.50
C LEU A 17 -14.49 -2.77 1.87
N MET A 18 -13.18 -2.50 1.93
CA MET A 18 -12.53 -2.14 3.17
C MET A 18 -12.92 -0.74 3.64
N GLN A 19 -13.13 -0.60 4.94
CA GLN A 19 -13.49 0.69 5.53
C GLN A 19 -12.29 1.27 6.27
N ASP A 20 -11.42 0.38 6.75
CA ASP A 20 -10.23 0.79 7.48
C ASP A 20 -9.03 -0.05 7.07
N PRO A 21 -8.47 0.21 5.92
CA PRO A 21 -7.31 -0.57 5.38
C PRO A 21 -6.10 -0.56 6.32
N VAL A 22 -5.51 -1.75 6.52
CA VAL A 22 -4.34 -1.89 7.38
C VAL A 22 -3.39 -2.93 6.80
N ILE A 23 -2.08 -2.67 6.86
CA ILE A 23 -1.11 -3.60 6.32
C ILE A 23 -0.39 -4.38 7.42
N VAL A 24 -0.01 -5.62 7.09
CA VAL A 24 0.70 -6.49 8.02
C VAL A 24 2.20 -6.47 7.69
N SER A 25 3.03 -7.07 8.53
CA SER A 25 4.47 -7.05 8.26
C SER A 25 4.75 -7.58 6.86
N SER A 26 4.04 -8.64 6.48
CA SER A 26 4.19 -9.22 5.15
C SER A 26 3.80 -8.19 4.07
N GLY A 27 2.95 -7.25 4.45
CA GLY A 27 2.49 -6.20 3.53
C GLY A 27 1.12 -6.55 2.96
N GLN A 28 0.47 -7.57 3.50
CA GLN A 28 -0.86 -7.95 3.05
C GLN A 28 -1.87 -6.94 3.57
N THR A 29 -3.00 -6.78 2.88
CA THR A 29 -4.00 -5.81 3.31
C THR A 29 -5.22 -6.47 3.96
N TYR A 30 -5.58 -5.98 5.14
CA TYR A 30 -6.74 -6.49 5.87
C TYR A 30 -7.47 -5.34 6.57
N GLU A 31 -8.72 -5.56 6.91
CA GLU A 31 -9.49 -4.57 7.62
C GLU A 31 -9.00 -4.54 9.08
N ARG A 32 -8.92 -3.37 9.69
CA ARG A 32 -8.44 -3.29 11.07
C ARG A 32 -9.31 -4.13 12.00
N SER A 33 -10.62 -4.07 11.83
CA SER A 33 -11.52 -4.85 12.67
C SER A 33 -11.22 -6.34 12.53
N CYS A 34 -10.99 -6.77 11.29
CA CYS A 34 -10.67 -8.17 11.02
C CYS A 34 -9.36 -8.54 11.72
N ILE A 35 -8.38 -7.66 11.62
CA ILE A 35 -7.08 -7.89 12.24
C ILE A 35 -7.22 -8.02 13.76
N GLN A 36 -8.05 -7.18 14.35
CA GLN A 36 -8.25 -7.23 15.80
C GLN A 36 -8.78 -8.58 16.23
N LYS A 37 -9.72 -9.12 15.47
CA LYS A 37 -10.28 -10.43 15.81
C LYS A 37 -9.18 -11.50 15.76
N TRP A 38 -8.35 -11.41 14.73
CA TRP A 38 -7.25 -12.36 14.55
C TRP A 38 -6.25 -12.24 15.69
N LEU A 39 -5.91 -11.00 16.04
CA LEU A 39 -4.97 -10.74 17.12
C LEU A 39 -5.55 -11.21 18.45
N ASP A 40 -6.84 -10.96 18.63
CA ASP A 40 -7.53 -11.36 19.86
C ASP A 40 -7.43 -12.88 20.02
N SER A 41 -7.55 -13.57 18.89
CA SER A 41 -7.47 -15.02 18.89
C SER A 41 -6.08 -15.46 19.34
N GLY A 42 -5.10 -14.57 19.17
CA GLY A 42 -3.73 -14.87 19.56
C GLY A 42 -2.93 -15.40 18.39
N HIS A 43 -3.46 -15.27 17.17
CA HIS A 43 -2.75 -15.76 16.00
C HIS A 43 -1.80 -14.69 15.45
N LYS A 44 -0.55 -15.07 15.27
CA LYS A 44 0.46 -14.15 14.75
C LYS A 44 1.00 -14.67 13.42
N THR A 45 0.10 -14.92 12.49
CA THR A 45 0.50 -15.44 11.19
C THR A 45 -0.21 -14.72 10.04
N CYS A 46 0.34 -14.88 8.85
CA CYS A 46 -0.25 -14.28 7.66
C CYS A 46 -0.87 -15.40 6.83
N PRO A 47 -2.17 -15.62 6.90
CA PRO A 47 -2.82 -16.73 6.14
C PRO A 47 -2.78 -16.52 4.63
N LYS A 48 -2.70 -15.28 4.19
CA LYS A 48 -2.66 -15.00 2.75
C LYS A 48 -1.42 -15.61 2.10
N THR A 49 -0.27 -15.44 2.76
CA THR A 49 0.98 -15.97 2.22
C THR A 49 1.50 -17.17 3.02
N GLN A 50 0.84 -17.46 4.15
CA GLN A 50 1.20 -18.57 5.03
C GLN A 50 2.55 -18.34 5.68
N GLN A 51 2.78 -17.12 6.16
CA GLN A 51 4.05 -16.78 6.80
C GLN A 51 3.85 -16.39 8.27
N PRO A 52 4.68 -16.87 9.17
CA PRO A 52 4.56 -16.53 10.63
C PRO A 52 5.06 -15.11 10.91
N LEU A 53 4.58 -14.51 11.99
CA LEU A 53 4.98 -13.16 12.36
C LEU A 53 5.69 -13.13 13.71
N SER A 54 6.81 -12.42 13.77
CA SER A 54 7.56 -12.28 15.01
C SER A 54 7.30 -10.91 15.65
N HIS A 55 6.56 -10.04 14.95
CA HIS A 55 6.26 -8.72 15.47
C HIS A 55 5.04 -8.13 14.75
N THR A 56 4.57 -6.99 15.23
CA THR A 56 3.41 -6.33 14.64
C THR A 56 3.74 -4.87 14.31
N SER A 57 3.01 -4.31 13.35
CA SER A 57 3.24 -2.93 12.94
C SER A 57 1.93 -2.23 12.60
N LEU A 58 1.95 -0.90 12.59
CA LEU A 58 0.74 -0.14 12.29
C LEU A 58 0.46 -0.13 10.79
N THR A 59 1.24 0.66 10.06
CA THR A 59 1.09 0.75 8.60
C THR A 59 -0.40 0.84 8.22
N PRO A 60 -1.08 1.85 8.66
CA PRO A 60 -2.53 2.05 8.36
C PRO A 60 -2.75 2.67 6.99
N ASN A 61 -3.98 2.55 6.47
CA ASN A 61 -4.35 3.09 5.16
C ASN A 61 -3.44 4.22 4.69
N PHE A 62 -2.73 3.98 3.58
CA PHE A 62 -1.80 4.99 3.04
C PHE A 62 -2.00 5.21 1.53
N VAL A 63 -1.12 4.67 0.68
CA VAL A 63 -1.22 4.83 -0.77
C VAL A 63 -2.53 4.24 -1.29
N LEU A 64 -2.91 3.10 -0.75
CA LEU A 64 -4.14 2.44 -1.17
C LEU A 64 -5.31 3.39 -0.97
N LYS A 65 -5.31 4.10 0.14
CA LYS A 65 -6.38 5.05 0.43
C LYS A 65 -6.41 6.13 -0.65
N SER A 66 -5.24 6.63 -1.01
CA SER A 66 -5.16 7.68 -2.03
C SER A 66 -5.71 7.18 -3.35
N LEU A 67 -5.38 5.93 -3.70
CA LEU A 67 -5.86 5.35 -4.94
C LEU A 67 -7.38 5.19 -4.89
N ILE A 68 -7.90 4.82 -3.72
CA ILE A 68 -9.34 4.67 -3.57
C ILE A 68 -10.06 5.98 -3.86
N SER A 69 -9.55 7.07 -3.31
CA SER A 69 -10.19 8.37 -3.53
C SER A 69 -10.20 8.72 -5.02
N GLN A 70 -9.10 8.49 -5.71
CA GLN A 70 -9.03 8.78 -7.14
C GLN A 70 -9.97 7.86 -7.90
N TRP A 71 -10.01 6.60 -7.48
CA TRP A 71 -10.86 5.59 -8.10
C TRP A 71 -12.33 6.01 -7.96
N CYS A 72 -12.68 6.43 -6.76
CA CYS A 72 -14.05 6.85 -6.48
C CYS A 72 -14.46 8.02 -7.35
N GLU A 73 -13.57 8.99 -7.52
CA GLU A 73 -13.89 10.16 -8.33
C GLU A 73 -14.13 9.76 -9.79
N ALA A 74 -13.32 8.85 -10.30
CA ALA A 74 -13.44 8.42 -11.69
C ALA A 74 -14.81 7.83 -11.96
N ASN A 75 -15.30 7.02 -11.02
CA ASN A 75 -16.60 6.39 -11.17
C ASN A 75 -17.69 7.24 -10.50
N GLY A 76 -17.28 8.27 -9.77
CA GLY A 76 -18.25 9.13 -9.08
C GLY A 76 -18.99 8.33 -8.00
N ILE A 77 -18.30 7.36 -7.39
CA ILE A 77 -18.92 6.54 -6.36
C ILE A 77 -18.39 6.90 -4.97
N GLU A 78 -19.30 7.19 -4.05
CA GLU A 78 -18.91 7.54 -2.68
C GLU A 78 -18.27 6.37 -1.96
N LEU A 79 -17.54 6.67 -0.87
CA LEU A 79 -16.88 5.64 -0.08
C LEU A 79 -17.92 4.83 0.69
N PRO A 80 -17.58 3.61 1.08
CA PRO A 80 -18.53 2.73 1.82
C PRO A 80 -19.24 3.47 2.96
N GLY B 1 1.03 14.73 -25.41
CA GLY B 1 -0.34 14.87 -24.83
C GLY B 1 -0.65 13.65 -23.99
N ALA B 2 -0.14 13.63 -22.76
CA ALA B 2 -0.37 12.50 -21.86
C ALA B 2 -0.87 13.00 -20.51
N MET B 3 -1.81 12.27 -19.93
CA MET B 3 -2.37 12.66 -18.63
C MET B 3 -1.33 12.47 -17.52
N ILE B 4 -1.27 13.42 -16.60
CA ILE B 4 -0.31 13.34 -15.51
C ILE B 4 -0.50 12.06 -14.72
N ILE B 5 0.59 11.32 -14.53
CA ILE B 5 0.53 10.06 -13.79
C ILE B 5 0.29 10.34 -12.29
N PRO B 6 -0.45 9.51 -11.59
CA PRO B 6 -0.71 9.71 -10.14
C PRO B 6 0.59 9.76 -9.32
N ASP B 7 0.57 10.53 -8.24
CA ASP B 7 1.73 10.66 -7.38
C ASP B 7 2.08 9.32 -6.75
N GLU B 8 1.10 8.43 -6.66
CA GLU B 8 1.32 7.12 -6.05
C GLU B 8 2.36 6.33 -6.84
N PHE B 9 2.31 6.42 -8.16
CA PHE B 9 3.25 5.69 -9.01
C PHE B 9 4.51 6.53 -9.25
N ARG B 10 4.36 7.85 -9.18
CA ARG B 10 5.49 8.76 -9.36
C ARG B 10 6.01 9.24 -8.02
N CYS B 11 7.23 8.85 -7.69
CA CYS B 11 7.83 9.25 -6.42
C CYS B 11 8.31 10.70 -6.51
N PRO B 12 7.96 11.55 -5.57
CA PRO B 12 8.39 12.98 -5.60
C PRO B 12 9.89 13.13 -5.34
N ILE B 13 10.46 12.18 -4.62
CA ILE B 13 11.88 12.21 -4.30
C ILE B 13 12.70 12.17 -5.58
N SER B 14 12.35 11.25 -6.46
CA SER B 14 13.05 11.13 -7.74
C SER B 14 12.31 11.88 -8.84
N LEU B 15 11.06 12.27 -8.56
CA LEU B 15 10.25 12.99 -9.55
C LEU B 15 10.07 12.12 -10.78
N GLU B 16 9.82 10.85 -10.55
CA GLU B 16 9.62 9.91 -11.65
C GLU B 16 8.99 8.61 -11.16
N LEU B 17 8.52 7.81 -12.11
CA LEU B 17 7.89 6.54 -11.78
C LEU B 17 8.91 5.59 -11.16
N MET B 18 8.47 4.78 -10.20
CA MET B 18 9.37 3.87 -9.52
C MET B 18 9.36 2.47 -10.17
N GLN B 19 10.46 1.75 -9.99
CA GLN B 19 10.59 0.39 -10.53
C GLN B 19 10.43 -0.64 -9.44
N ASP B 20 10.97 -0.33 -8.26
CA ASP B 20 10.91 -1.24 -7.12
C ASP B 20 10.34 -0.52 -5.90
N PRO B 21 9.06 -0.29 -5.90
CA PRO B 21 8.38 0.41 -4.77
C PRO B 21 8.26 -0.45 -3.51
N VAL B 22 8.48 0.19 -2.37
CA VAL B 22 8.39 -0.48 -1.07
C VAL B 22 7.72 0.46 -0.07
N ILE B 23 7.23 -0.08 1.04
CA ILE B 23 6.59 0.76 2.05
C ILE B 23 7.50 0.97 3.24
N VAL B 24 7.57 2.22 3.71
CA VAL B 24 8.41 2.55 4.85
C VAL B 24 7.60 2.39 6.14
N SER B 25 8.19 2.69 7.29
CA SER B 25 7.47 2.53 8.54
C SER B 25 6.16 3.32 8.52
N SER B 26 6.24 4.56 8.06
CA SER B 26 5.06 5.41 7.97
C SER B 26 4.05 4.84 6.97
N GLY B 27 4.48 3.88 6.14
CA GLY B 27 3.60 3.27 5.15
C GLY B 27 3.65 4.01 3.81
N GLN B 28 4.58 4.94 3.69
CA GLN B 28 4.71 5.70 2.45
C GLN B 28 5.50 4.89 1.41
N THR B 29 5.28 5.18 0.13
CA THR B 29 5.97 4.44 -0.93
C THR B 29 7.25 5.15 -1.38
N TYR B 30 8.35 4.41 -1.41
CA TYR B 30 9.64 4.95 -1.84
C TYR B 30 10.40 3.93 -2.68
N GLU B 31 11.32 4.43 -3.50
CA GLU B 31 12.12 3.55 -4.34
C GLU B 31 13.08 2.74 -3.47
N ARG B 32 13.33 1.49 -3.84
CA ARG B 32 14.22 0.63 -3.06
C ARG B 32 15.62 1.25 -2.93
N SER B 33 16.15 1.76 -4.03
CA SER B 33 17.47 2.37 -4.00
C SER B 33 17.49 3.58 -3.07
N CYS B 34 16.42 4.37 -3.14
CA CYS B 34 16.30 5.57 -2.31
C CYS B 34 16.28 5.20 -0.82
N ILE B 35 15.48 4.20 -0.48
CA ILE B 35 15.38 3.78 0.91
C ILE B 35 16.73 3.30 1.45
N GLN B 36 17.45 2.53 0.66
CA GLN B 36 18.75 2.02 1.09
C GLN B 36 19.70 3.17 1.41
N LYS B 37 19.73 4.19 0.57
CA LYS B 37 20.60 5.32 0.82
C LYS B 37 20.20 6.04 2.11
N TRP B 38 18.90 6.18 2.30
CA TRP B 38 18.37 6.84 3.49
C TRP B 38 18.72 6.05 4.75
N LEU B 39 18.56 4.73 4.67
CA LEU B 39 18.87 3.84 5.79
C LEU B 39 20.37 3.89 6.09
N ASP B 40 21.16 3.92 5.03
CA ASP B 40 22.61 3.96 5.17
C ASP B 40 23.02 5.19 5.96
N SER B 41 22.32 6.29 5.71
CA SER B 41 22.59 7.53 6.42
C SER B 41 22.30 7.36 7.91
N GLY B 42 21.44 6.40 8.23
CA GLY B 42 21.08 6.15 9.63
C GLY B 42 19.95 7.08 10.06
N HIS B 43 19.07 7.41 9.13
CA HIS B 43 17.96 8.30 9.43
C HIS B 43 17.06 7.69 10.50
N LYS B 44 16.44 8.55 11.31
CA LYS B 44 15.54 8.10 12.35
C LYS B 44 14.13 8.64 12.14
N THR B 45 13.88 9.25 10.97
CA THR B 45 12.56 9.80 10.69
C THR B 45 12.23 9.74 9.21
N CYS B 46 10.99 10.09 8.90
CA CYS B 46 10.52 10.12 7.51
C CYS B 46 10.44 11.58 7.04
N PRO B 47 11.24 11.99 6.07
CA PRO B 47 11.25 13.40 5.57
C PRO B 47 9.89 13.92 5.10
N LYS B 48 9.10 13.07 4.45
CA LYS B 48 7.80 13.51 3.93
C LYS B 48 6.81 13.75 5.06
N THR B 49 6.45 12.69 5.78
CA THR B 49 5.50 12.81 6.89
C THR B 49 6.09 13.61 8.05
N GLN B 50 7.42 13.63 8.11
CA GLN B 50 8.13 14.36 9.15
C GLN B 50 7.86 13.78 10.54
N GLN B 51 7.87 12.46 10.63
CA GLN B 51 7.64 11.80 11.90
C GLN B 51 8.72 10.72 12.11
N PRO B 52 9.07 10.42 13.34
CA PRO B 52 10.11 9.40 13.64
C PRO B 52 9.67 7.97 13.35
N LEU B 53 10.64 7.07 13.18
CA LEU B 53 10.36 5.67 12.90
C LEU B 53 10.32 4.84 14.17
N SER B 54 9.14 4.29 14.49
CA SER B 54 9.00 3.47 15.68
C SER B 54 9.21 1.98 15.35
N HIS B 55 9.26 1.66 14.06
CA HIS B 55 9.47 0.28 13.63
C HIS B 55 9.96 0.25 12.19
N THR B 56 10.41 -0.92 11.73
CA THR B 56 10.89 -1.04 10.35
C THR B 56 10.53 -2.42 9.77
N SER B 57 10.03 -2.41 8.54
CA SER B 57 9.66 -3.65 7.86
C SER B 57 9.99 -3.55 6.37
N LEU B 58 10.32 -4.68 5.75
CA LEU B 58 10.65 -4.68 4.33
C LEU B 58 9.47 -4.23 3.49
N THR B 59 8.28 -4.78 3.79
CA THR B 59 7.03 -4.44 3.10
C THR B 59 7.28 -4.08 1.61
N PRO B 60 7.63 -5.06 0.81
CA PRO B 60 7.90 -4.85 -0.65
C PRO B 60 6.59 -4.72 -1.43
N ASN B 61 6.67 -4.15 -2.64
CA ASN B 61 5.48 -3.96 -3.49
C ASN B 61 4.49 -5.11 -3.33
N PHE B 62 3.29 -4.78 -2.84
CA PHE B 62 2.25 -5.76 -2.62
C PHE B 62 1.00 -5.45 -3.47
N VAL B 63 -0.07 -4.92 -2.87
CA VAL B 63 -1.28 -4.60 -3.61
C VAL B 63 -1.01 -3.50 -4.63
N LEU B 64 0.10 -2.79 -4.45
CA LEU B 64 0.46 -1.71 -5.36
C LEU B 64 0.69 -2.26 -6.76
N LYS B 65 1.30 -3.43 -6.86
CA LYS B 65 1.58 -4.02 -8.16
C LYS B 65 0.28 -4.24 -8.95
N SER B 66 -0.73 -4.79 -8.29
CA SER B 66 -2.01 -5.04 -8.95
C SER B 66 -2.65 -3.74 -9.43
N LEU B 67 -2.59 -2.71 -8.58
CA LEU B 67 -3.17 -1.42 -8.93
C LEU B 67 -2.45 -0.81 -10.12
N ILE B 68 -1.13 -0.94 -10.14
CA ILE B 68 -0.34 -0.40 -11.24
C ILE B 68 -0.73 -1.06 -12.56
N SER B 69 -0.88 -2.38 -12.54
CA SER B 69 -1.23 -3.10 -13.76
C SER B 69 -2.57 -2.62 -14.31
N GLN B 70 -3.54 -2.44 -13.43
CA GLN B 70 -4.85 -1.98 -13.87
C GLN B 70 -4.76 -0.56 -14.44
N TRP B 71 -4.00 0.28 -13.76
CA TRP B 71 -3.80 1.67 -14.17
C TRP B 71 -3.12 1.79 -15.53
N CYS B 72 -2.03 1.06 -15.70
CA CYS B 72 -1.26 1.13 -16.94
C CYS B 72 -2.05 0.58 -18.13
N GLU B 73 -2.87 -0.44 -17.89
CA GLU B 73 -3.66 -1.02 -18.97
C GLU B 73 -4.76 -0.05 -19.43
N ALA B 74 -5.38 0.60 -18.47
CA ALA B 74 -6.46 1.55 -18.79
C ALA B 74 -5.93 2.67 -19.66
N ASN B 75 -4.73 3.13 -19.35
CA ASN B 75 -4.12 4.19 -20.12
C ASN B 75 -3.29 3.62 -21.27
N GLY B 76 -3.05 2.31 -21.25
CA GLY B 76 -2.28 1.67 -22.32
C GLY B 76 -0.84 2.19 -22.33
N ILE B 77 -0.32 2.51 -21.15
CA ILE B 77 1.03 3.03 -21.04
C ILE B 77 1.99 1.98 -20.50
N GLU B 78 3.10 1.77 -21.18
CA GLU B 78 4.09 0.79 -20.73
C GLU B 78 4.55 1.12 -19.31
N LEU B 79 5.07 0.11 -18.61
CA LEU B 79 5.55 0.32 -17.25
C LEU B 79 6.83 -0.47 -17.02
N PRO B 80 7.51 -0.22 -15.93
CA PRO B 80 8.78 -0.92 -15.59
C PRO B 80 8.53 -2.24 -14.85
N GLY A 1 -16.19 -1.15 -15.52
CA GLY A 1 -17.03 -1.85 -14.50
C GLY A 1 -18.05 -0.87 -13.94
N ALA A 2 -19.24 -0.87 -14.52
CA ALA A 2 -20.30 0.02 -14.07
C ALA A 2 -20.68 -0.27 -12.62
N MET A 3 -20.76 -1.56 -12.29
CA MET A 3 -21.10 -1.95 -10.93
C MET A 3 -19.99 -2.82 -10.31
N ILE A 4 -19.13 -3.36 -11.17
CA ILE A 4 -18.02 -4.19 -10.70
C ILE A 4 -16.92 -3.33 -10.09
N ILE A 5 -16.45 -3.72 -8.93
CA ILE A 5 -15.40 -2.99 -8.24
C ILE A 5 -14.09 -3.78 -8.26
N PRO A 6 -12.94 -3.15 -8.35
CA PRO A 6 -11.62 -3.86 -8.39
C PRO A 6 -11.40 -4.79 -7.19
N ASP A 7 -10.81 -5.94 -7.48
CA ASP A 7 -10.51 -6.94 -6.47
C ASP A 7 -9.62 -6.35 -5.39
N GLU A 8 -8.77 -5.41 -5.78
CA GLU A 8 -7.85 -4.78 -4.84
C GLU A 8 -8.60 -4.04 -3.73
N PHE A 9 -9.71 -3.39 -4.07
CA PHE A 9 -10.49 -2.65 -3.08
C PHE A 9 -11.33 -3.61 -2.24
N ARG A 10 -11.58 -4.80 -2.77
CA ARG A 10 -12.37 -5.80 -2.05
C ARG A 10 -11.44 -6.79 -1.34
N CYS A 11 -11.70 -7.03 -0.06
CA CYS A 11 -10.87 -7.97 0.70
C CYS A 11 -11.28 -9.41 0.39
N PRO A 12 -10.34 -10.32 0.27
CA PRO A 12 -10.66 -11.74 -0.03
C PRO A 12 -11.28 -12.44 1.17
N ILE A 13 -10.86 -12.05 2.37
CA ILE A 13 -11.37 -12.63 3.61
C ILE A 13 -12.86 -12.33 3.83
N SER A 14 -13.25 -11.08 3.64
CA SER A 14 -14.65 -10.69 3.86
C SER A 14 -15.43 -10.60 2.55
N LEU A 15 -14.71 -10.42 1.45
CA LEU A 15 -15.34 -10.31 0.14
C LEU A 15 -16.16 -9.02 0.07
N GLU A 16 -15.74 -8.02 0.83
CA GLU A 16 -16.45 -6.74 0.85
C GLU A 16 -15.48 -5.57 0.81
N LEU A 17 -16.01 -4.39 0.53
CA LEU A 17 -15.19 -3.19 0.45
C LEU A 17 -14.43 -2.96 1.75
N MET A 18 -13.19 -2.51 1.63
CA MET A 18 -12.37 -2.23 2.81
C MET A 18 -12.66 -0.83 3.34
N GLN A 19 -13.44 -0.76 4.41
CA GLN A 19 -13.78 0.53 5.01
C GLN A 19 -12.54 1.20 5.60
N ASP A 20 -11.71 0.42 6.26
CA ASP A 20 -10.49 0.94 6.87
C ASP A 20 -9.34 -0.04 6.68
N PRO A 21 -8.82 -0.13 5.48
CA PRO A 21 -7.70 -1.06 5.15
C PRO A 21 -6.36 -0.66 5.77
N VAL A 22 -5.59 -1.68 6.14
CA VAL A 22 -4.27 -1.48 6.73
C VAL A 22 -3.32 -2.55 6.22
N ILE A 23 -2.01 -2.34 6.38
CA ILE A 23 -1.05 -3.35 5.93
C ILE A 23 -0.45 -4.11 7.12
N VAL A 24 -0.25 -5.41 6.93
CA VAL A 24 0.27 -6.28 7.98
C VAL A 24 1.81 -6.33 7.94
N SER A 25 2.43 -7.14 8.77
CA SER A 25 3.89 -7.18 8.79
C SER A 25 4.46 -7.51 7.41
N SER A 26 3.83 -8.43 6.70
CA SER A 26 4.29 -8.80 5.36
C SER A 26 3.74 -7.85 4.29
N GLY A 27 3.05 -6.79 4.71
CA GLY A 27 2.49 -5.82 3.76
C GLY A 27 1.14 -6.27 3.20
N GLN A 28 0.64 -7.42 3.63
CA GLN A 28 -0.66 -7.88 3.14
C GLN A 28 -1.77 -6.96 3.64
N THR A 29 -2.73 -6.65 2.77
CA THR A 29 -3.82 -5.75 3.13
C THR A 29 -4.96 -6.49 3.85
N TYR A 30 -5.38 -5.94 4.98
CA TYR A 30 -6.46 -6.51 5.76
C TYR A 30 -7.37 -5.42 6.32
N GLU A 31 -8.63 -5.75 6.54
CA GLU A 31 -9.58 -4.78 7.11
C GLU A 31 -9.29 -4.61 8.59
N ARG A 32 -9.47 -3.39 9.10
CA ARG A 32 -9.20 -3.14 10.52
C ARG A 32 -10.04 -4.06 11.41
N SER A 33 -11.31 -4.20 11.10
CA SER A 33 -12.16 -5.08 11.89
C SER A 33 -11.67 -6.52 11.83
N CYS A 34 -11.33 -6.97 10.62
CA CYS A 34 -10.84 -8.32 10.43
C CYS A 34 -9.54 -8.58 11.19
N ILE A 35 -8.62 -7.62 11.15
CA ILE A 35 -7.35 -7.79 11.85
C ILE A 35 -7.58 -7.76 13.35
N GLN A 36 -8.58 -7.01 13.76
CA GLN A 36 -8.90 -6.91 15.19
C GLN A 36 -9.21 -8.29 15.75
N LYS A 37 -10.05 -9.03 15.03
CA LYS A 37 -10.41 -10.38 15.46
C LYS A 37 -9.19 -11.29 15.41
N TRP A 38 -8.38 -11.11 14.38
CA TRP A 38 -7.17 -11.92 14.19
C TRP A 38 -6.20 -11.69 15.37
N LEU A 39 -6.08 -10.44 15.80
CA LEU A 39 -5.23 -10.09 16.92
C LEU A 39 -5.76 -10.73 18.21
N ASP A 40 -7.08 -10.71 18.34
CA ASP A 40 -7.74 -11.28 19.52
C ASP A 40 -7.43 -12.77 19.65
N SER A 41 -7.38 -13.46 18.51
CA SER A 41 -7.10 -14.89 18.51
C SER A 41 -5.66 -15.17 18.93
N GLY A 42 -4.83 -14.14 18.98
CA GLY A 42 -3.44 -14.31 19.38
C GLY A 42 -2.62 -14.90 18.23
N HIS A 43 -2.98 -14.53 17.00
CA HIS A 43 -2.27 -15.05 15.84
C HIS A 43 -0.81 -14.57 15.86
N LYS A 44 0.01 -15.17 15.01
CA LYS A 44 1.42 -14.81 14.94
C LYS A 44 1.99 -15.10 13.55
N THR A 45 1.11 -15.22 12.56
CA THR A 45 1.53 -15.50 11.20
C THR A 45 0.56 -14.95 10.18
N CYS A 46 1.01 -14.83 8.95
CA CYS A 46 0.18 -14.35 7.86
C CYS A 46 -0.54 -15.55 7.22
N PRO A 47 -1.84 -15.69 7.37
CA PRO A 47 -2.57 -16.86 6.80
C PRO A 47 -2.68 -16.83 5.27
N LYS A 48 -2.77 -15.63 4.70
CA LYS A 48 -2.89 -15.49 3.25
C LYS A 48 -1.65 -16.03 2.54
N THR A 49 -0.48 -15.71 3.08
CA THR A 49 0.77 -16.16 2.47
C THR A 49 1.32 -17.40 3.19
N GLN A 50 0.86 -17.59 4.44
CA GLN A 50 1.27 -18.71 5.29
C GLN A 50 2.72 -18.54 5.73
N GLN A 51 3.07 -17.31 6.10
CA GLN A 51 4.43 -17.01 6.53
C GLN A 51 4.43 -16.51 7.98
N PRO A 52 5.39 -16.90 8.79
CA PRO A 52 5.43 -16.43 10.21
C PRO A 52 5.77 -14.94 10.31
N LEU A 53 5.15 -14.27 11.27
CA LEU A 53 5.39 -12.83 11.44
C LEU A 53 6.14 -12.55 12.73
N SER A 54 5.68 -13.16 13.83
CA SER A 54 6.29 -12.96 15.14
C SER A 54 6.08 -11.52 15.64
N HIS A 55 5.31 -10.74 14.89
CA HIS A 55 5.01 -9.36 15.28
C HIS A 55 3.85 -8.82 14.45
N THR A 56 3.35 -7.64 14.79
CA THR A 56 2.22 -7.07 14.06
C THR A 56 2.44 -5.60 13.75
N SER A 57 1.77 -5.11 12.71
CA SER A 57 1.86 -3.72 12.29
C SER A 57 0.51 -3.24 11.80
N LEU A 58 0.31 -1.93 11.77
CA LEU A 58 -0.96 -1.38 11.31
C LEU A 58 -0.79 -0.58 10.03
N THR A 59 -0.32 0.67 10.16
CA THR A 59 -0.12 1.56 9.02
C THR A 59 -1.42 1.70 8.20
N PRO A 60 -2.05 2.85 8.16
CA PRO A 60 -3.31 3.04 7.38
C PRO A 60 -3.01 3.11 5.90
N ASN A 61 -3.95 2.66 5.08
CA ASN A 61 -3.77 2.70 3.63
C ASN A 61 -3.23 4.06 3.20
N PHE A 62 -2.13 4.02 2.45
CA PHE A 62 -1.49 5.24 1.97
C PHE A 62 -1.78 5.46 0.48
N VAL A 63 -1.00 4.81 -0.37
CA VAL A 63 -1.18 4.92 -1.82
C VAL A 63 -2.55 4.39 -2.21
N LEU A 64 -2.95 3.31 -1.57
CA LEU A 64 -4.23 2.69 -1.86
C LEU A 64 -5.37 3.66 -1.61
N LYS A 65 -5.28 4.42 -0.52
CA LYS A 65 -6.33 5.38 -0.20
C LYS A 65 -6.49 6.39 -1.33
N SER A 66 -5.37 6.90 -1.81
CA SER A 66 -5.40 7.89 -2.88
C SER A 66 -6.04 7.31 -4.14
N LEU A 67 -5.64 6.10 -4.50
CA LEU A 67 -6.17 5.45 -5.69
C LEU A 67 -7.66 5.20 -5.54
N ILE A 68 -8.09 4.80 -4.34
CA ILE A 68 -9.51 4.57 -4.09
C ILE A 68 -10.31 5.85 -4.30
N SER A 69 -9.77 6.94 -3.77
CA SER A 69 -10.45 8.22 -3.88
C SER A 69 -10.66 8.59 -5.34
N GLN A 70 -9.63 8.42 -6.15
CA GLN A 70 -9.75 8.73 -7.56
C GLN A 70 -10.78 7.82 -8.21
N TRP A 71 -10.78 6.56 -7.80
CA TRP A 71 -11.70 5.56 -8.33
C TRP A 71 -13.15 5.96 -8.06
N CYS A 72 -13.43 6.34 -6.82
CA CYS A 72 -14.79 6.71 -6.42
C CYS A 72 -15.20 8.07 -6.98
N GLU A 73 -14.25 8.99 -7.11
CA GLU A 73 -14.55 10.32 -7.63
C GLU A 73 -14.99 10.28 -9.09
N ALA A 74 -14.38 9.38 -9.87
CA ALA A 74 -14.74 9.26 -11.28
C ALA A 74 -16.21 8.91 -11.42
N ASN A 75 -16.69 8.02 -10.57
CA ASN A 75 -18.09 7.63 -10.61
C ASN A 75 -18.92 8.53 -9.69
N GLY A 76 -18.25 9.34 -8.87
CA GLY A 76 -18.94 10.27 -7.98
C GLY A 76 -19.69 9.54 -6.85
N ILE A 77 -19.11 8.45 -6.37
CA ILE A 77 -19.73 7.68 -5.30
C ILE A 77 -18.95 7.82 -4.00
N GLU A 78 -19.67 7.92 -2.87
CA GLU A 78 -19.02 8.10 -1.56
C GLU A 78 -18.21 6.87 -1.17
N LEU A 79 -17.10 7.10 -0.48
CA LEU A 79 -16.21 6.02 -0.06
C LEU A 79 -16.94 5.03 0.87
N PRO A 80 -16.54 3.78 0.88
CA PRO A 80 -17.17 2.73 1.73
C PRO A 80 -17.39 3.23 3.16
N GLY B 1 -0.29 16.89 -23.77
CA GLY B 1 -0.35 15.69 -22.91
C GLY B 1 -1.80 15.29 -22.69
N ALA B 2 -2.22 14.23 -23.38
CA ALA B 2 -3.58 13.74 -23.27
C ALA B 2 -3.88 13.30 -21.83
N MET B 3 -2.90 12.66 -21.20
CA MET B 3 -3.07 12.21 -19.82
C MET B 3 -1.73 12.19 -19.08
N ILE B 4 -1.80 12.26 -17.76
CA ILE B 4 -0.61 12.24 -16.92
C ILE B 4 -0.68 11.09 -15.93
N ILE B 5 0.42 10.40 -15.73
CA ILE B 5 0.43 9.27 -14.80
C ILE B 5 0.13 9.78 -13.38
N PRO B 6 -0.71 9.08 -12.63
CA PRO B 6 -1.04 9.49 -11.24
C PRO B 6 0.20 9.69 -10.38
N ASP B 7 0.17 10.69 -9.51
CA ASP B 7 1.29 10.97 -8.62
C ASP B 7 1.55 9.79 -7.71
N GLU B 8 0.54 8.95 -7.51
CA GLU B 8 0.68 7.79 -6.64
C GLU B 8 1.77 6.84 -7.14
N PHE B 9 1.88 6.68 -8.45
CA PHE B 9 2.89 5.80 -9.00
C PHE B 9 4.26 6.49 -9.07
N ARG B 10 4.30 7.75 -8.62
CA ARG B 10 5.55 8.52 -8.63
C ARG B 10 5.89 8.97 -7.19
N CYS B 11 7.16 8.89 -6.81
CA CYS B 11 7.56 9.33 -5.47
C CYS B 11 7.94 10.81 -5.48
N PRO B 12 7.72 11.52 -4.39
CA PRO B 12 8.07 12.97 -4.32
C PRO B 12 9.57 13.22 -4.28
N ILE B 13 10.31 12.32 -3.61
CA ILE B 13 11.75 12.47 -3.49
C ILE B 13 12.44 12.31 -4.84
N SER B 14 12.05 11.28 -5.59
CA SER B 14 12.66 11.02 -6.89
C SER B 14 11.87 11.66 -8.03
N LEU B 15 10.60 11.94 -7.78
CA LEU B 15 9.74 12.55 -8.81
C LEU B 15 9.72 11.69 -10.07
N GLU B 16 9.64 10.37 -9.89
CA GLU B 16 9.61 9.46 -11.01
C GLU B 16 8.89 8.16 -10.64
N LEU B 17 8.64 7.32 -11.65
CA LEU B 17 7.96 6.04 -11.45
C LEU B 17 8.79 5.12 -10.56
N MET B 18 8.12 4.40 -9.66
CA MET B 18 8.83 3.47 -8.79
C MET B 18 8.72 2.04 -9.31
N GLN B 19 9.84 1.49 -9.75
CA GLN B 19 9.83 0.12 -10.25
C GLN B 19 9.51 -0.87 -9.13
N ASP B 20 10.13 -0.65 -7.97
CA ASP B 20 9.92 -1.52 -6.82
C ASP B 20 9.83 -0.72 -5.53
N PRO B 21 8.73 -0.05 -5.32
CA PRO B 21 8.50 0.78 -4.09
C PRO B 21 8.31 -0.06 -2.82
N VAL B 22 8.74 0.50 -1.69
CA VAL B 22 8.61 -0.16 -0.39
C VAL B 22 8.04 0.83 0.62
N ILE B 23 7.52 0.35 1.76
CA ILE B 23 6.96 1.26 2.75
C ILE B 23 7.77 1.25 4.04
N VAL B 24 7.57 2.32 4.81
CA VAL B 24 8.19 2.47 6.12
C VAL B 24 7.13 2.17 7.18
N SER B 25 7.51 2.03 8.45
CA SER B 25 6.53 1.71 9.47
C SER B 25 5.37 2.71 9.46
N SER B 26 5.68 3.99 9.30
CA SER B 26 4.65 5.03 9.27
C SER B 26 3.70 4.83 8.09
N GLY B 27 4.08 3.97 7.14
CA GLY B 27 3.26 3.73 5.95
C GLY B 27 3.68 4.62 4.78
N GLN B 28 4.79 5.35 4.95
CA GLN B 28 5.28 6.22 3.89
C GLN B 28 5.93 5.36 2.80
N THR B 29 5.81 5.79 1.54
CA THR B 29 6.39 5.01 0.45
C THR B 29 7.65 5.69 -0.10
N TYR B 30 8.73 4.91 -0.22
CA TYR B 30 9.99 5.44 -0.74
C TYR B 30 10.64 4.44 -1.69
N GLU B 31 11.42 4.96 -2.63
CA GLU B 31 12.13 4.11 -3.58
C GLU B 31 13.20 3.31 -2.85
N ARG B 32 13.44 2.08 -3.29
CA ARG B 32 14.43 1.23 -2.64
C ARG B 32 15.80 1.91 -2.61
N SER B 33 16.23 2.45 -3.74
CA SER B 33 17.52 3.13 -3.80
C SER B 33 17.52 4.35 -2.90
N CYS B 34 16.38 5.04 -2.83
CA CYS B 34 16.24 6.24 -2.02
C CYS B 34 16.44 5.94 -0.52
N ILE B 35 15.78 4.90 -0.03
CA ILE B 35 15.88 4.56 1.38
C ILE B 35 17.31 4.16 1.74
N GLN B 36 17.98 3.49 0.83
CA GLN B 36 19.36 3.08 1.07
C GLN B 36 20.28 4.28 1.23
N LYS B 37 20.10 5.26 0.36
CA LYS B 37 20.92 6.47 0.45
C LYS B 37 20.64 7.21 1.76
N TRP B 38 19.36 7.27 2.13
CA TRP B 38 18.96 7.95 3.34
C TRP B 38 19.61 7.28 4.55
N LEU B 39 19.54 5.97 4.59
CA LEU B 39 20.13 5.21 5.67
C LEU B 39 21.65 5.36 5.67
N ASP B 40 22.22 5.34 4.47
CA ASP B 40 23.66 5.48 4.30
C ASP B 40 24.15 6.83 4.84
N SER B 41 23.36 7.87 4.63
CA SER B 41 23.73 9.20 5.09
C SER B 41 23.76 9.27 6.61
N GLY B 42 23.12 8.29 7.27
CA GLY B 42 23.10 8.27 8.72
C GLY B 42 21.75 8.75 9.28
N HIS B 43 20.77 8.92 8.40
CA HIS B 43 19.45 9.36 8.84
C HIS B 43 18.52 8.16 9.00
N LYS B 44 17.89 8.07 10.16
CA LYS B 44 16.98 6.96 10.43
C LYS B 44 15.64 7.47 10.92
N THR B 45 14.95 8.23 10.07
CA THR B 45 13.64 8.77 10.43
C THR B 45 12.76 8.93 9.20
N CYS B 46 11.46 9.06 9.44
CA CYS B 46 10.52 9.28 8.37
C CYS B 46 10.41 10.78 8.14
N PRO B 47 10.90 11.32 7.04
CA PRO B 47 10.88 12.80 6.80
C PRO B 47 9.50 13.39 6.52
N LYS B 48 8.62 12.63 5.87
CA LYS B 48 7.29 13.13 5.55
C LYS B 48 6.45 13.41 6.80
N THR B 49 6.56 12.55 7.80
CA THR B 49 5.80 12.73 9.04
C THR B 49 6.70 13.18 10.19
N GLN B 50 8.01 13.00 10.01
CA GLN B 50 9.00 13.37 11.03
C GLN B 50 8.92 12.41 12.21
N GLN B 51 8.83 11.12 11.90
CA GLN B 51 8.76 10.08 12.92
C GLN B 51 10.07 9.30 12.97
N PRO B 52 10.35 8.63 14.06
CA PRO B 52 11.60 7.83 14.19
C PRO B 52 11.47 6.45 13.53
N LEU B 53 12.59 5.91 13.06
CA LEU B 53 12.59 4.60 12.43
C LEU B 53 12.98 3.52 13.44
N SER B 54 12.56 3.72 14.68
CA SER B 54 12.86 2.76 15.75
C SER B 54 12.29 1.40 15.37
N HIS B 55 11.25 1.43 14.55
CA HIS B 55 10.61 0.21 14.08
C HIS B 55 11.60 -0.62 13.30
N THR B 56 12.44 0.06 12.51
CA THR B 56 13.44 -0.61 11.70
C THR B 56 12.81 -1.74 10.89
N SER B 57 11.52 -1.60 10.60
CA SER B 57 10.81 -2.62 9.82
C SER B 57 10.31 -2.02 8.51
N LEU B 58 10.61 -2.70 7.39
CA LEU B 58 10.19 -2.23 6.08
C LEU B 58 9.44 -3.34 5.35
N THR B 59 8.50 -2.95 4.48
CA THR B 59 7.74 -3.95 3.71
C THR B 59 7.77 -3.61 2.22
N PRO B 60 7.58 -4.58 1.37
CA PRO B 60 7.58 -4.38 -0.11
C PRO B 60 6.19 -4.02 -0.61
N ASN B 61 6.11 -3.42 -1.79
CA ASN B 61 4.82 -3.06 -2.36
C ASN B 61 3.90 -4.27 -2.36
N PHE B 62 2.62 -4.05 -2.10
CA PHE B 62 1.66 -5.16 -2.05
C PHE B 62 0.52 -4.97 -3.08
N VAL B 63 -0.60 -4.40 -2.65
CA VAL B 63 -1.74 -4.18 -3.55
C VAL B 63 -1.35 -3.23 -4.67
N LEU B 64 -0.38 -2.37 -4.39
CA LEU B 64 0.06 -1.42 -5.39
C LEU B 64 0.50 -2.13 -6.66
N LYS B 65 1.18 -3.26 -6.49
CA LYS B 65 1.65 -4.01 -7.65
C LYS B 65 0.49 -4.44 -8.54
N SER B 66 -0.58 -4.94 -7.94
CA SER B 66 -1.75 -5.38 -8.72
C SER B 66 -2.41 -4.19 -9.41
N LEU B 67 -2.48 -3.06 -8.72
CA LEU B 67 -3.09 -1.88 -9.30
C LEU B 67 -2.28 -1.39 -10.49
N ILE B 68 -0.97 -1.46 -10.38
CA ILE B 68 -0.08 -1.03 -11.45
C ILE B 68 -0.34 -1.83 -12.72
N SER B 69 -0.45 -3.14 -12.57
CA SER B 69 -0.68 -3.99 -13.74
C SER B 69 -1.99 -3.61 -14.42
N GLN B 70 -3.04 -3.37 -13.63
CA GLN B 70 -4.33 -2.99 -14.21
C GLN B 70 -4.22 -1.63 -14.89
N TRP B 71 -3.50 -0.72 -14.26
CA TRP B 71 -3.29 0.62 -14.79
C TRP B 71 -2.57 0.54 -16.13
N CYS B 72 -1.52 -0.27 -16.17
CA CYS B 72 -0.73 -0.45 -17.38
C CYS B 72 -1.57 -1.04 -18.51
N GLU B 73 -2.39 -2.02 -18.17
CA GLU B 73 -3.25 -2.65 -19.17
C GLU B 73 -4.28 -1.67 -19.73
N ALA B 74 -4.81 -0.82 -18.86
CA ALA B 74 -5.82 0.15 -19.27
C ALA B 74 -5.28 1.07 -20.36
N ASN B 75 -4.07 1.56 -20.19
CA ASN B 75 -3.48 2.42 -21.19
C ASN B 75 -2.55 1.64 -22.13
N GLY B 76 -2.43 0.33 -21.91
CA GLY B 76 -1.57 -0.50 -22.77
C GLY B 76 -0.10 -0.06 -22.71
N ILE B 77 0.37 0.36 -21.54
CA ILE B 77 1.76 0.81 -21.40
C ILE B 77 2.57 -0.15 -20.54
N GLU B 78 3.73 -0.56 -21.05
CA GLU B 78 4.60 -1.47 -20.31
C GLU B 78 5.01 -0.86 -18.97
N LEU B 79 5.46 -1.71 -18.04
CA LEU B 79 5.86 -1.26 -16.72
C LEU B 79 7.01 -0.25 -16.82
N PRO B 80 7.15 0.64 -15.86
CA PRO B 80 8.24 1.67 -15.87
C PRO B 80 9.62 1.05 -16.05
N GLY A 1 -15.55 0.24 -18.95
CA GLY A 1 -16.90 -0.23 -18.54
C GLY A 1 -16.96 -0.35 -17.03
N ALA A 2 -15.94 -0.97 -16.44
CA ALA A 2 -15.90 -1.14 -14.99
C ALA A 2 -17.06 -2.02 -14.53
N MET A 3 -17.12 -3.24 -15.04
CA MET A 3 -18.19 -4.16 -14.65
C MET A 3 -18.12 -4.47 -13.17
N ILE A 4 -16.89 -4.62 -12.67
CA ILE A 4 -16.68 -4.92 -11.25
C ILE A 4 -15.59 -4.03 -10.68
N ILE A 5 -15.70 -3.70 -9.41
CA ILE A 5 -14.72 -2.84 -8.74
C ILE A 5 -13.39 -3.59 -8.65
N PRO A 6 -12.26 -2.92 -8.80
CA PRO A 6 -10.92 -3.58 -8.71
C PRO A 6 -10.75 -4.38 -7.42
N ASP A 7 -10.13 -5.55 -7.53
CA ASP A 7 -9.91 -6.40 -6.37
C ASP A 7 -9.06 -5.71 -5.32
N GLU A 8 -8.29 -4.71 -5.74
CA GLU A 8 -7.44 -3.98 -4.81
C GLU A 8 -8.29 -3.29 -3.75
N PHE A 9 -9.43 -2.76 -4.18
CA PHE A 9 -10.33 -2.09 -3.26
C PHE A 9 -11.21 -3.10 -2.54
N ARG A 10 -11.05 -4.38 -2.87
CA ARG A 10 -11.84 -5.43 -2.23
C ARG A 10 -10.95 -6.24 -1.30
N CYS A 11 -11.44 -6.48 -0.08
CA CYS A 11 -10.66 -7.24 0.90
C CYS A 11 -10.48 -8.67 0.42
N PRO A 12 -9.35 -9.30 0.70
CA PRO A 12 -9.08 -10.69 0.25
C PRO A 12 -9.87 -11.73 1.04
N ILE A 13 -10.18 -11.43 2.29
CA ILE A 13 -10.92 -12.35 3.14
C ILE A 13 -12.42 -12.09 3.06
N SER A 14 -12.82 -10.87 3.39
CA SER A 14 -14.23 -10.49 3.37
C SER A 14 -14.80 -10.53 1.95
N LEU A 15 -13.99 -10.14 0.97
CA LEU A 15 -14.42 -10.12 -0.43
C LEU A 15 -15.51 -9.06 -0.64
N GLU A 16 -15.30 -7.89 -0.03
CA GLU A 16 -16.25 -6.79 -0.15
C GLU A 16 -15.56 -5.46 0.18
N LEU A 17 -16.27 -4.36 -0.01
CA LEU A 17 -15.72 -3.04 0.28
C LEU A 17 -15.48 -2.83 1.77
N MET A 18 -14.43 -2.09 2.10
CA MET A 18 -14.09 -1.82 3.49
C MET A 18 -14.10 -0.32 3.76
N GLN A 19 -14.19 0.06 5.04
CA GLN A 19 -14.21 1.48 5.39
C GLN A 19 -12.82 1.99 5.73
N ASP A 20 -12.15 1.30 6.66
CA ASP A 20 -10.80 1.70 7.08
C ASP A 20 -9.87 0.49 7.16
N PRO A 21 -9.34 0.05 6.05
CA PRO A 21 -8.42 -1.11 6.01
C PRO A 21 -7.03 -0.79 6.59
N VAL A 22 -6.35 -1.83 7.05
CA VAL A 22 -5.02 -1.68 7.62
C VAL A 22 -4.07 -2.70 7.00
N ILE A 23 -2.77 -2.49 7.13
CA ILE A 23 -1.80 -3.41 6.55
C ILE A 23 -0.86 -3.94 7.63
N VAL A 24 -0.46 -5.20 7.48
CA VAL A 24 0.44 -5.84 8.41
C VAL A 24 1.89 -5.59 7.97
N SER A 25 2.86 -5.88 8.84
CA SER A 25 4.26 -5.64 8.50
C SER A 25 4.64 -6.45 7.25
N SER A 26 3.86 -7.49 6.97
CA SER A 26 4.09 -8.33 5.80
C SER A 26 3.69 -7.58 4.52
N GLY A 27 2.89 -6.54 4.67
CA GLY A 27 2.44 -5.74 3.53
C GLY A 27 1.09 -6.23 3.00
N GLN A 28 0.44 -7.12 3.75
CA GLN A 28 -0.87 -7.63 3.34
C GLN A 28 -1.97 -6.76 3.95
N THR A 29 -3.04 -6.53 3.18
CA THR A 29 -4.13 -5.68 3.68
C THR A 29 -5.26 -6.51 4.30
N TYR A 30 -5.72 -6.08 5.48
CA TYR A 30 -6.81 -6.75 6.19
C TYR A 30 -7.74 -5.73 6.82
N GLU A 31 -9.00 -6.11 7.03
CA GLU A 31 -9.95 -5.21 7.66
C GLU A 31 -9.62 -5.05 9.14
N ARG A 32 -9.87 -3.86 9.69
CA ARG A 32 -9.57 -3.62 11.09
C ARG A 32 -10.33 -4.61 11.97
N SER A 33 -11.60 -4.83 11.66
CA SER A 33 -12.39 -5.78 12.43
C SER A 33 -11.83 -7.19 12.26
N CYS A 34 -11.38 -7.49 11.04
CA CYS A 34 -10.82 -8.81 10.74
C CYS A 34 -9.55 -9.09 11.54
N ILE A 35 -8.63 -8.14 11.56
CA ILE A 35 -7.37 -8.31 12.27
C ILE A 35 -7.63 -8.48 13.77
N GLN A 36 -8.66 -7.81 14.26
CA GLN A 36 -9.00 -7.91 15.68
C GLN A 36 -9.39 -9.34 16.02
N LYS A 37 -10.20 -9.95 15.17
CA LYS A 37 -10.63 -11.33 15.38
C LYS A 37 -9.42 -12.26 15.32
N TRP A 38 -8.54 -12.00 14.36
CA TRP A 38 -7.34 -12.81 14.19
C TRP A 38 -6.48 -12.74 15.45
N LEU A 39 -6.31 -11.53 15.96
CA LEU A 39 -5.54 -11.33 17.18
C LEU A 39 -6.24 -11.98 18.35
N ASP A 40 -7.57 -11.86 18.38
CA ASP A 40 -8.37 -12.45 19.44
C ASP A 40 -8.13 -13.95 19.49
N SER A 41 -8.04 -14.55 18.31
CA SER A 41 -7.79 -15.97 18.21
C SER A 41 -6.44 -16.30 18.84
N GLY A 42 -5.56 -15.29 18.87
CA GLY A 42 -4.24 -15.47 19.45
C GLY A 42 -3.19 -15.76 18.39
N HIS A 43 -3.53 -15.55 17.13
CA HIS A 43 -2.58 -15.82 16.05
C HIS A 43 -1.88 -14.54 15.60
N LYS A 44 -0.55 -14.59 15.56
CA LYS A 44 0.23 -13.43 15.13
C LYS A 44 1.06 -13.77 13.91
N THR A 45 0.40 -13.89 12.76
CA THR A 45 1.08 -14.21 11.52
C THR A 45 0.30 -13.68 10.33
N CYS A 46 0.90 -13.77 9.16
CA CYS A 46 0.25 -13.34 7.94
C CYS A 46 -0.24 -14.59 7.21
N PRO A 47 -1.53 -14.88 7.24
CA PRO A 47 -2.08 -16.12 6.58
C PRO A 47 -1.96 -16.08 5.06
N LYS A 48 -1.85 -14.88 4.49
CA LYS A 48 -1.73 -14.73 3.05
C LYS A 48 -0.38 -15.24 2.52
N THR A 49 0.70 -14.92 3.23
CA THR A 49 2.03 -15.35 2.80
C THR A 49 2.59 -16.46 3.67
N GLN A 50 2.00 -16.62 4.87
CA GLN A 50 2.43 -17.64 5.83
C GLN A 50 3.71 -17.16 6.52
N GLN A 51 3.69 -15.90 6.95
CA GLN A 51 4.85 -15.31 7.62
C GLN A 51 4.50 -14.88 9.06
N PRO A 52 5.17 -15.40 10.07
CA PRO A 52 4.88 -15.01 11.49
C PRO A 52 5.34 -13.59 11.80
N LEU A 53 4.72 -12.98 12.81
CA LEU A 53 5.07 -11.61 13.20
C LEU A 53 5.85 -11.62 14.51
N SER A 54 7.01 -10.97 14.50
CA SER A 54 7.84 -10.89 15.70
C SER A 54 7.81 -9.49 16.30
N HIS A 55 7.07 -8.58 15.67
CA HIS A 55 6.99 -7.20 16.14
C HIS A 55 5.70 -6.53 15.66
N THR A 56 5.38 -5.38 16.25
CA THR A 56 4.18 -4.63 15.86
C THR A 56 4.57 -3.45 14.97
N SER A 57 3.60 -2.95 14.21
CA SER A 57 3.84 -1.82 13.31
C SER A 57 2.55 -1.06 13.02
N LEU A 58 2.67 0.25 12.84
CA LEU A 58 1.51 1.09 12.55
C LEU A 58 1.52 1.55 11.09
N THR A 59 0.72 0.90 10.25
CA THR A 59 0.65 1.24 8.83
C THR A 59 -0.80 1.19 8.32
N PRO A 60 -1.57 2.21 8.58
CA PRO A 60 -3.00 2.29 8.13
C PRO A 60 -3.06 2.60 6.63
N ASN A 61 -4.20 2.36 5.98
CA ASN A 61 -4.31 2.63 4.55
C ASN A 61 -3.68 3.98 4.20
N PHE A 62 -2.80 3.97 3.21
CA PHE A 62 -2.09 5.19 2.80
C PHE A 62 -2.46 5.62 1.37
N VAL A 63 -1.68 5.17 0.38
CA VAL A 63 -1.91 5.53 -1.02
C VAL A 63 -3.29 5.09 -1.50
N LEU A 64 -3.80 4.01 -0.92
CA LEU A 64 -5.10 3.51 -1.32
C LEU A 64 -6.17 4.57 -1.11
N LYS A 65 -6.05 5.33 -0.03
CA LYS A 65 -7.03 6.36 0.27
C LYS A 65 -7.11 7.39 -0.86
N SER A 66 -5.95 7.85 -1.34
CA SER A 66 -5.92 8.84 -2.42
C SER A 66 -6.48 8.27 -3.72
N LEU A 67 -6.12 7.03 -4.02
CA LEU A 67 -6.58 6.39 -5.24
C LEU A 67 -8.09 6.13 -5.19
N ILE A 68 -8.59 5.76 -4.03
CA ILE A 68 -10.02 5.51 -3.88
C ILE A 68 -10.82 6.77 -4.17
N SER A 69 -10.36 7.90 -3.65
CA SER A 69 -11.06 9.16 -3.86
C SER A 69 -11.16 9.47 -5.35
N GLN A 70 -10.06 9.35 -6.07
CA GLN A 70 -10.05 9.62 -7.50
C GLN A 70 -10.90 8.60 -8.25
N TRP A 71 -10.79 7.34 -7.83
CA TRP A 71 -11.54 6.25 -8.46
C TRP A 71 -13.05 6.41 -8.33
N CYS A 72 -13.50 6.73 -7.13
CA CYS A 72 -14.93 6.88 -6.89
C CYS A 72 -15.51 8.08 -7.64
N GLU A 73 -14.73 9.14 -7.76
CA GLU A 73 -15.20 10.33 -8.48
C GLU A 73 -15.42 10.02 -9.96
N ALA A 74 -14.49 9.26 -10.53
CA ALA A 74 -14.59 8.89 -11.95
C ALA A 74 -15.85 8.08 -12.20
N ASN A 75 -16.14 7.17 -11.28
CA ASN A 75 -17.32 6.33 -11.41
C ASN A 75 -18.56 7.03 -10.84
N GLY A 76 -18.35 8.13 -10.13
CA GLY A 76 -19.48 8.86 -9.56
C GLY A 76 -20.21 8.01 -8.52
N ILE A 77 -19.46 7.15 -7.83
CA ILE A 77 -20.04 6.27 -6.82
C ILE A 77 -19.63 6.70 -5.42
N GLU A 78 -20.58 6.67 -4.49
CA GLU A 78 -20.27 7.06 -3.12
C GLU A 78 -19.29 6.06 -2.49
N LEU A 79 -18.48 6.55 -1.56
CA LEU A 79 -17.49 5.70 -0.91
C LEU A 79 -18.20 4.63 -0.07
N PRO A 80 -17.55 3.51 0.16
CA PRO A 80 -18.15 2.40 0.95
C PRO A 80 -18.81 2.89 2.23
N GLY B 1 -5.87 12.31 -23.30
CA GLY B 1 -6.92 11.26 -23.12
C GLY B 1 -6.62 10.45 -21.85
N ALA B 2 -6.52 11.13 -20.72
CA ALA B 2 -6.24 10.47 -19.46
C ALA B 2 -4.94 9.68 -19.54
N MET B 3 -4.09 10.04 -20.49
CA MET B 3 -2.81 9.35 -20.67
C MET B 3 -1.89 9.59 -19.47
N ILE B 4 -1.93 10.81 -18.93
CA ILE B 4 -1.09 11.16 -17.79
C ILE B 4 -1.25 10.16 -16.64
N ILE B 5 -0.13 9.90 -15.97
CA ILE B 5 -0.11 8.98 -14.83
C ILE B 5 -0.46 9.75 -13.55
N PRO B 6 -1.20 9.18 -12.63
CA PRO B 6 -1.55 9.89 -11.35
C PRO B 6 -0.32 10.11 -10.47
N ASP B 7 -0.36 11.16 -9.66
CA ASP B 7 0.76 11.49 -8.78
C ASP B 7 1.02 10.38 -7.76
N GLU B 8 0.01 9.56 -7.49
CA GLU B 8 0.17 8.47 -6.54
C GLU B 8 1.21 7.47 -7.05
N PHE B 9 1.37 7.42 -8.37
CA PHE B 9 2.31 6.49 -8.98
C PHE B 9 3.68 7.18 -9.19
N ARG B 10 3.80 8.42 -8.73
CA ARG B 10 5.07 9.14 -8.86
C ARG B 10 5.60 9.49 -7.47
N CYS B 11 6.81 9.04 -7.16
CA CYS B 11 7.40 9.32 -5.86
C CYS B 11 7.83 10.78 -5.76
N PRO B 12 7.77 11.38 -4.59
CA PRO B 12 8.18 12.79 -4.41
C PRO B 12 9.69 12.97 -4.46
N ILE B 13 10.42 12.10 -3.77
CA ILE B 13 11.88 12.19 -3.74
C ILE B 13 12.47 11.90 -5.12
N SER B 14 12.06 10.79 -5.71
CA SER B 14 12.56 10.40 -7.03
C SER B 14 11.99 11.30 -8.12
N LEU B 15 10.70 11.58 -8.02
CA LEU B 15 10.01 12.40 -9.00
C LEU B 15 9.84 11.62 -10.30
N GLU B 16 9.74 10.30 -10.18
CA GLU B 16 9.59 9.43 -11.34
C GLU B 16 8.55 8.33 -11.07
N LEU B 17 8.20 7.62 -12.14
CA LEU B 17 7.22 6.53 -12.04
C LEU B 17 7.84 5.36 -11.27
N MET B 18 7.22 4.99 -10.15
CA MET B 18 7.74 3.91 -9.31
C MET B 18 7.63 2.56 -10.00
N GLN B 19 8.66 1.74 -9.78
CA GLN B 19 8.70 0.40 -10.35
C GLN B 19 8.78 -0.64 -9.24
N ASP B 20 9.68 -0.42 -8.30
CA ASP B 20 9.86 -1.32 -7.17
C ASP B 20 9.88 -0.53 -5.87
N PRO B 21 8.77 0.04 -5.50
CA PRO B 21 8.64 0.85 -4.26
C PRO B 21 8.56 0.02 -2.98
N VAL B 22 8.86 0.69 -1.88
CA VAL B 22 8.81 0.06 -0.56
C VAL B 22 8.16 1.03 0.41
N ILE B 23 7.59 0.51 1.50
CA ILE B 23 6.94 1.37 2.47
C ILE B 23 7.66 1.29 3.82
N VAL B 24 7.71 2.41 4.53
CA VAL B 24 8.36 2.45 5.83
C VAL B 24 7.35 2.18 6.94
N SER B 25 7.78 2.23 8.19
CA SER B 25 6.88 1.94 9.31
C SER B 25 5.66 2.87 9.32
N SER B 26 5.89 4.15 9.05
CA SER B 26 4.80 5.12 9.04
C SER B 26 3.86 4.91 7.85
N GLY B 27 4.19 3.96 6.97
CA GLY B 27 3.35 3.70 5.81
C GLY B 27 3.64 4.67 4.67
N GLN B 28 4.78 5.33 4.73
CA GLN B 28 5.16 6.27 3.67
C GLN B 28 5.83 5.51 2.53
N THR B 29 5.57 5.92 1.30
CA THR B 29 6.12 5.23 0.14
C THR B 29 7.43 5.86 -0.35
N TYR B 30 8.44 5.02 -0.53
CA TYR B 30 9.75 5.46 -1.00
C TYR B 30 10.33 4.45 -1.98
N GLU B 31 11.19 4.92 -2.89
CA GLU B 31 11.83 4.02 -3.85
C GLU B 31 12.85 3.15 -3.13
N ARG B 32 13.00 1.90 -3.58
CA ARG B 32 13.95 0.99 -2.96
C ARG B 32 15.37 1.56 -3.05
N SER B 33 15.72 2.07 -4.23
CA SER B 33 17.05 2.63 -4.42
C SER B 33 17.29 3.81 -3.49
N CYS B 34 16.26 4.65 -3.32
CA CYS B 34 16.38 5.81 -2.45
C CYS B 34 16.62 5.37 -1.01
N ILE B 35 15.89 4.34 -0.60
CA ILE B 35 16.01 3.81 0.75
C ILE B 35 17.41 3.27 0.99
N GLN B 36 17.98 2.59 0.01
CA GLN B 36 19.31 2.04 0.17
C GLN B 36 20.32 3.16 0.42
N LYS B 37 20.20 4.25 -0.32
CA LYS B 37 21.09 5.39 -0.12
C LYS B 37 20.84 5.99 1.26
N TRP B 38 19.57 6.06 1.64
CA TRP B 38 19.17 6.59 2.94
C TRP B 38 19.81 5.76 4.06
N LEU B 39 19.72 4.43 3.93
CA LEU B 39 20.31 3.52 4.90
C LEU B 39 21.83 3.66 4.89
N ASP B 40 22.37 3.79 3.69
CA ASP B 40 23.81 3.94 3.52
C ASP B 40 24.29 5.19 4.23
N SER B 41 23.48 6.24 4.15
CA SER B 41 23.82 7.50 4.81
C SER B 41 23.87 7.31 6.32
N GLY B 42 23.16 6.30 6.81
CA GLY B 42 23.15 6.01 8.23
C GLY B 42 21.91 6.56 8.92
N HIS B 43 20.94 7.06 8.14
CA HIS B 43 19.73 7.59 8.75
C HIS B 43 18.86 6.46 9.28
N LYS B 44 18.19 6.69 10.39
CA LYS B 44 17.34 5.67 11.01
C LYS B 44 15.98 6.23 11.43
N THR B 45 15.59 7.36 10.83
CA THR B 45 14.32 7.98 11.20
C THR B 45 13.46 8.29 9.97
N CYS B 46 12.17 8.49 10.21
CA CYS B 46 11.23 8.81 9.16
C CYS B 46 11.04 10.32 9.13
N PRO B 47 11.59 11.01 8.15
CA PRO B 47 11.49 12.51 8.07
C PRO B 47 10.09 12.99 7.69
N LYS B 48 9.37 12.18 6.92
CA LYS B 48 8.03 12.56 6.49
C LYS B 48 7.08 12.75 7.68
N THR B 49 7.09 11.79 8.61
CA THR B 49 6.20 11.89 9.77
C THR B 49 6.97 12.23 11.06
N GLN B 50 8.29 12.35 10.94
CA GLN B 50 9.15 12.74 12.05
C GLN B 50 9.15 11.75 13.22
N GLN B 51 9.31 10.46 12.93
CA GLN B 51 9.35 9.46 14.00
C GLN B 51 10.49 8.45 13.77
N PRO B 52 11.04 7.88 14.83
CA PRO B 52 12.16 6.90 14.72
C PRO B 52 11.69 5.51 14.27
N LEU B 53 12.62 4.75 13.68
CA LEU B 53 12.31 3.41 13.21
C LEU B 53 12.93 2.36 14.14
N SER B 54 12.15 1.35 14.49
CA SER B 54 12.63 0.29 15.38
C SER B 54 12.94 -0.99 14.60
N HIS B 55 12.86 -0.94 13.28
CA HIS B 55 13.13 -2.12 12.46
C HIS B 55 13.59 -1.74 11.07
N THR B 56 14.14 -2.70 10.34
CA THR B 56 14.64 -2.46 8.99
C THR B 56 13.48 -2.28 8.01
N SER B 57 13.78 -2.33 6.71
CA SER B 57 12.74 -2.14 5.71
C SER B 57 11.78 -3.35 5.69
N LEU B 58 10.49 -3.05 5.64
CA LEU B 58 9.47 -4.09 5.61
C LEU B 58 8.29 -3.63 4.75
N THR B 59 7.24 -4.45 4.69
CA THR B 59 6.06 -4.11 3.91
C THR B 59 6.47 -3.60 2.51
N PRO B 60 6.81 -4.50 1.61
CA PRO B 60 7.24 -4.14 0.23
C PRO B 60 6.05 -3.85 -0.66
N ASN B 61 6.27 -3.25 -1.83
CA ASN B 61 5.18 -2.91 -2.75
C ASN B 61 4.11 -4.02 -2.79
N PHE B 62 2.86 -3.61 -2.55
CA PHE B 62 1.75 -4.57 -2.55
C PHE B 62 0.61 -4.10 -3.48
N VAL B 63 -0.43 -3.47 -2.91
CA VAL B 63 -1.56 -3.02 -3.72
C VAL B 63 -1.08 -2.01 -4.77
N LEU B 64 0.02 -1.34 -4.47
CA LEU B 64 0.56 -0.35 -5.39
C LEU B 64 0.94 -1.02 -6.70
N LYS B 65 1.57 -2.18 -6.59
CA LYS B 65 1.99 -2.94 -7.77
C LYS B 65 0.79 -3.36 -8.58
N SER B 66 -0.23 -3.89 -7.91
CA SER B 66 -1.44 -4.34 -8.61
C SER B 66 -2.18 -3.17 -9.25
N LEU B 67 -2.22 -2.04 -8.55
CA LEU B 67 -2.90 -0.86 -9.07
C LEU B 67 -2.22 -0.32 -10.33
N ILE B 68 -0.90 -0.30 -10.32
CA ILE B 68 -0.16 0.18 -11.47
C ILE B 68 -0.43 -0.69 -12.69
N SER B 69 -0.43 -2.00 -12.50
CA SER B 69 -0.68 -2.92 -13.59
C SER B 69 -2.06 -2.68 -14.20
N GLN B 70 -3.05 -2.46 -13.35
CA GLN B 70 -4.40 -2.21 -13.83
C GLN B 70 -4.42 -0.92 -14.66
N TRP B 71 -3.70 0.08 -14.17
CA TRP B 71 -3.60 1.35 -14.86
C TRP B 71 -2.95 1.15 -16.22
N CYS B 72 -1.87 0.38 -16.20
CA CYS B 72 -1.11 0.09 -17.41
C CYS B 72 -1.94 -0.64 -18.45
N GLU B 73 -2.73 -1.61 -18.00
CA GLU B 73 -3.56 -2.37 -18.93
C GLU B 73 -4.59 -1.47 -19.60
N ALA B 74 -5.17 -0.57 -18.82
CA ALA B 74 -6.18 0.35 -19.32
C ALA B 74 -5.64 1.23 -20.44
N ASN B 75 -4.42 1.70 -20.26
CA ASN B 75 -3.80 2.55 -21.27
C ASN B 75 -2.91 1.74 -22.20
N GLY B 76 -2.79 0.44 -21.94
CA GLY B 76 -1.96 -0.41 -22.79
C GLY B 76 -0.50 0.05 -22.77
N ILE B 77 -0.05 0.56 -21.63
CA ILE B 77 1.33 1.03 -21.50
C ILE B 77 2.14 0.10 -20.61
N GLU B 78 3.30 -0.33 -21.09
CA GLU B 78 4.15 -1.23 -20.33
C GLU B 78 4.61 -0.59 -19.02
N LEU B 79 4.98 -1.43 -18.06
CA LEU B 79 5.43 -0.98 -16.75
C LEU B 79 6.70 -0.14 -16.86
N PRO B 80 6.97 0.71 -15.90
CA PRO B 80 8.18 1.58 -15.91
C PRO B 80 9.45 0.80 -16.27
N GLY A 1 -21.46 -0.98 -10.00
CA GLY A 1 -22.75 -0.85 -10.76
C GLY A 1 -22.63 -1.66 -12.04
N ALA A 2 -22.59 -0.97 -13.17
CA ALA A 2 -22.46 -1.65 -14.45
C ALA A 2 -21.15 -2.43 -14.48
N MET A 3 -20.09 -1.79 -13.96
CA MET A 3 -18.79 -2.41 -13.90
C MET A 3 -18.48 -2.82 -12.46
N ILE A 4 -17.69 -3.88 -12.29
CA ILE A 4 -17.33 -4.35 -10.96
C ILE A 4 -16.16 -3.56 -10.40
N ILE A 5 -16.26 -3.15 -9.15
CA ILE A 5 -15.20 -2.39 -8.51
C ILE A 5 -13.93 -3.25 -8.41
N PRO A 6 -12.76 -2.69 -8.63
CA PRO A 6 -11.48 -3.47 -8.55
C PRO A 6 -11.27 -4.15 -7.20
N ASP A 7 -10.65 -5.33 -7.25
CA ASP A 7 -10.36 -6.08 -6.04
C ASP A 7 -9.39 -5.33 -5.14
N GLU A 8 -8.65 -4.39 -5.73
CA GLU A 8 -7.69 -3.61 -4.96
C GLU A 8 -8.41 -2.80 -3.88
N PHE A 9 -9.56 -2.24 -4.24
CA PHE A 9 -10.34 -1.46 -3.29
C PHE A 9 -11.18 -2.38 -2.42
N ARG A 10 -11.51 -3.55 -2.94
CA ARG A 10 -12.32 -4.52 -2.20
C ARG A 10 -11.49 -5.76 -1.85
N CYS A 11 -11.12 -5.90 -0.58
CA CYS A 11 -10.33 -7.05 -0.15
C CYS A 11 -11.18 -8.32 -0.17
N PRO A 12 -10.58 -9.48 -0.34
CA PRO A 12 -11.33 -10.77 -0.40
C PRO A 12 -11.94 -11.16 0.94
N ILE A 13 -11.24 -10.83 2.02
CA ILE A 13 -11.74 -11.16 3.35
C ILE A 13 -13.00 -10.36 3.68
N SER A 14 -12.94 -9.07 3.40
CA SER A 14 -14.07 -8.18 3.67
C SER A 14 -15.28 -8.52 2.81
N LEU A 15 -15.03 -8.86 1.54
CA LEU A 15 -16.11 -9.16 0.59
C LEU A 15 -16.96 -7.91 0.30
N GLU A 16 -16.57 -6.78 0.91
CA GLU A 16 -17.27 -5.52 0.73
C GLU A 16 -16.26 -4.38 0.86
N LEU A 17 -16.60 -3.21 0.35
CA LEU A 17 -15.68 -2.07 0.43
C LEU A 17 -15.36 -1.74 1.88
N MET A 18 -14.12 -2.02 2.30
CA MET A 18 -13.67 -1.76 3.66
C MET A 18 -13.59 -0.26 3.95
N GLN A 19 -13.50 0.10 5.23
CA GLN A 19 -13.44 1.50 5.61
C GLN A 19 -12.10 1.88 6.25
N ASP A 20 -11.56 1.00 7.10
CA ASP A 20 -10.32 1.29 7.78
C ASP A 20 -9.32 0.12 7.72
N PRO A 21 -8.86 -0.21 6.55
CA PRO A 21 -7.88 -1.33 6.35
C PRO A 21 -6.48 -0.99 6.90
N VAL A 22 -5.78 -2.05 7.35
CA VAL A 22 -4.45 -1.89 7.91
C VAL A 22 -3.46 -2.82 7.18
N ILE A 23 -2.18 -2.56 7.36
CA ILE A 23 -1.14 -3.35 6.69
C ILE A 23 -0.40 -4.26 7.67
N VAL A 24 -0.15 -5.49 7.23
CA VAL A 24 0.57 -6.48 8.04
C VAL A 24 2.06 -6.40 7.69
N SER A 25 2.92 -7.05 8.46
CA SER A 25 4.36 -6.98 8.19
C SER A 25 4.66 -7.41 6.75
N SER A 26 4.00 -8.48 6.30
CA SER A 26 4.22 -8.96 4.94
C SER A 26 3.64 -8.02 3.88
N GLY A 27 3.01 -6.92 4.33
CA GLY A 27 2.41 -5.95 3.40
C GLY A 27 1.00 -6.36 3.01
N GLN A 28 0.48 -7.40 3.63
CA GLN A 28 -0.85 -7.85 3.33
C GLN A 28 -1.87 -6.90 3.98
N THR A 29 -2.94 -6.56 3.26
CA THR A 29 -3.93 -5.64 3.80
C THR A 29 -5.20 -6.38 4.21
N TYR A 30 -5.63 -6.16 5.44
CA TYR A 30 -6.82 -6.82 5.97
C TYR A 30 -7.71 -5.84 6.73
N GLU A 31 -8.99 -6.16 6.82
CA GLU A 31 -9.94 -5.31 7.54
C GLU A 31 -9.55 -5.24 9.01
N ARG A 32 -9.73 -4.07 9.61
CA ARG A 32 -9.36 -3.87 11.01
C ARG A 32 -10.11 -4.85 11.90
N SER A 33 -11.41 -5.00 11.68
CA SER A 33 -12.20 -5.91 12.50
C SER A 33 -11.70 -7.35 12.34
N CYS A 34 -11.41 -7.76 11.12
CA CYS A 34 -10.95 -9.11 10.85
C CYS A 34 -9.59 -9.40 11.50
N ILE A 35 -8.67 -8.44 11.43
CA ILE A 35 -7.34 -8.65 12.00
C ILE A 35 -7.42 -8.66 13.52
N GLN A 36 -8.33 -7.86 14.08
CA GLN A 36 -8.46 -7.80 15.54
C GLN A 36 -8.84 -9.17 16.06
N LYS A 37 -9.79 -9.83 15.38
CA LYS A 37 -10.22 -11.15 15.79
C LYS A 37 -9.07 -12.13 15.64
N TRP A 38 -8.32 -11.95 14.57
CA TRP A 38 -7.18 -12.81 14.27
C TRP A 38 -6.17 -12.76 15.41
N LEU A 39 -5.90 -11.55 15.90
CA LEU A 39 -4.96 -11.37 16.99
C LEU A 39 -5.46 -12.08 18.25
N ASP A 40 -6.77 -12.01 18.46
CA ASP A 40 -7.39 -12.64 19.62
C ASP A 40 -7.15 -14.15 19.60
N SER A 41 -7.13 -14.72 18.40
CA SER A 41 -6.93 -16.17 18.25
C SER A 41 -5.55 -16.58 18.75
N GLY A 42 -4.61 -15.63 18.74
CA GLY A 42 -3.25 -15.91 19.20
C GLY A 42 -2.33 -16.34 18.07
N HIS A 43 -2.81 -16.25 16.84
CA HIS A 43 -1.99 -16.61 15.68
C HIS A 43 -0.85 -15.61 15.50
N LYS A 44 0.29 -16.08 15.00
CA LYS A 44 1.45 -15.21 14.81
C LYS A 44 2.09 -15.40 13.44
N THR A 45 1.28 -15.60 12.41
CA THR A 45 1.80 -15.78 11.07
C THR A 45 0.88 -15.17 10.02
N CYS A 46 1.34 -15.16 8.79
CA CYS A 46 0.55 -14.64 7.70
C CYS A 46 0.12 -15.81 6.81
N PRO A 47 -1.10 -16.27 6.90
CA PRO A 47 -1.59 -17.43 6.08
C PRO A 47 -1.52 -17.18 4.58
N LYS A 48 -1.72 -15.92 4.18
CA LYS A 48 -1.70 -15.56 2.76
C LYS A 48 -0.36 -15.90 2.11
N THR A 49 0.73 -15.57 2.80
CA THR A 49 2.05 -15.85 2.25
C THR A 49 2.68 -17.08 2.90
N GLN A 50 2.16 -17.46 4.06
CA GLN A 50 2.65 -18.60 4.83
C GLN A 50 4.01 -18.23 5.43
N GLN A 51 4.06 -17.04 6.02
CA GLN A 51 5.29 -16.54 6.64
C GLN A 51 5.04 -16.06 8.07
N PRO A 52 5.96 -16.25 8.98
CA PRO A 52 5.81 -15.77 10.38
C PRO A 52 5.90 -14.25 10.48
N LEU A 53 5.25 -13.67 11.47
CA LEU A 53 5.27 -12.22 11.64
C LEU A 53 6.29 -11.80 12.71
N SER A 54 6.06 -12.25 13.94
CA SER A 54 6.95 -11.90 15.05
C SER A 54 7.14 -10.38 15.10
N HIS A 55 6.14 -9.66 14.60
CA HIS A 55 6.17 -8.21 14.58
C HIS A 55 4.81 -7.67 14.16
N THR A 56 4.44 -6.49 14.67
CA THR A 56 3.15 -5.91 14.32
C THR A 56 3.26 -4.40 14.15
N SER A 57 2.45 -3.85 13.27
CA SER A 57 2.43 -2.41 13.02
C SER A 57 1.08 -2.01 12.44
N LEU A 58 0.59 -0.83 12.80
CA LEU A 58 -0.70 -0.38 12.30
C LEU A 58 -0.66 -0.19 10.79
N THR A 59 0.24 0.69 10.33
CA THR A 59 0.40 0.96 8.91
C THR A 59 -0.97 1.09 8.25
N PRO A 60 -1.66 2.16 8.49
CA PRO A 60 -3.02 2.40 7.93
C PRO A 60 -2.94 2.74 6.44
N ASN A 61 -4.02 2.47 5.72
CA ASN A 61 -4.07 2.74 4.28
C ASN A 61 -3.40 4.08 3.92
N PHE A 62 -2.36 4.02 3.10
CA PHE A 62 -1.65 5.24 2.69
C PHE A 62 -2.00 5.61 1.24
N VAL A 63 -1.25 5.10 0.27
CA VAL A 63 -1.49 5.40 -1.14
C VAL A 63 -2.88 4.89 -1.54
N LEU A 64 -3.39 3.92 -0.79
CA LEU A 64 -4.71 3.38 -1.08
C LEU A 64 -5.76 4.48 -1.01
N LYS A 65 -5.65 5.33 0.01
CA LYS A 65 -6.58 6.43 0.18
C LYS A 65 -6.52 7.36 -1.04
N SER A 66 -5.31 7.67 -1.49
CA SER A 66 -5.15 8.56 -2.63
C SER A 66 -5.80 7.96 -3.88
N LEU A 67 -5.62 6.67 -4.09
CA LEU A 67 -6.21 5.99 -5.24
C LEU A 67 -7.72 5.95 -5.10
N ILE A 68 -8.20 5.73 -3.88
CA ILE A 68 -9.62 5.67 -3.61
C ILE A 68 -10.30 6.97 -3.99
N SER A 69 -9.70 8.08 -3.60
CA SER A 69 -10.26 9.40 -3.91
C SER A 69 -10.36 9.60 -5.41
N GLN A 70 -9.30 9.28 -6.13
CA GLN A 70 -9.30 9.44 -7.59
C GLN A 70 -10.31 8.51 -8.26
N TRP A 71 -10.37 7.27 -7.77
CA TRP A 71 -11.28 6.28 -8.34
C TRP A 71 -12.74 6.69 -8.17
N CYS A 72 -13.11 7.09 -6.96
CA CYS A 72 -14.48 7.47 -6.68
C CYS A 72 -14.88 8.74 -7.41
N GLU A 73 -13.94 9.66 -7.56
CA GLU A 73 -14.23 10.92 -8.25
C GLU A 73 -14.56 10.67 -9.72
N ALA A 74 -13.84 9.75 -10.34
CA ALA A 74 -14.06 9.46 -11.75
C ALA A 74 -15.47 8.94 -11.98
N ASN A 75 -15.94 8.07 -11.10
CA ASN A 75 -17.27 7.52 -11.23
C ASN A 75 -18.31 8.38 -10.52
N GLY A 76 -17.85 9.34 -9.71
CA GLY A 76 -18.80 10.20 -9.00
C GLY A 76 -19.58 9.41 -7.96
N ILE A 77 -18.97 8.37 -7.40
CA ILE A 77 -19.63 7.54 -6.40
C ILE A 77 -19.12 7.87 -5.00
N GLU A 78 -20.04 8.08 -4.07
CA GLU A 78 -19.64 8.40 -2.70
C GLU A 78 -18.81 7.28 -2.08
N LEU A 79 -17.89 7.66 -1.20
CA LEU A 79 -17.00 6.69 -0.55
C LEU A 79 -17.82 5.70 0.29
N PRO A 80 -17.30 4.52 0.52
CA PRO A 80 -18.01 3.48 1.32
C PRO A 80 -18.27 3.94 2.76
N GLY B 1 -7.75 3.77 -17.90
CA GLY B 1 -6.55 4.36 -17.20
C GLY B 1 -6.20 5.69 -17.84
N ALA B 2 -5.92 6.69 -17.01
CA ALA B 2 -5.57 8.02 -17.49
C ALA B 2 -4.27 7.99 -18.28
N MET B 3 -4.20 8.82 -19.32
CA MET B 3 -3.01 8.90 -20.15
C MET B 3 -1.81 9.37 -19.33
N ILE B 4 -2.06 10.35 -18.46
CA ILE B 4 -0.99 10.88 -17.62
C ILE B 4 -0.82 10.02 -16.37
N ILE B 5 0.44 9.77 -16.01
CA ILE B 5 0.73 8.96 -14.84
C ILE B 5 0.37 9.75 -13.58
N PRO B 6 -0.32 9.16 -12.62
CA PRO B 6 -0.71 9.87 -11.37
C PRO B 6 0.46 10.08 -10.42
N ASP B 7 0.32 11.06 -9.54
CA ASP B 7 1.37 11.38 -8.58
C ASP B 7 1.65 10.21 -7.63
N GLU B 8 0.61 9.45 -7.31
CA GLU B 8 0.77 8.31 -6.40
C GLU B 8 1.79 7.31 -6.95
N PHE B 9 1.70 7.05 -8.24
CA PHE B 9 2.60 6.10 -8.90
C PHE B 9 4.00 6.68 -9.04
N ARG B 10 4.07 7.98 -9.26
CA ARG B 10 5.35 8.66 -9.40
C ARG B 10 6.00 8.85 -8.03
N CYS B 11 7.32 8.68 -7.97
CA CYS B 11 8.03 8.84 -6.71
C CYS B 11 7.93 10.30 -6.23
N PRO B 12 7.46 10.55 -5.03
CA PRO B 12 7.35 11.95 -4.50
C PRO B 12 8.69 12.70 -4.56
N ILE B 13 9.80 11.97 -4.37
CA ILE B 13 11.11 12.60 -4.36
C ILE B 13 11.81 12.58 -5.73
N SER B 14 11.72 11.47 -6.46
CA SER B 14 12.40 11.40 -7.76
C SER B 14 11.52 11.99 -8.86
N LEU B 15 10.24 12.18 -8.58
CA LEU B 15 9.31 12.74 -9.56
C LEU B 15 9.24 11.87 -10.81
N GLU B 16 9.79 10.66 -10.72
CA GLU B 16 9.77 9.74 -11.86
C GLU B 16 9.31 8.36 -11.41
N LEU B 17 9.16 7.47 -12.38
CA LEU B 17 8.71 6.12 -12.10
C LEU B 17 9.78 5.34 -11.34
N MET B 18 9.33 4.45 -10.45
CA MET B 18 10.26 3.64 -9.67
C MET B 18 10.10 2.17 -10.01
N GLN B 19 11.24 1.47 -10.15
CA GLN B 19 11.23 0.05 -10.51
C GLN B 19 11.14 -0.85 -9.28
N ASP B 20 11.57 -0.35 -8.14
CA ASP B 20 11.56 -1.13 -6.91
C ASP B 20 10.88 -0.36 -5.79
N PRO B 21 9.59 -0.24 -5.84
CA PRO B 21 8.80 0.48 -4.81
C PRO B 21 8.66 -0.31 -3.51
N VAL B 22 8.88 0.35 -2.38
CA VAL B 22 8.75 -0.31 -1.09
C VAL B 22 8.04 0.63 -0.10
N ILE B 23 7.42 0.05 0.93
CA ILE B 23 6.72 0.89 1.91
C ILE B 23 7.41 0.82 3.27
N VAL B 24 7.57 1.99 3.89
CA VAL B 24 8.23 2.10 5.19
C VAL B 24 7.22 1.86 6.32
N SER B 25 7.70 1.73 7.55
CA SER B 25 6.81 1.47 8.69
C SER B 25 5.76 2.57 8.84
N SER B 26 6.07 3.76 8.32
CA SER B 26 5.15 4.88 8.40
C SER B 26 4.09 4.82 7.29
N GLY B 27 4.20 3.83 6.40
CA GLY B 27 3.24 3.67 5.31
C GLY B 27 3.60 4.49 4.07
N GLN B 28 4.71 5.21 4.11
CA GLN B 28 5.11 6.00 2.95
C GLN B 28 5.83 5.11 1.94
N THR B 29 5.80 5.49 0.66
CA THR B 29 6.44 4.69 -0.38
C THR B 29 7.74 5.34 -0.86
N TYR B 30 8.80 4.54 -0.89
CA TYR B 30 10.10 5.04 -1.34
C TYR B 30 10.81 3.99 -2.19
N GLU B 31 11.78 4.43 -2.98
CA GLU B 31 12.56 3.53 -3.81
C GLU B 31 13.53 2.75 -2.92
N ARG B 32 13.80 1.49 -3.26
CA ARG B 32 14.70 0.69 -2.44
C ARG B 32 16.07 1.36 -2.36
N SER B 33 16.49 2.00 -3.44
CA SER B 33 17.78 2.67 -3.46
C SER B 33 17.77 3.86 -2.51
N CYS B 34 16.65 4.57 -2.47
CA CYS B 34 16.51 5.71 -1.59
C CYS B 34 16.64 5.29 -0.14
N ILE B 35 15.96 4.21 0.22
CA ILE B 35 16.00 3.71 1.60
C ILE B 35 17.42 3.34 1.98
N GLN B 36 18.16 2.72 1.06
CA GLN B 36 19.53 2.34 1.36
C GLN B 36 20.33 3.58 1.73
N LYS B 37 20.17 4.64 0.94
CA LYS B 37 20.86 5.90 1.22
C LYS B 37 20.37 6.48 2.54
N TRP B 38 19.07 6.37 2.77
CA TRP B 38 18.45 6.89 4.00
C TRP B 38 19.05 6.24 5.24
N LEU B 39 19.16 4.92 5.22
CA LEU B 39 19.73 4.19 6.35
C LEU B 39 21.21 4.52 6.49
N ASP B 40 21.90 4.59 5.35
CA ASP B 40 23.33 4.89 5.34
C ASP B 40 23.58 6.28 5.93
N SER B 41 22.68 7.21 5.60
CA SER B 41 22.82 8.58 6.09
C SER B 41 22.67 8.60 7.62
N GLY B 42 22.09 7.55 8.18
CA GLY B 42 21.90 7.46 9.62
C GLY B 42 20.59 8.14 10.04
N HIS B 43 19.68 8.35 9.08
CA HIS B 43 18.40 8.98 9.40
C HIS B 43 17.53 8.03 10.22
N LYS B 44 16.84 8.57 11.23
CA LYS B 44 15.97 7.74 12.07
C LYS B 44 14.55 8.26 12.08
N THR B 45 14.14 8.96 11.03
CA THR B 45 12.79 9.50 10.96
C THR B 45 12.27 9.57 9.54
N CYS B 46 10.96 9.64 9.42
CA CYS B 46 10.30 9.72 8.11
C CYS B 46 10.11 11.21 7.74
N PRO B 47 10.81 11.72 6.74
CA PRO B 47 10.69 13.16 6.35
C PRO B 47 9.28 13.59 5.97
N LYS B 48 8.57 12.75 5.21
CA LYS B 48 7.22 13.08 4.76
C LYS B 48 6.24 13.25 5.93
N THR B 49 6.30 12.37 6.91
CA THR B 49 5.39 12.44 8.05
C THR B 49 6.01 13.22 9.22
N GLN B 50 7.33 13.38 9.18
CA GLN B 50 8.06 14.12 10.21
C GLN B 50 7.97 13.48 11.59
N GLN B 51 8.09 12.15 11.64
CA GLN B 51 8.04 11.44 12.91
C GLN B 51 9.13 10.36 12.96
N PRO B 52 9.61 10.01 14.14
CA PRO B 52 10.66 8.95 14.28
C PRO B 52 10.22 7.62 13.69
N LEU B 53 11.20 6.86 13.17
CA LEU B 53 10.90 5.58 12.57
C LEU B 53 11.13 4.44 13.56
N SER B 54 10.05 3.80 13.99
CA SER B 54 10.16 2.70 14.94
C SER B 54 10.97 1.55 14.36
N HIS B 55 10.71 1.21 13.10
CA HIS B 55 11.43 0.12 12.45
C HIS B 55 11.38 0.27 10.93
N THR B 56 12.29 -0.42 10.25
CA THR B 56 12.35 -0.37 8.78
C THR B 56 11.16 -1.10 8.15
N SER B 57 10.66 -2.11 8.84
CA SER B 57 9.53 -2.89 8.34
C SER B 57 9.93 -3.67 7.08
N LEU B 58 9.34 -4.85 6.93
CA LEU B 58 9.64 -5.69 5.78
C LEU B 58 8.56 -5.55 4.70
N THR B 59 7.54 -4.73 4.96
CA THR B 59 6.45 -4.55 3.99
C THR B 59 7.01 -4.04 2.65
N PRO B 60 6.97 -4.85 1.60
CA PRO B 60 7.49 -4.43 0.27
C PRO B 60 6.42 -3.73 -0.57
N ASN B 61 5.56 -4.50 -1.22
CA ASN B 61 4.49 -3.94 -2.05
C ASN B 61 3.25 -4.84 -1.98
N PHE B 62 2.09 -4.30 -2.38
CA PHE B 62 0.86 -5.09 -2.33
C PHE B 62 -0.21 -4.48 -3.27
N VAL B 63 -1.23 -3.82 -2.70
CA VAL B 63 -2.30 -3.22 -3.49
C VAL B 63 -1.75 -2.17 -4.46
N LEU B 64 -0.77 -1.40 -4.00
CA LEU B 64 -0.19 -0.35 -4.84
C LEU B 64 0.37 -0.93 -6.13
N LYS B 65 1.12 -2.03 -6.02
CA LYS B 65 1.70 -2.65 -7.21
C LYS B 65 0.60 -3.13 -8.15
N SER B 66 -0.45 -3.72 -7.58
CA SER B 66 -1.55 -4.23 -8.39
C SER B 66 -2.29 -3.09 -9.10
N LEU B 67 -2.46 -1.97 -8.42
CA LEU B 67 -3.14 -0.83 -9.02
C LEU B 67 -2.32 -0.29 -10.20
N ILE B 68 -1.00 -0.29 -10.04
CA ILE B 68 -0.10 0.18 -11.08
C ILE B 68 -0.23 -0.67 -12.33
N SER B 69 -0.29 -1.97 -12.13
CA SER B 69 -0.39 -2.91 -13.25
C SER B 69 -1.66 -2.64 -14.06
N GLN B 70 -2.75 -2.36 -13.37
CA GLN B 70 -4.00 -2.08 -14.06
C GLN B 70 -3.85 -0.82 -14.92
N TRP B 71 -3.17 0.17 -14.35
CA TRP B 71 -2.93 1.43 -15.07
C TRP B 71 -2.10 1.17 -16.32
N CYS B 72 -1.04 0.40 -16.16
CA CYS B 72 -0.15 0.08 -17.26
C CYS B 72 -0.87 -0.69 -18.36
N GLU B 73 -1.70 -1.64 -17.97
CA GLU B 73 -2.43 -2.44 -18.95
C GLU B 73 -3.35 -1.55 -19.79
N ALA B 74 -3.97 -0.57 -19.14
CA ALA B 74 -4.86 0.34 -19.83
C ALA B 74 -4.09 1.11 -20.90
N ASN B 75 -2.88 1.53 -20.55
CA ASN B 75 -2.04 2.28 -21.48
C ASN B 75 -1.24 1.34 -22.38
N GLY B 76 -1.23 0.05 -22.04
CA GLY B 76 -0.49 -0.92 -22.85
C GLY B 76 1.02 -0.66 -22.78
N ILE B 77 1.47 -0.11 -21.65
CA ILE B 77 2.89 0.20 -21.48
C ILE B 77 3.50 -0.63 -20.37
N GLU B 78 4.58 -1.35 -20.67
CA GLU B 78 5.23 -2.18 -19.66
C GLU B 78 5.51 -1.39 -18.38
N LEU B 79 5.76 -2.12 -17.29
CA LEU B 79 6.06 -1.50 -16.00
C LEU B 79 7.38 -0.75 -16.07
N PRO B 80 7.58 0.23 -15.21
CA PRO B 80 8.82 1.04 -15.20
C PRO B 80 10.08 0.19 -15.32
N GLY A 1 -25.26 -7.02 -9.80
CA GLY A 1 -24.81 -6.87 -11.22
C GLY A 1 -24.73 -5.39 -11.58
N ALA A 2 -24.86 -5.10 -12.87
CA ALA A 2 -24.80 -3.73 -13.36
C ALA A 2 -23.38 -3.17 -13.23
N MET A 3 -22.95 -2.88 -12.01
CA MET A 3 -21.62 -2.36 -11.79
C MET A 3 -20.89 -3.18 -10.72
N ILE A 4 -19.58 -3.33 -10.89
CA ILE A 4 -18.77 -4.09 -9.94
C ILE A 4 -17.46 -3.36 -9.67
N ILE A 5 -17.00 -3.42 -8.42
CA ILE A 5 -15.76 -2.75 -8.04
C ILE A 5 -14.56 -3.71 -8.16
N PRO A 6 -13.39 -3.24 -8.56
CA PRO A 6 -12.18 -4.10 -8.67
C PRO A 6 -11.83 -4.79 -7.35
N ASP A 7 -11.32 -6.01 -7.45
CA ASP A 7 -10.93 -6.78 -6.27
C ASP A 7 -9.84 -6.06 -5.47
N GLU A 8 -9.08 -5.22 -6.15
CA GLU A 8 -7.99 -4.48 -5.51
C GLU A 8 -8.49 -3.58 -4.38
N PHE A 9 -9.75 -3.17 -4.44
CA PHE A 9 -10.28 -2.28 -3.41
C PHE A 9 -10.99 -3.05 -2.30
N ARG A 10 -10.92 -4.38 -2.32
CA ARG A 10 -11.56 -5.17 -1.28
C ARG A 10 -10.65 -6.33 -0.85
N CYS A 11 -10.72 -6.69 0.43
CA CYS A 11 -9.90 -7.78 0.95
C CYS A 11 -10.49 -9.14 0.55
N PRO A 12 -9.68 -10.15 0.33
CA PRO A 12 -10.19 -11.51 -0.06
C PRO A 12 -11.19 -12.07 0.95
N ILE A 13 -10.86 -11.95 2.23
CA ILE A 13 -11.74 -12.46 3.29
C ILE A 13 -13.06 -11.70 3.30
N SER A 14 -12.97 -10.38 3.24
CA SER A 14 -14.16 -9.53 3.28
C SER A 14 -15.07 -9.76 2.09
N LEU A 15 -14.47 -9.90 0.90
CA LEU A 15 -15.24 -10.09 -0.33
C LEU A 15 -16.15 -8.90 -0.61
N GLU A 16 -15.96 -7.81 0.15
CA GLU A 16 -16.77 -6.61 -0.02
C GLU A 16 -15.88 -5.37 0.10
N LEU A 17 -16.36 -4.25 -0.44
CA LEU A 17 -15.58 -3.02 -0.39
C LEU A 17 -15.23 -2.68 1.06
N MET A 18 -13.94 -2.60 1.35
CA MET A 18 -13.47 -2.30 2.70
C MET A 18 -13.45 -0.79 2.97
N GLN A 19 -13.53 -0.44 4.24
CA GLN A 19 -13.55 0.98 4.64
C GLN A 19 -12.18 1.45 5.14
N ASP A 20 -11.58 0.68 6.04
CA ASP A 20 -10.29 1.03 6.61
C ASP A 20 -9.31 -0.11 6.53
N PRO A 21 -8.82 -0.41 5.36
CA PRO A 21 -7.84 -1.50 5.12
C PRO A 21 -6.45 -1.18 5.69
N VAL A 22 -5.74 -2.23 6.08
CA VAL A 22 -4.39 -2.08 6.64
C VAL A 22 -3.47 -3.16 6.07
N ILE A 23 -2.16 -2.99 6.20
CA ILE A 23 -1.23 -3.99 5.69
C ILE A 23 -0.61 -4.79 6.85
N VAL A 24 -0.21 -6.02 6.55
CA VAL A 24 0.40 -6.88 7.55
C VAL A 24 1.92 -6.89 7.34
N SER A 25 2.64 -7.69 8.10
CA SER A 25 4.10 -7.72 7.96
C SER A 25 4.48 -8.05 6.52
N SER A 26 3.81 -9.03 5.93
CA SER A 26 4.08 -9.42 4.56
C SER A 26 3.47 -8.42 3.57
N GLY A 27 2.84 -7.36 4.09
CA GLY A 27 2.24 -6.35 3.21
C GLY A 27 0.84 -6.78 2.74
N GLN A 28 0.34 -7.91 3.23
CA GLN A 28 -0.99 -8.37 2.83
C GLN A 28 -2.04 -7.42 3.39
N THR A 29 -3.15 -7.27 2.68
CA THR A 29 -4.21 -6.36 3.13
C THR A 29 -5.31 -7.10 3.88
N TYR A 30 -5.70 -6.56 5.04
CA TYR A 30 -6.76 -7.16 5.85
C TYR A 30 -7.67 -6.09 6.45
N GLU A 31 -8.88 -6.48 6.76
CA GLU A 31 -9.85 -5.56 7.37
C GLU A 31 -9.48 -5.29 8.82
N ARG A 32 -9.80 -4.10 9.29
CA ARG A 32 -9.49 -3.71 10.66
C ARG A 32 -10.13 -4.69 11.64
N SER A 33 -11.41 -5.01 11.40
CA SER A 33 -12.12 -5.95 12.25
C SER A 33 -11.49 -7.34 12.17
N CYS A 34 -11.14 -7.76 10.97
CA CYS A 34 -10.53 -9.07 10.76
C CYS A 34 -9.24 -9.20 11.54
N ILE A 35 -8.38 -8.19 11.44
CA ILE A 35 -7.11 -8.22 12.14
C ILE A 35 -7.32 -8.29 13.65
N GLN A 36 -8.28 -7.54 14.16
CA GLN A 36 -8.55 -7.56 15.59
C GLN A 36 -8.97 -8.95 16.04
N LYS A 37 -9.83 -9.60 15.26
CA LYS A 37 -10.29 -10.94 15.60
C LYS A 37 -9.12 -11.92 15.57
N TRP A 38 -8.26 -11.75 14.56
CA TRP A 38 -7.10 -12.62 14.41
C TRP A 38 -6.15 -12.47 15.59
N LEU A 39 -5.87 -11.23 15.95
CA LEU A 39 -4.98 -10.94 17.08
C LEU A 39 -5.62 -11.42 18.37
N ASP A 40 -6.92 -11.21 18.49
CA ASP A 40 -7.66 -11.61 19.68
C ASP A 40 -7.55 -13.12 19.88
N SER A 41 -7.62 -13.87 18.80
CA SER A 41 -7.52 -15.32 18.88
C SER A 41 -6.14 -15.76 19.36
N GLY A 42 -5.17 -14.85 19.26
CA GLY A 42 -3.81 -15.17 19.69
C GLY A 42 -2.91 -15.51 18.51
N HIS A 43 -3.38 -15.26 17.29
CA HIS A 43 -2.59 -15.54 16.11
C HIS A 43 -1.69 -14.36 15.78
N LYS A 44 -0.41 -14.64 15.55
CA LYS A 44 0.54 -13.58 15.23
C LYS A 44 1.24 -13.85 13.91
N THR A 45 0.54 -14.49 12.98
CA THR A 45 1.11 -14.79 11.67
C THR A 45 0.17 -14.43 10.54
N CYS A 46 0.71 -14.37 9.33
CA CYS A 46 -0.08 -14.07 8.16
C CYS A 46 -0.48 -15.38 7.49
N PRO A 47 -1.73 -15.80 7.60
CA PRO A 47 -2.18 -17.09 7.00
C PRO A 47 -2.21 -17.08 5.47
N LYS A 48 -2.40 -15.90 4.88
CA LYS A 48 -2.46 -15.79 3.43
C LYS A 48 -1.13 -16.22 2.78
N THR A 49 -0.02 -15.76 3.36
CA THR A 49 1.29 -16.10 2.82
C THR A 49 2.05 -17.09 3.71
N GLN A 50 1.52 -17.28 4.93
CA GLN A 50 2.12 -18.19 5.92
C GLN A 50 3.44 -17.64 6.44
N GLN A 51 3.46 -16.35 6.75
CA GLN A 51 4.68 -15.71 7.26
C GLN A 51 4.45 -15.13 8.66
N PRO A 52 5.43 -15.14 9.52
CA PRO A 52 5.29 -14.57 10.90
C PRO A 52 5.35 -13.05 10.90
N LEU A 53 4.76 -12.43 11.92
CA LEU A 53 4.76 -10.97 12.02
C LEU A 53 5.96 -10.50 12.84
N SER A 54 6.87 -9.79 12.18
CA SER A 54 8.07 -9.28 12.84
C SER A 54 7.89 -7.82 13.26
N HIS A 55 6.73 -7.24 13.00
CA HIS A 55 6.48 -5.84 13.37
C HIS A 55 5.13 -5.67 14.05
N THR A 56 5.08 -4.75 15.01
CA THR A 56 3.84 -4.48 15.72
C THR A 56 3.40 -3.03 15.52
N SER A 57 4.08 -2.31 14.64
CA SER A 57 3.74 -0.91 14.37
C SER A 57 2.44 -0.82 13.57
N LEU A 58 1.82 0.37 13.57
CA LEU A 58 0.58 0.57 12.83
C LEU A 58 0.86 0.90 11.38
N THR A 59 0.12 0.26 10.48
CA THR A 59 0.30 0.49 9.05
C THR A 59 -1.06 0.65 8.34
N PRO A 60 -1.68 1.79 8.47
CA PRO A 60 -2.99 2.07 7.82
C PRO A 60 -2.83 2.28 6.32
N ASN A 61 -3.89 2.08 5.56
CA ASN A 61 -3.82 2.27 4.12
C ASN A 61 -3.20 3.63 3.79
N PHE A 62 -2.19 3.61 2.93
CA PHE A 62 -1.51 4.85 2.54
C PHE A 62 -1.80 5.21 1.07
N VAL A 63 -0.98 4.72 0.15
CA VAL A 63 -1.16 5.00 -1.27
C VAL A 63 -2.53 4.52 -1.75
N LEU A 64 -2.96 3.39 -1.23
CA LEU A 64 -4.24 2.83 -1.62
C LEU A 64 -5.36 3.84 -1.36
N LYS A 65 -5.28 4.58 -0.27
CA LYS A 65 -6.30 5.57 0.04
C LYS A 65 -6.42 6.59 -1.09
N SER A 66 -5.29 7.08 -1.57
CA SER A 66 -5.30 8.06 -2.64
C SER A 66 -5.91 7.49 -3.91
N LEU A 67 -5.53 6.26 -4.25
CA LEU A 67 -6.05 5.62 -5.45
C LEU A 67 -7.56 5.40 -5.34
N ILE A 68 -8.02 5.04 -4.14
CA ILE A 68 -9.43 4.82 -3.93
C ILE A 68 -10.22 6.09 -4.22
N SER A 69 -9.74 7.21 -3.70
CA SER A 69 -10.42 8.48 -3.91
C SER A 69 -10.50 8.81 -5.39
N GLN A 70 -9.41 8.61 -6.11
CA GLN A 70 -9.39 8.89 -7.54
C GLN A 70 -10.36 7.98 -8.28
N TRP A 71 -10.38 6.71 -7.87
CA TRP A 71 -11.26 5.72 -8.49
C TRP A 71 -12.74 6.07 -8.30
N CYS A 72 -13.10 6.40 -7.08
CA CYS A 72 -14.50 6.71 -6.77
C CYS A 72 -14.94 8.03 -7.40
N GLU A 73 -14.01 8.98 -7.48
CA GLU A 73 -14.33 10.27 -8.09
C GLU A 73 -14.62 10.10 -9.57
N ALA A 74 -13.85 9.23 -10.21
CA ALA A 74 -14.02 8.97 -11.63
C ALA A 74 -15.41 8.42 -11.88
N ASN A 75 -15.84 7.51 -11.00
CA ASN A 75 -17.16 6.91 -11.13
C ASN A 75 -18.23 7.76 -10.46
N GLY A 76 -17.80 8.79 -9.71
CA GLY A 76 -18.75 9.66 -9.03
C GLY A 76 -19.46 8.91 -7.90
N ILE A 77 -18.81 7.90 -7.36
CA ILE A 77 -19.38 7.09 -6.29
C ILE A 77 -18.81 7.52 -4.94
N GLU A 78 -19.65 7.50 -3.90
CA GLU A 78 -19.19 7.90 -2.57
C GLU A 78 -18.24 6.85 -2.02
N LEU A 79 -17.34 7.27 -1.13
CA LEU A 79 -16.38 6.34 -0.54
C LEU A 79 -17.08 5.38 0.42
N PRO A 80 -16.53 4.21 0.66
CA PRO A 80 -17.13 3.21 1.58
C PRO A 80 -17.23 3.74 3.01
N GLY B 1 3.65 9.68 -20.15
CA GLY B 1 2.58 9.51 -21.17
C GLY B 1 2.01 10.87 -21.56
N ALA B 2 1.03 10.87 -22.45
CA ALA B 2 0.40 12.11 -22.89
C ALA B 2 -0.25 12.83 -21.72
N MET B 3 -0.90 12.06 -20.85
CA MET B 3 -1.56 12.64 -19.67
C MET B 3 -0.68 12.49 -18.45
N ILE B 4 -0.81 13.41 -17.51
CA ILE B 4 -0.01 13.38 -16.30
C ILE B 4 -0.31 12.13 -15.49
N ILE B 5 0.75 11.44 -15.05
CA ILE B 5 0.61 10.22 -14.29
C ILE B 5 0.37 10.54 -12.80
N PRO B 6 -0.46 9.78 -12.11
CA PRO B 6 -0.73 10.01 -10.66
C PRO B 6 0.55 9.99 -9.82
N ASP B 7 0.61 10.84 -8.80
CA ASP B 7 1.77 10.91 -7.92
C ASP B 7 2.00 9.60 -7.17
N GLU B 8 0.93 8.83 -7.03
CA GLU B 8 1.00 7.56 -6.30
C GLU B 8 1.96 6.58 -6.98
N PHE B 9 2.16 6.75 -8.29
CA PHE B 9 3.05 5.86 -9.02
C PHE B 9 4.44 6.46 -9.17
N ARG B 10 4.70 7.58 -8.49
CA ARG B 10 6.00 8.23 -8.54
C ARG B 10 6.52 8.51 -7.14
N CYS B 11 7.82 8.36 -6.94
CA CYS B 11 8.40 8.63 -5.62
C CYS B 11 8.82 10.10 -5.53
N PRO B 12 8.33 10.86 -4.57
CA PRO B 12 8.71 12.31 -4.44
C PRO B 12 10.21 12.54 -4.34
N ILE B 13 10.89 11.69 -3.57
CA ILE B 13 12.33 11.82 -3.40
C ILE B 13 13.08 11.63 -4.72
N SER B 14 12.76 10.54 -5.41
CA SER B 14 13.42 10.22 -6.67
C SER B 14 13.00 11.18 -7.79
N LEU B 15 11.72 11.53 -7.80
CA LEU B 15 11.17 12.40 -8.84
C LEU B 15 11.12 11.65 -10.16
N GLU B 16 10.75 10.37 -10.07
CA GLU B 16 10.66 9.51 -11.25
C GLU B 16 9.74 8.32 -10.95
N LEU B 17 9.27 7.65 -12.00
CA LEU B 17 8.37 6.51 -11.83
C LEU B 17 9.06 5.40 -11.02
N MET B 18 8.30 4.80 -10.11
CA MET B 18 8.83 3.73 -9.27
C MET B 18 8.74 2.38 -9.97
N GLN B 19 9.77 1.56 -9.76
CA GLN B 19 9.81 0.22 -10.34
C GLN B 19 9.88 -0.84 -9.25
N ASP B 20 10.36 -0.43 -8.07
CA ASP B 20 10.47 -1.36 -6.94
C ASP B 20 10.02 -0.68 -5.66
N PRO B 21 8.74 -0.38 -5.56
CA PRO B 21 8.15 0.29 -4.37
C PRO B 21 8.00 -0.61 -3.15
N VAL B 22 8.29 -0.03 -1.99
CA VAL B 22 8.18 -0.72 -0.71
C VAL B 22 7.67 0.28 0.32
N ILE B 23 7.16 -0.20 1.46
CA ILE B 23 6.67 0.72 2.49
C ILE B 23 7.56 0.63 3.72
N VAL B 24 7.58 1.70 4.50
CA VAL B 24 8.37 1.75 5.72
C VAL B 24 7.42 1.63 6.92
N SER B 25 7.94 1.74 8.14
CA SER B 25 7.08 1.61 9.33
C SER B 25 5.93 2.61 9.27
N SER B 26 6.24 3.84 8.87
CA SER B 26 5.23 4.87 8.76
C SER B 26 4.19 4.50 7.70
N GLY B 27 4.56 3.57 6.81
CA GLY B 27 3.65 3.12 5.76
C GLY B 27 3.82 3.93 4.48
N GLN B 28 4.73 4.88 4.48
CA GLN B 28 4.96 5.68 3.28
C GLN B 28 5.75 4.85 2.26
N THR B 29 5.41 5.02 0.99
CA THR B 29 6.07 4.26 -0.07
C THR B 29 7.38 4.93 -0.50
N TYR B 30 8.44 4.12 -0.56
CA TYR B 30 9.75 4.61 -0.96
C TYR B 30 10.40 3.62 -1.92
N GLU B 31 11.25 4.13 -2.81
CA GLU B 31 11.95 3.27 -3.75
C GLU B 31 12.96 2.42 -3.00
N ARG B 32 13.16 1.18 -3.44
CA ARG B 32 14.10 0.29 -2.78
C ARG B 32 15.49 0.93 -2.69
N SER B 33 15.95 1.50 -3.80
CA SER B 33 17.26 2.14 -3.83
C SER B 33 17.33 3.33 -2.86
N CYS B 34 16.24 4.10 -2.80
CA CYS B 34 16.18 5.27 -1.92
C CYS B 34 16.32 4.86 -0.47
N ILE B 35 15.61 3.81 -0.08
CA ILE B 35 15.64 3.34 1.30
C ILE B 35 17.06 2.93 1.71
N GLN B 36 17.75 2.24 0.82
CA GLN B 36 19.11 1.82 1.13
C GLN B 36 19.98 3.03 1.42
N LYS B 37 19.88 4.04 0.58
CA LYS B 37 20.65 5.26 0.79
C LYS B 37 20.23 5.93 2.08
N TRP B 38 18.93 5.91 2.34
CA TRP B 38 18.38 6.52 3.55
C TRP B 38 18.96 5.86 4.80
N LEU B 39 19.01 4.53 4.81
CA LEU B 39 19.57 3.81 5.95
C LEU B 39 21.04 4.12 6.11
N ASP B 40 21.75 4.19 4.98
CA ASP B 40 23.18 4.47 5.00
C ASP B 40 23.47 5.84 5.62
N SER B 41 22.61 6.81 5.33
CA SER B 41 22.79 8.16 5.85
C SER B 41 22.67 8.18 7.36
N GLY B 42 22.06 7.14 7.93
CA GLY B 42 21.91 7.05 9.38
C GLY B 42 20.63 7.74 9.86
N HIS B 43 19.76 8.10 8.93
CA HIS B 43 18.51 8.75 9.29
C HIS B 43 17.61 7.78 10.06
N LYS B 44 16.89 8.30 11.05
CA LYS B 44 16.01 7.46 11.87
C LYS B 44 14.59 8.03 11.90
N THR B 45 14.19 8.70 10.84
CA THR B 45 12.85 9.28 10.79
C THR B 45 12.31 9.33 9.37
N CYS B 46 10.99 9.48 9.28
CA CYS B 46 10.33 9.57 8.00
C CYS B 46 10.30 11.05 7.57
N PRO B 47 11.05 11.44 6.55
CA PRO B 47 11.10 12.87 6.10
C PRO B 47 9.82 13.37 5.45
N LYS B 48 9.11 12.49 4.77
CA LYS B 48 7.88 12.87 4.09
C LYS B 48 6.83 13.36 5.09
N THR B 49 6.69 12.65 6.20
CA THR B 49 5.70 13.01 7.21
C THR B 49 6.35 13.72 8.40
N GLN B 50 7.67 13.56 8.53
CA GLN B 50 8.42 14.16 9.63
C GLN B 50 8.08 13.45 10.94
N GLN B 51 8.05 12.13 10.88
CA GLN B 51 7.74 11.32 12.06
C GLN B 51 8.95 10.46 12.46
N PRO B 52 9.35 10.43 13.71
CA PRO B 52 10.52 9.63 14.14
C PRO B 52 10.25 8.13 14.13
N LEU B 53 11.29 7.35 13.89
CA LEU B 53 11.16 5.89 13.85
C LEU B 53 11.90 5.25 15.03
N SER B 54 11.24 4.34 15.72
CA SER B 54 11.83 3.66 16.86
C SER B 54 12.46 2.33 16.45
N HIS B 55 12.22 1.92 15.21
CA HIS B 55 12.76 0.65 14.71
C HIS B 55 12.74 0.63 13.19
N THR B 56 13.38 -0.38 12.60
CA THR B 56 13.41 -0.49 11.14
C THR B 56 12.37 -1.49 10.67
N SER B 57 11.68 -1.15 9.60
CA SER B 57 10.65 -2.03 9.05
C SER B 57 10.48 -1.79 7.56
N LEU B 58 10.17 -2.85 6.82
CA LEU B 58 9.97 -2.70 5.38
C LEU B 58 9.20 -3.88 4.79
N THR B 59 8.33 -3.59 3.84
CA THR B 59 7.53 -4.63 3.18
C THR B 59 7.50 -4.37 1.68
N PRO B 60 7.19 -5.36 0.89
CA PRO B 60 7.12 -5.23 -0.59
C PRO B 60 5.76 -4.70 -1.04
N ASN B 61 5.73 -3.98 -2.15
CA ASN B 61 4.46 -3.44 -2.63
C ASN B 61 3.43 -4.56 -2.74
N PHE B 62 2.19 -4.25 -2.37
CA PHE B 62 1.11 -5.25 -2.39
C PHE B 62 -0.02 -4.84 -3.36
N VAL B 63 -1.07 -4.21 -2.85
CA VAL B 63 -2.20 -3.79 -3.68
C VAL B 63 -1.77 -2.84 -4.77
N LEU B 64 -0.81 -1.98 -4.44
CA LEU B 64 -0.31 -1.01 -5.40
C LEU B 64 0.20 -1.72 -6.65
N LYS B 65 0.85 -2.88 -6.48
CA LYS B 65 1.37 -3.61 -7.63
C LYS B 65 0.25 -3.99 -8.59
N SER B 66 -0.86 -4.50 -8.06
CA SER B 66 -1.97 -4.90 -8.91
C SER B 66 -2.60 -3.69 -9.60
N LEU B 67 -2.68 -2.58 -8.88
CA LEU B 67 -3.24 -1.35 -9.42
C LEU B 67 -2.34 -0.78 -10.52
N ILE B 68 -1.04 -0.88 -10.34
CA ILE B 68 -0.11 -0.40 -11.35
C ILE B 68 -0.32 -1.13 -12.67
N SER B 69 -0.45 -2.45 -12.60
CA SER B 69 -0.64 -3.27 -13.79
C SER B 69 -1.93 -2.88 -14.53
N GLN B 70 -3.03 -2.72 -13.81
CA GLN B 70 -4.28 -2.35 -14.47
C GLN B 70 -4.20 -0.92 -14.97
N TRP B 71 -3.48 -0.08 -14.23
CA TRP B 71 -3.29 1.32 -14.61
C TRP B 71 -2.57 1.39 -15.94
N CYS B 72 -1.53 0.59 -16.07
CA CYS B 72 -0.73 0.56 -17.29
C CYS B 72 -1.55 0.16 -18.49
N GLU B 73 -2.40 -0.84 -18.32
CA GLU B 73 -3.24 -1.30 -19.44
C GLU B 73 -4.22 -0.21 -19.88
N ALA B 74 -4.77 0.51 -18.92
CA ALA B 74 -5.74 1.57 -19.23
C ALA B 74 -5.10 2.64 -20.10
N ASN B 75 -3.88 3.03 -19.78
CA ASN B 75 -3.20 4.04 -20.56
C ASN B 75 -2.34 3.39 -21.65
N GLY B 76 -2.28 2.05 -21.65
CA GLY B 76 -1.49 1.34 -22.66
C GLY B 76 -0.01 1.65 -22.51
N ILE B 77 0.44 1.92 -21.29
CA ILE B 77 1.85 2.24 -21.06
C ILE B 77 2.51 1.16 -20.20
N GLU B 78 3.50 0.48 -20.76
CA GLU B 78 4.19 -0.57 -20.03
C GLU B 78 4.76 -0.03 -18.71
N LEU B 79 5.28 -0.93 -17.88
CA LEU B 79 5.84 -0.54 -16.60
C LEU B 79 7.05 0.38 -16.82
N PRO B 80 7.36 1.24 -15.88
CA PRO B 80 8.51 2.17 -16.02
C PRO B 80 9.83 1.44 -16.27
N GLY A 1 -14.62 -4.87 -14.07
CA GLY A 1 -15.43 -3.83 -14.77
C GLY A 1 -15.60 -2.63 -13.84
N ALA A 2 -15.98 -1.49 -14.41
CA ALA A 2 -16.16 -0.28 -13.61
C ALA A 2 -17.22 -0.51 -12.55
N MET A 3 -18.32 -1.15 -12.94
CA MET A 3 -19.40 -1.44 -12.00
C MET A 3 -18.89 -2.33 -10.87
N ILE A 4 -18.17 -3.37 -11.23
CA ILE A 4 -17.62 -4.28 -10.24
C ILE A 4 -16.45 -3.63 -9.51
N ILE A 5 -16.46 -3.70 -8.19
CA ILE A 5 -15.38 -3.09 -7.41
C ILE A 5 -14.10 -3.90 -7.58
N PRO A 6 -12.97 -3.27 -7.84
CA PRO A 6 -11.67 -4.00 -8.03
C PRO A 6 -11.33 -4.91 -6.86
N ASP A 7 -10.70 -6.03 -7.17
CA ASP A 7 -10.31 -7.00 -6.16
C ASP A 7 -9.31 -6.40 -5.18
N GLU A 8 -8.47 -5.49 -5.67
CA GLU A 8 -7.46 -4.86 -4.83
C GLU A 8 -8.11 -4.11 -3.67
N PHE A 9 -9.20 -3.40 -3.95
CA PHE A 9 -9.90 -2.66 -2.92
C PHE A 9 -10.64 -3.62 -1.99
N ARG A 10 -11.13 -4.71 -2.54
CA ARG A 10 -11.88 -5.70 -1.75
C ARG A 10 -10.94 -6.73 -1.13
N CYS A 11 -10.90 -6.78 0.19
CA CYS A 11 -10.05 -7.73 0.89
C CYS A 11 -10.74 -9.09 1.03
N PRO A 12 -10.10 -10.19 0.65
CA PRO A 12 -10.73 -11.54 0.77
C PRO A 12 -10.98 -11.94 2.21
N ILE A 13 -10.17 -11.42 3.13
CA ILE A 13 -10.32 -11.74 4.54
C ILE A 13 -11.59 -11.10 5.10
N SER A 14 -11.90 -9.91 4.60
CA SER A 14 -13.08 -9.19 5.06
C SER A 14 -14.32 -9.57 4.26
N LEU A 15 -14.14 -9.83 2.97
CA LEU A 15 -15.25 -10.18 2.11
C LEU A 15 -16.24 -9.02 1.95
N GLU A 16 -15.88 -7.86 2.47
CA GLU A 16 -16.74 -6.67 2.40
C GLU A 16 -15.89 -5.41 2.42
N LEU A 17 -16.47 -4.29 1.98
CA LEU A 17 -15.71 -3.03 1.98
C LEU A 17 -15.33 -2.66 3.40
N MET A 18 -14.02 -2.50 3.62
CA MET A 18 -13.52 -2.17 4.94
C MET A 18 -13.47 -0.66 5.17
N GLN A 19 -13.93 -0.26 6.35
CA GLN A 19 -13.94 1.15 6.73
C GLN A 19 -12.53 1.72 6.90
N ASP A 20 -11.65 0.92 7.50
CA ASP A 20 -10.28 1.36 7.76
C ASP A 20 -9.25 0.38 7.18
N PRO A 21 -8.95 0.50 5.92
CA PRO A 21 -7.94 -0.39 5.26
C PRO A 21 -6.56 -0.27 5.90
N VAL A 22 -5.94 -1.40 6.19
CA VAL A 22 -4.61 -1.43 6.77
C VAL A 22 -3.80 -2.56 6.16
N ILE A 23 -2.49 -2.52 6.29
CA ILE A 23 -1.65 -3.58 5.72
C ILE A 23 -0.89 -4.31 6.83
N VAL A 24 -0.79 -5.62 6.70
CA VAL A 24 -0.08 -6.43 7.68
C VAL A 24 1.42 -6.40 7.35
N SER A 25 2.26 -6.93 8.23
CA SER A 25 3.70 -6.93 7.96
C SER A 25 4.00 -7.65 6.66
N SER A 26 3.15 -8.60 6.31
CA SER A 26 3.30 -9.36 5.08
C SER A 26 2.97 -8.51 3.84
N GLY A 27 2.46 -7.30 4.07
CA GLY A 27 2.12 -6.40 2.97
C GLY A 27 0.77 -6.76 2.33
N GLN A 28 -0.07 -7.46 3.07
CA GLN A 28 -1.39 -7.84 2.55
C GLN A 28 -2.44 -6.84 3.01
N THR A 29 -3.39 -6.53 2.13
CA THR A 29 -4.45 -5.59 2.48
C THR A 29 -5.48 -6.24 3.39
N TYR A 30 -5.42 -5.87 4.67
CA TYR A 30 -6.30 -6.40 5.71
C TYR A 30 -7.13 -5.28 6.34
N GLU A 31 -8.27 -5.65 6.90
CA GLU A 31 -9.14 -4.69 7.59
C GLU A 31 -8.65 -4.52 9.03
N ARG A 32 -8.60 -3.29 9.50
CA ARG A 32 -8.14 -3.04 10.87
C ARG A 32 -8.98 -3.78 11.90
N SER A 33 -10.30 -3.71 11.79
CA SER A 33 -11.17 -4.39 12.72
C SER A 33 -10.98 -5.90 12.64
N CYS A 34 -10.77 -6.40 11.42
CA CYS A 34 -10.59 -7.82 11.20
C CYS A 34 -9.32 -8.36 11.88
N ILE A 35 -8.21 -7.66 11.68
CA ILE A 35 -6.94 -8.10 12.25
C ILE A 35 -7.00 -8.07 13.77
N GLN A 36 -7.72 -7.12 14.33
CA GLN A 36 -7.83 -7.03 15.78
C GLN A 36 -8.54 -8.28 16.32
N LYS A 37 -9.59 -8.69 15.61
CA LYS A 37 -10.33 -9.88 16.00
C LYS A 37 -9.45 -11.12 15.93
N TRP A 38 -8.66 -11.19 14.87
CA TRP A 38 -7.76 -12.32 14.65
C TRP A 38 -6.75 -12.40 15.80
N LEU A 39 -6.20 -11.24 16.17
CA LEU A 39 -5.24 -11.19 17.27
C LEU A 39 -5.91 -11.57 18.58
N ASP A 40 -7.14 -11.09 18.76
CA ASP A 40 -7.91 -11.37 19.97
C ASP A 40 -8.13 -12.88 20.10
N SER A 41 -8.38 -13.53 18.99
CA SER A 41 -8.61 -14.98 18.99
C SER A 41 -7.36 -15.72 19.45
N GLY A 42 -6.21 -15.02 19.48
CA GLY A 42 -4.97 -15.64 19.92
C GLY A 42 -4.10 -16.05 18.73
N HIS A 43 -4.49 -15.63 17.53
CA HIS A 43 -3.74 -15.97 16.34
C HIS A 43 -2.95 -14.76 15.85
N LYS A 44 -1.66 -14.95 15.60
CA LYS A 44 -0.81 -13.86 15.13
C LYS A 44 0.04 -14.35 13.97
N THR A 45 -0.61 -14.74 12.88
CA THR A 45 0.10 -15.25 11.72
C THR A 45 -0.48 -14.69 10.43
N CYS A 46 0.11 -15.10 9.31
CA CYS A 46 -0.34 -14.68 8.00
C CYS A 46 -0.66 -15.94 7.20
N PRO A 47 -1.82 -16.51 7.42
CA PRO A 47 -2.25 -17.78 6.74
C PRO A 47 -2.17 -17.71 5.21
N LYS A 48 -2.52 -16.57 4.64
CA LYS A 48 -2.49 -16.43 3.18
C LYS A 48 -1.08 -16.58 2.62
N THR A 49 -0.09 -16.01 3.32
CA THR A 49 1.30 -16.09 2.87
C THR A 49 2.04 -17.27 3.53
N GLN A 50 1.46 -17.80 4.60
CA GLN A 50 2.02 -18.94 5.34
C GLN A 50 3.20 -18.57 6.24
N GLN A 51 3.17 -17.39 6.86
CA GLN A 51 4.25 -16.98 7.76
C GLN A 51 3.71 -16.38 9.06
N PRO A 52 4.38 -16.59 10.17
CA PRO A 52 3.95 -16.04 11.50
C PRO A 52 4.31 -14.57 11.67
N LEU A 53 3.65 -13.89 12.59
CA LEU A 53 3.93 -12.48 12.85
C LEU A 53 4.57 -12.30 14.23
N SER A 54 5.81 -11.82 14.24
CA SER A 54 6.52 -11.60 15.49
C SER A 54 6.37 -10.14 15.95
N HIS A 55 5.76 -9.32 15.09
CA HIS A 55 5.56 -7.91 15.42
C HIS A 55 4.37 -7.36 14.64
N THR A 56 3.95 -6.14 14.99
CA THR A 56 2.83 -5.51 14.31
C THR A 56 3.25 -4.17 13.73
N SER A 57 2.51 -3.70 12.73
CA SER A 57 2.80 -2.42 12.10
C SER A 57 1.50 -1.68 11.77
N LEU A 58 1.47 -0.39 12.11
CA LEU A 58 0.28 0.41 11.87
C LEU A 58 0.00 0.55 10.36
N THR A 59 1.07 0.77 9.58
CA THR A 59 1.01 0.94 8.11
C THR A 59 -0.43 1.08 7.58
N PRO A 60 -1.04 2.21 7.82
CA PRO A 60 -2.43 2.49 7.37
C PRO A 60 -2.46 2.77 5.87
N ASN A 61 -3.62 2.65 5.25
CA ASN A 61 -3.72 2.90 3.81
C ASN A 61 -2.91 4.12 3.40
N PHE A 62 -2.04 3.93 2.40
CA PHE A 62 -1.19 5.01 1.93
C PHE A 62 -1.52 5.36 0.46
N VAL A 63 -0.74 4.84 -0.51
CA VAL A 63 -0.99 5.10 -1.92
C VAL A 63 -2.36 4.61 -2.31
N LEU A 64 -2.75 3.47 -1.74
CA LEU A 64 -4.03 2.87 -2.01
C LEU A 64 -5.15 3.87 -1.73
N LYS A 65 -5.00 4.66 -0.67
CA LYS A 65 -6.04 5.63 -0.31
C LYS A 65 -6.31 6.58 -1.47
N SER A 66 -5.26 7.12 -2.06
CA SER A 66 -5.42 8.06 -3.17
C SER A 66 -6.08 7.37 -4.38
N LEU A 67 -5.67 6.14 -4.65
CA LEU A 67 -6.23 5.41 -5.78
C LEU A 67 -7.71 5.10 -5.54
N ILE A 68 -8.06 4.81 -4.30
CA ILE A 68 -9.44 4.53 -3.96
C ILE A 68 -10.31 5.74 -4.27
N SER A 69 -9.82 6.92 -3.90
CA SER A 69 -10.55 8.15 -4.15
C SER A 69 -10.80 8.34 -5.63
N GLN A 70 -9.80 8.05 -6.45
CA GLN A 70 -9.94 8.20 -7.91
C GLN A 70 -11.02 7.25 -8.41
N TRP A 71 -11.00 6.03 -7.88
CA TRP A 71 -11.98 5.03 -8.26
C TRP A 71 -13.39 5.47 -7.85
N CYS A 72 -13.50 5.98 -6.64
CA CYS A 72 -14.78 6.41 -6.09
C CYS A 72 -15.41 7.54 -6.89
N GLU A 73 -14.62 8.53 -7.28
CA GLU A 73 -15.19 9.65 -8.02
C GLU A 73 -15.56 9.21 -9.44
N ALA A 74 -14.79 8.28 -9.99
CA ALA A 74 -15.06 7.78 -11.32
C ALA A 74 -16.43 7.13 -11.38
N ASN A 75 -16.76 6.37 -10.34
CA ASN A 75 -18.04 5.71 -10.26
C ASN A 75 -19.03 6.55 -9.45
N GLY A 76 -18.56 7.66 -8.89
CA GLY A 76 -19.42 8.55 -8.11
C GLY A 76 -19.94 7.87 -6.84
N ILE A 77 -19.15 6.96 -6.26
CA ILE A 77 -19.57 6.26 -5.05
C ILE A 77 -18.68 6.61 -3.86
N GLU A 78 -19.29 7.06 -2.77
CA GLU A 78 -18.52 7.41 -1.59
C GLU A 78 -17.68 6.22 -1.12
N LEU A 79 -16.44 6.48 -0.72
CA LEU A 79 -15.56 5.41 -0.27
C LEU A 79 -15.99 4.89 1.10
N PRO A 80 -15.65 3.67 1.45
CA PRO A 80 -16.02 3.07 2.77
C PRO A 80 -15.63 3.99 3.92
N GLY B 1 -5.82 14.03 -19.02
CA GLY B 1 -5.77 12.54 -19.06
C GLY B 1 -4.88 12.10 -20.22
N ALA B 2 -3.87 12.90 -20.55
CA ALA B 2 -2.97 12.57 -21.64
C ALA B 2 -1.56 13.08 -21.34
N MET B 3 -0.56 12.33 -21.79
CA MET B 3 0.84 12.72 -21.58
C MET B 3 1.09 13.05 -20.10
N ILE B 4 0.26 12.50 -19.22
CA ILE B 4 0.40 12.76 -17.79
C ILE B 4 0.16 11.47 -17.00
N ILE B 5 0.95 11.27 -15.94
CA ILE B 5 0.83 10.09 -15.12
C ILE B 5 0.45 10.49 -13.68
N PRO B 6 -0.36 9.70 -12.99
CA PRO B 6 -0.76 10.02 -11.58
C PRO B 6 0.44 10.16 -10.63
N ASP B 7 0.28 11.02 -9.62
CA ASP B 7 1.34 11.24 -8.64
C ASP B 7 1.56 9.98 -7.80
N GLU B 8 0.58 9.10 -7.76
CA GLU B 8 0.70 7.86 -6.98
C GLU B 8 1.83 6.99 -7.54
N PHE B 9 1.93 6.94 -8.86
CA PHE B 9 2.95 6.14 -9.51
C PHE B 9 4.29 6.89 -9.61
N ARG B 10 4.21 8.21 -9.75
CA ARG B 10 5.44 9.02 -9.85
C ARG B 10 5.76 9.60 -8.47
N CYS B 11 6.95 9.28 -7.95
CA CYS B 11 7.33 9.77 -6.63
C CYS B 11 7.64 11.26 -6.64
N PRO B 12 7.36 11.97 -5.57
CA PRO B 12 7.65 13.43 -5.48
C PRO B 12 9.14 13.71 -5.29
N ILE B 13 9.80 12.89 -4.47
CA ILE B 13 11.23 13.09 -4.22
C ILE B 13 12.08 12.68 -5.42
N SER B 14 11.79 11.50 -5.97
CA SER B 14 12.53 11.01 -7.12
C SER B 14 12.23 11.83 -8.36
N LEU B 15 10.97 12.20 -8.53
CA LEU B 15 10.52 12.96 -9.70
C LEU B 15 10.55 12.07 -10.93
N GLU B 16 10.32 10.78 -10.72
CA GLU B 16 10.31 9.80 -11.81
C GLU B 16 9.46 8.59 -11.45
N LEU B 17 9.40 7.64 -12.39
CA LEU B 17 8.64 6.41 -12.19
C LEU B 17 9.51 5.40 -11.44
N MET B 18 8.90 4.70 -10.48
CA MET B 18 9.63 3.71 -9.70
C MET B 18 9.81 2.41 -10.47
N GLN B 19 10.99 1.80 -10.30
CA GLN B 19 11.27 0.53 -10.95
C GLN B 19 10.94 -0.61 -10.00
N ASP B 20 11.27 -0.41 -8.72
CA ASP B 20 11.00 -1.40 -7.69
C ASP B 20 10.51 -0.70 -6.41
N PRO B 21 9.27 -0.29 -6.38
CA PRO B 21 8.69 0.43 -5.20
C PRO B 21 8.76 -0.38 -3.91
N VAL B 22 9.08 0.31 -2.82
CA VAL B 22 9.16 -0.32 -1.50
C VAL B 22 8.48 0.58 -0.47
N ILE B 23 8.03 0.00 0.64
CA ILE B 23 7.36 0.81 1.65
C ILE B 23 8.08 0.68 3.00
N VAL B 24 8.12 1.79 3.74
CA VAL B 24 8.79 1.83 5.04
C VAL B 24 7.80 1.42 6.14
N SER B 25 8.25 1.41 7.40
CA SER B 25 7.38 1.01 8.51
C SER B 25 6.15 1.90 8.60
N SER B 26 6.33 3.21 8.43
CA SER B 26 5.22 4.15 8.50
C SER B 26 4.27 3.99 7.31
N GLY B 27 4.60 3.10 6.37
CA GLY B 27 3.73 2.90 5.21
C GLY B 27 4.05 3.91 4.10
N GLN B 28 5.21 4.56 4.20
CA GLN B 28 5.61 5.54 3.19
C GLN B 28 6.26 4.82 2.01
N THR B 29 5.93 5.24 0.78
CA THR B 29 6.50 4.60 -0.41
C THR B 29 7.67 5.38 -0.99
N TYR B 30 8.80 4.69 -1.19
CA TYR B 30 9.98 5.33 -1.76
C TYR B 30 10.69 4.39 -2.73
N GLU B 31 11.52 4.97 -3.58
CA GLU B 31 12.31 4.18 -4.52
C GLU B 31 13.39 3.46 -3.74
N ARG B 32 13.75 2.25 -4.15
CA ARG B 32 14.76 1.50 -3.40
C ARG B 32 16.02 2.33 -3.17
N SER B 33 16.39 3.14 -4.16
CA SER B 33 17.58 3.98 -4.02
C SER B 33 17.36 5.09 -2.99
N CYS B 34 16.15 5.65 -2.99
CA CYS B 34 15.82 6.73 -2.06
C CYS B 34 15.91 6.27 -0.62
N ILE B 35 15.29 5.15 -0.30
CA ILE B 35 15.31 4.65 1.06
C ILE B 35 16.72 4.19 1.43
N GLN B 36 17.46 3.72 0.43
CA GLN B 36 18.81 3.25 0.67
C GLN B 36 19.69 4.41 1.18
N LYS B 37 19.54 5.57 0.57
CA LYS B 37 20.29 6.75 0.99
C LYS B 37 19.87 7.14 2.39
N TRP B 38 18.58 7.03 2.65
CA TRP B 38 18.02 7.38 3.96
C TRP B 38 18.63 6.50 5.04
N LEU B 39 18.69 5.20 4.75
CA LEU B 39 19.27 4.26 5.70
C LEU B 39 20.76 4.53 5.87
N ASP B 40 21.42 4.83 4.76
CA ASP B 40 22.85 5.11 4.78
C ASP B 40 23.15 6.34 5.64
N SER B 41 22.30 7.36 5.53
CA SER B 41 22.49 8.59 6.30
C SER B 41 22.36 8.29 7.79
N GLY B 42 21.75 7.16 8.14
CA GLY B 42 21.59 6.79 9.54
C GLY B 42 20.30 7.37 10.13
N HIS B 43 19.38 7.80 9.27
CA HIS B 43 18.12 8.34 9.76
C HIS B 43 17.25 7.21 10.30
N LYS B 44 16.53 7.48 11.39
CA LYS B 44 15.69 6.48 12.01
C LYS B 44 14.26 6.99 12.23
N THR B 45 13.88 8.02 11.48
CA THR B 45 12.54 8.58 11.62
C THR B 45 11.93 8.86 10.25
N CYS B 46 10.62 9.00 10.23
CA CYS B 46 9.91 9.31 9.00
C CYS B 46 9.65 10.81 8.92
N PRO B 47 10.37 11.53 8.09
CA PRO B 47 10.21 13.02 7.99
C PRO B 47 8.89 13.44 7.34
N LYS B 48 8.39 12.63 6.42
CA LYS B 48 7.14 12.95 5.74
C LYS B 48 5.97 12.93 6.72
N THR B 49 5.96 11.93 7.61
CA THR B 49 4.88 11.81 8.58
C THR B 49 5.29 12.38 9.95
N GLN B 50 6.58 12.65 10.11
CA GLN B 50 7.13 13.24 11.34
C GLN B 50 7.01 12.33 12.56
N GLN B 51 7.32 11.04 12.40
CA GLN B 51 7.27 10.11 13.54
C GLN B 51 8.49 9.19 13.58
N PRO B 52 8.91 8.77 14.76
CA PRO B 52 10.11 7.88 14.91
C PRO B 52 9.83 6.42 14.56
N LEU B 53 10.89 5.70 14.19
CA LEU B 53 10.79 4.30 13.84
C LEU B 53 11.58 3.43 14.81
N SER B 54 10.89 2.88 15.80
CA SER B 54 11.55 2.03 16.80
C SER B 54 11.94 0.68 16.19
N HIS B 55 11.35 0.35 15.04
CA HIS B 55 11.62 -0.92 14.39
C HIS B 55 11.48 -0.80 12.88
N THR B 56 11.89 -1.85 12.17
CA THR B 56 11.79 -1.87 10.71
C THR B 56 11.01 -3.10 10.28
N SER B 57 10.34 -3.01 9.14
CA SER B 57 9.56 -4.14 8.63
C SER B 57 9.78 -4.32 7.14
N LEU B 58 9.58 -5.54 6.65
CA LEU B 58 9.75 -5.82 5.23
C LEU B 58 8.40 -5.81 4.54
N THR B 59 8.23 -4.89 3.59
CA THR B 59 6.97 -4.76 2.86
C THR B 59 7.22 -4.21 1.45
N PRO B 60 7.49 -5.07 0.49
CA PRO B 60 7.74 -4.65 -0.92
C PRO B 60 6.43 -4.35 -1.63
N ASN B 61 6.49 -3.65 -2.76
CA ASN B 61 5.29 -3.30 -3.50
C ASN B 61 4.31 -4.49 -3.58
N PHE B 62 3.06 -4.23 -3.21
CA PHE B 62 2.03 -5.26 -3.22
C PHE B 62 0.84 -4.89 -4.13
N VAL B 63 -0.27 -4.38 -3.55
CA VAL B 63 -1.44 -4.02 -4.34
C VAL B 63 -1.12 -2.91 -5.33
N LEU B 64 -0.04 -2.18 -5.07
CA LEU B 64 0.36 -1.10 -5.95
C LEU B 64 0.67 -1.66 -7.34
N LYS B 65 1.35 -2.79 -7.39
CA LYS B 65 1.70 -3.40 -8.67
C LYS B 65 0.45 -3.71 -9.49
N SER B 66 -0.55 -4.27 -8.84
CA SER B 66 -1.80 -4.63 -9.52
C SER B 66 -2.47 -3.38 -10.11
N LEU B 67 -2.50 -2.32 -9.33
CA LEU B 67 -3.11 -1.06 -9.78
C LEU B 67 -2.32 -0.48 -10.94
N ILE B 68 -0.99 -0.59 -10.86
CA ILE B 68 -0.12 -0.10 -11.91
C ILE B 68 -0.40 -0.82 -13.23
N SER B 69 -0.54 -2.13 -13.17
CA SER B 69 -0.79 -2.93 -14.37
C SER B 69 -2.10 -2.49 -15.03
N GLN B 70 -3.12 -2.24 -14.23
CA GLN B 70 -4.41 -1.81 -14.78
C GLN B 70 -4.24 -0.47 -15.49
N TRP B 71 -3.47 0.42 -14.87
CA TRP B 71 -3.19 1.73 -15.44
C TRP B 71 -2.46 1.58 -16.76
N CYS B 72 -1.47 0.69 -16.75
CA CYS B 72 -0.66 0.43 -17.93
C CYS B 72 -1.51 -0.11 -19.07
N GLU B 73 -2.40 -1.03 -18.75
CA GLU B 73 -3.27 -1.63 -19.76
C GLU B 73 -4.20 -0.58 -20.36
N ALA B 74 -4.71 0.31 -19.51
CA ALA B 74 -5.61 1.36 -19.96
C ALA B 74 -4.95 2.26 -20.99
N ASN B 75 -3.69 2.60 -20.75
CA ASN B 75 -2.96 3.45 -21.68
C ASN B 75 -2.14 2.62 -22.66
N GLY B 76 -2.15 1.30 -22.48
CA GLY B 76 -1.40 0.41 -23.36
C GLY B 76 0.10 0.69 -23.28
N ILE B 77 0.59 1.05 -22.09
CA ILE B 77 2.01 1.35 -21.93
C ILE B 77 2.68 0.33 -21.00
N GLU B 78 3.76 -0.28 -21.50
CA GLU B 78 4.48 -1.26 -20.70
C GLU B 78 4.89 -0.68 -19.35
N LEU B 79 5.36 -1.54 -18.46
CA LEU B 79 5.77 -1.11 -17.13
C LEU B 79 7.04 -0.26 -17.22
N PRO B 80 7.28 0.59 -16.24
CA PRO B 80 8.49 1.47 -16.22
C PRO B 80 9.76 0.74 -16.63
N GLY A 1 -18.17 3.06 -17.15
CA GLY A 1 -17.26 2.32 -16.24
C GLY A 1 -17.93 1.01 -15.82
N ALA A 2 -17.15 0.09 -15.27
CA ALA A 2 -17.68 -1.19 -14.83
C ALA A 2 -18.29 -1.09 -13.43
N MET A 3 -19.47 -1.70 -13.25
CA MET A 3 -20.14 -1.67 -11.96
C MET A 3 -19.30 -2.38 -10.90
N ILE A 4 -18.69 -3.49 -11.30
CA ILE A 4 -17.83 -4.26 -10.40
C ILE A 4 -16.70 -3.40 -9.85
N ILE A 5 -16.38 -3.59 -8.58
CA ILE A 5 -15.32 -2.82 -7.95
C ILE A 5 -14.01 -3.62 -7.96
N PRO A 6 -12.87 -3.00 -8.19
CA PRO A 6 -11.57 -3.73 -8.20
C PRO A 6 -11.32 -4.53 -6.92
N ASP A 7 -10.72 -5.71 -7.11
CA ASP A 7 -10.43 -6.61 -6.01
C ASP A 7 -9.47 -5.95 -5.01
N GLU A 8 -8.55 -5.14 -5.51
CA GLU A 8 -7.58 -4.49 -4.64
C GLU A 8 -8.27 -3.57 -3.64
N PHE A 9 -9.29 -2.83 -4.08
CA PHE A 9 -9.99 -1.91 -3.19
C PHE A 9 -10.83 -2.66 -2.16
N ARG A 10 -11.51 -3.72 -2.58
CA ARG A 10 -12.33 -4.49 -1.64
C ARG A 10 -11.54 -5.63 -1.01
N CYS A 11 -11.69 -5.82 0.29
CA CYS A 11 -10.98 -6.90 0.97
C CYS A 11 -11.55 -8.24 0.52
N PRO A 12 -10.76 -9.29 0.48
CA PRO A 12 -11.25 -10.62 0.03
C PRO A 12 -12.21 -11.24 1.03
N ILE A 13 -11.92 -11.07 2.32
CA ILE A 13 -12.78 -11.63 3.35
C ILE A 13 -14.16 -10.98 3.32
N SER A 14 -14.19 -9.65 3.24
CA SER A 14 -15.45 -8.92 3.21
C SER A 14 -16.25 -9.18 1.95
N LEU A 15 -15.54 -9.26 0.81
CA LEU A 15 -16.22 -9.49 -0.46
C LEU A 15 -17.12 -8.30 -0.83
N GLU A 16 -16.88 -7.16 -0.18
CA GLU A 16 -17.68 -5.97 -0.46
C GLU A 16 -16.80 -4.71 -0.43
N LEU A 17 -16.76 -4.01 0.71
CA LEU A 17 -15.94 -2.81 0.81
C LEU A 17 -15.31 -2.69 2.19
N MET A 18 -14.03 -2.32 2.21
CA MET A 18 -13.31 -2.16 3.47
C MET A 18 -13.68 -0.85 4.13
N GLN A 19 -13.48 -0.75 5.45
CA GLN A 19 -13.82 0.47 6.17
C GLN A 19 -12.56 1.15 6.72
N ASP A 20 -11.69 0.35 7.32
CA ASP A 20 -10.44 0.86 7.89
C ASP A 20 -9.30 -0.07 7.53
N PRO A 21 -8.86 -0.02 6.30
CA PRO A 21 -7.76 -0.90 5.80
C PRO A 21 -6.39 -0.59 6.41
N VAL A 22 -5.72 -1.66 6.83
CA VAL A 22 -4.39 -1.59 7.41
C VAL A 22 -3.56 -2.74 6.84
N ILE A 23 -2.24 -2.67 6.98
CA ILE A 23 -1.40 -3.73 6.43
C ILE A 23 -0.79 -4.61 7.51
N VAL A 24 -0.33 -5.78 7.08
CA VAL A 24 0.30 -6.76 7.96
C VAL A 24 1.79 -6.87 7.60
N SER A 25 2.58 -7.60 8.41
CA SER A 25 4.01 -7.72 8.13
C SER A 25 4.26 -8.33 6.76
N SER A 26 3.28 -9.07 6.24
CA SER A 26 3.40 -9.71 4.94
C SER A 26 3.00 -8.75 3.81
N GLY A 27 2.57 -7.54 4.17
CA GLY A 27 2.16 -6.54 3.19
C GLY A 27 0.72 -6.74 2.71
N GLN A 28 0.02 -7.72 3.30
CA GLN A 28 -1.37 -7.98 2.91
C GLN A 28 -2.27 -6.91 3.53
N THR A 29 -3.43 -6.67 2.92
CA THR A 29 -4.35 -5.66 3.44
C THR A 29 -5.56 -6.30 4.13
N TYR A 30 -5.83 -5.84 5.36
CA TYR A 30 -6.96 -6.36 6.13
C TYR A 30 -7.69 -5.22 6.83
N GLU A 31 -8.93 -5.47 7.21
CA GLU A 31 -9.73 -4.48 7.91
C GLU A 31 -9.31 -4.44 9.38
N ARG A 32 -9.38 -3.26 9.99
CA ARG A 32 -8.97 -3.11 11.38
C ARG A 32 -9.80 -4.04 12.27
N SER A 33 -11.10 -4.05 12.07
CA SER A 33 -11.98 -4.91 12.85
C SER A 33 -11.64 -6.38 12.58
N CYS A 34 -11.35 -6.68 11.32
CA CYS A 34 -11.01 -8.04 10.91
C CYS A 34 -9.74 -8.53 11.62
N ILE A 35 -8.71 -7.70 11.66
CA ILE A 35 -7.46 -8.10 12.30
C ILE A 35 -7.68 -8.31 13.79
N GLN A 36 -8.61 -7.55 14.36
CA GLN A 36 -8.92 -7.69 15.78
C GLN A 36 -9.39 -9.12 16.07
N LYS A 37 -10.31 -9.60 15.24
CA LYS A 37 -10.81 -10.96 15.40
C LYS A 37 -9.70 -11.96 15.12
N TRP A 38 -8.89 -11.65 14.12
CA TRP A 38 -7.78 -12.51 13.74
C TRP A 38 -6.80 -12.70 14.89
N LEU A 39 -6.44 -11.61 15.55
CA LEU A 39 -5.52 -11.66 16.67
C LEU A 39 -6.13 -12.47 17.81
N ASP A 40 -7.42 -12.27 18.02
CA ASP A 40 -8.13 -12.98 19.09
C ASP A 40 -8.06 -14.49 18.85
N SER A 41 -8.11 -14.89 17.58
CA SER A 41 -8.06 -16.31 17.24
C SER A 41 -6.74 -16.93 17.68
N GLY A 42 -5.71 -16.10 17.84
CA GLY A 42 -4.41 -16.59 18.27
C GLY A 42 -3.52 -16.99 17.09
N HIS A 43 -3.92 -16.59 15.89
CA HIS A 43 -3.13 -16.91 14.70
C HIS A 43 -1.77 -16.20 14.79
N LYS A 44 -0.72 -16.87 14.32
CA LYS A 44 0.61 -16.29 14.37
C LYS A 44 1.27 -16.24 12.99
N THR A 45 0.53 -16.63 11.96
CA THR A 45 1.09 -16.61 10.61
C THR A 45 0.15 -15.94 9.61
N CYS A 46 0.73 -15.47 8.51
CA CYS A 46 -0.04 -14.83 7.46
C CYS A 46 -0.79 -15.90 6.65
N PRO A 47 -2.10 -15.80 6.48
CA PRO A 47 -2.88 -16.83 5.73
C PRO A 47 -2.60 -16.87 4.23
N LYS A 48 -2.18 -15.75 3.66
CA LYS A 48 -1.93 -15.71 2.21
C LYS A 48 -0.47 -15.97 1.86
N THR A 49 0.46 -15.50 2.67
CA THR A 49 1.88 -15.70 2.36
C THR A 49 2.44 -16.87 3.15
N GLN A 50 1.80 -17.19 4.28
CA GLN A 50 2.21 -18.30 5.16
C GLN A 50 3.53 -17.99 5.84
N GLN A 51 3.69 -16.74 6.28
CA GLN A 51 4.89 -16.32 6.97
C GLN A 51 4.55 -15.97 8.41
N PRO A 52 5.41 -16.25 9.36
CA PRO A 52 5.14 -15.94 10.78
C PRO A 52 5.23 -14.45 11.09
N LEU A 53 4.51 -14.01 12.11
CA LEU A 53 4.53 -12.60 12.49
C LEU A 53 5.59 -12.35 13.55
N SER A 54 6.73 -11.82 13.13
CA SER A 54 7.82 -11.53 14.06
C SER A 54 7.84 -10.05 14.45
N HIS A 55 7.24 -9.22 13.59
CA HIS A 55 7.19 -7.78 13.85
C HIS A 55 5.91 -7.18 13.30
N THR A 56 5.58 -5.97 13.76
CA THR A 56 4.38 -5.29 13.31
C THR A 56 4.58 -3.78 13.31
N SER A 57 3.75 -3.09 12.52
CA SER A 57 3.85 -1.63 12.43
C SER A 57 2.47 -1.05 12.17
N LEU A 58 2.30 0.24 12.42
CA LEU A 58 1.01 0.88 12.19
C LEU A 58 0.60 0.77 10.73
N THR A 59 1.56 1.02 9.83
CA THR A 59 1.37 0.93 8.38
C THR A 59 -0.10 1.05 7.97
N PRO A 60 -0.68 2.20 8.15
CA PRO A 60 -2.10 2.46 7.80
C PRO A 60 -2.24 2.73 6.30
N ASN A 61 -3.46 2.61 5.75
CA ASN A 61 -3.67 2.83 4.33
C ASN A 61 -2.87 4.05 3.85
N PHE A 62 -2.14 3.88 2.76
CA PHE A 62 -1.31 4.97 2.23
C PHE A 62 -1.67 5.28 0.77
N VAL A 63 -0.80 4.94 -0.19
CA VAL A 63 -1.08 5.22 -1.60
C VAL A 63 -2.33 4.50 -2.07
N LEU A 64 -2.70 3.43 -1.37
CA LEU A 64 -3.89 2.67 -1.71
C LEU A 64 -5.12 3.57 -1.59
N LYS A 65 -5.15 4.36 -0.51
CA LYS A 65 -6.24 5.28 -0.27
C LYS A 65 -6.36 6.30 -1.39
N SER A 66 -5.23 6.82 -1.87
CA SER A 66 -5.29 7.81 -2.95
C SER A 66 -5.92 7.21 -4.19
N LEU A 67 -5.56 5.97 -4.50
CA LEU A 67 -6.09 5.28 -5.66
C LEU A 67 -7.59 5.07 -5.53
N ILE A 68 -8.03 4.70 -4.33
CA ILE A 68 -9.46 4.47 -4.10
C ILE A 68 -10.23 5.78 -4.20
N SER A 69 -9.59 6.87 -3.79
CA SER A 69 -10.22 8.18 -3.84
C SER A 69 -10.57 8.57 -5.28
N GLN A 70 -9.62 8.39 -6.19
CA GLN A 70 -9.86 8.73 -7.59
C GLN A 70 -10.96 7.85 -8.17
N TRP A 71 -10.92 6.57 -7.82
CA TRP A 71 -11.91 5.62 -8.31
C TRP A 71 -13.33 6.00 -7.87
N CYS A 72 -13.46 6.32 -6.59
CA CYS A 72 -14.77 6.66 -6.05
C CYS A 72 -15.30 7.98 -6.62
N GLU A 73 -14.42 8.92 -6.89
CA GLU A 73 -14.84 10.20 -7.46
C GLU A 73 -15.41 10.01 -8.85
N ALA A 74 -14.79 9.13 -9.62
CA ALA A 74 -15.24 8.85 -10.98
C ALA A 74 -16.66 8.31 -10.93
N ASN A 75 -16.92 7.42 -9.96
CA ASN A 75 -18.24 6.84 -9.82
C ASN A 75 -19.16 7.78 -9.01
N GLY A 76 -18.57 8.81 -8.38
CA GLY A 76 -19.35 9.75 -7.60
C GLY A 76 -19.93 9.10 -6.35
N ILE A 77 -19.23 8.10 -5.83
CA ILE A 77 -19.69 7.40 -4.63
C ILE A 77 -18.81 7.71 -3.45
N GLU A 78 -19.41 8.08 -2.32
CA GLU A 78 -18.62 8.38 -1.14
C GLU A 78 -17.82 7.15 -0.74
N LEU A 79 -16.51 7.32 -0.58
CA LEU A 79 -15.64 6.21 -0.23
C LEU A 79 -15.83 5.84 1.25
N PRO A 80 -15.39 4.67 1.63
CA PRO A 80 -15.53 4.21 3.06
C PRO A 80 -14.62 4.98 4.00
N GLY B 1 -9.64 11.46 -18.73
CA GLY B 1 -9.37 10.09 -18.21
C GLY B 1 -8.04 10.08 -17.46
N ALA B 2 -7.76 8.99 -16.75
CA ALA B 2 -6.52 8.88 -16.00
C ALA B 2 -5.42 8.26 -16.85
N MET B 3 -5.29 8.73 -18.09
CA MET B 3 -4.26 8.22 -18.98
C MET B 3 -2.87 8.49 -18.41
N ILE B 4 -2.70 9.67 -17.84
CA ILE B 4 -1.42 10.05 -17.25
C ILE B 4 -1.12 9.19 -16.02
N ILE B 5 0.16 8.99 -15.74
CA ILE B 5 0.54 8.19 -14.58
C ILE B 5 0.20 8.96 -13.28
N PRO B 6 -0.42 8.33 -12.30
CA PRO B 6 -0.79 9.00 -11.03
C PRO B 6 0.43 9.28 -10.15
N ASP B 7 0.33 10.31 -9.30
CA ASP B 7 1.44 10.67 -8.42
C ASP B 7 1.75 9.58 -7.40
N GLU B 8 0.74 8.80 -7.01
CA GLU B 8 0.96 7.74 -6.04
C GLU B 8 1.94 6.69 -6.59
N PHE B 9 2.11 6.65 -7.90
CA PHE B 9 3.04 5.70 -8.51
C PHE B 9 4.43 6.33 -8.62
N ARG B 10 4.55 7.62 -8.31
CA ARG B 10 5.83 8.31 -8.37
C ARG B 10 6.06 9.13 -7.11
N CYS B 11 7.13 8.80 -6.38
CA CYS B 11 7.43 9.51 -5.15
C CYS B 11 8.10 10.85 -5.47
N PRO B 12 7.95 11.84 -4.61
CA PRO B 12 8.56 13.19 -4.85
C PRO B 12 10.09 13.14 -4.81
N ILE B 13 10.63 12.29 -3.95
CA ILE B 13 12.08 12.17 -3.83
C ILE B 13 12.64 11.37 -5.00
N SER B 14 11.87 10.39 -5.44
CA SER B 14 12.26 9.53 -6.55
C SER B 14 12.42 10.34 -7.83
N LEU B 15 11.47 11.23 -8.09
CA LEU B 15 11.47 12.05 -9.31
C LEU B 15 11.37 11.19 -10.56
N GLU B 16 11.06 9.91 -10.38
CA GLU B 16 10.94 9.00 -11.51
C GLU B 16 10.19 7.72 -11.10
N LEU B 17 9.82 6.90 -12.08
CA LEU B 17 9.11 5.66 -11.77
C LEU B 17 10.00 4.74 -10.94
N MET B 18 9.39 4.10 -9.95
CA MET B 18 10.14 3.20 -9.07
C MET B 18 10.03 1.75 -9.53
N GLN B 19 11.15 1.19 -9.98
CA GLN B 19 11.18 -0.19 -10.43
C GLN B 19 10.98 -1.15 -9.27
N ASP B 20 11.58 -0.83 -8.12
CA ASP B 20 11.46 -1.70 -6.94
C ASP B 20 11.28 -0.87 -5.67
N PRO B 21 10.14 -0.27 -5.50
CA PRO B 21 9.81 0.55 -4.29
C PRO B 21 9.59 -0.29 -3.03
N VAL B 22 9.83 0.32 -1.86
CA VAL B 22 9.66 -0.36 -0.58
C VAL B 22 8.87 0.51 0.39
N ILE B 23 8.31 -0.10 1.44
CA ILE B 23 7.52 0.66 2.42
C ILE B 23 8.25 0.80 3.76
N VAL B 24 7.85 1.82 4.49
CA VAL B 24 8.42 2.13 5.81
C VAL B 24 7.33 1.87 6.86
N SER B 25 7.67 1.94 8.15
CA SER B 25 6.68 1.69 9.19
C SER B 25 5.47 2.61 9.01
N SER B 26 5.74 3.85 8.63
CA SER B 26 4.68 4.83 8.40
C SER B 26 3.77 4.39 7.24
N GLY B 27 4.21 3.39 6.48
CA GLY B 27 3.45 2.89 5.33
C GLY B 27 3.74 3.72 4.08
N GLN B 28 4.63 4.70 4.20
CA GLN B 28 4.98 5.51 3.06
C GLN B 28 5.88 4.70 2.15
N THR B 29 5.79 4.95 0.85
CA THR B 29 6.59 4.21 -0.11
C THR B 29 7.73 5.06 -0.64
N TYR B 30 8.95 4.52 -0.58
CA TYR B 30 10.12 5.24 -1.05
C TYR B 30 10.97 4.36 -1.94
N GLU B 31 11.69 4.97 -2.88
CA GLU B 31 12.56 4.21 -3.76
C GLU B 31 13.66 3.55 -2.93
N ARG B 32 14.05 2.34 -3.31
CA ARG B 32 15.07 1.62 -2.56
C ARG B 32 16.38 2.42 -2.49
N SER B 33 16.81 2.95 -3.62
CA SER B 33 18.05 3.72 -3.66
C SER B 33 17.94 4.98 -2.80
N CYS B 34 16.79 5.65 -2.89
CA CYS B 34 16.57 6.89 -2.12
C CYS B 34 16.59 6.64 -0.62
N ILE B 35 15.94 5.57 -0.18
CA ILE B 35 15.89 5.27 1.24
C ILE B 35 17.26 4.82 1.74
N GLN B 36 18.02 4.17 0.87
CA GLN B 36 19.34 3.71 1.25
C GLN B 36 20.23 4.90 1.57
N LYS B 37 20.09 5.96 0.77
CA LYS B 37 20.87 7.18 0.98
C LYS B 37 20.49 7.80 2.32
N TRP B 38 19.20 7.79 2.60
CA TRP B 38 18.67 8.35 3.85
C TRP B 38 19.26 7.59 5.05
N LEU B 39 19.35 6.27 4.90
CA LEU B 39 19.92 5.42 5.95
C LEU B 39 21.38 5.78 6.19
N ASP B 40 22.10 6.04 5.11
CA ASP B 40 23.51 6.40 5.21
C ASP B 40 23.67 7.68 6.02
N SER B 41 22.75 8.61 5.81
CA SER B 41 22.79 9.88 6.53
C SER B 41 22.59 9.66 8.03
N GLY B 42 22.02 8.51 8.39
CA GLY B 42 21.79 8.20 9.80
C GLY B 42 20.34 8.49 10.21
N HIS B 43 19.48 8.76 9.23
CA HIS B 43 18.09 9.05 9.53
C HIS B 43 17.20 7.87 9.11
N LYS B 44 16.35 7.42 10.04
CA LYS B 44 15.44 6.31 9.75
C LYS B 44 13.98 6.72 10.00
N THR B 45 13.79 7.98 10.40
CA THR B 45 12.45 8.50 10.69
C THR B 45 11.72 8.87 9.41
N CYS B 46 10.45 9.21 9.55
CA CYS B 46 9.65 9.62 8.40
C CYS B 46 9.40 11.13 8.45
N PRO B 47 10.32 11.91 7.92
CA PRO B 47 10.19 13.40 7.92
C PRO B 47 9.04 13.89 7.04
N LYS B 48 8.67 13.06 6.06
CA LYS B 48 7.59 13.42 5.16
C LYS B 48 6.27 13.60 5.91
N THR B 49 5.99 12.70 6.85
CA THR B 49 4.76 12.79 7.63
C THR B 49 5.03 13.18 9.09
N GLN B 50 6.32 13.24 9.45
CA GLN B 50 6.74 13.59 10.82
C GLN B 50 6.47 12.42 11.76
N GLN B 51 6.83 11.23 11.31
CA GLN B 51 6.64 10.01 12.11
C GLN B 51 7.99 9.39 12.51
N PRO B 52 8.40 9.52 13.75
CA PRO B 52 9.70 8.94 14.21
C PRO B 52 9.63 7.41 14.31
N LEU B 53 10.70 6.75 13.88
CA LEU B 53 10.76 5.29 13.92
C LEU B 53 12.11 4.80 13.41
N SER B 54 12.38 3.52 13.61
CA SER B 54 13.64 2.93 13.17
C SER B 54 13.42 1.71 12.26
N HIS B 55 12.22 1.59 11.72
CA HIS B 55 11.91 0.45 10.84
C HIS B 55 11.59 0.93 9.43
N THR B 56 12.31 0.37 8.45
CA THR B 56 12.10 0.75 7.06
C THR B 56 12.23 -0.46 6.15
N SER B 57 11.61 -0.40 4.98
CA SER B 57 11.66 -1.49 4.02
C SER B 57 11.03 -2.75 4.63
N LEU B 58 10.02 -2.54 5.46
CA LEU B 58 9.33 -3.65 6.10
C LEU B 58 8.63 -4.53 5.06
N THR B 59 8.05 -3.88 4.05
CA THR B 59 7.34 -4.60 3.01
C THR B 59 7.75 -4.07 1.64
N PRO B 60 7.64 -4.85 0.60
CA PRO B 60 8.00 -4.41 -0.77
C PRO B 60 6.81 -3.76 -1.48
N ASN B 61 5.94 -4.59 -2.06
CA ASN B 61 4.75 -4.10 -2.77
C ASN B 61 3.64 -5.13 -2.67
N PHE B 62 2.40 -4.73 -2.93
CA PHE B 62 1.28 -5.65 -2.84
C PHE B 62 0.13 -5.21 -3.76
N VAL B 63 -0.90 -4.53 -3.21
CA VAL B 63 -2.01 -4.08 -4.04
C VAL B 63 -1.54 -2.98 -4.99
N LEU B 64 -0.53 -2.22 -4.55
CA LEU B 64 0.02 -1.16 -5.36
C LEU B 64 0.58 -1.74 -6.66
N LYS B 65 1.33 -2.82 -6.51
CA LYS B 65 1.92 -3.48 -7.67
C LYS B 65 0.82 -3.97 -8.61
N SER B 66 -0.21 -4.58 -8.03
CA SER B 66 -1.32 -5.09 -8.83
C SER B 66 -2.01 -3.96 -9.59
N LEU B 67 -2.25 -2.85 -8.91
CA LEU B 67 -2.90 -1.71 -9.53
C LEU B 67 -2.04 -1.16 -10.66
N ILE B 68 -0.73 -1.12 -10.44
CA ILE B 68 0.19 -0.64 -11.47
C ILE B 68 0.09 -1.50 -12.72
N SER B 69 0.06 -2.81 -12.54
CA SER B 69 -0.03 -3.72 -13.67
C SER B 69 -1.30 -3.45 -14.46
N GLN B 70 -2.42 -3.32 -13.75
CA GLN B 70 -3.68 -3.06 -14.43
C GLN B 70 -3.62 -1.71 -15.14
N TRP B 71 -2.97 -0.75 -14.49
CA TRP B 71 -2.83 0.58 -15.06
C TRP B 71 -2.07 0.54 -16.38
N CYS B 72 -0.95 -0.17 -16.39
CA CYS B 72 -0.13 -0.27 -17.58
C CYS B 72 -0.78 -1.15 -18.65
N GLU B 73 -1.48 -2.19 -18.22
CA GLU B 73 -2.15 -3.07 -19.18
C GLU B 73 -3.23 -2.31 -19.94
N ALA B 74 -3.95 -1.45 -19.21
CA ALA B 74 -5.01 -0.65 -19.82
C ALA B 74 -4.40 0.27 -20.86
N ASN B 75 -3.27 0.87 -20.52
CA ASN B 75 -2.59 1.75 -21.45
C ASN B 75 -1.80 0.96 -22.48
N GLY B 76 -1.61 -0.34 -22.23
CA GLY B 76 -0.88 -1.19 -23.16
C GLY B 76 0.61 -0.83 -23.19
N ILE B 77 1.10 -0.27 -22.09
CA ILE B 77 2.49 0.13 -22.00
C ILE B 77 3.20 -0.69 -20.93
N GLU B 78 4.51 -0.90 -21.08
CA GLU B 78 5.25 -1.69 -20.10
C GLU B 78 5.37 -0.91 -18.78
N LEU B 79 5.13 -1.59 -17.66
CA LEU B 79 5.21 -0.94 -16.36
C LEU B 79 6.68 -0.75 -15.95
N PRO B 80 6.94 0.06 -14.96
CA PRO B 80 8.34 0.31 -14.50
C PRO B 80 9.11 -0.99 -14.26
N GLY A 1 -23.60 -0.64 -15.99
CA GLY A 1 -22.57 -1.19 -16.90
C GLY A 1 -21.19 -0.65 -16.49
N ALA A 2 -20.20 -1.52 -16.54
CA ALA A 2 -18.84 -1.14 -16.17
C ALA A 2 -18.80 -0.56 -14.76
N MET A 3 -19.74 -1.01 -13.92
CA MET A 3 -19.80 -0.53 -12.55
C MET A 3 -19.38 -1.63 -11.58
N ILE A 4 -18.11 -2.02 -11.65
CA ILE A 4 -17.60 -3.07 -10.77
C ILE A 4 -16.33 -2.64 -10.05
N ILE A 5 -16.34 -2.83 -8.73
CA ILE A 5 -15.19 -2.49 -7.90
C ILE A 5 -14.08 -3.53 -8.11
N PRO A 6 -12.84 -3.11 -8.26
CA PRO A 6 -11.70 -4.06 -8.45
C PRO A 6 -11.36 -4.83 -7.18
N ASP A 7 -10.71 -5.98 -7.36
CA ASP A 7 -10.33 -6.83 -6.23
C ASP A 7 -9.37 -6.11 -5.29
N GLU A 8 -8.65 -5.12 -5.81
CA GLU A 8 -7.70 -4.37 -4.99
C GLU A 8 -8.43 -3.67 -3.85
N PHE A 9 -9.64 -3.18 -4.13
CA PHE A 9 -10.42 -2.49 -3.12
C PHE A 9 -11.28 -3.47 -2.32
N ARG A 10 -11.21 -4.76 -2.67
CA ARG A 10 -11.99 -5.77 -1.96
C ARG A 10 -11.08 -6.81 -1.32
N CYS A 11 -11.17 -6.96 0.00
CA CYS A 11 -10.34 -7.92 0.70
C CYS A 11 -10.77 -9.35 0.35
N PRO A 12 -9.86 -10.29 0.27
CA PRO A 12 -10.19 -11.70 -0.07
C PRO A 12 -10.96 -12.44 1.03
N ILE A 13 -10.79 -12.01 2.28
CA ILE A 13 -11.47 -12.68 3.38
C ILE A 13 -12.82 -12.03 3.69
N SER A 14 -12.87 -10.71 3.69
CA SER A 14 -14.11 -10.00 3.98
C SER A 14 -15.13 -10.22 2.88
N LEU A 15 -14.67 -10.19 1.64
CA LEU A 15 -15.56 -10.36 0.49
C LEU A 15 -16.55 -9.20 0.36
N GLU A 16 -16.38 -8.18 1.20
CA GLU A 16 -17.26 -7.02 1.18
C GLU A 16 -16.46 -5.74 1.40
N LEU A 17 -17.00 -4.62 0.93
CA LEU A 17 -16.31 -3.35 1.09
C LEU A 17 -15.92 -3.12 2.55
N MET A 18 -14.76 -2.49 2.75
CA MET A 18 -14.28 -2.22 4.10
C MET A 18 -14.25 -0.71 4.37
N GLN A 19 -14.27 -0.35 5.64
CA GLN A 19 -14.26 1.05 6.03
C GLN A 19 -12.92 1.48 6.61
N ASP A 20 -12.21 0.55 7.24
CA ASP A 20 -10.91 0.87 7.83
C ASP A 20 -9.85 -0.13 7.41
N PRO A 21 -9.43 -0.08 6.17
CA PRO A 21 -8.38 -1.00 5.63
C PRO A 21 -6.98 -0.64 6.14
N VAL A 22 -6.21 -1.67 6.50
CA VAL A 22 -4.86 -1.47 7.01
C VAL A 22 -3.92 -2.55 6.49
N ILE A 23 -2.62 -2.40 6.73
CA ILE A 23 -1.66 -3.41 6.28
C ILE A 23 -1.14 -4.19 7.49
N VAL A 24 -0.62 -5.38 7.23
CA VAL A 24 -0.06 -6.21 8.28
C VAL A 24 1.47 -6.15 8.19
N SER A 25 2.18 -6.91 9.01
CA SER A 25 3.64 -6.87 8.98
C SER A 25 4.18 -7.16 7.58
N SER A 26 3.59 -8.14 6.89
CA SER A 26 4.03 -8.48 5.55
C SER A 26 3.39 -7.55 4.51
N GLY A 27 2.68 -6.53 4.96
CA GLY A 27 2.05 -5.59 4.04
C GLY A 27 0.71 -6.11 3.51
N GLN A 28 0.28 -7.27 3.98
CA GLN A 28 -0.99 -7.83 3.52
C GLN A 28 -2.13 -6.90 3.90
N THR A 29 -3.13 -6.78 3.02
CA THR A 29 -4.26 -5.89 3.31
C THR A 29 -5.41 -6.63 3.99
N TYR A 30 -5.78 -6.13 5.17
CA TYR A 30 -6.89 -6.72 5.94
C TYR A 30 -7.74 -5.64 6.59
N GLU A 31 -9.00 -5.96 6.83
CA GLU A 31 -9.92 -5.05 7.49
C GLU A 31 -9.54 -4.90 8.96
N ARG A 32 -9.73 -3.71 9.52
CA ARG A 32 -9.36 -3.49 10.92
C ARG A 32 -10.08 -4.48 11.83
N SER A 33 -11.38 -4.66 11.61
CA SER A 33 -12.17 -5.58 12.43
C SER A 33 -11.62 -7.00 12.30
N CYS A 34 -11.32 -7.41 11.08
CA CYS A 34 -10.81 -8.76 10.84
C CYS A 34 -9.48 -8.96 11.56
N ILE A 35 -8.61 -7.96 11.52
CA ILE A 35 -7.32 -8.05 12.18
C ILE A 35 -7.48 -8.25 13.69
N GLN A 36 -8.39 -7.50 14.30
CA GLN A 36 -8.59 -7.63 15.74
C GLN A 36 -9.00 -9.06 16.06
N LYS A 37 -9.88 -9.62 15.24
CA LYS A 37 -10.32 -10.99 15.42
C LYS A 37 -9.15 -11.95 15.21
N TRP A 38 -8.32 -11.61 14.23
CA TRP A 38 -7.16 -12.40 13.89
C TRP A 38 -6.20 -12.48 15.07
N LEU A 39 -6.00 -11.35 15.73
CA LEU A 39 -5.12 -11.28 16.89
C LEU A 39 -5.66 -12.16 18.01
N ASP A 40 -6.97 -12.13 18.18
CA ASP A 40 -7.63 -12.94 19.20
C ASP A 40 -7.37 -14.43 18.98
N SER A 41 -7.32 -14.82 17.72
CA SER A 41 -7.11 -16.23 17.37
C SER A 41 -5.75 -16.72 17.86
N GLY A 42 -4.85 -15.80 18.21
CA GLY A 42 -3.54 -16.20 18.69
C GLY A 42 -2.68 -16.72 17.55
N HIS A 43 -2.82 -16.09 16.38
CA HIS A 43 -2.07 -16.49 15.21
C HIS A 43 -0.57 -16.33 15.46
N LYS A 44 0.24 -17.04 14.68
CA LYS A 44 1.69 -16.96 14.85
C LYS A 44 2.35 -16.44 13.57
N THR A 45 1.80 -16.83 12.42
CA THR A 45 2.35 -16.40 11.14
C THR A 45 1.29 -15.83 10.22
N CYS A 46 1.76 -15.11 9.20
CA CYS A 46 0.85 -14.50 8.23
C CYS A 46 0.20 -15.59 7.37
N PRO A 47 -1.10 -15.56 7.18
CA PRO A 47 -1.82 -16.60 6.37
C PRO A 47 -1.51 -16.55 4.88
N LYS A 48 -1.10 -15.39 4.38
CA LYS A 48 -0.81 -15.24 2.95
C LYS A 48 0.64 -15.54 2.59
N THR A 49 1.57 -14.98 3.35
CA THR A 49 2.99 -15.19 3.04
C THR A 49 3.63 -16.28 3.90
N GLN A 50 3.02 -16.56 5.05
CA GLN A 50 3.51 -17.60 5.96
C GLN A 50 4.77 -17.13 6.71
N GLN A 51 4.78 -15.86 7.09
CA GLN A 51 5.92 -15.32 7.82
C GLN A 51 5.51 -15.01 9.26
N PRO A 52 6.35 -15.28 10.24
CA PRO A 52 6.00 -14.99 11.66
C PRO A 52 5.97 -13.50 11.96
N LEU A 53 5.08 -13.10 12.87
CA LEU A 53 4.98 -11.69 13.24
C LEU A 53 5.94 -11.37 14.38
N SER A 54 6.86 -10.46 14.12
CA SER A 54 7.84 -10.06 15.14
C SER A 54 7.51 -8.68 15.68
N HIS A 55 6.68 -7.93 14.95
CA HIS A 55 6.31 -6.58 15.37
C HIS A 55 4.92 -6.21 14.85
N THR A 56 4.35 -5.15 15.42
CA THR A 56 3.03 -4.68 15.00
C THR A 56 3.08 -3.19 14.70
N SER A 57 2.13 -2.74 13.87
CA SER A 57 2.05 -1.33 13.51
C SER A 57 0.64 -1.02 12.99
N LEU A 58 0.14 0.17 13.31
CA LEU A 58 -1.20 0.54 12.86
C LEU A 58 -1.24 0.63 11.33
N THR A 59 -0.24 1.33 10.76
CA THR A 59 -0.13 1.51 9.31
C THR A 59 -1.50 1.54 8.62
N PRO A 60 -2.16 2.67 8.60
CA PRO A 60 -3.52 2.80 7.98
C PRO A 60 -3.40 2.99 6.47
N ASN A 61 -4.50 2.73 5.75
CA ASN A 61 -4.49 2.89 4.29
C ASN A 61 -3.87 4.23 3.90
N PHE A 62 -2.98 4.20 2.89
CA PHE A 62 -2.29 5.41 2.45
C PHE A 62 -2.53 5.70 0.95
N VAL A 63 -1.61 5.24 0.08
CA VAL A 63 -1.72 5.47 -1.36
C VAL A 63 -2.97 4.82 -1.90
N LEU A 64 -3.28 3.63 -1.38
CA LEU A 64 -4.47 2.92 -1.81
C LEU A 64 -5.70 3.78 -1.57
N LYS A 65 -5.74 4.43 -0.40
CA LYS A 65 -6.86 5.30 -0.08
C LYS A 65 -7.01 6.38 -1.13
N SER A 66 -5.88 6.97 -1.54
CA SER A 66 -5.92 8.01 -2.56
C SER A 66 -6.48 7.48 -3.88
N LEU A 67 -6.03 6.29 -4.27
CA LEU A 67 -6.50 5.67 -5.50
C LEU A 67 -8.00 5.37 -5.41
N ILE A 68 -8.44 4.94 -4.23
CA ILE A 68 -9.85 4.64 -4.03
C ILE A 68 -10.69 5.87 -4.26
N SER A 69 -10.24 7.00 -3.74
CA SER A 69 -10.99 8.25 -3.91
C SER A 69 -11.15 8.57 -5.39
N GLN A 70 -10.07 8.38 -6.16
CA GLN A 70 -10.13 8.65 -7.59
C GLN A 70 -11.16 7.73 -8.27
N TRP A 71 -11.15 6.48 -7.86
CA TRP A 71 -12.10 5.48 -8.40
C TRP A 71 -13.52 5.90 -8.08
N CYS A 72 -13.73 6.31 -6.83
CA CYS A 72 -15.04 6.72 -6.35
C CYS A 72 -15.56 7.94 -7.07
N GLU A 73 -14.69 8.91 -7.31
CA GLU A 73 -15.10 10.12 -8.00
C GLU A 73 -15.55 9.81 -9.42
N ALA A 74 -14.84 8.91 -10.07
CA ALA A 74 -15.17 8.52 -11.44
C ALA A 74 -16.56 7.91 -11.51
N ASN A 75 -16.87 7.08 -10.53
CA ASN A 75 -18.18 6.43 -10.48
C ASN A 75 -19.19 7.27 -9.70
N GLY A 76 -18.72 8.36 -9.08
CA GLY A 76 -19.62 9.22 -8.30
C GLY A 76 -20.22 8.46 -7.12
N ILE A 77 -19.47 7.52 -6.57
CA ILE A 77 -19.95 6.71 -5.44
C ILE A 77 -19.22 7.07 -4.15
N GLU A 78 -19.97 7.31 -3.09
CA GLU A 78 -19.37 7.66 -1.81
C GLU A 78 -18.50 6.51 -1.27
N LEU A 79 -17.54 6.86 -0.42
CA LEU A 79 -16.64 5.86 0.16
C LEU A 79 -17.45 4.88 1.01
N PRO A 80 -16.96 3.66 1.19
CA PRO A 80 -17.66 2.62 1.99
C PRO A 80 -18.24 3.18 3.29
N GLY B 1 -2.26 12.83 -26.66
CA GLY B 1 -1.68 14.18 -26.46
C GLY B 1 -0.78 14.16 -25.22
N ALA B 2 -0.95 15.15 -24.35
CA ALA B 2 -0.14 15.22 -23.14
C ALA B 2 -0.36 14.00 -22.26
N MET B 3 0.71 13.53 -21.62
CA MET B 3 0.61 12.36 -20.75
C MET B 3 0.98 12.71 -19.32
N ILE B 4 0.04 12.48 -18.40
CA ILE B 4 0.29 12.76 -16.98
C ILE B 4 0.09 11.50 -16.16
N ILE B 5 1.07 11.18 -15.32
CA ILE B 5 0.97 9.99 -14.49
C ILE B 5 0.60 10.36 -13.05
N PRO B 6 -0.30 9.62 -12.42
CA PRO B 6 -0.72 9.94 -11.01
C PRO B 6 0.46 10.01 -10.04
N ASP B 7 0.35 10.93 -9.09
CA ASP B 7 1.39 11.11 -8.07
C ASP B 7 1.56 9.83 -7.26
N GLU B 8 0.50 9.03 -7.17
CA GLU B 8 0.55 7.80 -6.40
C GLU B 8 1.63 6.85 -6.94
N PHE B 9 1.71 6.75 -8.27
CA PHE B 9 2.68 5.88 -8.91
C PHE B 9 4.07 6.52 -8.93
N ARG B 10 4.12 7.84 -9.05
CA ARG B 10 5.39 8.54 -9.07
C ARG B 10 5.80 8.94 -7.66
N CYS B 11 6.96 8.47 -7.22
CA CYS B 11 7.42 8.79 -5.87
C CYS B 11 7.89 10.24 -5.79
N PRO B 12 7.52 10.99 -4.77
CA PRO B 12 7.94 12.42 -4.64
C PRO B 12 9.43 12.56 -4.33
N ILE B 13 10.02 11.55 -3.70
CA ILE B 13 11.43 11.58 -3.35
C ILE B 13 12.29 11.40 -4.59
N SER B 14 11.80 10.58 -5.51
CA SER B 14 12.52 10.29 -6.74
C SER B 14 12.01 11.15 -7.90
N LEU B 15 10.78 11.67 -7.75
CA LEU B 15 10.18 12.49 -8.79
C LEU B 15 10.01 11.68 -10.07
N GLU B 16 10.10 10.36 -9.94
CA GLU B 16 9.97 9.46 -11.07
C GLU B 16 9.30 8.15 -10.67
N LEU B 17 8.96 7.35 -11.67
CA LEU B 17 8.33 6.07 -11.43
C LEU B 17 9.32 5.07 -10.86
N MET B 18 8.84 4.18 -10.00
CA MET B 18 9.71 3.18 -9.38
C MET B 18 9.40 1.79 -9.96
N GLN B 19 10.39 0.92 -9.89
CA GLN B 19 10.21 -0.43 -10.41
C GLN B 19 10.00 -1.43 -9.28
N ASP B 20 10.52 -1.08 -8.10
CA ASP B 20 10.36 -1.94 -6.93
C ASP B 20 10.03 -1.10 -5.70
N PRO B 21 8.82 -0.60 -5.63
CA PRO B 21 8.38 0.26 -4.49
C PRO B 21 8.19 -0.53 -3.19
N VAL B 22 8.48 0.14 -2.08
CA VAL B 22 8.33 -0.46 -0.76
C VAL B 22 7.70 0.54 0.20
N ILE B 23 7.16 0.08 1.31
CA ILE B 23 6.54 0.97 2.28
C ILE B 23 7.27 0.94 3.62
N VAL B 24 7.44 2.13 4.19
CA VAL B 24 8.10 2.28 5.49
C VAL B 24 7.06 2.07 6.59
N SER B 25 7.51 1.89 7.83
CA SER B 25 6.59 1.67 8.94
C SER B 25 5.63 2.85 9.11
N SER B 26 6.03 4.01 8.59
CA SER B 26 5.20 5.21 8.66
C SER B 26 4.04 5.13 7.66
N GLY B 27 4.07 4.13 6.79
CA GLY B 27 3.01 3.93 5.78
C GLY B 27 3.31 4.70 4.49
N GLN B 28 4.48 5.31 4.40
CA GLN B 28 4.84 6.04 3.18
C GLN B 28 5.53 5.09 2.21
N THR B 29 5.35 5.34 0.92
CA THR B 29 5.96 4.47 -0.10
C THR B 29 7.14 5.13 -0.79
N TYR B 30 8.27 4.40 -0.81
CA TYR B 30 9.49 4.89 -1.45
C TYR B 30 10.11 3.78 -2.29
N GLU B 31 10.93 4.16 -3.26
CA GLU B 31 11.60 3.18 -4.11
C GLU B 31 12.59 2.38 -3.27
N ARG B 32 12.71 1.09 -3.57
CA ARG B 32 13.61 0.24 -2.79
C ARG B 32 15.05 0.75 -2.87
N SER B 33 15.49 1.13 -4.07
CA SER B 33 16.84 1.64 -4.23
C SER B 33 17.02 2.92 -3.42
N CYS B 34 15.98 3.74 -3.38
CA CYS B 34 16.02 5.00 -2.65
C CYS B 34 16.21 4.77 -1.15
N ILE B 35 15.44 3.85 -0.58
CA ILE B 35 15.53 3.58 0.84
C ILE B 35 16.92 3.06 1.18
N GLN B 36 17.52 2.32 0.24
CA GLN B 36 18.86 1.79 0.47
C GLN B 36 19.84 2.94 0.67
N LYS B 37 19.73 3.93 -0.22
CA LYS B 37 20.58 5.11 -0.15
C LYS B 37 20.27 5.89 1.13
N TRP B 38 18.99 5.95 1.46
CA TRP B 38 18.53 6.65 2.65
C TRP B 38 19.21 6.11 3.90
N LEU B 39 19.25 4.78 4.00
CA LEU B 39 19.89 4.13 5.15
C LEU B 39 21.39 4.46 5.15
N ASP B 40 21.99 4.41 3.96
CA ASP B 40 23.41 4.71 3.81
C ASP B 40 23.71 6.15 4.21
N SER B 41 22.78 7.04 3.89
CA SER B 41 22.96 8.46 4.23
C SER B 41 23.02 8.65 5.73
N GLY B 42 22.47 7.69 6.48
CA GLY B 42 22.49 7.78 7.93
C GLY B 42 21.17 8.32 8.48
N HIS B 43 20.15 8.44 7.63
CA HIS B 43 18.87 8.95 8.08
C HIS B 43 18.08 7.85 8.79
N LYS B 44 17.46 8.19 9.92
CA LYS B 44 16.69 7.22 10.68
C LYS B 44 15.28 7.71 10.94
N THR B 45 14.84 8.71 10.20
CA THR B 45 13.49 9.25 10.39
C THR B 45 12.78 9.46 9.06
N CYS B 46 11.46 9.47 9.10
CA CYS B 46 10.68 9.70 7.89
C CYS B 46 10.47 11.20 7.70
N PRO B 47 11.06 11.80 6.68
CA PRO B 47 10.91 13.28 6.43
C PRO B 47 9.53 13.67 5.94
N LYS B 48 8.85 12.74 5.27
CA LYS B 48 7.52 13.02 4.73
C LYS B 48 6.53 13.36 5.84
N THR B 49 6.52 12.57 6.89
CA THR B 49 5.60 12.81 8.00
C THR B 49 6.33 13.24 9.28
N GLN B 50 7.66 13.15 9.27
CA GLN B 50 8.47 13.51 10.44
C GLN B 50 8.27 12.48 11.54
N GLN B 51 8.29 11.20 11.14
CA GLN B 51 8.10 10.10 12.08
C GLN B 51 9.40 9.31 12.30
N PRO B 52 9.89 9.19 13.51
CA PRO B 52 11.16 8.43 13.77
C PRO B 52 10.98 6.92 13.62
N LEU B 53 12.06 6.24 13.27
CA LEU B 53 12.00 4.79 13.08
C LEU B 53 12.56 4.04 14.28
N SER B 54 11.69 3.74 15.24
CA SER B 54 12.10 3.01 16.43
C SER B 54 12.60 1.62 16.04
N HIS B 55 11.91 1.02 15.08
CA HIS B 55 12.27 -0.31 14.60
C HIS B 55 12.25 -0.35 13.08
N THR B 56 12.62 -1.51 12.52
CA THR B 56 12.65 -1.67 11.07
C THR B 56 12.00 -3.00 10.68
N SER B 57 11.40 -3.03 9.50
CA SER B 57 10.73 -4.26 9.04
C SER B 57 10.74 -4.37 7.52
N LEU B 58 10.43 -5.56 7.02
CA LEU B 58 10.40 -5.80 5.58
C LEU B 58 8.97 -5.65 5.06
N THR B 59 8.63 -4.45 4.59
CA THR B 59 7.30 -4.18 4.07
C THR B 59 7.38 -3.67 2.63
N PRO B 60 7.16 -4.53 1.65
CA PRO B 60 7.21 -4.15 0.22
C PRO B 60 5.84 -3.74 -0.31
N ASN B 61 5.79 -3.25 -1.54
CA ASN B 61 4.52 -2.84 -2.12
C ASN B 61 3.58 -4.04 -2.21
N PHE B 62 2.28 -3.78 -2.14
CA PHE B 62 1.30 -4.84 -2.20
C PHE B 62 0.25 -4.59 -3.31
N VAL B 63 -0.92 -4.05 -2.95
CA VAL B 63 -1.96 -3.78 -3.94
C VAL B 63 -1.48 -2.78 -4.98
N LEU B 64 -0.43 -2.05 -4.67
CA LEU B 64 0.11 -1.07 -5.60
C LEU B 64 0.50 -1.73 -6.91
N LYS B 65 1.11 -2.90 -6.80
CA LYS B 65 1.55 -3.62 -8.00
C LYS B 65 0.36 -3.92 -8.91
N SER B 66 -0.72 -4.42 -8.34
CA SER B 66 -1.91 -4.74 -9.12
C SER B 66 -2.49 -3.49 -9.76
N LEU B 67 -2.59 -2.41 -8.99
CA LEU B 67 -3.14 -1.15 -9.50
C LEU B 67 -2.28 -0.60 -10.63
N ILE B 68 -0.97 -0.70 -10.48
CA ILE B 68 -0.05 -0.22 -11.50
C ILE B 68 -0.26 -0.96 -12.81
N SER B 69 -0.43 -2.28 -12.73
CA SER B 69 -0.63 -3.08 -13.92
C SER B 69 -1.87 -2.63 -14.69
N GLN B 70 -2.96 -2.41 -13.99
CA GLN B 70 -4.19 -1.98 -14.65
C GLN B 70 -3.98 -0.64 -15.33
N TRP B 71 -3.27 0.25 -14.66
CA TRP B 71 -2.97 1.57 -15.21
C TRP B 71 -2.13 1.44 -16.48
N CYS B 72 -1.12 0.58 -16.38
CA CYS B 72 -0.20 0.34 -17.48
C CYS B 72 -0.92 -0.27 -18.69
N GLU B 73 -1.83 -1.20 -18.43
CA GLU B 73 -2.57 -1.86 -19.50
C GLU B 73 -3.45 -0.85 -20.23
N ALA B 74 -4.06 0.06 -19.46
CA ALA B 74 -4.92 1.08 -20.03
C ALA B 74 -4.15 1.95 -21.01
N ASN B 75 -2.93 2.31 -20.64
CA ASN B 75 -2.08 3.13 -21.50
C ASN B 75 -1.27 2.25 -22.44
N GLY B 76 -1.30 0.93 -22.21
CA GLY B 76 -0.55 0.01 -23.05
C GLY B 76 0.95 0.27 -22.93
N ILE B 77 1.39 0.67 -21.74
CA ILE B 77 2.80 0.96 -21.52
C ILE B 77 3.43 -0.03 -20.55
N GLU B 78 4.58 -0.57 -20.93
CA GLU B 78 5.27 -1.52 -20.08
C GLU B 78 5.66 -0.89 -18.74
N LEU B 79 5.91 -1.72 -17.74
CA LEU B 79 6.27 -1.24 -16.42
C LEU B 79 7.58 -0.47 -16.49
N PRO B 80 7.79 0.50 -15.61
CA PRO B 80 9.03 1.32 -15.60
C PRO B 80 10.28 0.45 -15.54
N GLY A 1 -14.59 4.20 -16.64
CA GLY A 1 -15.24 3.78 -15.37
C GLY A 1 -16.06 2.51 -15.60
N ALA A 2 -16.05 1.62 -14.60
CA ALA A 2 -16.78 0.37 -14.70
C ALA A 2 -17.85 0.28 -13.61
N MET A 3 -18.99 -0.28 -13.96
CA MET A 3 -20.08 -0.41 -12.99
C MET A 3 -19.66 -1.35 -11.85
N ILE A 4 -18.69 -2.21 -12.12
CA ILE A 4 -18.21 -3.15 -11.11
C ILE A 4 -16.92 -2.63 -10.48
N ILE A 5 -16.88 -2.62 -9.15
CA ILE A 5 -15.70 -2.14 -8.43
C ILE A 5 -14.56 -3.16 -8.49
N PRO A 6 -13.34 -2.76 -8.83
CA PRO A 6 -12.18 -3.70 -8.90
C PRO A 6 -11.98 -4.46 -7.59
N ASP A 7 -11.56 -5.73 -7.71
CA ASP A 7 -11.31 -6.57 -6.54
C ASP A 7 -10.25 -5.94 -5.64
N GLU A 8 -9.40 -5.11 -6.23
CA GLU A 8 -8.33 -4.46 -5.50
C GLU A 8 -8.89 -3.61 -4.36
N PHE A 9 -10.05 -2.99 -4.60
CA PHE A 9 -10.66 -2.14 -3.58
C PHE A 9 -11.60 -2.92 -2.67
N ARG A 10 -11.60 -4.24 -2.78
CA ARG A 10 -12.45 -5.08 -1.95
C ARG A 10 -11.58 -6.05 -1.16
N CYS A 11 -11.95 -6.30 0.10
CA CYS A 11 -11.18 -7.22 0.92
C CYS A 11 -11.36 -8.65 0.40
N PRO A 12 -10.31 -9.42 0.29
CA PRO A 12 -10.43 -10.82 -0.22
C PRO A 12 -11.13 -11.74 0.78
N ILE A 13 -10.98 -11.44 2.08
CA ILE A 13 -11.60 -12.26 3.12
C ILE A 13 -13.08 -11.92 3.30
N SER A 14 -13.38 -10.63 3.32
CA SER A 14 -14.76 -10.18 3.51
C SER A 14 -15.50 -10.05 2.18
N LEU A 15 -14.75 -9.89 1.10
CA LEU A 15 -15.35 -9.75 -0.23
C LEU A 15 -16.24 -8.51 -0.30
N GLU A 16 -16.08 -7.62 0.67
CA GLU A 16 -16.87 -6.39 0.73
C GLU A 16 -15.98 -5.18 0.95
N LEU A 17 -16.54 -4.00 0.71
CA LEU A 17 -15.81 -2.75 0.88
C LEU A 17 -15.48 -2.51 2.36
N MET A 18 -14.30 -1.94 2.62
CA MET A 18 -13.88 -1.67 3.98
C MET A 18 -13.84 -0.17 4.25
N GLN A 19 -13.82 0.20 5.53
CA GLN A 19 -13.78 1.61 5.90
C GLN A 19 -12.46 1.98 6.56
N ASP A 20 -11.84 1.00 7.23
CA ASP A 20 -10.57 1.24 7.91
C ASP A 20 -9.55 0.14 7.57
N PRO A 21 -8.90 0.24 6.44
CA PRO A 21 -7.88 -0.78 6.01
C PRO A 21 -6.56 -0.66 6.77
N VAL A 22 -5.97 -1.82 7.10
CA VAL A 22 -4.69 -1.85 7.79
C VAL A 22 -3.80 -2.90 7.12
N ILE A 23 -2.47 -2.73 7.24
CA ILE A 23 -1.57 -3.69 6.62
C ILE A 23 -0.70 -4.37 7.68
N VAL A 24 -0.48 -5.67 7.51
CA VAL A 24 0.31 -6.44 8.46
C VAL A 24 1.81 -6.38 8.09
N SER A 25 2.65 -7.08 8.84
CA SER A 25 4.09 -7.07 8.58
C SER A 25 4.43 -7.55 7.17
N SER A 26 3.78 -8.63 6.73
CA SER A 26 4.03 -9.16 5.40
C SER A 26 3.49 -8.24 4.30
N GLY A 27 2.87 -7.13 4.70
CA GLY A 27 2.32 -6.19 3.73
C GLY A 27 0.93 -6.63 3.23
N GLN A 28 0.30 -7.55 3.96
CA GLN A 28 -1.02 -8.01 3.58
C GLN A 28 -2.05 -7.03 4.15
N THR A 29 -3.07 -6.69 3.37
CA THR A 29 -4.07 -5.73 3.85
C THR A 29 -5.33 -6.44 4.34
N TYR A 30 -5.73 -6.11 5.56
CA TYR A 30 -6.92 -6.68 6.17
C TYR A 30 -7.75 -5.59 6.84
N GLU A 31 -9.03 -5.86 7.03
CA GLU A 31 -9.91 -4.91 7.69
C GLU A 31 -9.46 -4.76 9.15
N ARG A 32 -9.63 -3.57 9.71
CA ARG A 32 -9.22 -3.35 11.10
C ARG A 32 -9.91 -4.36 12.01
N SER A 33 -11.21 -4.55 11.80
CA SER A 33 -11.96 -5.50 12.61
C SER A 33 -11.43 -6.92 12.37
N CYS A 34 -11.06 -7.18 11.11
CA CYS A 34 -10.55 -8.50 10.75
C CYS A 34 -9.25 -8.84 11.47
N ILE A 35 -8.29 -7.93 11.47
CA ILE A 35 -7.01 -8.18 12.12
C ILE A 35 -7.20 -8.34 13.62
N GLN A 36 -8.15 -7.59 14.18
CA GLN A 36 -8.41 -7.67 15.61
C GLN A 36 -8.89 -9.07 15.98
N LYS A 37 -9.78 -9.61 15.16
CA LYS A 37 -10.31 -10.96 15.40
C LYS A 37 -9.20 -12.00 15.29
N TRP A 38 -8.35 -11.85 14.27
CA TRP A 38 -7.25 -12.77 14.05
C TRP A 38 -6.31 -12.76 15.26
N LEU A 39 -6.01 -11.55 15.73
CA LEU A 39 -5.14 -11.37 16.89
C LEU A 39 -5.80 -11.94 18.14
N ASP A 40 -7.11 -11.71 18.26
CA ASP A 40 -7.87 -12.21 19.41
C ASP A 40 -7.81 -13.73 19.46
N SER A 41 -7.88 -14.35 18.29
CA SER A 41 -7.82 -15.80 18.21
C SER A 41 -6.48 -16.30 18.74
N GLY A 42 -5.47 -15.43 18.69
CA GLY A 42 -4.15 -15.79 19.16
C GLY A 42 -3.25 -16.21 18.01
N HIS A 43 -3.67 -15.92 16.79
CA HIS A 43 -2.87 -16.29 15.63
C HIS A 43 -1.73 -15.30 15.42
N LYS A 44 -0.54 -15.81 15.16
CA LYS A 44 0.62 -14.97 14.95
C LYS A 44 1.26 -15.26 13.59
N THR A 45 0.41 -15.45 12.58
CA THR A 45 0.90 -15.73 11.24
C THR A 45 0.03 -15.06 10.19
N CYS A 46 0.56 -15.01 8.97
CA CYS A 46 -0.17 -14.42 7.86
C CYS A 46 -0.74 -15.54 7.02
N PRO A 47 -2.04 -15.77 7.05
CA PRO A 47 -2.67 -16.88 6.26
C PRO A 47 -2.58 -16.67 4.75
N LYS A 48 -2.55 -15.42 4.33
CA LYS A 48 -2.46 -15.10 2.91
C LYS A 48 -1.16 -15.64 2.30
N THR A 49 -0.05 -15.45 2.99
CA THR A 49 1.24 -15.92 2.48
C THR A 49 1.62 -17.26 3.12
N GLN A 50 1.03 -17.54 4.28
CA GLN A 50 1.26 -18.79 5.02
C GLN A 50 2.62 -18.76 5.72
N GLN A 51 2.94 -17.63 6.35
CA GLN A 51 4.22 -17.50 7.06
C GLN A 51 4.02 -16.82 8.42
N PRO A 52 4.87 -17.09 9.37
CA PRO A 52 4.78 -16.49 10.74
C PRO A 52 5.07 -14.99 10.74
N LEU A 53 4.45 -14.28 11.68
CA LEU A 53 4.65 -12.85 11.81
C LEU A 53 5.83 -12.53 12.72
N SER A 54 5.62 -12.71 14.02
CA SER A 54 6.66 -12.45 15.01
C SER A 54 7.20 -11.03 14.87
N HIS A 55 6.37 -10.11 14.38
CA HIS A 55 6.79 -8.72 14.21
C HIS A 55 5.57 -7.81 14.10
N THR A 56 5.69 -6.57 14.56
CA THR A 56 4.59 -5.62 14.49
C THR A 56 5.01 -4.30 13.86
N SER A 57 4.04 -3.58 13.29
CA SER A 57 4.31 -2.30 12.66
C SER A 57 3.02 -1.51 12.52
N LEU A 58 3.13 -0.20 12.26
CA LEU A 58 1.93 0.62 12.11
C LEU A 58 1.34 0.43 10.72
N THR A 59 1.89 1.13 9.72
CA THR A 59 1.44 1.03 8.33
C THR A 59 -0.08 0.82 8.24
N PRO A 60 -0.84 1.85 8.51
CA PRO A 60 -2.33 1.78 8.45
C PRO A 60 -2.85 1.83 7.02
N ASN A 61 -2.57 2.94 6.34
CA ASN A 61 -3.00 3.11 4.95
C ASN A 61 -2.12 4.14 4.28
N PHE A 62 -2.05 4.12 2.94
CA PHE A 62 -1.20 5.08 2.25
C PHE A 62 -1.60 5.27 0.77
N VAL A 63 -0.91 4.58 -0.16
CA VAL A 63 -1.22 4.75 -1.59
C VAL A 63 -2.58 4.17 -1.94
N LEU A 64 -2.97 3.08 -1.30
CA LEU A 64 -4.26 2.48 -1.59
C LEU A 64 -5.38 3.45 -1.27
N LYS A 65 -5.30 4.09 -0.11
CA LYS A 65 -6.34 5.03 0.29
C LYS A 65 -6.42 6.17 -0.73
N SER A 66 -5.25 6.66 -1.14
CA SER A 66 -5.21 7.76 -2.11
C SER A 66 -5.80 7.32 -3.46
N LEU A 67 -5.48 6.10 -3.89
CA LEU A 67 -5.99 5.58 -5.14
C LEU A 67 -7.51 5.41 -5.08
N ILE A 68 -8.03 5.02 -3.93
CA ILE A 68 -9.46 4.88 -3.79
C ILE A 68 -10.12 6.22 -4.05
N SER A 69 -9.54 7.27 -3.50
CA SER A 69 -10.10 8.61 -3.66
C SER A 69 -10.17 9.03 -5.13
N GLN A 70 -9.09 8.85 -5.88
CA GLN A 70 -9.11 9.23 -7.29
C GLN A 70 -10.04 8.30 -8.07
N TRP A 71 -10.07 7.05 -7.66
CA TRP A 71 -10.93 6.06 -8.30
C TRP A 71 -12.40 6.42 -8.16
N CYS A 72 -12.80 6.76 -6.93
CA CYS A 72 -14.19 7.10 -6.65
C CYS A 72 -14.59 8.41 -7.30
N GLU A 73 -13.64 9.34 -7.40
CA GLU A 73 -13.93 10.62 -8.02
C GLU A 73 -14.20 10.47 -9.50
N ALA A 74 -13.41 9.63 -10.16
CA ALA A 74 -13.59 9.39 -11.60
C ALA A 74 -14.95 8.77 -11.86
N ASN A 75 -15.34 7.84 -11.00
CA ASN A 75 -16.63 7.19 -11.14
C ASN A 75 -17.75 8.01 -10.50
N GLY A 76 -17.37 9.04 -9.73
CA GLY A 76 -18.36 9.88 -9.08
C GLY A 76 -19.14 9.09 -8.03
N ILE A 77 -18.49 8.08 -7.46
CA ILE A 77 -19.13 7.23 -6.45
C ILE A 77 -18.68 7.62 -5.05
N GLU A 78 -19.60 7.58 -4.10
CA GLU A 78 -19.26 7.95 -2.72
C GLU A 78 -18.40 6.85 -2.08
N LEU A 79 -17.52 7.25 -1.18
CA LEU A 79 -16.64 6.30 -0.50
C LEU A 79 -17.47 5.38 0.41
N PRO A 80 -16.99 4.17 0.67
CA PRO A 80 -17.71 3.20 1.54
C PRO A 80 -18.03 3.79 2.91
N GLY B 1 -6.88 11.85 -25.29
CA GLY B 1 -5.46 11.89 -24.84
C GLY B 1 -5.40 12.30 -23.37
N ALA B 2 -4.60 13.31 -23.06
CA ALA B 2 -4.46 13.78 -21.69
C ALA B 2 -4.09 12.63 -20.75
N MET B 3 -3.00 11.94 -21.05
CA MET B 3 -2.56 10.83 -20.22
C MET B 3 -1.56 11.30 -19.17
N ILE B 4 -1.86 11.00 -17.91
CA ILE B 4 -0.98 11.38 -16.80
C ILE B 4 -0.90 10.26 -15.79
N ILE B 5 0.27 10.10 -15.16
CA ILE B 5 0.46 9.05 -14.16
C ILE B 5 0.10 9.59 -12.76
N PRO B 6 -0.75 8.93 -12.01
CA PRO B 6 -1.11 9.39 -10.63
C PRO B 6 0.12 9.56 -9.74
N ASP B 7 0.08 10.55 -8.87
CA ASP B 7 1.19 10.82 -7.96
C ASP B 7 1.48 9.61 -7.09
N GLU B 8 0.45 8.79 -6.86
CA GLU B 8 0.61 7.60 -6.03
C GLU B 8 1.66 6.67 -6.61
N PHE B 9 1.73 6.59 -7.94
CA PHE B 9 2.69 5.70 -8.59
C PHE B 9 4.04 6.40 -8.83
N ARG B 10 4.17 7.64 -8.38
CA ARG B 10 5.41 8.38 -8.57
C ARG B 10 6.06 8.74 -7.24
N CYS B 11 7.36 8.45 -7.11
CA CYS B 11 8.07 8.78 -5.87
C CYS B 11 8.24 10.29 -5.75
N PRO B 12 7.84 10.90 -4.66
CA PRO B 12 8.02 12.37 -4.50
C PRO B 12 9.48 12.77 -4.66
N ILE B 13 10.38 11.95 -4.10
CA ILE B 13 11.80 12.21 -4.15
C ILE B 13 12.40 12.04 -5.55
N SER B 14 12.09 10.93 -6.22
CA SER B 14 12.64 10.69 -7.55
C SER B 14 11.87 11.41 -8.65
N LEU B 15 10.61 11.72 -8.38
CA LEU B 15 9.75 12.38 -9.36
C LEU B 15 9.58 11.49 -10.58
N GLU B 16 9.90 10.21 -10.42
CA GLU B 16 9.79 9.26 -11.52
C GLU B 16 9.20 7.93 -11.02
N LEU B 17 8.94 7.03 -11.97
CA LEU B 17 8.39 5.72 -11.63
C LEU B 17 9.40 4.90 -10.83
N MET B 18 8.91 4.08 -9.90
CA MET B 18 9.78 3.27 -9.06
C MET B 18 9.82 1.82 -9.54
N GLN B 19 11.01 1.38 -9.94
CA GLN B 19 11.18 0.00 -10.40
C GLN B 19 10.98 -0.98 -9.25
N ASP B 20 11.54 -0.64 -8.09
CA ASP B 20 11.45 -1.48 -6.91
C ASP B 20 10.99 -0.66 -5.70
N PRO B 21 9.74 -0.31 -5.67
CA PRO B 21 9.15 0.49 -4.56
C PRO B 21 8.93 -0.33 -3.28
N VAL B 22 9.25 0.29 -2.15
CA VAL B 22 9.08 -0.35 -0.86
C VAL B 22 8.41 0.62 0.11
N ILE B 23 7.83 0.10 1.19
CA ILE B 23 7.17 0.96 2.16
C ILE B 23 7.85 0.92 3.52
N VAL B 24 7.93 2.08 4.14
CA VAL B 24 8.55 2.23 5.46
C VAL B 24 7.52 1.85 6.52
N SER B 25 7.95 1.67 7.77
CA SER B 25 7.03 1.30 8.84
C SER B 25 5.94 2.36 8.99
N SER B 26 6.22 3.58 8.53
CA SER B 26 5.26 4.67 8.61
C SER B 26 4.19 4.55 7.53
N GLY B 27 4.36 3.59 6.62
CA GLY B 27 3.40 3.40 5.54
C GLY B 27 3.71 4.31 4.34
N GLN B 28 4.90 4.91 4.34
CA GLN B 28 5.28 5.80 3.24
C GLN B 28 6.05 4.99 2.20
N THR B 29 5.86 5.29 0.92
CA THR B 29 6.54 4.55 -0.14
C THR B 29 7.73 5.32 -0.71
N TYR B 30 8.87 4.62 -0.79
CA TYR B 30 10.09 5.22 -1.33
C TYR B 30 10.81 4.20 -2.20
N GLU B 31 11.64 4.66 -3.14
CA GLU B 31 12.40 3.74 -3.98
C GLU B 31 13.42 3.01 -3.12
N ARG B 32 13.69 1.75 -3.44
CA ARG B 32 14.65 0.98 -2.66
C ARG B 32 16.03 1.64 -2.69
N SER B 33 16.46 2.09 -3.86
CA SER B 33 17.76 2.73 -3.99
C SER B 33 17.81 4.04 -3.19
N CYS B 34 16.72 4.80 -3.22
CA CYS B 34 16.66 6.07 -2.50
C CYS B 34 16.80 5.85 -1.00
N ILE B 35 16.11 4.84 -0.49
CA ILE B 35 16.17 4.53 0.93
C ILE B 35 17.57 4.13 1.35
N GLN B 36 18.25 3.35 0.51
CA GLN B 36 19.61 2.91 0.84
C GLN B 36 20.53 4.11 1.04
N LYS B 37 20.45 5.06 0.12
CA LYS B 37 21.28 6.27 0.23
C LYS B 37 20.89 7.05 1.48
N TRP B 38 19.59 7.10 1.73
CA TRP B 38 19.06 7.82 2.87
C TRP B 38 19.59 7.24 4.18
N LEU B 39 19.60 5.91 4.28
CA LEU B 39 20.09 5.23 5.47
C LEU B 39 21.57 5.55 5.67
N ASP B 40 22.31 5.60 4.57
CA ASP B 40 23.74 5.90 4.63
C ASP B 40 23.95 7.27 5.25
N SER B 41 23.05 8.20 4.97
CA SER B 41 23.15 9.54 5.50
C SER B 41 23.09 9.52 7.03
N GLY B 42 22.47 8.49 7.60
CA GLY B 42 22.38 8.35 9.05
C GLY B 42 21.06 8.88 9.61
N HIS B 43 20.17 9.35 8.74
CA HIS B 43 18.89 9.87 9.21
C HIS B 43 18.00 8.73 9.73
N LYS B 44 17.16 9.04 10.71
CA LYS B 44 16.27 8.04 11.29
C LYS B 44 14.85 8.59 11.43
N THR B 45 14.42 9.39 10.45
CA THR B 45 13.09 9.97 10.49
C THR B 45 12.37 9.82 9.15
N CYS B 46 11.09 10.15 9.15
CA CYS B 46 10.27 10.08 7.95
C CYS B 46 9.84 11.50 7.57
N PRO B 47 10.54 12.15 6.68
CA PRO B 47 10.24 13.56 6.25
C PRO B 47 8.83 13.75 5.67
N LYS B 48 8.35 12.77 4.93
CA LYS B 48 7.02 12.88 4.31
C LYS B 48 5.93 13.04 5.37
N THR B 49 6.01 12.26 6.43
CA THR B 49 5.02 12.34 7.50
C THR B 49 5.52 13.23 8.65
N GLN B 50 6.82 13.50 8.63
CA GLN B 50 7.49 14.33 9.65
C GLN B 50 7.51 13.68 11.02
N GLN B 51 7.78 12.37 11.07
CA GLN B 51 7.85 11.67 12.36
C GLN B 51 9.07 10.73 12.42
N PRO B 52 9.60 10.49 13.60
CA PRO B 52 10.79 9.61 13.79
C PRO B 52 10.47 8.12 13.69
N LEU B 53 11.50 7.32 13.42
CA LEU B 53 11.32 5.87 13.31
C LEU B 53 11.94 5.16 14.52
N SER B 54 11.12 4.41 15.24
CA SER B 54 11.60 3.68 16.40
C SER B 54 11.98 2.24 16.03
N HIS B 55 11.57 1.81 14.85
CA HIS B 55 11.88 0.45 14.40
C HIS B 55 11.76 0.34 12.88
N THR B 56 12.19 -0.80 12.34
CA THR B 56 12.11 -1.03 10.91
C THR B 56 11.37 -2.34 10.63
N SER B 57 10.85 -2.48 9.41
CA SER B 57 10.10 -3.69 9.05
C SER B 57 10.18 -3.94 7.56
N LEU B 58 9.80 -5.16 7.16
CA LEU B 58 9.82 -5.53 5.75
C LEU B 58 8.41 -5.51 5.18
N THR B 59 8.20 -4.64 4.20
CA THR B 59 6.89 -4.50 3.56
C THR B 59 7.06 -3.95 2.14
N PRO B 60 7.41 -4.79 1.21
CA PRO B 60 7.61 -4.37 -0.22
C PRO B 60 6.28 -4.16 -0.91
N ASN B 61 6.28 -3.47 -2.06
CA ASN B 61 5.04 -3.22 -2.79
C ASN B 61 4.13 -4.45 -2.79
N PHE B 62 2.89 -4.24 -2.36
CA PHE B 62 1.90 -5.31 -2.27
C PHE B 62 0.71 -5.05 -3.20
N VAL B 63 -0.38 -4.48 -2.66
CA VAL B 63 -1.56 -4.18 -3.48
C VAL B 63 -1.23 -3.19 -4.57
N LEU B 64 -0.20 -2.38 -4.33
CA LEU B 64 0.20 -1.37 -5.30
C LEU B 64 0.50 -2.05 -6.63
N LYS B 65 1.14 -3.22 -6.58
CA LYS B 65 1.46 -3.94 -7.81
C LYS B 65 0.19 -4.24 -8.60
N SER B 66 -0.85 -4.68 -7.90
CA SER B 66 -2.12 -5.00 -8.54
C SER B 66 -2.70 -3.76 -9.21
N LEU B 67 -2.65 -2.64 -8.50
CA LEU B 67 -3.18 -1.39 -9.03
C LEU B 67 -2.39 -0.95 -10.25
N ILE B 68 -1.07 -1.14 -10.21
CA ILE B 68 -0.23 -0.77 -11.33
C ILE B 68 -0.62 -1.52 -12.60
N SER B 69 -0.86 -2.83 -12.45
CA SER B 69 -1.23 -3.65 -13.60
C SER B 69 -2.53 -3.15 -14.21
N GLN B 70 -3.51 -2.85 -13.38
CA GLN B 70 -4.79 -2.34 -13.87
C GLN B 70 -4.60 -0.98 -14.52
N TRP B 71 -3.75 -0.16 -13.92
CA TRP B 71 -3.47 1.16 -14.46
C TRP B 71 -2.82 1.05 -15.84
N CYS B 72 -1.85 0.14 -15.94
CA CYS B 72 -1.12 -0.06 -17.18
C CYS B 72 -2.00 -0.52 -18.32
N GLU B 73 -2.91 -1.45 -18.06
CA GLU B 73 -3.77 -1.93 -19.13
C GLU B 73 -4.80 -0.87 -19.53
N ALA B 74 -5.22 -0.07 -18.56
CA ALA B 74 -6.20 0.98 -18.84
C ALA B 74 -5.65 1.96 -19.86
N ASN B 75 -4.38 2.31 -19.70
CA ASN B 75 -3.74 3.24 -20.62
C ASN B 75 -2.90 2.47 -21.65
N GLY B 76 -2.84 1.15 -21.51
CA GLY B 76 -2.05 0.35 -22.45
C GLY B 76 -0.56 0.69 -22.36
N ILE B 77 -0.09 1.06 -21.17
CA ILE B 77 1.31 1.42 -21.00
C ILE B 77 2.02 0.43 -20.08
N GLU B 78 3.09 -0.17 -20.57
CA GLU B 78 3.83 -1.14 -19.77
C GLU B 78 4.21 -0.56 -18.41
N LEU B 79 4.17 -1.40 -17.38
CA LEU B 79 4.50 -0.96 -16.03
C LEU B 79 6.01 -0.74 -15.91
N PRO B 80 6.46 0.08 -14.99
CA PRO B 80 7.92 0.34 -14.81
C PRO B 80 8.71 -0.95 -14.55
N GLY A 1 -14.01 -4.38 -15.14
CA GLY A 1 -15.30 -3.77 -15.58
C GLY A 1 -15.83 -2.85 -14.51
N ALA A 2 -16.39 -1.72 -14.93
CA ALA A 2 -16.94 -0.74 -14.00
C ALA A 2 -18.06 -1.36 -13.16
N MET A 3 -18.69 -2.40 -13.71
CA MET A 3 -19.78 -3.06 -13.01
C MET A 3 -19.28 -3.63 -11.68
N ILE A 4 -18.08 -4.22 -11.71
CA ILE A 4 -17.50 -4.80 -10.51
C ILE A 4 -16.26 -4.02 -10.06
N ILE A 5 -16.24 -3.72 -8.77
CA ILE A 5 -15.14 -2.95 -8.18
C ILE A 5 -13.85 -3.80 -8.18
N PRO A 6 -12.69 -3.19 -8.36
CA PRO A 6 -11.39 -3.95 -8.37
C PRO A 6 -11.18 -4.75 -7.08
N ASP A 7 -10.49 -5.88 -7.20
CA ASP A 7 -10.23 -6.74 -6.05
C ASP A 7 -9.36 -6.03 -5.01
N GLU A 8 -8.61 -5.02 -5.45
CA GLU A 8 -7.75 -4.28 -4.54
C GLU A 8 -8.57 -3.55 -3.47
N PHE A 9 -9.70 -2.98 -3.88
CA PHE A 9 -10.56 -2.25 -2.95
C PHE A 9 -11.46 -3.21 -2.18
N ARG A 10 -11.83 -4.32 -2.83
CA ARG A 10 -12.71 -5.31 -2.19
C ARG A 10 -11.86 -6.41 -1.53
N CYS A 11 -12.03 -6.59 -0.22
CA CYS A 11 -11.26 -7.62 0.48
C CYS A 11 -11.73 -9.02 0.08
N PRO A 12 -10.84 -9.98 -0.06
CA PRO A 12 -11.22 -11.37 -0.46
C PRO A 12 -11.94 -12.13 0.65
N ILE A 13 -11.45 -12.00 1.88
CA ILE A 13 -12.07 -12.70 3.01
C ILE A 13 -13.50 -12.21 3.20
N SER A 14 -13.64 -10.89 3.25
CA SER A 14 -14.95 -10.28 3.42
C SER A 14 -15.80 -10.44 2.16
N LEU A 15 -15.14 -10.28 1.01
CA LEU A 15 -15.81 -10.36 -0.28
C LEU A 15 -16.68 -9.12 -0.48
N GLU A 16 -16.38 -8.08 0.29
CA GLU A 16 -17.11 -6.82 0.21
C GLU A 16 -16.14 -5.65 0.35
N LEU A 17 -16.65 -4.43 0.15
CA LEU A 17 -15.82 -3.24 0.27
C LEU A 17 -15.53 -2.93 1.73
N MET A 18 -14.24 -2.98 2.08
CA MET A 18 -13.83 -2.71 3.45
C MET A 18 -14.02 -1.23 3.80
N GLN A 19 -14.38 -0.96 5.05
CA GLN A 19 -14.61 0.41 5.49
C GLN A 19 -13.36 0.99 6.13
N ASP A 20 -12.59 0.13 6.78
CA ASP A 20 -11.37 0.54 7.45
C ASP A 20 -10.19 -0.32 7.00
N PRO A 21 -9.63 -0.03 5.86
CA PRO A 21 -8.47 -0.81 5.31
C PRO A 21 -7.26 -0.81 6.25
N VAL A 22 -6.66 -1.98 6.43
CA VAL A 22 -5.48 -2.12 7.28
C VAL A 22 -4.49 -3.07 6.60
N ILE A 23 -3.22 -2.98 6.97
CA ILE A 23 -2.21 -3.86 6.37
C ILE A 23 -1.43 -4.62 7.44
N VAL A 24 -0.97 -5.81 7.07
CA VAL A 24 -0.20 -6.65 7.98
C VAL A 24 1.29 -6.40 7.77
N SER A 25 2.13 -6.93 8.65
CA SER A 25 3.57 -6.73 8.52
C SER A 25 4.06 -7.29 7.19
N SER A 26 3.28 -8.21 6.62
CA SER A 26 3.64 -8.81 5.33
C SER A 26 3.20 -7.90 4.16
N GLY A 27 2.53 -6.78 4.48
CA GLY A 27 2.05 -5.85 3.47
C GLY A 27 0.73 -6.29 2.85
N GLN A 28 0.13 -7.33 3.41
CA GLN A 28 -1.15 -7.82 2.90
C GLN A 28 -2.27 -6.93 3.43
N THR A 29 -3.28 -6.65 2.61
CA THR A 29 -4.37 -5.78 3.03
C THR A 29 -5.61 -6.58 3.47
N TYR A 30 -6.16 -6.20 4.62
CA TYR A 30 -7.35 -6.87 5.16
C TYR A 30 -8.28 -5.84 5.81
N GLU A 31 -9.53 -6.23 6.03
CA GLU A 31 -10.48 -5.35 6.68
C GLU A 31 -10.11 -5.20 8.16
N ARG A 32 -10.33 -4.02 8.74
CA ARG A 32 -9.98 -3.81 10.14
C ARG A 32 -10.70 -4.81 11.04
N SER A 33 -11.99 -5.01 10.80
CA SER A 33 -12.75 -5.95 11.62
C SER A 33 -12.19 -7.36 11.46
N CYS A 34 -11.79 -7.69 10.24
CA CYS A 34 -11.23 -9.01 9.96
C CYS A 34 -9.93 -9.24 10.72
N ILE A 35 -9.03 -8.27 10.65
CA ILE A 35 -7.74 -8.39 11.33
C ILE A 35 -7.93 -8.34 12.84
N GLN A 36 -8.93 -7.58 13.28
CA GLN A 36 -9.18 -7.46 14.71
C GLN A 36 -9.52 -8.83 15.30
N LYS A 37 -10.36 -9.58 14.60
CA LYS A 37 -10.73 -10.92 15.06
C LYS A 37 -9.50 -11.81 15.11
N TRP A 38 -8.70 -11.70 14.06
CA TRP A 38 -7.48 -12.49 13.95
C TRP A 38 -6.54 -12.16 15.12
N LEU A 39 -6.42 -10.88 15.43
CA LEU A 39 -5.57 -10.43 16.53
C LEU A 39 -6.08 -10.97 17.86
N ASP A 40 -7.40 -10.96 18.03
CA ASP A 40 -8.00 -11.46 19.26
C ASP A 40 -7.62 -12.91 19.50
N SER A 41 -7.52 -13.66 18.41
CA SER A 41 -7.16 -15.07 18.49
C SER A 41 -5.77 -15.24 19.08
N GLY A 42 -4.96 -14.18 19.01
CA GLY A 42 -3.60 -14.24 19.54
C GLY A 42 -2.64 -14.80 18.51
N HIS A 43 -3.00 -14.68 17.24
CA HIS A 43 -2.15 -15.18 16.16
C HIS A 43 -0.82 -14.45 16.17
N LYS A 44 0.16 -15.02 15.49
CA LYS A 44 1.48 -14.41 15.42
C LYS A 44 2.07 -14.57 14.01
N THR A 45 1.30 -15.16 13.09
CA THR A 45 1.77 -15.35 11.73
C THR A 45 0.70 -14.97 10.71
N CYS A 46 1.13 -14.81 9.46
CA CYS A 46 0.20 -14.48 8.38
C CYS A 46 -0.22 -15.79 7.70
N PRO A 47 -1.44 -16.24 7.84
CA PRO A 47 -1.91 -17.52 7.23
C PRO A 47 -2.04 -17.49 5.71
N LYS A 48 -2.39 -16.33 5.15
CA LYS A 48 -2.57 -16.23 3.70
C LYS A 48 -1.28 -16.51 2.94
N THR A 49 -0.16 -15.98 3.43
CA THR A 49 1.13 -16.19 2.76
C THR A 49 2.08 -17.05 3.59
N GLN A 50 1.71 -17.31 4.84
CA GLN A 50 2.54 -18.11 5.75
C GLN A 50 3.80 -17.34 6.14
N GLN A 51 3.62 -16.06 6.47
CA GLN A 51 4.74 -15.20 6.85
C GLN A 51 4.69 -14.85 8.36
N PRO A 52 5.68 -15.24 9.14
CA PRO A 52 5.70 -14.92 10.60
C PRO A 52 5.95 -13.43 10.86
N LEU A 53 5.44 -12.94 11.99
CA LEU A 53 5.62 -11.54 12.34
C LEU A 53 5.56 -11.33 13.85
N SER A 54 6.27 -10.31 14.33
CA SER A 54 6.29 -10.01 15.76
C SER A 54 5.90 -8.55 16.01
N HIS A 55 5.58 -7.81 14.94
CA HIS A 55 5.21 -6.40 15.07
C HIS A 55 3.71 -6.28 15.38
N THR A 56 3.36 -5.24 16.13
CA THR A 56 1.96 -5.00 16.47
C THR A 56 1.23 -4.38 15.28
N SER A 57 -0.10 -4.32 15.37
CA SER A 57 -0.89 -3.76 14.27
C SER A 57 -0.39 -2.36 13.91
N LEU A 58 0.00 -2.19 12.66
CA LEU A 58 0.51 -0.91 12.18
C LEU A 58 0.16 -0.71 10.70
N THR A 59 0.63 0.39 10.12
CA THR A 59 0.38 0.69 8.71
C THR A 59 -1.10 0.44 8.36
N PRO A 60 -1.96 1.37 8.68
CA PRO A 60 -3.42 1.24 8.39
C PRO A 60 -3.73 1.50 6.92
N ASN A 61 -3.43 2.71 6.46
CA ASN A 61 -3.66 3.06 5.08
C ASN A 61 -2.76 4.22 4.68
N PHE A 62 -2.56 4.39 3.37
CA PHE A 62 -1.68 5.46 2.89
C PHE A 62 -1.89 5.70 1.38
N VAL A 63 -1.02 5.15 0.52
CA VAL A 63 -1.16 5.33 -0.92
C VAL A 63 -2.47 4.74 -1.40
N LEU A 64 -2.83 3.60 -0.84
CA LEU A 64 -4.08 2.94 -1.22
C LEU A 64 -5.25 3.89 -0.98
N LYS A 65 -5.22 4.58 0.14
CA LYS A 65 -6.29 5.52 0.46
C LYS A 65 -6.41 6.59 -0.62
N SER A 66 -5.26 7.12 -1.04
CA SER A 66 -5.25 8.14 -2.08
C SER A 66 -5.81 7.60 -3.39
N LEU A 67 -5.40 6.39 -3.74
CA LEU A 67 -5.86 5.76 -4.98
C LEU A 67 -7.37 5.54 -4.94
N ILE A 68 -7.89 5.17 -3.78
CA ILE A 68 -9.32 4.95 -3.63
C ILE A 68 -10.10 6.21 -3.97
N SER A 69 -9.62 7.35 -3.45
CA SER A 69 -10.30 8.62 -3.70
C SER A 69 -10.32 8.91 -5.21
N GLN A 70 -9.21 8.64 -5.89
CA GLN A 70 -9.14 8.86 -7.33
C GLN A 70 -10.14 7.97 -8.04
N TRP A 71 -10.24 6.73 -7.59
CA TRP A 71 -11.16 5.77 -8.18
C TRP A 71 -12.61 6.20 -7.98
N CYS A 72 -12.90 6.66 -6.77
CA CYS A 72 -14.25 7.08 -6.39
C CYS A 72 -14.80 8.22 -7.25
N GLU A 73 -13.96 9.20 -7.57
CA GLU A 73 -14.43 10.33 -8.36
C GLU A 73 -14.84 9.89 -9.76
N ALA A 74 -14.30 8.76 -10.19
CA ALA A 74 -14.61 8.24 -11.52
C ALA A 74 -16.09 7.88 -11.63
N ASN A 75 -16.62 7.25 -10.59
CA ASN A 75 -18.01 6.85 -10.57
C ASN A 75 -18.84 7.80 -9.69
N GLY A 76 -18.17 8.71 -9.00
CA GLY A 76 -18.88 9.65 -8.14
C GLY A 76 -19.48 8.93 -6.94
N ILE A 77 -18.82 7.87 -6.50
CA ILE A 77 -19.31 7.10 -5.37
C ILE A 77 -18.48 7.39 -4.13
N GLU A 78 -19.13 7.85 -3.07
CA GLU A 78 -18.44 8.15 -1.83
C GLU A 78 -17.84 6.88 -1.22
N LEU A 79 -16.58 6.97 -0.80
CA LEU A 79 -15.91 5.83 -0.20
C LEU A 79 -16.40 5.65 1.24
N PRO A 80 -16.20 4.50 1.82
CA PRO A 80 -16.64 4.21 3.21
C PRO A 80 -15.62 4.69 4.25
N GLY B 1 -7.18 17.85 -22.09
CA GLY B 1 -6.44 17.51 -20.85
C GLY B 1 -5.11 16.85 -21.21
N ALA B 2 -4.61 16.02 -20.30
CA ALA B 2 -3.34 15.32 -20.53
C ALA B 2 -3.31 14.00 -19.78
N MET B 3 -2.53 13.05 -20.27
CA MET B 3 -2.42 11.74 -19.62
C MET B 3 -1.07 11.61 -18.93
N ILE B 4 -1.09 11.67 -17.60
CA ILE B 4 0.13 11.56 -16.82
C ILE B 4 -0.03 10.56 -15.67
N ILE B 5 1.01 9.79 -15.42
CA ILE B 5 0.98 8.80 -14.34
C ILE B 5 0.77 9.54 -12.99
N PRO B 6 -0.03 9.00 -12.09
CA PRO B 6 -0.29 9.67 -10.78
C PRO B 6 0.92 9.63 -9.84
N ASP B 7 0.96 10.58 -8.91
CA ASP B 7 2.04 10.68 -7.93
C ASP B 7 2.14 9.42 -7.08
N GLU B 8 1.01 8.76 -6.86
CA GLU B 8 0.99 7.56 -6.04
C GLU B 8 1.92 6.47 -6.60
N PHE B 9 2.16 6.48 -7.91
CA PHE B 9 3.04 5.48 -8.50
C PHE B 9 4.46 6.03 -8.64
N ARG B 10 4.71 7.21 -8.09
CA ARG B 10 6.04 7.82 -8.16
C ARG B 10 6.50 8.23 -6.77
N CYS B 11 7.79 8.04 -6.48
CA CYS B 11 8.32 8.40 -5.16
C CYS B 11 8.43 9.93 -5.05
N PRO B 12 8.19 10.50 -3.89
CA PRO B 12 8.29 11.97 -3.70
C PRO B 12 9.75 12.44 -3.68
N ILE B 13 10.61 11.63 -3.10
CA ILE B 13 12.02 11.96 -3.01
C ILE B 13 12.67 12.05 -4.40
N SER B 14 12.38 11.06 -5.23
CA SER B 14 12.95 11.01 -6.58
C SER B 14 12.04 11.72 -7.58
N LEU B 15 10.74 11.77 -7.27
CA LEU B 15 9.76 12.42 -8.13
C LEU B 15 9.68 11.72 -9.48
N GLU B 16 9.96 10.44 -9.47
CA GLU B 16 9.92 9.64 -10.70
C GLU B 16 9.47 8.21 -10.41
N LEU B 17 9.28 7.43 -11.47
CA LEU B 17 8.84 6.05 -11.34
C LEU B 17 9.87 5.22 -10.57
N MET B 18 9.36 4.26 -9.80
CA MET B 18 10.21 3.40 -8.97
C MET B 18 10.10 1.93 -9.40
N GLN B 19 11.26 1.27 -9.53
CA GLN B 19 11.27 -0.13 -9.94
C GLN B 19 10.78 -1.07 -8.84
N ASP B 20 11.30 -0.90 -7.63
CA ASP B 20 10.93 -1.76 -6.51
C ASP B 20 10.56 -0.95 -5.27
N PRO B 21 9.35 -0.45 -5.19
CA PRO B 21 8.88 0.34 -4.02
C PRO B 21 8.64 -0.53 -2.78
N VAL B 22 8.88 0.06 -1.61
CA VAL B 22 8.67 -0.64 -0.35
C VAL B 22 8.02 0.30 0.66
N ILE B 23 7.36 -0.26 1.67
CA ILE B 23 6.70 0.59 2.67
C ILE B 23 7.43 0.54 4.01
N VAL B 24 7.55 1.72 4.63
CA VAL B 24 8.22 1.83 5.93
C VAL B 24 7.19 1.72 7.06
N SER B 25 7.62 1.84 8.31
CA SER B 25 6.69 1.70 9.43
C SER B 25 5.56 2.73 9.31
N SER B 26 5.90 3.94 8.92
CA SER B 26 4.92 5.00 8.74
C SER B 26 3.90 4.61 7.66
N GLY B 27 4.32 3.77 6.72
CA GLY B 27 3.43 3.33 5.64
C GLY B 27 3.65 4.12 4.36
N GLN B 28 4.70 4.93 4.33
CA GLN B 28 4.99 5.71 3.13
C GLN B 28 5.79 4.86 2.15
N THR B 29 5.55 5.05 0.86
CA THR B 29 6.24 4.27 -0.16
C THR B 29 7.57 4.92 -0.54
N TYR B 30 8.61 4.10 -0.58
CA TYR B 30 9.93 4.59 -0.96
C TYR B 30 10.61 3.61 -1.91
N GLU B 31 11.38 4.14 -2.85
CA GLU B 31 12.10 3.30 -3.81
C GLU B 31 13.19 2.54 -3.09
N ARG B 32 13.44 1.29 -3.52
CA ARG B 32 14.46 0.48 -2.88
C ARG B 32 15.82 1.17 -2.93
N SER B 33 16.17 1.71 -4.10
CA SER B 33 17.44 2.41 -4.23
C SER B 33 17.45 3.64 -3.33
N CYS B 34 16.32 4.32 -3.28
CA CYS B 34 16.19 5.53 -2.46
C CYS B 34 16.42 5.24 -0.99
N ILE B 35 15.80 4.18 -0.48
CA ILE B 35 15.94 3.85 0.93
C ILE B 35 17.40 3.52 1.23
N GLN B 36 18.10 2.95 0.26
CA GLN B 36 19.50 2.63 0.45
C GLN B 36 20.28 3.91 0.71
N LYS B 37 20.00 4.93 -0.08
CA LYS B 37 20.64 6.22 0.07
C LYS B 37 20.25 6.84 1.41
N TRP B 38 18.98 6.66 1.76
CA TRP B 38 18.44 7.20 3.01
C TRP B 38 19.22 6.64 4.19
N LEU B 39 19.45 5.33 4.18
CA LEU B 39 20.20 4.68 5.24
C LEU B 39 21.64 5.19 5.27
N ASP B 40 22.22 5.35 4.07
CA ASP B 40 23.58 5.84 3.95
C ASP B 40 23.70 7.26 4.52
N SER B 41 22.68 8.06 4.27
CA SER B 41 22.66 9.43 4.76
C SER B 41 22.65 9.44 6.28
N GLY B 42 22.29 8.32 6.88
CA GLY B 42 22.24 8.22 8.34
C GLY B 42 20.94 8.79 8.88
N HIS B 43 19.93 8.89 8.01
CA HIS B 43 18.65 9.42 8.44
C HIS B 43 17.92 8.40 9.31
N LYS B 44 17.43 8.87 10.45
CA LYS B 44 16.71 8.00 11.38
C LYS B 44 15.27 8.47 11.56
N THR B 45 14.75 9.16 10.54
CA THR B 45 13.38 9.66 10.60
C THR B 45 12.76 9.71 9.22
N CYS B 46 11.43 9.73 9.20
CA CYS B 46 10.70 9.82 7.94
C CYS B 46 10.54 11.31 7.62
N PRO B 47 11.18 11.83 6.58
CA PRO B 47 11.10 13.28 6.24
C PRO B 47 9.73 13.70 5.71
N LYS B 48 9.06 12.81 4.97
CA LYS B 48 7.76 13.14 4.43
C LYS B 48 6.74 13.35 5.54
N THR B 49 6.78 12.47 6.54
CA THR B 49 5.83 12.55 7.65
C THR B 49 6.43 13.32 8.85
N GLN B 50 7.75 13.51 8.83
CA GLN B 50 8.46 14.24 9.89
C GLN B 50 8.35 13.57 11.25
N GLN B 51 8.57 12.26 11.29
CA GLN B 51 8.52 11.53 12.57
C GLN B 51 9.69 10.54 12.69
N PRO B 52 10.12 10.25 13.91
CA PRO B 52 11.27 9.31 14.14
C PRO B 52 11.05 7.91 13.56
N LEU B 53 12.15 7.31 13.12
CA LEU B 53 12.11 5.97 12.56
C LEU B 53 13.30 5.17 13.10
N SER B 54 13.01 4.08 13.80
CA SER B 54 14.06 3.26 14.38
C SER B 54 14.13 1.89 13.71
N HIS B 55 13.51 1.76 12.53
CA HIS B 55 13.51 0.48 11.84
C HIS B 55 13.42 0.66 10.32
N THR B 56 13.99 -0.29 9.58
CA THR B 56 13.99 -0.25 8.13
C THR B 56 12.58 -0.55 7.59
N SER B 57 12.47 -0.80 6.29
CA SER B 57 11.17 -1.08 5.71
C SER B 57 10.57 -2.33 6.34
N LEU B 58 9.24 -2.43 6.32
CA LEU B 58 8.57 -3.58 6.93
C LEU B 58 7.74 -4.36 5.92
N THR B 59 7.32 -3.73 4.82
CA THR B 59 6.50 -4.46 3.85
C THR B 59 6.97 -4.20 2.41
N PRO B 60 6.87 -5.18 1.54
CA PRO B 60 7.25 -5.04 0.10
C PRO B 60 6.07 -4.53 -0.72
N ASN B 61 6.30 -4.29 -2.01
CA ASN B 61 5.24 -3.82 -2.89
C ASN B 61 4.08 -4.82 -2.87
N PHE B 62 2.85 -4.34 -2.73
CA PHE B 62 1.70 -5.25 -2.69
C PHE B 62 0.61 -4.86 -3.73
N VAL B 63 -0.56 -4.37 -3.26
CA VAL B 63 -1.65 -4.03 -4.18
C VAL B 63 -1.24 -2.94 -5.17
N LEU B 64 -0.16 -2.24 -4.87
CA LEU B 64 0.30 -1.17 -5.76
C LEU B 64 0.63 -1.73 -7.13
N LYS B 65 1.25 -2.90 -7.16
CA LYS B 65 1.63 -3.53 -8.43
C LYS B 65 0.40 -3.77 -9.31
N SER B 66 -0.66 -4.30 -8.71
CA SER B 66 -1.88 -4.58 -9.46
C SER B 66 -2.51 -3.30 -9.99
N LEU B 67 -2.53 -2.26 -9.16
CA LEU B 67 -3.11 -0.99 -9.58
C LEU B 67 -2.31 -0.39 -10.74
N ILE B 68 -0.99 -0.50 -10.65
CA ILE B 68 -0.12 0.00 -11.70
C ILE B 68 -0.38 -0.70 -13.02
N SER B 69 -0.47 -2.02 -12.98
CA SER B 69 -0.70 -2.79 -14.20
C SER B 69 -2.02 -2.38 -14.85
N GLN B 70 -3.04 -2.17 -14.03
CA GLN B 70 -4.35 -1.75 -14.55
C GLN B 70 -4.20 -0.40 -15.25
N TRP B 71 -3.44 0.49 -14.63
CA TRP B 71 -3.19 1.81 -15.20
C TRP B 71 -2.49 1.67 -16.55
N CYS B 72 -1.47 0.81 -16.56
CA CYS B 72 -0.67 0.58 -17.75
C CYS B 72 -1.50 0.03 -18.91
N GLU B 73 -2.38 -0.92 -18.61
CA GLU B 73 -3.21 -1.52 -19.64
C GLU B 73 -4.15 -0.48 -20.25
N ALA B 74 -4.69 0.38 -19.39
CA ALA B 74 -5.63 1.40 -19.85
C ALA B 74 -4.97 2.33 -20.85
N ASN B 75 -3.72 2.69 -20.58
CA ASN B 75 -2.99 3.57 -21.49
C ASN B 75 -2.19 2.74 -22.51
N GLY B 76 -2.15 1.43 -22.33
CA GLY B 76 -1.41 0.57 -23.26
C GLY B 76 0.09 0.85 -23.19
N ILE B 77 0.58 1.25 -22.02
CA ILE B 77 1.99 1.57 -21.87
C ILE B 77 2.66 0.65 -20.84
N GLU B 78 3.78 0.05 -21.22
CA GLU B 78 4.49 -0.86 -20.31
C GLU B 78 4.79 -0.16 -18.98
N LEU B 79 4.66 -0.91 -17.89
CA LEU B 79 4.90 -0.36 -16.57
C LEU B 79 6.41 -0.20 -16.35
N PRO B 80 6.83 0.63 -15.43
CA PRO B 80 8.27 0.86 -15.13
C PRO B 80 9.01 -0.44 -14.86
#